data_8XBF
#
_entry.id   8XBF
#
_cell.length_a   1.00
_cell.length_b   1.00
_cell.length_c   1.00
_cell.angle_alpha   90.00
_cell.angle_beta   90.00
_cell.angle_gamma   90.00
#
_symmetry.space_group_name_H-M   'P 1'
#
loop_
_entity.id
_entity.type
_entity.pdbx_description
1 polymer 'Spike glycoprotein'
2 polymer 'O5C2, heavy chain'
3 polymer 'O5C2, light chain'
4 non-polymer 2-acetamido-2-deoxy-beta-D-glucopyranose
#
loop_
_entity_poly.entity_id
_entity_poly.type
_entity_poly.pdbx_seq_one_letter_code
_entity_poly.pdbx_strand_id
1 'polypeptide(L)'
;MFVFLVLLPLVSSQCVNLITRTQSYTNSFTRGVYYPDKVFRSSVLHSTQDLFLPFFSNVTWFHAISGTNGTKRFDNPVLP
FNDGVYFASTEKSNIIRGWIFGTTLDSKTQSLLIVNNATNVVIKVCEFQFCNDPFLDVYYHKNNKSWMESEFRVYSSANN
CTFEYVSQPFLMDLEGKQGNFKNLREFVFKNIDGYFKIYSKHTPINLGRDLPQGFSALEPLVDLPIGINITRFQTLLALH
RSYLTPGDSSSGWTAGAAAYYVGYLQPRTFLLKYNENGTITDAVDCALDPLSETKCTLKSFTVEKGIYQTSNFRVQPTES
IVRFPNITNLCPFDEVFNATRFASVYAWNRKRISNCVADYSVLYNFAPFFAFKCYGVSPTKLNDLCFTNVYADSFVIRGN
EVSQIAPGQTGNIADYNYKLPDDFTGCVIAWNSNKLDSTVGGNYNYRYRLFRKSKLKPFERDISTEIYQAGNKPCNGVAG
VNCYFPLQSYGFRPTYGVGHQPYRVVVLSFELLHAPATVCGPKKSTNLVKNKCVNFNFNGLTGTGVLTESNKKFLPFQQF
GRDIADTTDAVRDPQTLEILDITPCSFGGVSVITPGTNTSNQVAVLYQGVNCTEVPVAIHADQLTPTWRVYSTGSNVFQT
RAGCLIGAEYVNNSYECDIPIGAGICASYQTQTKSHGSASSVASQSIIAYTMSLGAENSVAYSNNSIAIPTNFTISVTTE
ILPVSMTKTSVDCTMYICGDSTECSNLLLQYGSFCTQLKRALTGIAVEQDKNTQEVFAQVKQIYKTPPIKYFGGFNFSQI
LPDPSKPSKRSPIEDLLFNKVTLADAGFIKQYGDCLGDIAARDLICAQKFKGLTVLPPLLTDEMIAQYTSALLAGTITSG
WTFGAGPALQIPFPMQMAYRFNGIGVTQNVLYENQKLIANQFNSAIGKIQDSLSSTPSALGKLQDVVNHNAQALNTLVKQ
LSSKFGAISSVLNDILSRLDPPEAEVQIDRLITGRLQSLQTYVTQQLIRAAEIRASANLAATKMSECVLGQSKRVDFCGK
GYHLMSFPQSAPHGVVFLHVTYVPAQEKNFTTAPAICHDGKAHFPREGVFVSNGTHWFVTQRNFYEPQIITTDNTFVSGN
CDVVIGIVNNTVYDPLQPELDSFKEELDKYFKNHTSPDVDLGDISGINASVVNIQKEIDRLNEVAKNLNESLIDLQELGK
YEQEFGSGGYIPEAPRDGQAYVRKDGEWVLLSTFLKGQDNSADIQHSGRPLESRGPFEQKLISEEDLNMHTGHHHHHH
;
A,B,C
2 'polypeptide(L)'
;TRVEVQLVESGGGLIQPGGSLRLSCAASGIIVSRNYMSWVRQAPGKGLEWVSILYAGGSSFYAEPVQGRFTVSRDNSKNT
LFLEMNSLRVEDTAVYYCARDLQWGIDIWGQGAMVTVSSAST
;
D,F
3 'polypeptide(L)'
;DIQMTQTPPSLSASVGDRVSISCRASQSTGSWLAWYQQKPGKAPKLLIYKTSSLESGVPSRFSGSGSGTEFTLTISSLQP
DDVATYYCQHYDTYSSTFGQGTKVEIKRT
;
E,G
#
loop_
_chem_comp.id
_chem_comp.type
_chem_comp.name
_chem_comp.formula
NAG D-saccharide, beta linking 2-acetamido-2-deoxy-beta-D-glucopyranose 'C8 H15 N O6'
#
# COMPACT_ATOMS: atom_id res chain seq x y z
N GLN A 14 -48.62 49.12 -16.84
CA GLN A 14 -49.24 49.05 -15.52
C GLN A 14 -49.27 47.61 -15.02
N CYS A 15 -49.05 47.44 -13.72
CA CYS A 15 -49.04 46.13 -13.09
C CYS A 15 -50.44 45.82 -12.55
N VAL A 16 -51.03 44.74 -13.05
CA VAL A 16 -52.35 44.30 -12.61
C VAL A 16 -52.32 42.80 -12.37
N ASN A 17 -53.11 42.35 -11.40
CA ASN A 17 -53.30 40.93 -11.13
C ASN A 17 -54.68 40.49 -11.60
N LEU A 18 -54.75 39.25 -12.08
CA LEU A 18 -55.99 38.76 -12.68
C LEU A 18 -56.36 37.35 -12.27
N ILE A 19 -55.58 36.69 -11.42
CA ILE A 19 -55.78 35.28 -11.09
C ILE A 19 -56.34 35.18 -9.68
N THR A 20 -57.35 34.33 -9.51
CA THR A 20 -57.93 34.08 -8.18
C THR A 20 -57.23 32.88 -7.56
N ARG A 21 -55.95 33.09 -7.23
CA ARG A 21 -55.11 32.03 -6.70
C ARG A 21 -55.63 31.52 -5.36
N THR A 22 -56.11 30.28 -5.35
CA THR A 22 -56.55 29.61 -4.13
C THR A 22 -55.68 28.38 -3.91
N GLN A 23 -55.16 28.23 -2.70
CA GLN A 23 -54.20 27.18 -2.39
C GLN A 23 -54.88 26.08 -1.59
N SER A 24 -55.16 24.96 -2.23
CA SER A 24 -55.64 23.75 -1.59
C SER A 24 -54.48 22.77 -1.50
N TYR A 25 -54.69 21.66 -0.78
CA TYR A 25 -53.65 20.67 -0.58
C TYR A 25 -54.08 19.32 -1.12
N THR A 26 -53.19 18.66 -1.85
CA THR A 26 -53.40 17.33 -2.38
C THR A 26 -52.15 16.50 -2.12
N ASN A 27 -52.21 15.23 -2.49
CA ASN A 27 -51.07 14.34 -2.33
C ASN A 27 -50.26 14.28 -3.61
N SER A 28 -48.95 14.09 -3.45
CA SER A 28 -48.06 14.03 -4.62
C SER A 28 -48.15 12.72 -5.37
N PHE A 29 -48.51 11.64 -4.68
CA PHE A 29 -48.57 10.29 -5.27
C PHE A 29 -47.19 9.97 -5.83
N THR A 30 -47.07 9.49 -7.07
CA THR A 30 -45.80 9.02 -7.61
C THR A 30 -45.46 9.69 -8.94
N ARG A 31 -45.60 11.00 -9.03
CA ARG A 31 -45.44 11.72 -10.29
C ARG A 31 -44.18 12.57 -10.28
N GLY A 32 -43.42 12.50 -11.37
CA GLY A 32 -42.33 13.42 -11.61
C GLY A 32 -40.93 12.84 -11.67
N VAL A 33 -40.78 11.52 -11.65
CA VAL A 33 -39.45 10.91 -11.72
C VAL A 33 -39.03 10.79 -13.18
N TYR A 34 -37.85 11.29 -13.49
CA TYR A 34 -37.36 11.40 -14.86
C TYR A 34 -36.20 10.42 -15.09
N TYR A 35 -35.61 10.48 -16.28
CA TYR A 35 -34.43 9.70 -16.59
C TYR A 35 -33.21 10.43 -16.07
N PRO A 36 -32.38 9.81 -15.22
CA PRO A 36 -31.29 10.55 -14.58
C PRO A 36 -30.31 11.18 -15.56
N ASP A 37 -29.99 10.48 -16.65
CA ASP A 37 -29.03 10.97 -17.63
C ASP A 37 -29.40 10.43 -19.00
N LYS A 38 -28.82 11.03 -20.04
CA LYS A 38 -29.06 10.61 -21.41
C LYS A 38 -28.26 9.35 -21.73
N VAL A 39 -28.53 8.30 -20.95
CA VAL A 39 -27.85 7.01 -21.08
C VAL A 39 -28.91 5.92 -21.09
N PHE A 40 -28.80 5.00 -22.04
CA PHE A 40 -29.79 3.94 -22.17
C PHE A 40 -29.39 2.72 -21.34
N ARG A 41 -30.40 2.03 -20.82
CA ARG A 41 -30.24 0.77 -20.12
C ARG A 41 -31.46 -0.10 -20.44
N SER A 42 -31.25 -1.40 -20.59
CA SER A 42 -32.31 -2.31 -20.99
C SER A 42 -32.50 -3.37 -19.92
N SER A 43 -33.70 -3.42 -19.36
CA SER A 43 -34.10 -4.48 -18.42
C SER A 43 -33.17 -4.55 -17.21
N VAL A 44 -32.85 -3.37 -16.65
CA VAL A 44 -32.01 -3.30 -15.46
C VAL A 44 -32.78 -2.60 -14.35
N LEU A 45 -32.50 -3.02 -13.12
CA LEU A 45 -33.02 -2.37 -11.92
C LEU A 45 -32.00 -1.39 -11.34
N HIS A 46 -31.59 -0.44 -12.18
CA HIS A 46 -30.63 0.56 -11.74
C HIS A 46 -31.24 1.44 -10.66
N SER A 47 -30.41 1.85 -9.70
CA SER A 47 -30.85 2.70 -8.61
C SER A 47 -30.07 4.00 -8.63
N THR A 48 -30.78 5.11 -8.43
CA THR A 48 -30.20 6.44 -8.57
C THR A 48 -30.32 7.20 -7.26
N GLN A 49 -29.51 8.24 -7.13
CA GLN A 49 -29.53 9.16 -6.01
C GLN A 49 -29.51 10.56 -6.60
N ASP A 50 -30.65 11.24 -6.60
CA ASP A 50 -30.76 12.56 -7.20
C ASP A 50 -32.00 13.26 -6.65
N LEU A 51 -32.07 14.57 -6.88
CA LEU A 51 -33.22 15.33 -6.45
C LEU A 51 -34.47 14.85 -7.17
N PHE A 52 -35.51 14.54 -6.39
CA PHE A 52 -36.76 14.04 -6.95
C PHE A 52 -37.90 14.40 -6.01
N LEU A 53 -39.10 14.37 -6.54
CA LEU A 53 -40.28 14.57 -5.71
C LEU A 53 -40.54 13.29 -4.91
N PRO A 54 -40.50 13.36 -3.57
CA PRO A 54 -40.78 12.15 -2.78
C PRO A 54 -42.22 11.69 -2.96
N PHE A 55 -42.41 10.39 -2.81
CA PHE A 55 -43.73 9.81 -2.98
C PHE A 55 -44.65 10.19 -1.83
N PHE A 56 -45.94 10.26 -2.13
CA PHE A 56 -46.99 10.56 -1.17
C PHE A 56 -46.68 11.86 -0.40
N SER A 57 -46.19 12.84 -1.14
CA SER A 57 -45.83 14.14 -0.58
C SER A 57 -46.97 15.13 -0.81
N ASN A 58 -46.74 16.36 -0.38
CA ASN A 58 -47.75 17.40 -0.51
C ASN A 58 -47.63 18.12 -1.85
N VAL A 59 -48.78 18.36 -2.48
CA VAL A 59 -48.86 19.17 -3.69
C VAL A 59 -49.80 20.32 -3.40
N THR A 60 -49.29 21.53 -3.44
CA THR A 60 -50.10 22.73 -3.23
C THR A 60 -50.88 22.98 -4.51
N TRP A 61 -52.08 22.43 -4.58
CA TRP A 61 -52.94 22.65 -5.72
C TRP A 61 -53.36 24.11 -5.74
N PHE A 62 -52.77 24.88 -6.65
CA PHE A 62 -53.12 26.29 -6.79
C PHE A 62 -54.32 26.44 -7.71
N HIS A 63 -55.43 25.84 -7.28
CA HIS A 63 -56.68 25.96 -8.02
C HIS A 63 -57.10 27.43 -8.09
N ALA A 64 -57.54 27.87 -9.26
CA ALA A 64 -57.77 29.29 -9.44
C ALA A 64 -58.72 29.50 -10.61
N ILE A 65 -59.23 30.73 -10.70
CA ILE A 65 -60.03 31.19 -11.83
C ILE A 65 -59.32 32.40 -12.42
N SER A 66 -59.04 32.34 -13.72
CA SER A 66 -58.35 33.43 -14.39
C SER A 66 -59.36 34.36 -15.05
N GLY A 67 -58.84 35.41 -15.69
CA GLY A 67 -59.68 36.37 -16.38
C GLY A 67 -60.64 37.10 -15.47
N THR A 68 -60.18 37.49 -14.29
CA THR A 68 -61.00 38.17 -13.29
C THR A 68 -60.42 39.55 -13.03
N ASN A 69 -61.19 40.59 -13.34
CA ASN A 69 -60.74 41.97 -13.11
C ASN A 69 -60.92 42.40 -11.66
N GLY A 70 -61.61 41.61 -10.84
CA GLY A 70 -61.83 41.92 -9.45
C GLY A 70 -60.69 41.59 -8.51
N THR A 71 -59.58 41.08 -9.04
CA THR A 71 -58.39 40.75 -8.27
C THR A 71 -57.23 41.68 -8.63
N LYS A 72 -57.51 42.97 -8.78
CA LYS A 72 -56.50 43.91 -9.25
C LYS A 72 -55.30 43.95 -8.32
N ARG A 73 -55.54 43.95 -7.01
CA ARG A 73 -54.44 43.86 -6.05
C ARG A 73 -53.79 42.48 -6.13
N PHE A 74 -52.47 42.45 -5.96
CA PHE A 74 -51.75 41.18 -6.04
C PHE A 74 -52.13 40.27 -4.88
N ASP A 75 -52.34 38.99 -5.20
CA ASP A 75 -52.66 37.99 -4.17
C ASP A 75 -51.93 36.68 -4.40
N ASN A 76 -51.06 36.59 -5.41
CA ASN A 76 -50.33 35.37 -5.71
C ASN A 76 -48.85 35.56 -5.39
N PRO A 77 -48.35 35.00 -4.31
CA PRO A 77 -46.91 35.09 -4.03
C PRO A 77 -46.10 34.24 -5.00
N VAL A 78 -44.84 34.63 -5.16
CA VAL A 78 -43.92 33.92 -6.04
C VAL A 78 -43.37 32.72 -5.26
N LEU A 79 -43.69 31.52 -5.74
CA LEU A 79 -43.33 30.31 -5.01
C LEU A 79 -41.82 30.10 -5.00
N PRO A 80 -41.28 29.49 -3.95
CA PRO A 80 -39.84 29.21 -3.91
C PRO A 80 -39.46 28.10 -4.88
N PHE A 81 -38.17 28.07 -5.22
CA PHE A 81 -37.62 27.07 -6.14
C PHE A 81 -37.08 25.84 -5.41
N ASN A 82 -36.35 26.05 -4.32
CA ASN A 82 -35.86 24.97 -3.44
C ASN A 82 -34.93 24.06 -4.26
N ASP A 83 -35.02 22.74 -4.08
CA ASP A 83 -34.09 21.79 -4.68
C ASP A 83 -34.74 21.03 -5.84
N GLY A 84 -35.51 21.73 -6.66
CA GLY A 84 -36.20 21.10 -7.76
C GLY A 84 -37.70 21.25 -7.60
N VAL A 85 -38.38 21.71 -8.65
CA VAL A 85 -39.82 21.91 -8.63
C VAL A 85 -40.45 21.00 -9.67
N TYR A 86 -41.36 20.14 -9.24
CA TYR A 86 -42.16 19.33 -10.14
C TYR A 86 -43.45 20.07 -10.43
N PHE A 87 -43.80 20.17 -11.70
CA PHE A 87 -44.95 20.96 -12.12
C PHE A 87 -45.89 20.11 -12.96
N ALA A 88 -47.18 20.43 -12.87
CA ALA A 88 -48.18 19.82 -13.72
C ALA A 88 -49.27 20.85 -13.94
N SER A 89 -50.02 20.67 -15.03
CA SER A 89 -51.09 21.59 -15.35
C SER A 89 -52.15 20.84 -16.15
N THR A 90 -53.25 21.54 -16.40
CA THR A 90 -54.37 20.97 -17.15
C THR A 90 -54.90 21.99 -18.15
N GLU A 91 -54.08 22.97 -18.52
CA GLU A 91 -54.49 24.12 -19.32
C GLU A 91 -53.74 24.14 -20.64
N LYS A 92 -54.42 24.60 -21.68
CA LYS A 92 -53.83 24.71 -23.01
C LYS A 92 -52.94 25.94 -23.09
N SER A 93 -52.32 26.15 -24.25
CA SER A 93 -51.51 27.35 -24.46
C SER A 93 -52.33 28.62 -24.39
N ASN A 94 -53.65 28.51 -24.54
CA ASN A 94 -54.52 29.67 -24.39
C ASN A 94 -54.61 30.16 -22.96
N ILE A 95 -54.10 29.40 -22.00
CA ILE A 95 -54.23 29.74 -20.59
C ILE A 95 -52.85 29.90 -19.96
N ILE A 96 -52.06 28.83 -19.99
CA ILE A 96 -50.71 28.82 -19.42
C ILE A 96 -49.71 28.83 -20.58
N ARG A 97 -48.68 29.68 -20.46
CA ARG A 97 -47.71 29.82 -21.54
C ARG A 97 -46.25 29.77 -21.07
N GLY A 98 -45.97 29.49 -19.81
CA GLY A 98 -44.60 29.24 -19.43
C GLY A 98 -44.37 29.35 -17.94
N TRP A 99 -43.08 29.39 -17.58
CA TRP A 99 -42.65 29.47 -16.20
C TRP A 99 -41.56 30.52 -16.08
N ILE A 100 -41.45 31.09 -14.88
CA ILE A 100 -40.47 32.13 -14.59
C ILE A 100 -39.61 31.65 -13.44
N PHE A 101 -38.30 31.86 -13.56
CA PHE A 101 -37.36 31.47 -12.52
C PHE A 101 -36.40 32.61 -12.27
N GLY A 102 -35.96 32.73 -11.03
CA GLY A 102 -34.99 33.77 -10.71
C GLY A 102 -34.57 33.71 -9.26
N THR A 103 -33.75 34.69 -8.90
CA THR A 103 -33.31 34.88 -7.51
C THR A 103 -33.98 36.08 -6.86
N THR A 104 -34.06 37.19 -7.58
CA THR A 104 -34.75 38.39 -7.09
C THR A 104 -35.85 38.86 -8.04
N LEU A 105 -35.91 38.35 -9.27
CA LEU A 105 -36.95 38.68 -10.24
C LEU A 105 -37.02 40.19 -10.49
N ASP A 106 -35.86 40.79 -10.74
CA ASP A 106 -35.77 42.21 -11.03
C ASP A 106 -34.70 42.42 -12.11
N SER A 107 -34.29 43.67 -12.29
CA SER A 107 -33.28 44.03 -13.28
C SER A 107 -31.86 43.92 -12.73
N LYS A 108 -31.69 43.49 -11.48
CA LYS A 108 -30.37 43.35 -10.89
C LYS A 108 -29.78 41.95 -11.09
N THR A 109 -30.63 40.93 -11.13
CA THR A 109 -30.19 39.56 -11.32
C THR A 109 -30.85 38.97 -12.56
N GLN A 110 -30.11 38.11 -13.26
CA GLN A 110 -30.62 37.51 -14.49
C GLN A 110 -31.89 36.71 -14.21
N SER A 111 -32.91 36.96 -15.03
CA SER A 111 -34.21 36.30 -14.88
C SER A 111 -34.47 35.44 -16.11
N LEU A 112 -34.95 34.22 -15.88
CA LEU A 112 -35.23 33.27 -16.94
C LEU A 112 -36.73 33.31 -17.23
N LEU A 113 -37.09 33.73 -18.43
CA LEU A 113 -38.48 33.83 -18.87
C LEU A 113 -38.71 32.83 -19.99
N ILE A 114 -39.72 31.97 -19.82
CA ILE A 114 -40.05 30.94 -20.78
C ILE A 114 -41.43 31.25 -21.35
N VAL A 115 -41.51 31.35 -22.68
CA VAL A 115 -42.76 31.60 -23.38
C VAL A 115 -42.97 30.45 -24.35
N ASN A 116 -44.18 29.89 -24.36
CA ASN A 116 -44.51 28.76 -25.22
C ASN A 116 -45.50 29.24 -26.28
N ASN A 117 -44.97 29.62 -27.43
CA ASN A 117 -45.79 30.06 -28.55
C ASN A 117 -46.55 28.88 -29.15
N ALA A 118 -47.65 29.18 -29.85
CA ALA A 118 -48.41 28.14 -30.53
C ALA A 118 -47.62 27.49 -31.66
N THR A 119 -46.53 28.12 -32.11
CA THR A 119 -45.71 27.59 -33.19
C THR A 119 -44.26 27.35 -32.79
N ASN A 120 -43.83 27.79 -31.61
CA ASN A 120 -42.43 27.66 -31.20
C ASN A 120 -42.35 27.84 -29.69
N VAL A 121 -41.13 27.74 -29.18
CA VAL A 121 -40.83 27.97 -27.78
C VAL A 121 -39.65 28.93 -27.69
N VAL A 122 -39.79 29.97 -26.89
CA VAL A 122 -38.80 31.04 -26.75
C VAL A 122 -38.38 31.13 -25.28
N ILE A 123 -37.11 30.84 -25.01
CA ILE A 123 -36.55 30.92 -23.67
C ILE A 123 -35.52 32.05 -23.68
N LYS A 124 -35.68 33.01 -22.77
CA LYS A 124 -34.79 34.17 -22.74
C LYS A 124 -34.32 34.42 -21.31
N VAL A 125 -33.01 34.52 -21.13
CA VAL A 125 -32.42 34.91 -19.86
C VAL A 125 -31.99 36.36 -19.99
N CYS A 126 -32.62 37.24 -19.23
CA CYS A 126 -32.37 38.67 -19.35
C CYS A 126 -32.71 39.37 -18.04
N GLU A 127 -32.21 40.59 -17.90
CA GLU A 127 -32.47 41.41 -16.72
C GLU A 127 -33.84 42.07 -16.82
N PHE A 128 -34.87 41.23 -16.90
CA PHE A 128 -36.24 41.72 -17.04
C PHE A 128 -36.68 42.44 -15.77
N GLN A 129 -37.32 43.60 -15.95
CA GLN A 129 -37.89 44.38 -14.88
C GLN A 129 -39.41 44.33 -15.03
N PHE A 130 -40.07 43.68 -14.09
CA PHE A 130 -41.51 43.52 -14.08
C PHE A 130 -41.95 43.18 -12.67
N CYS A 131 -43.26 43.32 -12.41
CA CYS A 131 -43.79 43.13 -11.08
C CYS A 131 -44.05 41.64 -10.83
N ASN A 132 -44.74 41.33 -9.73
CA ASN A 132 -44.97 39.96 -9.31
C ASN A 132 -46.21 39.34 -9.94
N ASP A 133 -46.77 39.95 -11.00
CA ASP A 133 -47.96 39.44 -11.67
C ASP A 133 -47.67 39.35 -13.17
N PRO A 134 -46.95 38.31 -13.60
CA PRO A 134 -46.65 38.17 -15.03
C PRO A 134 -47.84 37.57 -15.78
N PHE A 135 -48.12 38.13 -16.95
CA PHE A 135 -49.20 37.65 -17.79
C PHE A 135 -48.93 38.08 -19.22
N LEU A 136 -49.60 37.42 -20.16
CA LEU A 136 -49.49 37.75 -21.59
C LEU A 136 -50.88 37.82 -22.18
N ASP A 137 -51.25 38.99 -22.70
CA ASP A 137 -52.57 39.22 -23.26
C ASP A 137 -52.49 39.09 -24.78
N VAL A 138 -53.23 38.13 -25.33
CA VAL A 138 -53.19 37.82 -26.75
C VAL A 138 -54.59 37.92 -27.32
N TYR A 139 -54.69 38.52 -28.51
CA TYR A 139 -55.99 38.69 -29.17
C TYR A 139 -55.79 38.92 -30.66
N TYR A 140 -56.45 38.10 -31.49
CA TYR A 140 -56.34 38.24 -32.94
C TYR A 140 -57.44 39.19 -33.41
N HIS A 141 -57.13 40.49 -33.39
CA HIS A 141 -58.08 41.48 -33.83
C HIS A 141 -58.28 41.38 -35.35
N LYS A 142 -59.52 41.64 -35.77
CA LYS A 142 -59.89 41.49 -37.18
C LYS A 142 -59.18 42.47 -38.09
N ASN A 143 -58.52 43.50 -37.54
CA ASN A 143 -57.75 44.42 -38.37
C ASN A 143 -56.61 43.70 -39.07
N ASN A 144 -55.92 42.80 -38.36
CA ASN A 144 -54.82 42.04 -38.93
C ASN A 144 -54.96 40.54 -38.76
N LYS A 145 -55.88 40.07 -37.92
CA LYS A 145 -56.09 38.65 -37.57
C LYS A 145 -54.89 38.06 -36.85
N SER A 146 -53.84 38.84 -36.57
CA SER A 146 -52.69 38.36 -35.83
C SER A 146 -52.02 39.58 -35.20
N TRP A 147 -52.22 39.75 -33.90
CA TRP A 147 -51.68 40.89 -33.16
C TRP A 147 -50.53 40.43 -32.28
N MET A 148 -49.46 41.21 -32.26
CA MET A 148 -48.24 40.88 -31.54
C MET A 148 -48.19 41.63 -30.21
N GLU A 149 -47.82 40.92 -29.15
CA GLU A 149 -47.68 41.52 -27.84
C GLU A 149 -46.48 42.46 -27.80
N SER A 150 -46.52 43.40 -26.85
CA SER A 150 -45.46 44.37 -26.68
C SER A 150 -44.76 44.10 -25.34
N GLU A 151 -43.44 43.90 -25.40
CA GLU A 151 -42.67 43.67 -24.17
C GLU A 151 -42.64 44.92 -23.31
N PHE A 152 -42.53 46.09 -23.93
CA PHE A 152 -42.46 47.34 -23.17
C PHE A 152 -43.76 47.62 -22.42
N ARG A 153 -44.90 47.17 -22.95
CA ARG A 153 -46.17 47.41 -22.28
C ARG A 153 -46.32 46.50 -21.07
N VAL A 154 -46.23 45.19 -21.27
CA VAL A 154 -46.42 44.24 -20.18
C VAL A 154 -45.28 44.32 -19.17
N TYR A 155 -44.04 44.33 -19.66
CA TYR A 155 -42.87 44.34 -18.78
C TYR A 155 -42.27 45.74 -18.73
N SER A 156 -41.82 46.14 -17.55
CA SER A 156 -41.31 47.49 -17.36
C SER A 156 -40.03 47.71 -18.16
N SER A 157 -39.11 46.74 -18.15
CA SER A 157 -37.83 46.95 -18.83
C SER A 157 -37.19 45.60 -19.13
N ALA A 158 -36.14 45.65 -19.95
CA ALA A 158 -35.32 44.49 -20.26
C ALA A 158 -33.91 44.97 -20.55
N ASN A 159 -32.94 44.49 -19.77
CA ASN A 159 -31.56 44.95 -19.88
C ASN A 159 -30.60 43.77 -19.92
N ASN A 160 -29.57 43.91 -20.74
CA ASN A 160 -28.51 42.91 -20.92
C ASN A 160 -29.07 41.50 -21.09
N CYS A 161 -29.82 41.32 -22.17
CA CYS A 161 -30.28 39.99 -22.54
C CYS A 161 -29.11 39.18 -23.09
N THR A 162 -28.91 37.98 -22.55
CA THR A 162 -27.72 37.20 -22.84
C THR A 162 -27.99 35.88 -23.53
N PHE A 163 -29.04 35.17 -23.15
CA PHE A 163 -29.31 33.83 -23.69
C PHE A 163 -30.69 33.80 -24.31
N GLU A 164 -30.78 33.29 -25.53
CA GLU A 164 -32.05 33.13 -26.24
C GLU A 164 -32.05 31.79 -26.95
N TYR A 165 -33.17 31.08 -26.82
CA TYR A 165 -33.31 29.75 -27.42
C TYR A 165 -34.70 29.62 -28.01
N VAL A 166 -34.78 29.01 -29.19
CA VAL A 166 -36.04 28.82 -29.90
C VAL A 166 -36.14 27.37 -30.31
N SER A 167 -37.33 26.79 -30.17
CA SER A 167 -37.56 25.40 -30.52
C SER A 167 -39.00 25.22 -30.99
N GLN A 168 -39.40 23.96 -31.18
CA GLN A 168 -40.78 23.65 -31.52
C GLN A 168 -41.66 23.75 -30.28
N PRO A 169 -42.98 23.85 -30.45
CA PRO A 169 -43.86 23.97 -29.29
C PRO A 169 -43.68 22.81 -28.31
N PHE A 170 -43.56 23.15 -27.03
CA PHE A 170 -43.51 22.14 -25.98
C PHE A 170 -44.89 21.62 -25.62
N LEU A 171 -45.95 22.30 -26.05
CA LEU A 171 -47.33 21.95 -25.72
C LEU A 171 -48.05 21.61 -27.03
N MET A 172 -48.01 20.34 -27.41
CA MET A 172 -48.78 19.84 -28.55
C MET A 172 -50.24 19.71 -28.10
N ASP A 173 -50.84 20.86 -27.83
CA ASP A 173 -52.17 20.90 -27.25
C ASP A 173 -53.22 20.33 -28.19
N LEU A 174 -54.22 19.67 -27.63
CA LEU A 174 -55.34 19.16 -28.38
C LEU A 174 -56.56 20.05 -28.15
N GLU A 175 -57.23 20.42 -29.24
CA GLU A 175 -58.38 21.31 -29.16
C GLU A 175 -59.52 20.69 -28.36
N GLY A 176 -59.64 19.37 -28.33
CA GLY A 176 -60.72 18.74 -27.60
C GLY A 176 -60.55 18.90 -26.09
N LYS A 177 -61.69 18.85 -25.39
CA LYS A 177 -61.65 18.99 -23.94
C LYS A 177 -60.95 17.81 -23.28
N GLN A 178 -61.14 16.59 -23.82
CA GLN A 178 -60.38 15.45 -23.33
C GLN A 178 -58.89 15.68 -23.52
N GLY A 179 -58.49 16.16 -24.71
CA GLY A 179 -57.11 16.55 -24.90
C GLY A 179 -56.70 17.74 -24.04
N ASN A 180 -57.64 18.66 -23.80
CA ASN A 180 -57.35 19.80 -22.94
C ASN A 180 -56.97 19.33 -21.54
N PHE A 181 -57.64 18.29 -21.04
CA PHE A 181 -57.23 17.72 -19.76
C PHE A 181 -55.97 16.87 -19.91
N LYS A 182 -55.78 16.26 -21.08
CA LYS A 182 -54.61 15.42 -21.30
C LYS A 182 -53.30 16.18 -21.22
N ASN A 183 -53.31 17.48 -21.44
CA ASN A 183 -52.06 18.22 -21.56
C ASN A 183 -51.38 18.35 -20.20
N LEU A 184 -50.93 17.21 -19.67
CA LEU A 184 -50.19 17.18 -18.41
C LEU A 184 -48.72 17.46 -18.70
N ARG A 185 -48.41 18.74 -18.82
CA ARG A 185 -47.04 19.15 -19.13
C ARG A 185 -46.19 18.99 -17.88
N GLU A 186 -45.83 17.74 -17.59
CA GLU A 186 -45.01 17.44 -16.43
C GLU A 186 -43.59 17.89 -16.68
N PHE A 187 -43.26 19.11 -16.27
CA PHE A 187 -41.98 19.74 -16.58
C PHE A 187 -41.19 19.88 -15.29
N VAL A 188 -40.36 18.88 -14.99
CA VAL A 188 -39.43 19.02 -13.88
C VAL A 188 -38.34 20.00 -14.25
N PHE A 189 -38.14 21.02 -13.42
CA PHE A 189 -37.08 21.99 -13.60
C PHE A 189 -36.03 21.77 -12.52
N LYS A 190 -34.77 21.65 -12.91
CA LYS A 190 -33.73 21.56 -11.90
C LYS A 190 -32.44 22.16 -12.43
N ASN A 191 -31.58 22.59 -11.50
CA ASN A 191 -30.28 23.17 -11.81
C ASN A 191 -29.21 22.38 -11.08
N ILE A 192 -28.60 21.43 -11.76
CA ILE A 192 -27.53 20.62 -11.18
C ILE A 192 -26.37 20.54 -12.17
N ASP A 193 -25.16 20.55 -11.62
CA ASP A 193 -23.89 20.56 -12.37
C ASP A 193 -23.94 21.49 -13.58
N GLY A 194 -24.23 22.77 -13.37
CA GLY A 194 -24.26 23.73 -14.45
C GLY A 194 -25.30 23.46 -15.51
N TYR A 195 -26.31 22.65 -15.19
CA TYR A 195 -27.30 22.19 -16.14
C TYR A 195 -28.70 22.53 -15.64
N PHE A 196 -29.42 23.35 -16.40
CA PHE A 196 -30.85 23.53 -16.21
C PHE A 196 -31.54 22.44 -17.01
N LYS A 197 -31.83 21.33 -16.34
CA LYS A 197 -32.52 20.22 -16.96
C LYS A 197 -34.03 20.41 -16.84
N ILE A 198 -34.72 20.29 -17.96
CA ILE A 198 -36.18 20.33 -18.01
C ILE A 198 -36.65 19.12 -18.80
N TYR A 199 -37.43 18.27 -18.17
CA TYR A 199 -37.95 17.07 -18.79
C TYR A 199 -39.36 17.37 -19.33
N SER A 200 -40.01 16.34 -19.85
CA SER A 200 -41.30 16.56 -20.48
C SER A 200 -42.17 15.32 -20.35
N LYS A 201 -43.47 15.53 -20.50
CA LYS A 201 -44.46 14.47 -20.64
C LYS A 201 -45.73 15.06 -21.18
N HIS A 202 -46.49 14.24 -21.90
CA HIS A 202 -47.80 14.65 -22.41
C HIS A 202 -48.68 13.40 -22.42
N THR A 203 -49.42 13.20 -21.34
CA THR A 203 -50.12 11.93 -21.22
C THR A 203 -51.48 12.01 -21.91
N PRO A 204 -51.82 10.99 -22.69
CA PRO A 204 -53.17 10.92 -23.27
C PRO A 204 -54.19 10.37 -22.27
N ILE A 205 -53.85 10.42 -20.98
CA ILE A 205 -54.67 9.86 -19.92
C ILE A 205 -56.07 10.47 -19.92
N ASN A 206 -57.05 9.71 -19.44
CA ASN A 206 -58.42 10.19 -19.39
C ASN A 206 -58.56 11.34 -18.40
N LEU A 207 -59.58 12.15 -18.59
CA LEU A 207 -59.81 13.31 -17.74
C LEU A 207 -60.13 12.88 -16.31
N GLY A 208 -59.72 13.72 -15.36
CA GLY A 208 -59.98 13.48 -13.96
C GLY A 208 -60.19 14.76 -13.17
N ARG A 209 -59.52 14.86 -12.03
CA ARG A 209 -59.56 16.08 -11.23
C ARG A 209 -58.14 16.56 -10.95
N ASP A 210 -57.21 15.62 -10.79
CA ASP A 210 -55.83 15.91 -10.46
C ASP A 210 -54.99 14.75 -10.96
N LEU A 211 -53.74 14.69 -10.49
CA LEU A 211 -52.81 13.65 -10.86
C LEU A 211 -53.42 12.26 -10.62
N PRO A 212 -53.60 11.46 -11.67
CA PRO A 212 -54.16 10.12 -11.48
C PRO A 212 -53.09 9.12 -11.09
N GLN A 213 -53.46 7.85 -10.96
CA GLN A 213 -52.51 6.84 -10.54
C GLN A 213 -51.61 6.44 -11.70
N GLY A 214 -50.77 5.45 -11.46
CA GLY A 214 -49.82 4.99 -12.46
C GLY A 214 -48.56 5.83 -12.48
N PHE A 215 -47.58 5.34 -13.25
CA PHE A 215 -46.29 6.00 -13.38
C PHE A 215 -45.93 6.16 -14.84
N SER A 216 -45.24 7.26 -15.14
CA SER A 216 -44.78 7.52 -16.51
C SER A 216 -43.57 8.44 -16.41
N ALA A 217 -42.42 7.93 -16.84
CA ALA A 217 -41.17 8.68 -16.70
C ALA A 217 -41.21 9.94 -17.54
N LEU A 218 -40.37 10.91 -17.17
CA LEU A 218 -40.33 12.22 -17.81
C LEU A 218 -39.07 12.30 -18.66
N GLU A 219 -39.24 12.15 -19.97
CA GLU A 219 -38.13 12.18 -20.90
C GLU A 219 -37.55 13.58 -21.00
N PRO A 220 -36.24 13.72 -21.26
CA PRO A 220 -35.63 15.05 -21.29
C PRO A 220 -36.15 15.92 -22.44
N LEU A 221 -36.85 16.99 -22.10
CA LEU A 221 -37.26 17.96 -23.10
C LEU A 221 -36.07 18.79 -23.60
N VAL A 222 -35.25 19.27 -22.67
CA VAL A 222 -34.03 20.00 -23.03
C VAL A 222 -33.13 20.02 -21.80
N ASP A 223 -31.83 20.20 -22.04
CA ASP A 223 -30.81 20.26 -20.99
C ASP A 223 -29.98 21.52 -21.26
N LEU A 224 -30.49 22.66 -20.82
CA LEU A 224 -29.79 23.92 -21.04
C LEU A 224 -28.48 23.91 -20.26
N PRO A 225 -27.38 24.38 -20.84
CA PRO A 225 -26.10 24.39 -20.12
C PRO A 225 -25.91 25.66 -19.28
N ILE A 226 -26.85 25.92 -18.38
CA ILE A 226 -26.77 27.11 -17.54
C ILE A 226 -26.74 26.70 -16.07
N GLY A 227 -27.84 26.11 -15.59
CA GLY A 227 -27.88 25.56 -14.24
C GLY A 227 -27.55 26.54 -13.13
N ILE A 228 -28.01 27.79 -13.24
CA ILE A 228 -27.76 28.78 -12.20
C ILE A 228 -28.77 28.59 -11.07
N ASN A 229 -28.37 29.00 -9.87
CA ASN A 229 -29.23 28.85 -8.71
C ASN A 229 -30.49 29.69 -8.86
N ILE A 230 -31.63 29.11 -8.49
CA ILE A 230 -32.93 29.77 -8.60
C ILE A 230 -33.58 29.75 -7.22
N THR A 231 -34.13 30.90 -6.82
CA THR A 231 -34.80 31.03 -5.53
C THR A 231 -36.32 31.06 -5.65
N ARG A 232 -36.84 31.81 -6.62
CA ARG A 232 -38.28 31.99 -6.79
C ARG A 232 -38.72 31.50 -8.15
N PHE A 233 -39.78 30.69 -8.15
CA PHE A 233 -40.36 30.11 -9.34
C PHE A 233 -41.84 30.49 -9.41
N GLN A 234 -42.31 30.85 -10.60
CA GLN A 234 -43.67 31.35 -10.79
C GLN A 234 -44.22 30.81 -12.11
N THR A 235 -45.53 30.85 -12.24
CA THR A 235 -46.22 30.37 -13.44
C THR A 235 -46.68 31.56 -14.29
N LEU A 236 -46.20 31.61 -15.53
CA LEU A 236 -46.62 32.62 -16.48
C LEU A 236 -47.81 32.10 -17.28
N LEU A 237 -48.96 32.74 -17.12
CA LEU A 237 -50.19 32.35 -17.77
C LEU A 237 -50.58 33.42 -18.78
N ALA A 238 -51.45 33.03 -19.71
CA ALA A 238 -51.91 33.91 -20.77
C ALA A 238 -53.40 34.18 -20.61
N LEU A 239 -53.83 35.34 -21.08
CA LEU A 239 -55.22 35.77 -20.96
C LEU A 239 -56.05 35.00 -21.98
N HIS A 240 -56.85 34.06 -21.48
CA HIS A 240 -57.70 33.27 -22.37
C HIS A 240 -58.82 34.13 -22.93
N ARG A 241 -59.01 34.07 -24.24
CA ARG A 241 -60.03 34.86 -24.93
C ARG A 241 -60.57 34.04 -26.09
N SER A 242 -61.75 34.45 -26.56
CA SER A 242 -62.42 33.80 -27.68
C SER A 242 -62.12 34.47 -29.01
N TYR A 243 -61.16 35.39 -29.05
CA TYR A 243 -60.73 36.12 -30.24
C TYR A 243 -61.81 37.02 -30.81
N LEU A 244 -62.89 37.26 -30.05
CA LEU A 244 -63.96 38.15 -30.47
C LEU A 244 -64.42 39.10 -29.39
N THR A 245 -64.04 38.87 -28.13
CA THR A 245 -64.44 39.76 -27.05
C THR A 245 -63.75 41.10 -27.17
N PRO A 246 -64.31 42.16 -26.58
CA PRO A 246 -63.64 43.47 -26.60
C PRO A 246 -62.34 43.48 -25.80
N GLY A 247 -61.75 44.66 -25.63
CA GLY A 247 -60.45 44.76 -25.01
C GLY A 247 -60.50 44.94 -23.50
N ASP A 248 -59.98 46.06 -23.01
CA ASP A 248 -59.81 46.28 -21.57
C ASP A 248 -61.19 46.51 -20.94
N SER A 249 -61.86 45.40 -20.66
CA SER A 249 -63.19 45.43 -20.06
C SER A 249 -63.44 44.09 -19.39
N SER A 250 -64.45 44.07 -18.51
CA SER A 250 -64.85 42.81 -17.88
C SER A 250 -65.40 41.83 -18.89
N SER A 251 -66.00 42.33 -19.97
CA SER A 251 -66.44 41.50 -21.09
C SER A 251 -65.30 41.13 -22.03
N GLY A 252 -64.06 41.37 -21.63
CA GLY A 252 -62.89 41.02 -22.40
C GLY A 252 -62.27 39.75 -21.88
N TRP A 253 -61.24 39.87 -21.03
CA TRP A 253 -60.67 38.72 -20.36
C TRP A 253 -61.75 37.95 -19.63
N THR A 254 -62.02 36.72 -20.07
CA THR A 254 -63.14 35.94 -19.58
C THR A 254 -62.70 35.00 -18.46
N ALA A 255 -63.63 34.71 -17.55
CA ALA A 255 -63.33 33.84 -16.42
C ALA A 255 -63.08 32.41 -16.89
N GLY A 256 -62.11 31.77 -16.26
CA GLY A 256 -61.76 30.39 -16.57
C GLY A 256 -60.83 29.79 -15.54
N ALA A 257 -60.88 28.48 -15.37
CA ALA A 257 -60.11 27.79 -14.33
C ALA A 257 -58.69 27.58 -14.81
N ALA A 258 -57.76 28.40 -14.31
CA ALA A 258 -56.34 28.28 -14.65
C ALA A 258 -55.61 27.46 -13.57
N ALA A 259 -56.06 26.23 -13.39
CA ALA A 259 -55.49 25.37 -12.37
C ALA A 259 -54.10 24.89 -12.76
N TYR A 260 -53.17 24.96 -11.81
CA TYR A 260 -51.83 24.43 -12.01
C TYR A 260 -51.30 23.96 -10.68
N TYR A 261 -50.65 22.80 -10.66
CA TYR A 261 -50.13 22.22 -9.44
C TYR A 261 -48.64 22.46 -9.33
N VAL A 262 -48.12 22.34 -8.11
CA VAL A 262 -46.71 22.53 -7.83
C VAL A 262 -46.26 21.45 -6.85
N GLY A 263 -45.09 20.89 -7.09
CA GLY A 263 -44.48 19.95 -6.16
C GLY A 263 -43.15 20.49 -5.66
N TYR A 264 -42.38 19.66 -4.97
CA TYR A 264 -41.07 20.10 -4.47
C TYR A 264 -40.14 18.89 -4.41
N LEU A 265 -39.01 19.01 -5.09
CA LEU A 265 -38.01 17.94 -5.13
C LEU A 265 -37.03 18.09 -3.97
N GLN A 266 -36.65 16.96 -3.41
CA GLN A 266 -35.69 16.85 -2.33
C GLN A 266 -34.65 15.82 -2.70
N PRO A 267 -33.46 15.87 -2.09
CA PRO A 267 -32.47 14.81 -2.32
C PRO A 267 -33.06 13.47 -1.89
N ARG A 268 -32.93 12.48 -2.76
CA ARG A 268 -33.60 11.22 -2.51
C ARG A 268 -32.98 10.13 -3.36
N THR A 269 -33.05 8.90 -2.84
CA THR A 269 -32.62 7.72 -3.56
C THR A 269 -33.83 6.96 -4.06
N PHE A 270 -33.77 6.52 -5.31
CA PHE A 270 -34.85 5.78 -5.93
C PHE A 270 -34.33 4.49 -6.52
N LEU A 271 -35.18 3.49 -6.55
CA LEU A 271 -34.95 2.25 -7.29
C LEU A 271 -35.79 2.31 -8.55
N LEU A 272 -35.13 2.43 -9.70
CA LEU A 272 -35.83 2.50 -10.97
C LEU A 272 -36.14 1.09 -11.48
N LYS A 273 -36.89 1.04 -12.57
CA LYS A 273 -37.17 -0.24 -13.23
C LYS A 273 -37.49 0.08 -14.69
N TYR A 274 -36.71 -0.50 -15.60
CA TYR A 274 -36.83 -0.27 -17.03
C TYR A 274 -37.54 -1.45 -17.69
N ASN A 275 -38.35 -1.15 -18.70
CA ASN A 275 -38.94 -2.18 -19.53
C ASN A 275 -38.01 -2.47 -20.70
N GLU A 276 -38.51 -3.23 -21.68
CA GLU A 276 -37.66 -3.63 -22.80
C GLU A 276 -37.17 -2.42 -23.60
N ASN A 277 -38.02 -1.41 -23.77
CA ASN A 277 -37.67 -0.23 -24.53
C ASN A 277 -36.66 0.66 -23.81
N GLY A 278 -36.37 0.39 -22.54
CA GLY A 278 -35.50 1.25 -21.78
C GLY A 278 -36.15 2.46 -21.17
N THR A 279 -37.47 2.57 -21.28
CA THR A 279 -38.21 3.60 -20.56
C THR A 279 -38.26 3.23 -19.09
N ILE A 280 -38.13 4.24 -18.23
CA ILE A 280 -38.24 3.97 -16.80
C ILE A 280 -39.70 3.69 -16.51
N THR A 281 -40.07 2.41 -16.48
CA THR A 281 -41.45 2.04 -16.30
C THR A 281 -41.85 1.96 -14.83
N ASP A 282 -40.90 2.11 -13.92
CA ASP A 282 -41.26 2.17 -12.50
C ASP A 282 -40.17 2.88 -11.73
N ALA A 283 -40.55 3.43 -10.58
CA ALA A 283 -39.61 4.04 -9.66
C ALA A 283 -40.19 3.95 -8.27
N VAL A 284 -39.35 3.56 -7.30
CA VAL A 284 -39.77 3.45 -5.91
C VAL A 284 -38.81 4.26 -5.05
N ASP A 285 -39.31 4.70 -3.89
CA ASP A 285 -38.49 5.47 -2.98
C ASP A 285 -37.82 4.55 -1.97
N CYS A 286 -36.83 5.09 -1.27
CA CYS A 286 -36.11 4.34 -0.25
C CYS A 286 -36.54 4.74 1.16
N ALA A 287 -36.47 6.03 1.49
CA ALA A 287 -36.79 6.52 2.82
C ALA A 287 -38.28 6.78 3.01
N LEU A 288 -39.12 6.17 2.17
CA LEU A 288 -40.56 6.38 2.29
C LEU A 288 -41.13 5.62 3.49
N ASP A 289 -40.81 4.33 3.60
CA ASP A 289 -41.37 3.48 4.63
C ASP A 289 -40.42 2.31 4.85
N PRO A 290 -40.64 1.51 5.91
CA PRO A 290 -39.79 0.33 6.10
C PRO A 290 -39.76 -0.60 4.89
N LEU A 291 -40.89 -0.78 4.21
CA LEU A 291 -40.89 -1.57 2.99
C LEU A 291 -40.03 -0.93 1.92
N SER A 292 -40.09 0.39 1.80
CA SER A 292 -39.27 1.09 0.82
C SER A 292 -37.79 0.93 1.12
N GLU A 293 -37.41 1.06 2.40
CA GLU A 293 -36.01 0.87 2.78
C GLU A 293 -35.57 -0.56 2.50
N THR A 294 -36.42 -1.54 2.81
CA THR A 294 -36.08 -2.94 2.53
C THR A 294 -35.86 -3.16 1.04
N LYS A 295 -36.78 -2.64 0.21
CA LYS A 295 -36.67 -2.85 -1.22
C LYS A 295 -35.42 -2.18 -1.79
N CYS A 296 -35.14 -0.96 -1.35
CA CYS A 296 -33.92 -0.30 -1.81
C CYS A 296 -32.68 -1.02 -1.33
N THR A 297 -32.73 -1.64 -0.15
CA THR A 297 -31.59 -2.40 0.34
C THR A 297 -31.36 -3.66 -0.48
N LEU A 298 -32.44 -4.35 -0.86
CA LEU A 298 -32.33 -5.59 -1.61
C LEU A 298 -32.28 -5.38 -3.11
N LYS A 299 -32.41 -4.14 -3.59
CA LYS A 299 -32.42 -3.83 -5.02
C LYS A 299 -33.46 -4.68 -5.75
N SER A 300 -34.62 -4.86 -5.12
CA SER A 300 -35.65 -5.75 -5.61
C SER A 300 -37.00 -5.08 -5.51
N PHE A 301 -38.03 -5.80 -5.94
CA PHE A 301 -39.38 -5.26 -6.00
C PHE A 301 -40.41 -6.16 -5.33
N THR A 302 -40.04 -7.39 -4.97
CA THR A 302 -40.96 -8.35 -4.35
C THR A 302 -40.31 -8.97 -3.12
N VAL A 303 -39.82 -8.11 -2.22
CA VAL A 303 -39.13 -8.56 -1.03
C VAL A 303 -40.00 -9.54 -0.25
N GLU A 304 -39.43 -10.68 0.10
CA GLU A 304 -40.17 -11.74 0.75
C GLU A 304 -40.24 -11.50 2.25
N LYS A 305 -40.85 -12.44 2.98
CA LYS A 305 -40.99 -12.31 4.43
C LYS A 305 -39.65 -12.53 5.11
N GLY A 306 -39.31 -11.63 6.01
CA GLY A 306 -38.07 -11.77 6.76
C GLY A 306 -37.68 -10.47 7.43
N ILE A 307 -36.56 -10.53 8.13
CA ILE A 307 -35.99 -9.38 8.82
C ILE A 307 -34.67 -9.03 8.16
N TYR A 308 -34.54 -7.79 7.72
CA TYR A 308 -33.38 -7.33 6.98
C TYR A 308 -32.78 -6.13 7.70
N GLN A 309 -31.48 -6.20 7.99
CA GLN A 309 -30.80 -5.06 8.59
C GLN A 309 -30.76 -3.93 7.56
N THR A 310 -31.57 -2.90 7.79
CA THR A 310 -31.67 -1.81 6.83
C THR A 310 -30.63 -0.72 7.06
N SER A 311 -30.48 -0.26 8.30
CA SER A 311 -29.54 0.81 8.60
C SER A 311 -29.18 0.76 10.07
N ASN A 312 -28.42 1.74 10.51
CA ASN A 312 -28.06 1.90 11.91
C ASN A 312 -28.98 2.90 12.57
N PHE A 313 -29.27 2.67 13.84
CA PHE A 313 -30.03 3.61 14.65
C PHE A 313 -29.05 4.40 15.49
N ARG A 314 -28.84 5.66 15.14
CA ARG A 314 -27.91 6.52 15.85
C ARG A 314 -28.63 7.74 16.37
N VAL A 315 -28.51 8.01 17.66
CA VAL A 315 -29.05 9.22 18.25
C VAL A 315 -28.04 10.34 18.05
N GLN A 316 -28.54 11.55 17.83
CA GLN A 316 -27.51 12.54 17.53
C GLN A 316 -27.26 13.44 18.75
N PRO A 317 -26.05 13.96 18.88
CA PRO A 317 -25.79 14.95 19.93
C PRO A 317 -26.59 16.21 19.71
N THR A 318 -26.97 16.85 20.81
CA THR A 318 -27.81 18.04 20.75
C THR A 318 -27.13 19.31 21.25
N GLU A 319 -26.04 19.20 22.02
CA GLU A 319 -25.34 20.36 22.55
C GLU A 319 -23.85 20.20 22.31
N SER A 320 -23.16 21.34 22.31
CA SER A 320 -21.71 21.40 22.17
C SER A 320 -21.10 21.85 23.49
N ILE A 321 -20.19 21.04 24.01
CA ILE A 321 -19.59 21.26 25.32
C ILE A 321 -18.09 21.39 25.14
N VAL A 322 -17.57 22.58 25.46
CA VAL A 322 -16.15 22.86 25.46
C VAL A 322 -15.80 23.49 26.80
N ARG A 323 -14.86 22.89 27.51
CA ARG A 323 -14.53 23.32 28.86
C ARG A 323 -13.01 23.32 29.04
N PHE A 324 -12.54 24.25 29.86
CA PHE A 324 -11.12 24.44 30.15
C PHE A 324 -10.94 24.55 31.66
N PRO A 325 -9.76 24.20 32.16
CA PRO A 325 -9.61 24.09 33.61
C PRO A 325 -9.58 25.40 34.37
N ASN A 326 -10.52 26.30 34.07
CA ASN A 326 -10.69 27.58 34.76
C ASN A 326 -9.34 28.21 35.09
N ILE A 327 -8.53 28.39 34.06
CA ILE A 327 -7.18 28.93 34.23
C ILE A 327 -7.25 30.44 34.15
N THR A 328 -6.93 31.10 35.27
CA THR A 328 -6.98 32.57 35.28
C THR A 328 -5.69 33.13 34.67
N ASN A 329 -4.56 32.86 35.33
CA ASN A 329 -3.21 33.10 34.81
C ASN A 329 -3.15 34.34 33.93
N LEU A 330 -3.60 35.44 34.49
CA LEU A 330 -3.74 36.68 33.73
C LEU A 330 -2.39 37.14 33.22
N CYS A 331 -2.24 37.21 31.91
CA CYS A 331 -1.06 37.84 31.35
C CYS A 331 -1.10 39.31 31.71
N PRO A 332 -0.15 39.82 32.47
CA PRO A 332 -0.27 41.18 32.98
C PRO A 332 -0.21 42.22 31.88
N PHE A 333 -1.36 42.82 31.58
CA PHE A 333 -1.48 43.79 30.50
C PHE A 333 -1.86 45.18 31.00
N ASP A 334 -2.93 45.29 31.80
CA ASP A 334 -3.37 46.60 32.27
C ASP A 334 -2.32 47.23 33.17
N GLU A 335 -1.70 46.43 34.04
CA GLU A 335 -0.65 46.96 34.91
C GLU A 335 0.52 47.49 34.09
N VAL A 336 0.86 46.81 32.99
CA VAL A 336 1.85 47.36 32.07
C VAL A 336 1.36 48.67 31.48
N PHE A 337 0.08 48.72 31.11
CA PHE A 337 -0.51 49.97 30.63
C PHE A 337 -0.61 51.01 31.74
N ASN A 338 -0.61 50.57 32.99
CA ASN A 338 -0.74 51.45 34.15
C ASN A 338 0.60 51.71 34.83
N ALA A 339 1.69 51.74 34.07
CA ALA A 339 2.98 52.09 34.65
C ALA A 339 3.03 53.57 34.98
N THR A 340 3.52 53.89 36.18
CA THR A 340 3.58 55.29 36.60
C THR A 340 4.47 56.09 35.67
N ARG A 341 5.63 55.54 35.32
CA ARG A 341 6.47 56.09 34.28
C ARG A 341 6.73 55.00 33.25
N PHE A 342 6.36 55.27 32.01
CA PHE A 342 6.51 54.32 30.92
C PHE A 342 7.97 54.26 30.50
N ALA A 343 8.41 53.08 30.08
CA ALA A 343 9.80 52.89 29.69
C ALA A 343 10.14 53.70 28.44
N SER A 344 11.43 53.95 28.25
CA SER A 344 11.89 54.66 27.07
C SER A 344 11.80 53.76 25.84
N VAL A 345 11.61 54.40 24.68
CA VAL A 345 11.45 53.65 23.44
C VAL A 345 12.76 53.00 23.01
N TYR A 346 13.87 53.75 23.05
CA TYR A 346 15.14 53.19 22.63
C TYR A 346 15.56 52.02 23.50
N ALA A 347 15.42 52.17 24.82
CA ALA A 347 15.69 51.09 25.77
C ALA A 347 14.40 50.37 26.13
N TRP A 348 13.72 49.87 25.10
CA TRP A 348 12.44 49.24 25.29
C TRP A 348 12.57 47.96 26.11
N ASN A 349 11.65 47.76 27.02
CA ASN A 349 11.66 46.60 27.91
C ASN A 349 11.21 45.37 27.14
N ARG A 350 12.06 44.35 27.11
CA ARG A 350 11.71 43.06 26.51
C ARG A 350 11.08 42.17 27.58
N LYS A 351 9.91 42.62 28.05
CA LYS A 351 9.19 41.88 29.06
C LYS A 351 8.81 40.50 28.54
N ARG A 352 8.94 39.48 29.39
CA ARG A 352 8.60 38.12 29.03
C ARG A 352 7.14 37.87 29.38
N ILE A 353 6.27 37.85 28.37
CA ILE A 353 4.89 37.43 28.53
C ILE A 353 4.89 35.92 28.29
N SER A 354 4.86 35.16 29.39
CA SER A 354 4.95 33.71 29.30
C SER A 354 4.34 33.12 30.56
N ASN A 355 3.97 31.85 30.46
CA ASN A 355 3.33 31.08 31.52
C ASN A 355 2.04 31.73 31.99
N CYS A 356 1.35 32.48 31.14
CA CYS A 356 0.10 33.14 31.49
C CYS A 356 -0.92 32.95 30.37
N VAL A 357 -2.17 33.28 30.68
CA VAL A 357 -3.27 33.17 29.73
C VAL A 357 -3.58 34.55 29.17
N ALA A 358 -4.01 34.58 27.90
CA ALA A 358 -4.21 35.83 27.19
C ALA A 358 -5.69 36.21 27.18
N ASP A 359 -5.92 37.53 27.23
CA ASP A 359 -7.25 38.11 27.40
C ASP A 359 -7.45 39.28 26.43
N TYR A 360 -7.18 39.04 25.14
CA TYR A 360 -7.27 40.10 24.14
C TYR A 360 -8.60 40.82 24.13
N SER A 361 -9.63 40.27 24.77
CA SER A 361 -10.91 40.97 24.89
C SER A 361 -10.76 42.27 25.67
N VAL A 362 -9.81 42.33 26.61
CA VAL A 362 -9.54 43.58 27.33
C VAL A 362 -8.84 44.60 26.43
N LEU A 363 -8.39 44.18 25.25
CA LEU A 363 -7.73 45.11 24.33
C LEU A 363 -8.67 46.23 23.92
N TYR A 364 -9.96 45.99 23.91
CA TYR A 364 -10.95 47.00 23.52
C TYR A 364 -11.14 47.98 24.67
N ASN A 365 -12.19 48.79 24.58
CA ASN A 365 -12.53 49.85 25.52
C ASN A 365 -11.39 50.84 25.73
N PHE A 366 -10.44 50.91 24.80
CA PHE A 366 -9.36 51.88 24.86
C PHE A 366 -9.81 53.19 24.23
N ALA A 367 -8.86 54.08 23.95
CA ALA A 367 -9.20 55.35 23.30
C ALA A 367 -9.83 55.09 21.94
N PRO A 368 -10.88 55.82 21.59
CA PRO A 368 -11.57 55.55 20.32
C PRO A 368 -10.66 55.76 19.12
N PHE A 369 -10.89 54.95 18.09
CA PHE A 369 -10.11 54.99 16.84
C PHE A 369 -8.62 54.80 17.11
N PHE A 370 -8.30 53.97 18.10
CA PHE A 370 -6.91 53.64 18.39
C PHE A 370 -6.41 52.60 17.39
N ALA A 371 -5.15 52.75 17.00
CA ALA A 371 -4.53 51.79 16.09
C ALA A 371 -4.48 50.41 16.73
N PHE A 372 -4.97 49.41 16.00
CA PHE A 372 -4.95 48.02 16.45
C PHE A 372 -4.44 47.14 15.32
N LYS A 373 -3.33 47.51 14.72
CA LYS A 373 -2.88 46.80 13.53
C LYS A 373 -2.28 45.46 13.92
N CYS A 374 -2.28 44.52 12.98
CA CYS A 374 -1.68 43.21 13.20
C CYS A 374 -0.99 42.75 11.92
N TYR A 375 -0.05 41.84 12.09
CA TYR A 375 0.73 41.34 10.96
C TYR A 375 0.99 39.85 11.17
N GLY A 376 0.55 39.04 10.21
CA GLY A 376 0.71 37.61 10.28
C GLY A 376 -0.42 36.85 10.94
N VAL A 377 -1.35 37.56 11.60
CA VAL A 377 -2.51 36.91 12.20
C VAL A 377 -3.59 37.94 12.49
N SER A 378 -4.84 37.59 12.21
CA SER A 378 -5.95 38.44 12.59
C SER A 378 -6.10 38.46 14.11
N PRO A 379 -6.38 39.61 14.70
CA PRO A 379 -6.51 39.66 16.17
C PRO A 379 -7.59 38.75 16.72
N THR A 380 -8.68 38.56 15.97
CA THR A 380 -9.79 37.72 16.43
C THR A 380 -9.42 36.24 16.52
N LYS A 381 -8.30 35.83 15.93
CA LYS A 381 -7.93 34.42 15.90
C LYS A 381 -7.10 34.00 17.10
N LEU A 382 -6.35 34.92 17.72
CA LEU A 382 -5.44 34.55 18.80
C LEU A 382 -6.15 33.94 19.99
N ASN A 383 -7.47 34.13 20.12
CA ASN A 383 -8.19 33.51 21.23
C ASN A 383 -8.14 32.00 21.15
N ASP A 384 -7.96 31.42 19.96
CA ASP A 384 -7.75 29.99 19.81
C ASP A 384 -6.35 29.65 19.31
N LEU A 385 -5.43 30.62 19.31
CA LEU A 385 -4.06 30.39 18.88
C LEU A 385 -3.10 30.41 20.05
N CYS A 386 -2.01 29.67 19.92
CA CYS A 386 -1.00 29.54 20.94
C CYS A 386 0.37 29.92 20.39
N PHE A 387 1.21 30.49 21.25
CA PHE A 387 2.59 30.80 20.90
C PHE A 387 3.51 30.40 22.04
N THR A 388 4.74 30.04 21.69
CA THR A 388 5.71 29.62 22.70
C THR A 388 5.98 30.75 23.69
N ASN A 389 6.14 31.98 23.20
CA ASN A 389 6.40 33.13 24.05
C ASN A 389 5.69 34.34 23.49
N VAL A 390 5.56 35.36 24.33
CA VAL A 390 5.11 36.68 23.90
C VAL A 390 5.98 37.72 24.61
N TYR A 391 6.17 38.87 23.97
CA TYR A 391 6.99 39.93 24.54
C TYR A 391 6.15 41.20 24.69
N ALA A 392 6.20 41.80 25.88
CA ALA A 392 5.44 43.01 26.17
C ALA A 392 6.28 44.27 26.00
N ASP A 393 6.82 44.48 24.81
CA ASP A 393 7.45 45.76 24.50
C ASP A 393 6.39 46.83 24.36
N SER A 394 6.59 47.94 25.07
CA SER A 394 5.59 48.99 25.10
C SER A 394 6.26 50.30 25.48
N PHE A 395 5.74 51.39 24.93
CA PHE A 395 6.38 52.70 25.04
C PHE A 395 5.38 53.77 24.65
N VAL A 396 5.87 55.01 24.52
CA VAL A 396 5.07 56.12 24.02
C VAL A 396 5.86 56.81 22.92
N ILE A 397 5.20 57.03 21.78
CA ILE A 397 5.79 57.76 20.66
C ILE A 397 4.76 58.74 20.12
N ARG A 398 5.22 59.63 19.25
CA ARG A 398 4.33 60.61 18.64
C ARG A 398 3.32 59.91 17.73
N GLY A 399 2.16 60.55 17.57
CA GLY A 399 1.07 59.90 16.86
C GLY A 399 1.43 59.51 15.43
N ASN A 400 2.11 60.40 14.72
CA ASN A 400 2.55 60.08 13.37
C ASN A 400 3.58 58.96 13.37
N GLU A 401 4.50 58.97 14.35
CA GLU A 401 5.54 57.96 14.44
C GLU A 401 4.98 56.55 14.60
N VAL A 402 3.74 56.41 15.08
CA VAL A 402 3.11 55.10 15.16
C VAL A 402 3.04 54.45 13.79
N SER A 403 2.84 55.27 12.75
CA SER A 403 2.81 54.75 11.39
C SER A 403 4.14 54.18 10.96
N GLN A 404 5.26 54.63 11.54
CA GLN A 404 6.56 54.12 11.16
C GLN A 404 6.78 52.69 11.65
N ILE A 405 6.23 52.34 12.82
CA ILE A 405 6.38 51.01 13.38
C ILE A 405 5.51 50.06 12.56
N ALA A 406 6.15 49.27 11.70
CA ALA A 406 5.49 48.28 10.87
C ALA A 406 6.55 47.35 10.27
N PRO A 407 6.19 46.11 9.92
CA PRO A 407 7.19 45.18 9.38
C PRO A 407 7.88 45.74 8.14
N GLY A 408 9.18 45.97 8.26
CA GLY A 408 9.98 46.42 7.14
C GLY A 408 9.76 47.86 6.72
N GLN A 409 9.06 48.65 7.54
CA GLN A 409 8.70 50.00 7.15
C GLN A 409 9.89 50.95 7.36
N THR A 410 9.66 52.24 7.13
CA THR A 410 10.73 53.22 7.22
C THR A 410 10.43 54.25 8.29
N GLY A 411 11.31 55.23 8.44
CA GLY A 411 11.24 56.20 9.52
C GLY A 411 12.41 56.04 10.49
N ASN A 412 12.75 57.15 11.13
CA ASN A 412 13.90 57.18 12.02
C ASN A 412 13.71 56.24 13.20
N ILE A 413 12.53 56.27 13.81
CA ILE A 413 12.24 55.35 14.91
C ILE A 413 12.20 53.91 14.40
N ALA A 414 11.58 53.69 13.24
CA ALA A 414 11.43 52.35 12.69
C ALA A 414 12.75 51.74 12.24
N ASP A 415 13.83 52.53 12.12
CA ASP A 415 15.09 52.02 11.60
C ASP A 415 16.28 52.23 12.54
N TYR A 416 16.15 53.03 13.59
CA TYR A 416 17.27 53.34 14.46
C TYR A 416 17.00 53.15 15.94
N ASN A 417 15.75 53.00 16.36
CA ASN A 417 15.41 52.65 17.73
C ASN A 417 14.89 51.24 17.88
N TYR A 418 14.22 50.70 16.86
CA TYR A 418 13.66 49.36 16.91
C TYR A 418 13.28 48.97 15.49
N LYS A 419 13.60 47.74 15.10
CA LYS A 419 13.36 47.25 13.74
C LYS A 419 12.32 46.14 13.79
N LEU A 420 11.31 46.24 12.92
CA LEU A 420 10.28 45.22 12.80
C LEU A 420 10.51 44.46 11.50
N PRO A 421 10.84 43.17 11.54
CA PRO A 421 11.10 42.44 10.29
C PRO A 421 9.84 42.32 9.44
N ASP A 422 10.05 42.32 8.13
CA ASP A 422 8.93 42.33 7.19
C ASP A 422 8.00 41.13 7.41
N ASP A 423 8.52 40.03 7.95
CA ASP A 423 7.73 38.84 8.24
C ASP A 423 7.14 38.85 9.64
N PHE A 424 6.90 40.02 10.21
CA PHE A 424 6.48 40.11 11.60
C PHE A 424 5.13 39.45 11.82
N THR A 425 5.03 38.71 12.93
CA THR A 425 3.79 38.08 13.38
C THR A 425 3.47 38.60 14.77
N GLY A 426 2.30 39.17 14.94
CA GLY A 426 1.89 39.78 16.19
C GLY A 426 0.97 40.96 15.91
N CYS A 427 0.92 41.88 16.87
CA CYS A 427 0.07 43.05 16.73
C CYS A 427 0.73 44.27 17.36
N VAL A 428 0.30 45.45 16.90
CA VAL A 428 0.73 46.72 17.42
C VAL A 428 -0.52 47.52 17.80
N ILE A 429 -0.60 47.93 19.06
CA ILE A 429 -1.78 48.55 19.65
C ILE A 429 -1.37 49.89 20.22
N ALA A 430 -1.84 50.97 19.61
CA ALA A 430 -1.49 52.33 20.01
C ALA A 430 -2.75 53.13 20.28
N TRP A 431 -2.79 53.79 21.42
CA TRP A 431 -3.92 54.64 21.80
C TRP A 431 -3.41 55.89 22.47
N ASN A 432 -4.20 56.95 22.41
CA ASN A 432 -3.81 58.22 23.01
C ASN A 432 -3.93 58.13 24.53
N SER A 433 -2.91 58.63 25.23
CA SER A 433 -2.92 58.72 26.68
C SER A 433 -2.39 60.08 27.10
N ASN A 434 -2.77 61.12 26.36
CA ASN A 434 -2.26 62.47 26.61
C ASN A 434 -2.57 62.92 28.04
N LYS A 435 -3.80 62.67 28.49
CA LYS A 435 -4.17 62.99 29.86
C LYS A 435 -3.38 62.16 30.86
N LEU A 436 -3.04 60.92 30.50
CA LEU A 436 -2.36 60.03 31.45
C LEU A 436 -0.95 60.51 31.75
N ASP A 437 -0.22 60.96 30.74
CA ASP A 437 1.21 61.20 30.87
C ASP A 437 1.60 62.66 30.71
N SER A 438 1.18 63.31 29.62
CA SER A 438 1.64 64.66 29.33
C SER A 438 1.19 65.63 30.41
N THR A 439 2.09 66.55 30.76
CA THR A 439 1.84 67.57 31.77
C THR A 439 2.12 68.94 31.18
N VAL A 440 1.61 69.97 31.85
CA VAL A 440 1.73 71.34 31.33
C VAL A 440 3.20 71.74 31.22
N GLY A 441 4.03 71.31 32.16
CA GLY A 441 5.44 71.57 32.07
C GLY A 441 6.18 70.75 31.04
N GLY A 442 5.48 69.85 30.35
CA GLY A 442 6.10 69.01 29.35
C GLY A 442 6.68 67.74 29.94
N ASN A 443 6.29 66.59 29.39
CA ASN A 443 6.82 65.30 29.84
C ASN A 443 8.12 65.05 29.09
N TYR A 444 9.25 65.15 29.80
CA TYR A 444 10.56 64.93 29.23
C TYR A 444 11.20 63.64 29.73
N ASN A 445 10.38 62.72 30.25
CA ASN A 445 10.85 61.44 30.74
C ASN A 445 11.01 60.40 29.64
N TYR A 446 10.68 60.74 28.40
CA TYR A 446 10.79 59.82 27.28
C TYR A 446 11.90 60.28 26.34
N ARG A 447 12.80 59.36 26.01
CA ARG A 447 13.95 59.66 25.16
C ARG A 447 13.98 58.67 24.00
N TYR A 448 14.46 59.15 22.86
CA TYR A 448 14.50 58.37 21.63
C TYR A 448 15.81 58.61 20.90
N ARG A 449 16.34 57.55 20.27
CA ARG A 449 17.57 57.66 19.50
C ARG A 449 17.27 58.16 18.10
N LEU A 450 18.12 59.05 17.60
CA LEU A 450 17.98 59.59 16.26
C LEU A 450 19.11 59.21 15.31
N PHE A 451 20.29 58.85 15.82
CA PHE A 451 21.43 58.47 14.99
C PHE A 451 21.99 57.12 15.46
N ARG A 452 22.21 56.22 14.51
CA ARG A 452 22.89 54.96 14.79
C ARG A 452 23.81 54.63 13.62
N LYS A 453 24.90 53.94 13.93
CA LYS A 453 25.90 53.61 12.91
C LYS A 453 25.34 52.67 11.84
N SER A 454 24.58 51.65 12.26
CA SER A 454 24.15 50.59 11.37
C SER A 454 22.64 50.45 11.41
N LYS A 455 22.10 49.87 10.34
CA LYS A 455 20.66 49.58 10.29
C LYS A 455 20.35 48.41 11.23
N LEU A 456 19.36 48.61 12.09
CA LEU A 456 19.10 47.67 13.18
C LEU A 456 18.66 46.31 12.66
N LYS A 457 19.16 45.26 13.31
CA LYS A 457 18.60 43.93 13.12
C LYS A 457 17.23 43.85 13.78
N PRO A 458 16.36 42.97 13.29
CA PRO A 458 15.05 42.80 13.93
C PRO A 458 15.20 42.36 15.38
N PHE A 459 14.50 43.06 16.27
CA PHE A 459 14.43 42.79 17.70
C PHE A 459 15.76 43.01 18.42
N GLU A 460 16.80 43.45 17.71
CA GLU A 460 18.06 43.77 18.36
C GLU A 460 17.98 45.15 19.00
N ARG A 461 18.36 45.23 20.28
CA ARG A 461 18.35 46.49 21.01
C ARG A 461 19.74 46.78 21.58
N ASP A 462 20.17 48.04 21.44
CA ASP A 462 21.43 48.52 22.03
C ASP A 462 21.07 49.33 23.26
N ILE A 463 21.27 48.74 24.45
CA ILE A 463 20.83 49.38 25.68
C ILE A 463 21.68 50.61 26.00
N SER A 464 22.97 50.57 25.70
CA SER A 464 23.86 51.67 26.09
C SER A 464 23.64 52.88 25.20
N THR A 465 24.10 54.03 25.69
CA THR A 465 23.87 55.32 25.05
C THR A 465 25.19 56.07 24.79
N GLU A 466 26.17 55.37 24.23
CA GLU A 466 27.46 55.98 23.96
C GLU A 466 27.33 57.07 22.89
N ILE A 467 28.21 58.07 22.98
CA ILE A 467 28.13 59.21 22.07
C ILE A 467 28.45 58.78 20.65
N TYR A 468 27.52 59.04 19.74
CA TYR A 468 27.69 58.62 18.35
C TYR A 468 28.78 59.44 17.66
N GLN A 469 29.50 58.81 16.74
CA GLN A 469 30.51 59.50 15.93
C GLN A 469 30.19 59.33 14.45
N ALA A 470 30.10 60.46 13.73
CA ALA A 470 29.84 60.45 12.30
C ALA A 470 30.92 61.09 11.45
N GLY A 471 31.77 61.94 12.03
CA GLY A 471 32.62 62.80 11.22
C GLY A 471 34.03 62.27 11.02
N ASN A 472 34.93 63.17 10.61
CA ASN A 472 36.29 62.77 10.30
C ASN A 472 37.00 62.23 11.53
N LYS A 473 36.76 62.85 12.68
CA LYS A 473 37.52 62.56 13.89
C LYS A 473 36.60 62.05 14.99
N PRO A 474 37.10 61.16 15.86
CA PRO A 474 36.29 60.69 16.99
C PRO A 474 36.32 61.71 18.12
N CYS A 475 35.16 61.89 18.76
CA CYS A 475 35.07 62.78 19.92
C CYS A 475 35.21 62.05 21.24
N ASN A 476 35.55 60.76 21.21
CA ASN A 476 35.75 59.93 22.41
C ASN A 476 34.68 60.18 23.47
N GLY A 477 33.43 60.21 23.03
CA GLY A 477 32.31 60.37 23.92
C GLY A 477 32.01 61.78 24.37
N VAL A 478 32.60 62.79 23.74
CA VAL A 478 32.38 64.18 24.12
C VAL A 478 31.32 64.79 23.23
N ALA A 479 30.36 65.50 23.83
CA ALA A 479 29.38 66.24 23.07
C ALA A 479 30.03 67.46 22.43
N GLY A 480 29.76 67.67 21.15
CA GLY A 480 30.36 68.79 20.44
C GLY A 480 29.85 68.87 19.03
N VAL A 481 30.63 69.57 18.19
CA VAL A 481 30.27 69.71 16.78
C VAL A 481 30.37 68.34 16.10
N ASN A 482 29.29 67.95 15.42
CA ASN A 482 29.19 66.66 14.76
C ASN A 482 29.38 65.50 15.74
N CYS A 483 29.11 65.75 17.02
CA CYS A 483 29.26 64.74 18.07
C CYS A 483 28.17 65.01 19.11
N TYR A 484 27.06 64.27 19.00
CA TYR A 484 25.89 64.53 19.80
C TYR A 484 25.57 63.33 20.69
N PHE A 485 24.79 63.59 21.72
CA PHE A 485 24.28 62.52 22.56
C PHE A 485 23.23 61.74 21.78
N PRO A 486 23.23 60.40 21.86
CA PRO A 486 22.35 59.60 21.01
C PRO A 486 20.89 59.57 21.45
N LEU A 487 20.47 60.43 22.37
CA LEU A 487 19.11 60.46 22.86
C LEU A 487 18.55 61.87 22.81
N GLN A 488 17.26 61.97 22.50
CA GLN A 488 16.55 63.24 22.49
C GLN A 488 15.25 63.08 23.26
N SER A 489 14.80 64.17 23.88
CA SER A 489 13.58 64.15 24.68
C SER A 489 12.40 64.64 23.86
N TYR A 490 11.26 63.94 24.01
CA TYR A 490 10.05 64.35 23.31
C TYR A 490 9.54 65.70 23.82
N GLY A 491 9.47 65.85 25.14
CA GLY A 491 8.93 67.06 25.73
C GLY A 491 7.43 67.17 25.51
N PHE A 492 6.67 66.29 26.17
CA PHE A 492 5.24 66.14 25.90
C PHE A 492 4.44 67.17 26.67
N ARG A 493 4.13 68.30 26.02
CA ARG A 493 3.04 69.15 26.47
C ARG A 493 1.71 68.51 26.07
N PRO A 494 0.63 68.80 26.80
CA PRO A 494 -0.66 68.20 26.46
C PRO A 494 -1.41 68.99 25.40
N THR A 495 -0.71 69.88 24.70
CA THR A 495 -1.31 70.79 23.73
C THR A 495 -0.84 70.51 22.31
N TYR A 496 -0.80 69.24 21.92
CA TYR A 496 -0.24 68.85 20.63
C TYR A 496 -1.32 68.54 19.61
N GLY A 497 -0.93 68.61 18.34
CA GLY A 497 -1.73 68.04 17.29
C GLY A 497 -1.70 66.53 17.36
N VAL A 498 -2.69 65.92 16.71
CA VAL A 498 -2.85 64.46 16.80
C VAL A 498 -1.63 63.73 16.27
N GLY A 499 -0.90 64.37 15.35
CA GLY A 499 0.32 63.75 14.83
C GLY A 499 1.40 63.58 15.86
N HIS A 500 1.49 64.51 16.82
CA HIS A 500 2.56 64.48 17.81
C HIS A 500 2.05 64.34 19.24
N GLN A 501 0.77 64.08 19.43
CA GLN A 501 0.29 63.79 20.77
C GLN A 501 0.86 62.47 21.26
N PRO A 502 1.13 62.35 22.57
CA PRO A 502 1.75 61.12 23.09
C PRO A 502 0.80 59.94 22.94
N TYR A 503 1.22 58.96 22.14
CA TYR A 503 0.47 57.74 21.92
C TYR A 503 1.21 56.57 22.56
N ARG A 504 0.51 55.84 23.45
CA ARG A 504 1.05 54.63 24.02
C ARG A 504 0.95 53.52 22.98
N VAL A 505 2.09 52.96 22.61
CA VAL A 505 2.18 51.91 21.60
C VAL A 505 2.75 50.67 22.26
N VAL A 506 2.02 49.57 22.18
CA VAL A 506 2.43 48.28 22.72
C VAL A 506 2.51 47.31 21.54
N VAL A 507 3.69 46.76 21.32
CA VAL A 507 3.91 45.82 20.23
C VAL A 507 3.89 44.43 20.86
N LEU A 508 2.73 43.80 20.84
CA LEU A 508 2.58 42.44 21.37
C LEU A 508 3.14 41.51 20.30
N SER A 509 4.36 41.04 20.53
CA SER A 509 5.04 40.17 19.58
C SER A 509 4.95 38.73 20.07
N PHE A 510 4.35 37.88 19.26
CA PHE A 510 4.19 36.47 19.54
C PHE A 510 5.36 35.70 18.92
N GLU A 511 5.73 34.59 19.54
CA GLU A 511 6.95 33.88 19.22
C GLU A 511 6.75 32.37 19.30
N LEU A 512 7.20 31.67 18.26
CA LEU A 512 7.13 30.22 18.18
C LEU A 512 8.51 29.65 17.95
N LEU A 513 8.85 28.58 18.66
CA LEU A 513 10.07 27.83 18.43
C LEU A 513 9.86 26.41 18.90
N HIS A 514 10.95 25.66 19.00
CA HIS A 514 10.87 24.25 19.38
C HIS A 514 10.62 24.10 20.87
N ALA A 515 9.58 24.76 21.34
CA ALA A 515 9.14 24.71 22.73
C ALA A 515 7.62 24.69 22.74
N PRO A 516 7.01 24.21 23.82
CA PRO A 516 5.55 24.30 23.92
C PRO A 516 5.11 25.73 24.15
N ALA A 517 3.85 26.00 23.78
CA ALA A 517 3.27 27.32 23.98
C ALA A 517 2.95 27.51 25.45
N THR A 518 3.89 28.10 26.19
CA THR A 518 3.63 28.40 27.59
C THR A 518 2.65 29.56 27.77
N VAL A 519 2.36 30.28 26.71
CA VAL A 519 1.36 31.34 26.72
C VAL A 519 0.33 31.04 25.65
N CYS A 520 -0.93 30.89 26.06
CA CYS A 520 -2.05 30.69 25.16
C CYS A 520 -3.16 31.64 25.58
N GLY A 521 -4.23 31.68 24.77
CA GLY A 521 -5.37 32.50 25.10
C GLY A 521 -6.72 31.80 25.03
N PRO A 522 -6.81 30.49 25.47
CA PRO A 522 -8.04 29.72 25.27
C PRO A 522 -9.14 30.10 26.26
N LYS A 523 -9.39 31.41 26.39
CA LYS A 523 -10.41 31.90 27.29
C LYS A 523 -11.78 31.89 26.62
N LYS A 524 -12.16 30.74 26.06
CA LYS A 524 -13.48 30.55 25.48
C LYS A 524 -13.96 29.17 25.87
N SER A 525 -14.73 29.09 26.95
CA SER A 525 -15.26 27.83 27.45
C SER A 525 -16.78 27.91 27.49
N THR A 526 -17.42 26.79 27.18
CA THR A 526 -18.86 26.70 27.28
C THR A 526 -19.26 26.55 28.74
N ASN A 527 -20.54 26.33 28.97
CA ASN A 527 -20.98 25.98 30.31
C ASN A 527 -20.98 24.46 30.44
N LEU A 528 -21.57 23.97 31.54
CA LEU A 528 -21.63 22.53 31.79
C LEU A 528 -23.09 22.13 31.89
N VAL A 529 -23.72 21.88 30.75
CA VAL A 529 -25.06 21.31 30.69
C VAL A 529 -24.91 19.80 30.63
N LYS A 530 -25.61 19.09 31.51
CA LYS A 530 -25.24 17.72 31.81
C LYS A 530 -26.36 16.74 31.53
N ASN A 531 -25.96 15.47 31.42
CA ASN A 531 -26.86 14.33 31.31
C ASN A 531 -27.67 14.36 30.02
N LYS A 532 -27.00 14.66 28.91
CA LYS A 532 -27.57 14.55 27.58
C LYS A 532 -26.51 14.04 26.63
N CYS A 533 -26.92 13.24 25.64
CA CYS A 533 -26.00 12.81 24.59
C CYS A 533 -25.60 14.05 23.79
N VAL A 534 -24.37 14.52 24.00
CA VAL A 534 -23.89 15.78 23.46
C VAL A 534 -22.45 15.58 23.01
N ASN A 535 -21.84 16.67 22.56
CA ASN A 535 -20.43 16.69 22.20
C ASN A 535 -19.67 17.46 23.28
N PHE A 536 -18.84 16.76 24.04
CA PHE A 536 -18.01 17.35 25.09
C PHE A 536 -16.56 17.40 24.61
N ASN A 537 -15.85 18.45 25.01
CA ASN A 537 -14.40 18.52 24.75
C ASN A 537 -13.73 19.17 25.96
N PHE A 538 -13.34 18.34 26.92
CA PHE A 538 -12.65 18.81 28.12
C PHE A 538 -11.20 19.12 27.76
N ASN A 539 -11.00 20.34 27.26
CA ASN A 539 -9.65 20.87 27.02
C ASN A 539 -8.84 19.93 26.14
N GLY A 540 -9.36 19.63 24.96
CA GLY A 540 -8.72 18.69 24.07
C GLY A 540 -9.16 17.26 24.28
N LEU A 541 -9.90 16.98 25.34
CA LEU A 541 -10.43 15.65 25.59
C LEU A 541 -11.83 15.58 25.01
N THR A 542 -11.92 15.25 23.73
CA THR A 542 -13.18 15.25 23.00
C THR A 542 -14.00 13.99 23.28
N GLY A 543 -15.22 14.00 22.77
CA GLY A 543 -16.04 12.80 22.76
C GLY A 543 -17.49 13.17 22.59
N THR A 544 -18.28 12.16 22.24
CA THR A 544 -19.73 12.32 22.11
C THR A 544 -20.40 11.30 23.02
N GLY A 545 -21.28 11.78 23.90
CA GLY A 545 -21.95 10.89 24.81
C GLY A 545 -22.67 11.64 25.90
N VAL A 546 -23.02 10.89 26.94
CA VAL A 546 -23.72 11.40 28.11
C VAL A 546 -22.71 11.59 29.23
N LEU A 547 -22.67 12.80 29.79
CA LEU A 547 -21.82 13.10 30.93
C LEU A 547 -22.65 12.97 32.21
N THR A 548 -22.44 11.87 32.92
CA THR A 548 -23.13 11.62 34.18
C THR A 548 -22.21 11.97 35.33
N GLU A 549 -22.77 11.94 36.54
CA GLU A 549 -21.96 12.17 37.73
C GLU A 549 -21.00 11.01 37.94
N SER A 550 -19.81 11.33 38.45
CA SER A 550 -18.74 10.37 38.65
C SER A 550 -18.77 9.90 40.09
N ASN A 551 -18.89 8.58 40.29
CA ASN A 551 -18.85 8.01 41.63
C ASN A 551 -17.45 7.60 42.06
N LYS A 552 -16.51 7.50 41.13
CA LYS A 552 -15.17 7.01 41.42
C LYS A 552 -14.30 8.18 41.86
N LYS A 553 -13.44 7.91 42.84
CA LYS A 553 -12.52 8.91 43.35
C LYS A 553 -11.60 9.39 42.23
N PHE A 554 -11.28 10.67 42.24
CA PHE A 554 -10.31 11.22 41.31
C PHE A 554 -9.05 11.57 42.09
N LEU A 555 -8.00 10.79 41.88
CA LEU A 555 -6.72 11.05 42.55
C LEU A 555 -6.22 12.45 42.18
N PRO A 556 -5.85 13.28 43.16
CA PRO A 556 -5.54 14.69 42.86
C PRO A 556 -4.43 14.87 41.84
N PHE A 557 -3.55 13.89 41.69
CA PHE A 557 -2.46 13.99 40.73
C PHE A 557 -2.94 13.84 39.29
N GLN A 558 -4.16 13.36 39.08
CA GLN A 558 -4.61 12.93 37.78
C GLN A 558 -5.49 13.97 37.09
N GLN A 559 -5.78 13.69 35.83
CA GLN A 559 -6.38 14.64 34.90
C GLN A 559 -7.73 14.17 34.39
N PHE A 560 -7.84 12.92 33.94
CA PHE A 560 -9.12 12.37 33.52
C PHE A 560 -9.06 10.88 33.75
N GLY A 561 -10.22 10.22 33.74
CA GLY A 561 -10.24 8.79 33.90
C GLY A 561 -9.69 8.03 32.71
N ARG A 562 -9.77 6.70 32.76
CA ARG A 562 -9.36 5.85 31.66
C ARG A 562 -9.91 4.45 31.84
N ASP A 563 -10.19 3.79 30.72
CA ASP A 563 -10.70 2.43 30.67
C ASP A 563 -9.58 1.46 30.26
N ILE A 564 -9.97 0.21 30.02
CA ILE A 564 -8.98 -0.83 29.74
C ILE A 564 -8.44 -0.72 28.32
N ALA A 565 -9.33 -0.71 27.32
CA ALA A 565 -8.90 -0.80 25.93
C ALA A 565 -8.78 0.57 25.27
N ASP A 566 -7.95 1.44 25.86
CA ASP A 566 -7.59 2.73 25.27
C ASP A 566 -8.79 3.61 24.98
N THR A 567 -9.84 3.53 25.79
CA THR A 567 -11.04 4.33 25.59
C THR A 567 -11.21 5.30 26.75
N THR A 568 -11.00 6.59 26.49
CA THR A 568 -11.20 7.61 27.52
C THR A 568 -12.67 7.65 27.92
N ASP A 569 -12.97 7.22 29.15
CA ASP A 569 -14.35 7.04 29.58
C ASP A 569 -14.73 7.73 30.88
N ALA A 570 -13.80 7.88 31.83
CA ALA A 570 -14.08 8.63 33.05
C ALA A 570 -13.40 9.98 32.96
N VAL A 571 -13.74 10.90 33.87
CA VAL A 571 -13.28 12.28 33.73
C VAL A 571 -13.48 13.05 35.02
N ARG A 572 -12.64 14.07 35.21
CA ARG A 572 -12.82 15.10 36.23
C ARG A 572 -13.06 16.42 35.53
N ASP A 573 -13.97 17.22 36.07
CA ASP A 573 -14.27 18.52 35.45
C ASP A 573 -13.02 19.38 35.39
N PRO A 574 -12.66 19.92 34.23
CA PRO A 574 -11.49 20.81 34.19
C PRO A 574 -11.63 22.04 35.07
N GLN A 575 -12.72 22.80 34.97
CA GLN A 575 -12.82 24.11 35.62
C GLN A 575 -12.44 24.02 37.10
N THR A 576 -13.22 23.29 37.87
CA THR A 576 -12.90 22.98 39.25
C THR A 576 -12.95 21.47 39.41
N LEU A 577 -12.37 20.97 40.48
CA LEU A 577 -12.11 19.53 40.60
C LEU A 577 -13.41 18.77 40.91
N GLU A 578 -14.42 19.05 40.09
CA GLU A 578 -15.63 18.24 40.03
C GLU A 578 -15.39 17.15 39.00
N ILE A 579 -16.20 16.11 39.06
CA ILE A 579 -15.90 14.90 38.32
C ILE A 579 -17.15 14.50 37.55
N LEU A 580 -16.95 13.87 36.42
CA LEU A 580 -18.01 13.44 35.54
C LEU A 580 -17.67 12.07 34.95
N ASP A 581 -18.49 11.62 34.01
CA ASP A 581 -18.36 10.27 33.47
C ASP A 581 -18.93 10.23 32.05
N ILE A 582 -18.19 9.60 31.14
CA ILE A 582 -18.54 9.55 29.72
C ILE A 582 -19.26 8.24 29.44
N THR A 583 -20.41 8.34 28.78
CA THR A 583 -21.21 7.19 28.36
C THR A 583 -21.46 7.29 26.87
N PRO A 584 -21.24 6.24 26.08
CA PRO A 584 -21.53 6.34 24.64
C PRO A 584 -23.00 6.59 24.41
N CYS A 585 -23.31 7.34 23.35
CA CYS A 585 -24.69 7.63 23.03
C CYS A 585 -25.41 6.33 22.65
N SER A 586 -26.73 6.40 22.66
CA SER A 586 -27.64 5.26 22.59
C SER A 586 -27.65 4.57 21.24
N PHE A 587 -26.73 4.87 20.32
CA PHE A 587 -26.81 4.34 18.97
C PHE A 587 -26.85 2.81 18.96
N GLY A 588 -27.80 2.26 18.21
CA GLY A 588 -27.88 0.83 17.98
C GLY A 588 -27.96 0.50 16.50
N GLY A 589 -29.02 -0.19 16.09
CA GLY A 589 -29.25 -0.46 14.68
C GLY A 589 -30.74 -0.64 14.45
N VAL A 590 -31.10 -0.80 13.18
CA VAL A 590 -32.50 -0.90 12.77
C VAL A 590 -32.67 -2.14 11.91
N SER A 591 -33.73 -2.89 12.17
CA SER A 591 -34.10 -4.03 11.35
C SER A 591 -35.59 -3.95 11.07
N VAL A 592 -36.02 -4.47 9.92
CA VAL A 592 -37.38 -4.32 9.44
C VAL A 592 -38.00 -5.71 9.33
N ILE A 593 -39.07 -5.94 10.09
CA ILE A 593 -39.81 -7.20 10.04
C ILE A 593 -41.01 -6.98 9.14
N THR A 594 -40.98 -7.58 7.94
CA THR A 594 -42.01 -7.41 6.95
C THR A 594 -42.53 -8.77 6.53
N PRO A 595 -43.85 -8.95 6.43
CA PRO A 595 -44.39 -10.18 5.84
C PRO A 595 -44.18 -10.18 4.33
N GLY A 596 -44.74 -11.15 3.62
CA GLY A 596 -44.65 -11.13 2.18
C GLY A 596 -45.17 -9.84 1.59
N THR A 597 -44.36 -9.15 0.79
CA THR A 597 -44.77 -7.86 0.27
C THR A 597 -45.98 -7.97 -0.65
N ASN A 598 -46.20 -9.13 -1.26
CA ASN A 598 -47.43 -9.38 -1.98
C ASN A 598 -48.60 -9.65 -1.04
N THR A 599 -48.32 -10.06 0.20
CA THR A 599 -49.36 -10.31 1.18
C THR A 599 -49.77 -9.03 1.92
N SER A 600 -48.81 -8.22 2.33
CA SER A 600 -49.13 -7.05 3.14
C SER A 600 -48.04 -6.01 2.98
N ASN A 601 -48.36 -4.78 3.39
CA ASN A 601 -47.37 -3.71 3.52
C ASN A 601 -47.21 -3.24 4.96
N GLN A 602 -47.93 -3.83 5.91
CA GLN A 602 -47.67 -3.56 7.31
C GLN A 602 -46.31 -4.13 7.70
N VAL A 603 -45.75 -3.61 8.79
CA VAL A 603 -44.35 -3.85 9.11
C VAL A 603 -44.09 -3.48 10.56
N ALA A 604 -43.10 -4.14 11.16
CA ALA A 604 -42.56 -3.73 12.46
C ALA A 604 -41.11 -3.33 12.28
N VAL A 605 -40.61 -2.50 13.20
CA VAL A 605 -39.23 -2.07 13.20
C VAL A 605 -38.62 -2.41 14.54
N LEU A 606 -37.55 -3.20 14.51
CA LEU A 606 -36.79 -3.55 15.72
C LEU A 606 -35.55 -2.68 15.79
N TYR A 607 -35.44 -1.91 16.87
CA TYR A 607 -34.24 -1.14 17.13
C TYR A 607 -33.36 -1.92 18.09
N GLN A 608 -32.22 -2.39 17.59
CA GLN A 608 -31.34 -3.29 18.31
C GLN A 608 -30.33 -2.49 19.13
N GLY A 609 -30.17 -2.86 20.40
CA GLY A 609 -29.23 -2.22 21.28
C GLY A 609 -29.78 -1.04 22.06
N VAL A 610 -31.00 -0.61 21.75
CA VAL A 610 -31.57 0.56 22.41
C VAL A 610 -32.60 0.09 23.44
N ASN A 611 -33.00 1.00 24.33
CA ASN A 611 -34.03 0.73 25.30
C ASN A 611 -35.28 1.54 24.98
N CYS A 612 -36.45 0.94 25.18
CA CYS A 612 -37.69 1.64 24.85
C CYS A 612 -37.85 2.93 25.64
N THR A 613 -37.49 2.90 26.93
CA THR A 613 -37.79 4.03 27.81
C THR A 613 -37.02 5.28 27.41
N GLU A 614 -35.68 5.20 27.42
CA GLU A 614 -34.83 6.37 27.26
C GLU A 614 -34.20 6.44 25.88
N VAL A 615 -34.94 6.05 24.84
CA VAL A 615 -34.44 6.17 23.48
C VAL A 615 -34.80 7.56 22.95
N PRO A 616 -33.82 8.39 22.63
CA PRO A 616 -34.11 9.72 22.05
C PRO A 616 -34.48 9.63 20.57
N VAL A 617 -35.73 9.21 20.32
CA VAL A 617 -36.20 9.08 18.95
C VAL A 617 -36.50 10.47 18.41
N ALA A 618 -35.56 11.03 17.66
CA ALA A 618 -35.72 12.37 17.10
C ALA A 618 -36.51 12.27 15.80
N ILE A 619 -36.58 13.37 15.06
CA ILE A 619 -37.30 13.40 13.79
C ILE A 619 -36.38 12.78 12.73
N HIS A 620 -36.55 11.48 12.49
CA HIS A 620 -35.78 10.78 11.47
C HIS A 620 -36.46 10.87 10.11
N ALA A 621 -37.71 10.41 10.02
CA ALA A 621 -38.50 10.50 8.81
C ALA A 621 -39.97 10.49 9.18
N ASP A 622 -40.72 11.46 8.66
CA ASP A 622 -42.14 11.60 8.96
C ASP A 622 -42.93 11.15 7.74
N GLN A 623 -43.81 10.16 7.94
CA GLN A 623 -44.66 9.65 6.87
C GLN A 623 -45.95 9.11 7.49
N LEU A 624 -46.76 8.47 6.66
CA LEU A 624 -48.04 7.96 7.13
C LEU A 624 -47.87 6.79 8.09
N THR A 625 -46.76 6.05 8.00
CA THR A 625 -46.54 4.93 8.89
C THR A 625 -46.23 5.44 10.30
N PRO A 626 -46.63 4.70 11.33
CA PRO A 626 -46.39 5.13 12.71
C PRO A 626 -44.96 4.96 13.21
N THR A 627 -44.06 4.47 12.37
CA THR A 627 -42.67 4.30 12.76
C THR A 627 -41.85 5.52 12.38
N TRP A 628 -40.63 5.58 12.91
CA TRP A 628 -39.67 6.65 12.68
C TRP A 628 -40.15 8.01 13.18
N ARG A 629 -41.28 8.05 13.89
CA ARG A 629 -41.76 9.26 14.51
C ARG A 629 -41.22 9.33 15.94
N VAL A 630 -41.74 10.26 16.73
CA VAL A 630 -41.35 10.33 18.14
C VAL A 630 -41.80 9.10 18.89
N TYR A 631 -43.01 8.61 18.59
CA TYR A 631 -43.57 7.47 19.30
C TYR A 631 -44.58 6.75 18.39
N SER A 632 -44.88 5.51 18.75
CA SER A 632 -45.81 4.68 17.99
C SER A 632 -47.24 5.11 18.27
N THR A 633 -48.20 4.33 17.73
CA THR A 633 -49.62 4.61 17.92
C THR A 633 -50.11 4.27 19.32
N GLY A 634 -49.31 3.56 20.11
CA GLY A 634 -49.76 3.16 21.43
C GLY A 634 -49.01 1.97 21.99
N SER A 635 -49.77 0.96 22.43
CA SER A 635 -49.19 -0.20 23.11
C SER A 635 -48.33 -1.06 22.19
N ASN A 636 -48.22 -0.73 20.91
CA ASN A 636 -47.35 -1.52 20.03
C ASN A 636 -45.91 -1.07 20.19
N VAL A 637 -45.42 -1.06 21.44
CA VAL A 637 -44.02 -0.78 21.75
C VAL A 637 -43.61 -1.77 22.83
N PHE A 638 -42.75 -2.71 22.48
CA PHE A 638 -42.37 -3.78 23.39
C PHE A 638 -40.88 -3.70 23.68
N GLN A 639 -40.50 -3.98 24.92
CA GLN A 639 -39.11 -3.87 25.37
C GLN A 639 -38.57 -5.27 25.63
N THR A 640 -37.59 -5.67 24.83
CA THR A 640 -36.89 -6.94 25.03
C THR A 640 -35.39 -6.68 25.14
N ARG A 641 -34.65 -7.75 25.44
CA ARG A 641 -33.21 -7.63 25.61
C ARG A 641 -32.52 -7.17 24.33
N ALA A 642 -32.98 -7.65 23.17
CA ALA A 642 -32.37 -7.25 21.91
C ALA A 642 -32.53 -5.77 21.65
N GLY A 643 -33.69 -5.21 21.96
CA GLY A 643 -33.93 -3.80 21.77
C GLY A 643 -35.40 -3.47 21.92
N CYS A 644 -35.80 -2.37 21.28
CA CYS A 644 -37.16 -1.88 21.34
C CYS A 644 -37.88 -2.20 20.03
N LEU A 645 -39.01 -2.89 20.13
CA LEU A 645 -39.78 -3.29 18.97
C LEU A 645 -40.98 -2.37 18.84
N ILE A 646 -41.03 -1.61 17.74
CA ILE A 646 -42.06 -0.61 17.50
C ILE A 646 -42.87 -1.04 16.30
N GLY A 647 -44.18 -0.75 16.33
CA GLY A 647 -45.07 -1.19 15.29
C GLY A 647 -45.60 -2.59 15.48
N ALA A 648 -44.98 -3.38 16.35
CA ALA A 648 -45.45 -4.72 16.68
C ALA A 648 -46.02 -4.68 18.09
N GLU A 649 -47.13 -5.37 18.29
CA GLU A 649 -47.75 -5.41 19.61
C GLU A 649 -47.45 -6.74 20.26
N TYR A 650 -47.16 -6.71 21.56
CA TYR A 650 -46.82 -7.95 22.25
C TYR A 650 -48.06 -8.78 22.50
N VAL A 651 -47.89 -10.10 22.48
CA VAL A 651 -48.95 -11.04 22.78
C VAL A 651 -48.48 -11.91 23.93
N ASN A 652 -49.27 -11.96 25.00
CA ASN A 652 -48.93 -12.81 26.12
C ASN A 652 -48.92 -14.28 25.73
N ASN A 653 -49.75 -14.67 24.76
CA ASN A 653 -49.65 -15.99 24.18
C ASN A 653 -48.39 -16.10 23.34
N SER A 654 -47.88 -17.32 23.21
CA SER A 654 -46.62 -17.58 22.53
C SER A 654 -46.84 -18.56 21.38
N TYR A 655 -46.45 -18.16 20.18
CA TYR A 655 -46.53 -18.99 18.99
C TYR A 655 -45.14 -19.46 18.59
N GLU A 656 -45.09 -20.39 17.64
CA GLU A 656 -43.80 -20.85 17.13
C GLU A 656 -43.14 -19.73 16.33
N CYS A 657 -41.82 -19.77 16.28
CA CYS A 657 -41.06 -18.66 15.73
C CYS A 657 -41.22 -18.58 14.23
N ASP A 658 -41.46 -17.37 13.73
CA ASP A 658 -41.50 -17.07 12.31
C ASP A 658 -40.38 -16.12 11.90
N ILE A 659 -40.28 -14.97 12.57
CA ILE A 659 -39.22 -14.02 12.31
C ILE A 659 -38.47 -13.77 13.62
N PRO A 660 -37.37 -14.49 13.88
CA PRO A 660 -36.61 -14.27 15.12
C PRO A 660 -36.17 -12.82 15.26
N ILE A 661 -36.61 -12.19 16.33
CA ILE A 661 -36.29 -10.79 16.60
C ILE A 661 -35.03 -10.68 17.44
N GLY A 662 -35.00 -11.40 18.57
CA GLY A 662 -33.89 -11.35 19.48
C GLY A 662 -34.29 -11.79 20.87
N ALA A 663 -33.37 -12.45 21.57
CA ALA A 663 -33.57 -12.84 22.98
C ALA A 663 -34.86 -13.62 23.17
N GLY A 664 -35.20 -14.48 22.22
CA GLY A 664 -36.38 -15.31 22.33
C GLY A 664 -37.68 -14.67 21.88
N ILE A 665 -37.63 -13.50 21.24
CA ILE A 665 -38.82 -12.81 20.76
C ILE A 665 -38.98 -13.10 19.27
N CYS A 666 -40.20 -13.50 18.87
CA CYS A 666 -40.51 -13.87 17.50
C CYS A 666 -41.72 -13.07 17.04
N ALA A 667 -41.70 -12.61 15.79
CA ALA A 667 -42.78 -11.81 15.25
C ALA A 667 -43.65 -12.62 14.30
N SER A 668 -44.83 -12.08 14.01
CA SER A 668 -45.69 -12.67 13.00
C SER A 668 -46.73 -11.65 12.58
N TYR A 669 -46.96 -11.56 11.26
CA TYR A 669 -48.09 -10.81 10.71
C TYR A 669 -49.31 -11.73 10.81
N GLN A 670 -50.16 -11.47 11.79
CA GLN A 670 -51.26 -12.37 12.10
C GLN A 670 -52.60 -11.69 11.88
N THR A 671 -53.62 -12.51 11.64
CA THR A 671 -54.98 -12.04 11.41
C THR A 671 -55.79 -12.36 12.67
N GLN A 672 -56.15 -11.32 13.41
CA GLN A 672 -56.94 -11.45 14.62
C GLN A 672 -58.26 -10.72 14.44
N THR A 673 -59.30 -11.24 15.10
CA THR A 673 -60.62 -10.62 15.12
C THR A 673 -60.81 -9.73 16.35
N LYS A 674 -59.70 -9.33 16.99
CA LYS A 674 -59.80 -8.44 18.14
C LYS A 674 -60.38 -7.09 17.74
N SER A 675 -59.96 -6.54 16.62
CA SER A 675 -60.52 -5.30 16.10
C SER A 675 -61.91 -5.50 15.51
N HIS A 676 -62.27 -6.72 15.12
CA HIS A 676 -63.55 -7.03 14.50
C HIS A 676 -63.80 -6.17 13.26
N GLY A 677 -62.75 -5.92 12.49
CA GLY A 677 -62.81 -5.13 11.27
C GLY A 677 -62.67 -5.99 10.04
N SER A 678 -61.80 -5.55 9.12
CA SER A 678 -61.56 -6.30 7.90
C SER A 678 -60.81 -7.59 8.21
N ALA A 679 -61.13 -8.64 7.45
CA ALA A 679 -60.53 -9.94 7.69
C ALA A 679 -59.06 -9.97 7.31
N SER A 680 -58.73 -9.42 6.14
CA SER A 680 -57.36 -9.46 5.64
C SER A 680 -56.47 -8.37 6.21
N SER A 681 -57.03 -7.47 7.02
CA SER A 681 -56.25 -6.38 7.59
C SER A 681 -56.87 -5.98 8.92
N VAL A 682 -56.09 -6.08 10.00
CA VAL A 682 -56.58 -5.64 11.30
C VAL A 682 -56.47 -4.12 11.40
N ALA A 683 -57.22 -3.55 12.34
CA ALA A 683 -57.24 -2.10 12.50
C ALA A 683 -55.87 -1.56 12.87
N SER A 684 -55.18 -2.22 13.79
CA SER A 684 -53.82 -1.85 14.15
C SER A 684 -52.86 -2.49 13.16
N GLN A 685 -51.56 -2.41 13.45
CA GLN A 685 -50.59 -3.14 12.65
C GLN A 685 -50.55 -4.59 13.10
N SER A 686 -50.62 -5.51 12.13
CA SER A 686 -50.78 -6.92 12.43
C SER A 686 -49.50 -7.60 12.85
N ILE A 687 -48.38 -6.90 12.90
CA ILE A 687 -47.14 -7.50 13.37
C ILE A 687 -47.19 -7.62 14.88
N ILE A 688 -47.34 -8.84 15.37
CA ILE A 688 -47.34 -9.10 16.80
C ILE A 688 -46.05 -9.81 17.17
N ALA A 689 -45.43 -9.32 18.24
CA ALA A 689 -44.29 -9.96 18.85
C ALA A 689 -44.77 -10.88 19.96
N TYR A 690 -43.97 -11.90 20.26
CA TYR A 690 -44.32 -12.79 21.35
C TYR A 690 -43.08 -13.58 21.75
N THR A 691 -43.07 -14.03 23.00
CA THR A 691 -42.02 -14.93 23.42
C THR A 691 -42.05 -16.18 22.55
N MET A 692 -40.87 -16.67 22.19
CA MET A 692 -40.80 -17.83 21.32
C MET A 692 -41.37 -19.04 22.02
N SER A 693 -42.36 -19.68 21.40
CA SER A 693 -42.85 -20.96 21.90
C SER A 693 -41.87 -22.04 21.49
N LEU A 694 -41.06 -22.51 22.44
CA LEU A 694 -40.10 -23.56 22.12
C LEU A 694 -40.79 -24.88 21.83
N GLY A 695 -42.11 -24.92 21.84
CA GLY A 695 -42.86 -26.12 21.51
C GLY A 695 -43.94 -26.39 22.52
N ALA A 696 -44.86 -27.28 22.19
CA ALA A 696 -45.87 -27.70 23.16
C ALA A 696 -45.19 -28.36 24.35
N GLU A 697 -45.39 -27.80 25.54
CA GLU A 697 -44.67 -28.26 26.73
C GLU A 697 -45.23 -29.61 27.14
N ASN A 698 -44.83 -30.63 26.41
CA ASN A 698 -45.19 -31.99 26.75
C ASN A 698 -44.58 -32.37 28.09
N SER A 699 -45.24 -33.28 28.79
CA SER A 699 -44.77 -33.80 30.07
C SER A 699 -44.67 -35.31 29.93
N VAL A 700 -43.45 -35.80 29.73
CA VAL A 700 -43.24 -37.24 29.65
C VAL A 700 -43.72 -37.86 30.95
N ALA A 701 -44.68 -38.78 30.84
CA ALA A 701 -45.24 -39.39 32.04
C ALA A 701 -44.24 -40.35 32.66
N TYR A 702 -43.18 -39.80 33.25
CA TYR A 702 -42.13 -40.63 33.81
C TYR A 702 -42.64 -41.41 35.00
N SER A 703 -42.21 -42.67 35.09
CA SER A 703 -42.47 -43.50 36.25
C SER A 703 -41.43 -44.61 36.24
N ASN A 704 -41.26 -45.26 37.39
CA ASN A 704 -40.32 -46.36 37.47
C ASN A 704 -40.83 -47.57 36.69
N ASN A 705 -42.08 -47.52 36.23
CA ASN A 705 -42.62 -48.66 35.50
C ASN A 705 -43.47 -48.27 34.29
N SER A 706 -43.43 -47.02 33.84
CA SER A 706 -44.26 -46.58 32.71
C SER A 706 -43.41 -46.50 31.45
N ILE A 707 -43.87 -47.16 30.39
CA ILE A 707 -43.18 -47.12 29.10
C ILE A 707 -44.22 -46.93 28.00
N ALA A 708 -43.74 -46.48 26.85
CA ALA A 708 -44.58 -46.26 25.67
C ALA A 708 -43.99 -47.01 24.49
N ILE A 709 -44.82 -47.73 23.75
CA ILE A 709 -44.40 -48.50 22.59
C ILE A 709 -45.23 -48.03 21.39
N PRO A 710 -44.59 -47.67 20.27
CA PRO A 710 -45.36 -47.15 19.13
C PRO A 710 -46.04 -48.26 18.34
N THR A 711 -47.35 -48.09 18.09
CA THR A 711 -48.13 -49.11 17.42
C THR A 711 -48.06 -49.03 15.90
N ASN A 712 -47.83 -47.84 15.34
CA ASN A 712 -47.91 -47.64 13.90
C ASN A 712 -46.70 -46.84 13.46
N PHE A 713 -46.58 -46.63 12.16
CA PHE A 713 -45.45 -45.90 11.63
C PHE A 713 -45.83 -45.24 10.31
N THR A 714 -44.97 -44.32 9.89
CA THR A 714 -45.03 -43.72 8.57
C THR A 714 -43.68 -43.89 7.90
N ILE A 715 -43.69 -44.27 6.63
CA ILE A 715 -42.48 -44.34 5.84
C ILE A 715 -42.23 -42.95 5.29
N SER A 716 -41.55 -42.12 6.07
CA SER A 716 -41.32 -40.76 5.63
C SER A 716 -40.31 -40.74 4.50
N VAL A 717 -40.61 -39.97 3.47
CA VAL A 717 -39.63 -39.68 2.42
C VAL A 717 -39.28 -38.22 2.60
N THR A 718 -38.26 -37.97 3.41
CA THR A 718 -37.78 -36.61 3.59
C THR A 718 -36.95 -36.25 2.37
N THR A 719 -36.29 -35.11 2.41
CA THR A 719 -35.45 -34.69 1.31
C THR A 719 -34.31 -33.87 1.86
N GLU A 720 -33.09 -34.24 1.49
CA GLU A 720 -31.90 -33.53 1.94
C GLU A 720 -31.14 -33.08 0.71
N ILE A 721 -30.87 -31.79 0.64
CA ILE A 721 -30.27 -31.20 -0.54
C ILE A 721 -28.83 -30.87 -0.17
N LEU A 722 -27.89 -31.54 -0.83
CA LEU A 722 -26.47 -31.34 -0.56
C LEU A 722 -25.81 -30.69 -1.75
N PRO A 723 -25.25 -29.49 -1.62
CA PRO A 723 -24.34 -29.01 -2.65
C PRO A 723 -23.15 -29.96 -2.75
N VAL A 724 -22.71 -30.19 -3.98
CA VAL A 724 -21.66 -31.17 -4.28
C VAL A 724 -20.48 -30.53 -4.99
N SER A 725 -20.75 -29.73 -6.02
CA SER A 725 -19.70 -29.11 -6.80
C SER A 725 -20.19 -27.76 -7.29
N MET A 726 -19.67 -26.69 -6.69
CA MET A 726 -19.97 -25.37 -7.20
C MET A 726 -19.54 -25.29 -8.67
N THR A 727 -20.10 -24.31 -9.38
CA THR A 727 -19.76 -24.12 -10.78
C THR A 727 -18.28 -23.77 -10.87
N LYS A 728 -17.51 -24.65 -11.53
CA LYS A 728 -16.09 -24.40 -11.68
C LYS A 728 -15.88 -23.13 -12.50
N THR A 729 -14.87 -22.35 -12.12
CA THR A 729 -14.68 -21.04 -12.69
C THR A 729 -13.21 -20.88 -13.08
N SER A 730 -12.99 -20.19 -14.20
CA SER A 730 -11.65 -19.85 -14.65
C SER A 730 -11.59 -18.36 -14.87
N VAL A 731 -10.57 -17.72 -14.32
CA VAL A 731 -10.38 -16.29 -14.43
C VAL A 731 -9.06 -16.06 -15.13
N ASP A 732 -9.13 -15.70 -16.41
CA ASP A 732 -7.94 -15.30 -17.15
C ASP A 732 -7.43 -14.02 -16.50
N CYS A 733 -6.31 -14.13 -15.79
CA CYS A 733 -5.79 -13.01 -15.01
C CYS A 733 -5.63 -11.76 -15.86
N THR A 734 -5.05 -11.92 -17.05
CA THR A 734 -4.92 -10.78 -17.95
C THR A 734 -6.29 -10.28 -18.39
N MET A 735 -7.24 -11.18 -18.66
CA MET A 735 -8.52 -10.74 -19.18
C MET A 735 -9.34 -10.02 -18.12
N TYR A 736 -9.26 -10.46 -16.87
CA TYR A 736 -9.99 -9.76 -15.81
C TYR A 736 -9.24 -8.51 -15.36
N ILE A 737 -8.05 -8.68 -14.79
CA ILE A 737 -7.33 -7.56 -14.22
C ILE A 737 -6.97 -6.55 -15.29
N CYS A 738 -6.49 -7.02 -16.43
CA CYS A 738 -5.98 -6.15 -17.47
C CYS A 738 -6.85 -6.11 -18.72
N GLY A 739 -7.77 -7.04 -18.89
CA GLY A 739 -8.49 -7.13 -20.14
C GLY A 739 -7.59 -7.59 -21.26
N ASP A 740 -7.25 -6.67 -22.17
CA ASP A 740 -6.37 -6.97 -23.29
C ASP A 740 -5.23 -5.98 -23.43
N SER A 741 -5.04 -5.11 -22.44
CA SER A 741 -3.98 -4.11 -22.53
C SER A 741 -2.62 -4.72 -22.21
N THR A 742 -1.64 -4.41 -23.04
CA THR A 742 -0.28 -4.94 -22.83
C THR A 742 0.39 -4.29 -21.63
N GLU A 743 0.20 -2.99 -21.45
CA GLU A 743 0.90 -2.27 -20.38
C GLU A 743 0.50 -2.81 -19.01
N CYS A 744 -0.79 -3.06 -18.81
CA CYS A 744 -1.25 -3.60 -17.54
C CYS A 744 -0.65 -4.98 -17.28
N SER A 745 -0.61 -5.82 -18.32
CA SER A 745 -0.03 -7.15 -18.16
C SER A 745 1.46 -7.05 -17.81
N ASN A 746 2.16 -6.11 -18.43
CA ASN A 746 3.58 -5.94 -18.11
C ASN A 746 3.77 -5.49 -16.67
N LEU A 747 2.97 -4.52 -16.23
CA LEU A 747 3.08 -4.05 -14.85
C LEU A 747 2.62 -5.10 -13.84
N LEU A 748 1.75 -6.02 -14.26
CA LEU A 748 1.34 -7.12 -13.40
C LEU A 748 2.41 -8.19 -13.30
N LEU A 749 3.12 -8.46 -14.40
CA LEU A 749 4.28 -9.34 -14.36
C LEU A 749 5.37 -8.75 -13.48
N GLN A 750 5.57 -7.44 -13.57
CA GLN A 750 6.55 -6.78 -12.70
C GLN A 750 6.20 -6.96 -11.23
N TYR A 751 4.90 -7.10 -10.92
CA TYR A 751 4.49 -7.25 -9.52
C TYR A 751 4.88 -8.60 -8.95
N GLY A 752 4.70 -9.68 -9.72
CA GLY A 752 5.05 -11.01 -9.25
C GLY A 752 4.27 -12.11 -9.92
N SER A 753 4.30 -13.30 -9.33
CA SER A 753 3.65 -14.48 -9.90
C SER A 753 2.30 -14.74 -9.25
N PHE A 754 1.62 -13.66 -8.85
CA PHE A 754 0.32 -13.81 -8.22
C PHE A 754 -0.68 -14.47 -9.15
N CYS A 755 -0.63 -14.11 -10.44
CA CYS A 755 -1.56 -14.69 -11.40
C CYS A 755 -1.36 -16.20 -11.52
N THR A 756 -0.11 -16.64 -11.54
CA THR A 756 0.14 -18.08 -11.62
C THR A 756 -0.40 -18.80 -10.39
N GLN A 757 -0.19 -18.22 -9.21
CA GLN A 757 -0.72 -18.82 -7.99
C GLN A 757 -2.24 -18.88 -8.02
N LEU A 758 -2.88 -17.79 -8.46
CA LEU A 758 -4.34 -17.76 -8.52
C LEU A 758 -4.87 -18.78 -9.51
N LYS A 759 -4.22 -18.89 -10.67
CA LYS A 759 -4.66 -19.86 -11.66
C LYS A 759 -4.48 -21.28 -11.15
N ARG A 760 -3.36 -21.54 -10.46
CA ARG A 760 -3.16 -22.87 -9.90
C ARG A 760 -4.19 -23.18 -8.83
N ALA A 761 -4.53 -22.19 -8.01
CA ALA A 761 -5.55 -22.40 -6.99
C ALA A 761 -6.91 -22.68 -7.62
N LEU A 762 -7.28 -21.89 -8.63
CA LEU A 762 -8.56 -22.11 -9.29
C LEU A 762 -8.60 -23.44 -10.01
N THR A 763 -7.49 -23.83 -10.65
CA THR A 763 -7.46 -25.12 -11.32
C THR A 763 -7.53 -26.26 -10.32
N GLY A 764 -6.90 -26.10 -9.15
CA GLY A 764 -7.08 -27.06 -8.10
C GLY A 764 -8.51 -27.15 -7.65
N ILE A 765 -9.18 -25.99 -7.54
CA ILE A 765 -10.59 -25.97 -7.20
C ILE A 765 -11.41 -26.71 -8.25
N ALA A 766 -11.10 -26.49 -9.53
CA ALA A 766 -11.89 -27.08 -10.61
C ALA A 766 -11.69 -28.59 -10.67
N VAL A 767 -10.44 -29.04 -10.62
CA VAL A 767 -10.19 -30.47 -10.59
C VAL A 767 -10.77 -31.06 -9.32
N GLU A 768 -10.86 -30.27 -8.26
CA GLU A 768 -11.51 -30.73 -7.05
C GLU A 768 -13.00 -30.87 -7.25
N GLN A 769 -13.61 -29.99 -8.07
CA GLN A 769 -15.03 -30.14 -8.37
C GLN A 769 -15.29 -31.40 -9.16
N ASP A 770 -14.45 -31.65 -10.16
CA ASP A 770 -14.56 -32.90 -10.90
C ASP A 770 -14.37 -34.09 -9.98
N LYS A 771 -13.41 -34.00 -9.06
CA LYS A 771 -13.20 -35.06 -8.08
C LYS A 771 -14.41 -35.20 -7.17
N ASN A 772 -15.04 -34.08 -6.82
CA ASN A 772 -16.23 -34.11 -5.98
C ASN A 772 -17.34 -34.90 -6.65
N THR A 773 -17.62 -34.59 -7.92
CA THR A 773 -18.65 -35.32 -8.64
C THR A 773 -18.26 -36.79 -8.80
N GLN A 774 -16.99 -37.06 -9.10
CA GLN A 774 -16.56 -38.43 -9.32
C GLN A 774 -16.63 -39.24 -8.02
N GLU A 775 -16.40 -38.60 -6.89
CA GLU A 775 -16.51 -39.26 -5.60
C GLU A 775 -17.97 -39.47 -5.21
N VAL A 776 -18.81 -38.47 -5.46
CA VAL A 776 -20.22 -38.57 -5.10
C VAL A 776 -20.94 -39.52 -6.03
N PHE A 777 -20.83 -39.29 -7.34
CA PHE A 777 -21.60 -40.06 -8.32
C PHE A 777 -20.84 -41.30 -8.78
N ALA A 778 -19.62 -41.12 -9.27
CA ALA A 778 -18.86 -42.21 -9.87
C ALA A 778 -18.26 -43.10 -8.77
N GLN A 779 -19.16 -43.78 -8.07
CA GLN A 779 -18.77 -44.72 -7.03
C GLN A 779 -18.74 -46.15 -7.54
N VAL A 780 -18.84 -46.34 -8.86
CA VAL A 780 -18.84 -47.67 -9.45
C VAL A 780 -18.31 -47.57 -10.87
N LYS A 781 -17.66 -48.63 -11.33
CA LYS A 781 -17.07 -48.63 -12.66
C LYS A 781 -18.10 -48.92 -13.73
N GLN A 782 -18.73 -50.11 -13.66
CA GLN A 782 -19.71 -50.49 -14.64
C GLN A 782 -20.97 -49.63 -14.53
N ILE A 783 -21.70 -49.56 -15.64
CA ILE A 783 -22.95 -48.82 -15.70
C ILE A 783 -24.08 -49.81 -15.90
N TYR A 784 -25.08 -49.74 -15.04
CA TYR A 784 -26.11 -50.76 -14.95
C TYR A 784 -27.44 -50.22 -15.46
N LYS A 785 -28.09 -50.99 -16.31
CA LYS A 785 -29.32 -50.58 -16.96
C LYS A 785 -30.51 -51.24 -16.29
N THR A 786 -31.51 -50.44 -15.94
CA THR A 786 -32.74 -51.00 -15.41
C THR A 786 -33.41 -51.86 -16.48
N PRO A 787 -34.10 -52.93 -16.08
CA PRO A 787 -34.74 -53.79 -17.07
C PRO A 787 -35.74 -53.01 -17.88
N PRO A 788 -35.98 -53.41 -19.14
CA PRO A 788 -36.91 -52.65 -19.99
C PRO A 788 -38.29 -52.53 -19.37
N ILE A 789 -38.77 -53.56 -18.69
CA ILE A 789 -39.98 -53.46 -17.88
C ILE A 789 -39.56 -53.05 -16.48
N LYS A 790 -40.29 -52.10 -15.89
CA LYS A 790 -39.93 -51.53 -14.59
C LYS A 790 -41.07 -51.80 -13.61
N TYR A 791 -41.04 -52.98 -12.99
CA TYR A 791 -41.95 -53.32 -11.91
C TYR A 791 -41.15 -53.87 -10.74
N PHE A 792 -41.38 -53.33 -9.55
CA PHE A 792 -40.58 -53.67 -8.39
C PHE A 792 -41.47 -53.89 -7.17
N GLY A 793 -42.54 -54.68 -7.35
CA GLY A 793 -43.38 -55.06 -6.25
C GLY A 793 -44.36 -54.01 -5.78
N GLY A 794 -44.50 -52.91 -6.52
CA GLY A 794 -45.42 -51.84 -6.17
C GLY A 794 -44.74 -50.50 -5.98
N PHE A 795 -43.47 -50.49 -5.62
CA PHE A 795 -42.75 -49.23 -5.42
C PHE A 795 -42.59 -48.54 -6.76
N ASN A 796 -43.34 -47.46 -6.97
CA ASN A 796 -43.33 -46.77 -8.25
C ASN A 796 -42.14 -45.82 -8.31
N PHE A 797 -41.22 -46.10 -9.23
CA PHE A 797 -40.05 -45.25 -9.44
C PHE A 797 -40.17 -44.41 -10.70
N SER A 798 -41.36 -44.33 -11.29
CA SER A 798 -41.50 -43.65 -12.58
C SER A 798 -41.09 -42.18 -12.48
N GLN A 799 -41.52 -41.50 -11.42
CA GLN A 799 -41.14 -40.11 -11.26
C GLN A 799 -39.67 -39.93 -10.92
N ILE A 800 -38.95 -41.00 -10.59
CA ILE A 800 -37.54 -40.89 -10.26
C ILE A 800 -36.64 -41.65 -11.23
N LEU A 801 -37.15 -42.62 -11.97
CA LEU A 801 -36.39 -43.28 -13.00
C LEU A 801 -36.28 -42.39 -14.23
N PRO A 802 -35.33 -42.68 -15.14
CA PRO A 802 -35.24 -41.90 -16.38
C PRO A 802 -36.53 -41.96 -17.18
N ASP A 803 -36.82 -40.86 -17.87
CA ASP A 803 -38.01 -40.78 -18.71
C ASP A 803 -37.65 -41.08 -20.15
N PRO A 804 -38.03 -42.24 -20.69
CA PRO A 804 -37.71 -42.52 -22.11
C PRO A 804 -38.44 -41.63 -23.08
N SER A 805 -39.52 -40.99 -22.66
CA SER A 805 -40.29 -40.14 -23.58
C SER A 805 -39.53 -38.85 -23.90
N LYS A 806 -39.24 -38.06 -22.88
CA LYS A 806 -38.56 -36.79 -23.11
C LYS A 806 -37.10 -37.03 -23.48
N PRO A 807 -36.51 -36.14 -24.31
CA PRO A 807 -35.13 -36.36 -24.77
C PRO A 807 -34.10 -36.36 -23.66
N SER A 808 -34.28 -35.54 -22.62
CA SER A 808 -33.25 -35.39 -21.60
C SER A 808 -33.02 -36.66 -20.80
N LYS A 809 -33.99 -37.58 -20.80
CA LYS A 809 -33.94 -38.84 -20.06
C LYS A 809 -33.81 -38.63 -18.56
N ARG A 810 -33.97 -37.41 -18.07
CA ARG A 810 -34.02 -37.17 -16.64
C ARG A 810 -35.35 -37.64 -16.08
N SER A 811 -35.38 -37.81 -14.77
CA SER A 811 -36.63 -38.13 -14.11
C SER A 811 -37.53 -36.90 -14.07
N PRO A 812 -38.85 -37.10 -13.99
CA PRO A 812 -39.74 -35.94 -13.82
C PRO A 812 -39.39 -35.12 -12.60
N ILE A 813 -39.01 -35.78 -11.50
CA ILE A 813 -38.53 -35.05 -10.33
C ILE A 813 -37.27 -34.26 -10.68
N GLU A 814 -36.36 -34.86 -11.45
CA GLU A 814 -35.19 -34.12 -11.88
C GLU A 814 -35.57 -32.95 -12.76
N ASP A 815 -36.63 -33.09 -13.56
CA ASP A 815 -37.09 -31.95 -14.37
C ASP A 815 -37.60 -30.83 -13.48
N LEU A 816 -38.38 -31.17 -12.45
CA LEU A 816 -38.84 -30.16 -11.51
C LEU A 816 -37.68 -29.48 -10.81
N LEU A 817 -36.69 -30.27 -10.39
CA LEU A 817 -35.52 -29.71 -9.72
C LEU A 817 -34.71 -28.83 -10.66
N PHE A 818 -34.69 -29.18 -11.95
CA PHE A 818 -33.95 -28.39 -12.92
C PHE A 818 -34.65 -27.08 -13.21
N ASN A 819 -35.98 -27.10 -13.29
CA ASN A 819 -36.73 -25.87 -13.54
C ASN A 819 -36.72 -24.95 -12.32
N LYS A 820 -36.89 -25.52 -11.12
CA LYS A 820 -36.91 -24.71 -9.91
C LYS A 820 -35.60 -23.96 -9.72
N VAL A 821 -34.48 -24.66 -9.85
CA VAL A 821 -33.17 -24.03 -9.76
C VAL A 821 -32.92 -23.25 -11.05
N THR A 822 -32.29 -22.08 -10.91
CA THR A 822 -31.91 -21.31 -12.09
C THR A 822 -30.91 -22.09 -12.93
N LEU A 823 -31.00 -21.93 -14.24
CA LEU A 823 -30.18 -22.70 -15.16
C LEU A 823 -28.77 -22.13 -15.23
N ALA A 824 -27.97 -22.68 -16.14
CA ALA A 824 -26.59 -22.27 -16.31
C ALA A 824 -26.14 -22.55 -17.73
N ASP A 825 -25.05 -21.91 -18.13
CA ASP A 825 -24.51 -22.09 -19.47
C ASP A 825 -23.94 -23.49 -19.65
N ALA A 826 -24.01 -24.00 -20.89
CA ALA A 826 -23.50 -25.33 -21.20
C ALA A 826 -22.76 -25.38 -22.53
N GLY A 827 -22.18 -24.26 -22.97
CA GLY A 827 -21.41 -24.24 -24.21
C GLY A 827 -22.24 -24.54 -25.45
N PHE A 828 -23.40 -23.91 -25.56
CA PHE A 828 -24.28 -24.16 -26.70
C PHE A 828 -23.62 -23.72 -28.01
N ILE A 829 -23.84 -24.52 -29.05
CA ILE A 829 -23.31 -24.23 -30.38
C ILE A 829 -24.30 -23.29 -31.05
N LYS A 830 -24.10 -21.98 -30.87
CA LYS A 830 -24.94 -20.96 -31.47
C LYS A 830 -24.20 -20.09 -32.47
N GLN A 831 -22.95 -20.44 -32.80
CA GLN A 831 -22.12 -19.65 -33.71
C GLN A 831 -21.99 -18.21 -33.22
N TYR A 832 -21.93 -18.04 -31.91
CA TYR A 832 -21.84 -16.74 -31.28
C TYR A 832 -20.41 -16.31 -31.00
N GLY A 833 -19.42 -17.14 -31.32
CA GLY A 833 -18.04 -16.84 -31.02
C GLY A 833 -17.67 -17.23 -29.61
N ASP A 834 -18.59 -17.01 -28.67
CA ASP A 834 -18.38 -17.36 -27.27
C ASP A 834 -19.40 -18.41 -26.86
N CYS A 835 -19.56 -19.44 -27.69
CA CYS A 835 -20.54 -20.50 -27.49
C CYS A 835 -21.96 -19.94 -27.51
N LEU A 836 -22.57 -19.80 -26.34
CA LEU A 836 -23.96 -19.36 -26.24
C LEU A 836 -24.02 -17.87 -25.98
N GLY A 837 -25.01 -17.23 -26.60
CA GLY A 837 -25.22 -15.80 -26.42
C GLY A 837 -26.33 -15.33 -27.33
N ASP A 838 -26.84 -14.13 -27.00
CA ASP A 838 -27.97 -13.57 -27.73
C ASP A 838 -27.87 -12.04 -27.64
N ILE A 839 -28.87 -11.38 -28.22
CA ILE A 839 -28.94 -9.93 -28.27
C ILE A 839 -30.15 -9.47 -27.48
N ALA A 840 -29.94 -8.56 -26.52
CA ALA A 840 -31.00 -8.04 -25.66
C ALA A 840 -31.76 -9.17 -24.99
N ALA A 841 -31.02 -10.02 -24.28
CA ALA A 841 -31.57 -11.20 -23.63
C ALA A 841 -30.82 -11.40 -22.31
N ARG A 842 -30.82 -12.64 -21.83
CA ARG A 842 -30.10 -12.96 -20.59
C ARG A 842 -28.61 -13.02 -20.85
N ASP A 843 -27.99 -11.87 -21.10
CA ASP A 843 -26.59 -11.78 -21.47
C ASP A 843 -25.66 -11.68 -20.27
N LEU A 844 -26.13 -12.03 -19.07
CA LEU A 844 -25.25 -11.97 -17.90
C LEU A 844 -24.08 -12.93 -18.06
N ILE A 845 -24.33 -14.12 -18.61
CA ILE A 845 -23.24 -15.06 -18.88
C ILE A 845 -22.29 -14.46 -19.92
N CYS A 846 -22.84 -13.89 -20.98
CA CYS A 846 -22.00 -13.26 -22.00
C CYS A 846 -21.29 -12.04 -21.44
N ALA A 847 -21.95 -11.29 -20.55
CA ALA A 847 -21.30 -10.16 -19.92
C ALA A 847 -20.13 -10.61 -19.05
N GLN A 848 -20.29 -11.73 -18.34
CA GLN A 848 -19.18 -12.29 -17.58
C GLN A 848 -18.05 -12.72 -18.50
N LYS A 849 -18.38 -13.39 -19.60
CA LYS A 849 -17.36 -13.81 -20.55
C LYS A 849 -16.65 -12.61 -21.16
N PHE A 850 -17.34 -11.47 -21.23
CA PHE A 850 -16.68 -10.24 -21.64
C PHE A 850 -15.57 -9.86 -20.67
N LYS A 851 -15.81 -10.03 -19.38
CA LYS A 851 -14.89 -9.59 -18.35
C LYS A 851 -13.82 -10.61 -18.02
N GLY A 852 -13.85 -11.79 -18.65
CA GLY A 852 -12.86 -12.81 -18.45
C GLY A 852 -13.28 -13.92 -17.51
N LEU A 853 -14.26 -13.66 -16.64
CA LEU A 853 -14.78 -14.71 -15.79
C LEU A 853 -15.51 -15.74 -16.64
N THR A 854 -15.05 -16.98 -16.63
CA THR A 854 -15.61 -18.01 -17.48
C THR A 854 -16.01 -19.20 -16.64
N VAL A 855 -17.05 -19.89 -17.11
CA VAL A 855 -17.55 -21.10 -16.46
C VAL A 855 -17.18 -22.27 -17.35
N LEU A 856 -16.14 -23.00 -16.97
CA LEU A 856 -15.77 -24.20 -17.70
C LEU A 856 -16.83 -25.27 -17.49
N PRO A 857 -17.12 -26.09 -18.50
CA PRO A 857 -18.16 -27.10 -18.35
C PRO A 857 -17.72 -28.19 -17.39
N PRO A 858 -18.65 -28.81 -16.69
CA PRO A 858 -18.32 -30.06 -15.98
C PRO A 858 -17.90 -31.13 -16.97
N LEU A 859 -16.91 -31.93 -16.60
CA LEU A 859 -16.48 -32.99 -17.48
C LEU A 859 -17.61 -34.00 -17.70
N LEU A 860 -18.27 -34.41 -16.64
CA LEU A 860 -19.48 -35.20 -16.75
C LEU A 860 -20.63 -34.25 -17.03
N THR A 861 -21.13 -34.28 -18.26
CA THR A 861 -22.20 -33.37 -18.67
C THR A 861 -23.43 -33.59 -17.80
N ASP A 862 -24.32 -32.60 -17.81
CA ASP A 862 -25.60 -32.77 -17.11
C ASP A 862 -26.30 -34.02 -17.61
N GLU A 863 -26.17 -34.33 -18.90
CA GLU A 863 -26.62 -35.62 -19.40
C GLU A 863 -25.76 -36.75 -18.90
N MET A 864 -24.43 -36.55 -18.85
CA MET A 864 -23.55 -37.60 -18.36
C MET A 864 -23.71 -37.79 -16.85
N ILE A 865 -23.79 -36.68 -16.11
CA ILE A 865 -24.09 -36.78 -14.67
C ILE A 865 -25.44 -37.46 -14.47
N ALA A 866 -26.43 -37.12 -15.31
CA ALA A 866 -27.73 -37.73 -15.20
C ALA A 866 -27.67 -39.22 -15.46
N GLN A 867 -26.86 -39.65 -16.43
CA GLN A 867 -26.76 -41.06 -16.73
C GLN A 867 -26.01 -41.81 -15.63
N TYR A 868 -25.01 -41.17 -15.04
CA TYR A 868 -24.30 -41.82 -13.93
C TYR A 868 -25.19 -41.91 -12.70
N THR A 869 -26.01 -40.89 -12.46
CA THR A 869 -26.99 -40.97 -11.39
C THR A 869 -28.03 -42.04 -11.69
N SER A 870 -28.39 -42.19 -12.97
CA SER A 870 -29.26 -43.29 -13.36
C SER A 870 -28.62 -44.63 -13.07
N ALA A 871 -27.32 -44.76 -13.35
CA ALA A 871 -26.61 -46.00 -13.03
C ALA A 871 -26.60 -46.25 -11.53
N LEU A 872 -26.37 -45.20 -10.75
CA LEU A 872 -26.40 -45.34 -9.29
C LEU A 872 -27.76 -45.80 -8.81
N LEU A 873 -28.82 -45.16 -9.30
CA LEU A 873 -30.17 -45.54 -8.88
C LEU A 873 -30.53 -46.92 -9.39
N ALA A 874 -29.99 -47.31 -10.55
CA ALA A 874 -30.26 -48.64 -11.09
C ALA A 874 -29.58 -49.71 -10.26
N GLY A 875 -28.34 -49.46 -9.84
CA GLY A 875 -27.69 -50.38 -8.93
C GLY A 875 -28.41 -50.45 -7.60
N THR A 876 -28.87 -49.30 -7.11
CA THR A 876 -29.59 -49.28 -5.84
C THR A 876 -30.88 -50.09 -5.95
N ILE A 877 -31.61 -49.94 -7.05
CA ILE A 877 -32.86 -50.67 -7.22
C ILE A 877 -32.58 -52.16 -7.42
N THR A 878 -31.59 -52.49 -8.24
CA THR A 878 -31.33 -53.86 -8.64
C THR A 878 -30.29 -54.54 -7.75
N SER A 879 -29.11 -53.94 -7.60
CA SER A 879 -28.06 -54.61 -6.86
C SER A 879 -28.21 -54.46 -5.36
N GLY A 880 -28.81 -53.38 -4.89
CA GLY A 880 -28.88 -53.13 -3.47
C GLY A 880 -27.64 -52.41 -2.97
N TRP A 881 -27.09 -52.86 -1.83
CA TRP A 881 -25.84 -52.29 -1.36
C TRP A 881 -24.61 -53.03 -1.85
N THR A 882 -24.80 -54.14 -2.56
CA THR A 882 -23.70 -55.04 -2.88
C THR A 882 -22.84 -54.56 -4.03
N PHE A 883 -23.22 -53.49 -4.72
CA PHE A 883 -22.44 -53.05 -5.87
C PHE A 883 -21.35 -52.06 -5.50
N GLY A 884 -21.27 -51.64 -4.24
CA GLY A 884 -20.22 -50.72 -3.83
C GLY A 884 -19.03 -51.40 -3.21
N ALA A 885 -19.18 -52.68 -2.86
CA ALA A 885 -18.11 -53.48 -2.27
C ALA A 885 -17.54 -54.50 -3.25
N GLY A 886 -17.61 -54.22 -4.55
CA GLY A 886 -17.11 -55.12 -5.55
C GLY A 886 -18.01 -55.16 -6.78
N PRO A 887 -18.28 -56.36 -7.27
CA PRO A 887 -19.19 -56.50 -8.40
C PRO A 887 -20.62 -56.22 -7.98
N ALA A 888 -21.47 -55.90 -8.96
CA ALA A 888 -22.87 -55.67 -8.70
C ALA A 888 -23.62 -56.99 -8.63
N LEU A 889 -24.40 -57.17 -7.56
CA LEU A 889 -25.14 -58.40 -7.31
C LEU A 889 -26.61 -58.06 -7.20
N GLN A 890 -27.38 -58.40 -8.23
CA GLN A 890 -28.77 -57.95 -8.31
C GLN A 890 -29.62 -58.57 -7.21
N ILE A 891 -30.57 -57.80 -6.71
CA ILE A 891 -31.49 -58.28 -5.67
C ILE A 891 -32.81 -57.52 -5.78
N PRO A 892 -33.95 -58.21 -5.76
CA PRO A 892 -35.23 -57.52 -5.92
C PRO A 892 -35.50 -56.55 -4.78
N PHE A 893 -36.30 -55.52 -5.10
CA PHE A 893 -36.51 -54.44 -4.15
C PHE A 893 -37.26 -54.85 -2.87
N PRO A 894 -38.24 -55.76 -2.89
CA PRO A 894 -38.79 -56.21 -1.61
C PRO A 894 -37.76 -56.83 -0.68
N MET A 895 -36.81 -57.61 -1.22
CA MET A 895 -35.79 -58.19 -0.36
C MET A 895 -34.79 -57.16 0.14
N GLN A 896 -34.39 -56.22 -0.71
CA GLN A 896 -33.54 -55.13 -0.24
C GLN A 896 -34.25 -54.29 0.80
N MET A 897 -35.56 -54.10 0.67
CA MET A 897 -36.33 -53.37 1.66
C MET A 897 -36.40 -54.13 2.97
N ALA A 898 -36.51 -55.45 2.90
CA ALA A 898 -36.42 -56.26 4.12
C ALA A 898 -35.07 -56.09 4.80
N TYR A 899 -34.00 -56.02 4.01
CA TYR A 899 -32.68 -55.75 4.57
C TYR A 899 -32.65 -54.39 5.26
N ARG A 900 -33.19 -53.37 4.59
CA ARG A 900 -33.18 -52.03 5.18
C ARG A 900 -33.99 -51.98 6.46
N PHE A 901 -35.14 -52.65 6.49
CA PHE A 901 -35.92 -52.77 7.72
C PHE A 901 -35.09 -53.41 8.83
N ASN A 902 -34.49 -54.57 8.53
CA ASN A 902 -33.71 -55.28 9.54
C ASN A 902 -32.54 -54.46 10.02
N GLY A 903 -32.07 -53.50 9.23
CA GLY A 903 -30.93 -52.71 9.63
C GLY A 903 -31.20 -51.63 10.65
N ILE A 904 -32.47 -51.34 10.96
CA ILE A 904 -32.80 -50.30 11.92
C ILE A 904 -33.44 -50.92 13.15
N GLY A 905 -33.13 -52.19 13.40
CA GLY A 905 -33.72 -52.87 14.53
C GLY A 905 -35.19 -53.20 14.38
N VAL A 906 -35.75 -52.97 13.20
CA VAL A 906 -37.13 -53.35 12.91
C VAL A 906 -37.10 -54.67 12.15
N THR A 907 -37.81 -55.67 12.65
CA THR A 907 -37.75 -56.99 12.02
C THR A 907 -38.34 -56.92 10.61
N GLN A 908 -37.84 -57.78 9.74
CA GLN A 908 -38.13 -57.68 8.31
C GLN A 908 -39.47 -58.27 7.93
N ASN A 909 -40.17 -58.94 8.84
CA ASN A 909 -41.50 -59.43 8.51
C ASN A 909 -42.48 -58.29 8.28
N VAL A 910 -42.31 -57.18 9.01
CA VAL A 910 -43.25 -56.07 8.93
C VAL A 910 -43.36 -55.56 7.51
N LEU A 911 -42.24 -55.50 6.78
CA LEU A 911 -42.27 -54.97 5.43
C LEU A 911 -43.21 -55.79 4.55
N TYR A 912 -43.14 -57.10 4.63
CA TYR A 912 -43.97 -57.94 3.77
C TYR A 912 -45.41 -58.04 4.28
N GLU A 913 -45.62 -57.98 5.60
CA GLU A 913 -46.99 -58.05 6.10
C GLU A 913 -47.79 -56.80 5.75
N ASN A 914 -47.13 -55.71 5.37
CA ASN A 914 -47.83 -54.51 4.91
C ASN A 914 -47.11 -53.91 3.71
N GLN A 915 -46.74 -54.74 2.74
CA GLN A 915 -45.93 -54.26 1.62
C GLN A 915 -46.67 -53.19 0.82
N LYS A 916 -47.95 -53.38 0.56
CA LYS A 916 -48.68 -52.41 -0.24
C LYS A 916 -48.85 -51.10 0.50
N LEU A 917 -48.99 -51.16 1.82
CA LEU A 917 -49.05 -49.92 2.61
C LEU A 917 -47.75 -49.15 2.49
N ILE A 918 -46.61 -49.86 2.59
CA ILE A 918 -45.32 -49.20 2.41
C ILE A 918 -45.23 -48.59 1.02
N ALA A 919 -45.69 -49.34 0.02
CA ALA A 919 -45.60 -48.85 -1.36
C ALA A 919 -46.45 -47.59 -1.56
N ASN A 920 -47.68 -47.61 -1.04
CA ASN A 920 -48.55 -46.45 -1.20
C ASN A 920 -48.01 -45.26 -0.44
N GLN A 921 -47.51 -45.46 0.77
CA GLN A 921 -46.91 -44.36 1.51
C GLN A 921 -45.70 -43.81 0.78
N PHE A 922 -44.89 -44.68 0.19
CA PHE A 922 -43.71 -44.26 -0.56
C PHE A 922 -44.10 -43.43 -1.78
N ASN A 923 -45.06 -43.93 -2.57
CA ASN A 923 -45.48 -43.23 -3.77
C ASN A 923 -46.15 -41.89 -3.43
N SER A 924 -47.03 -41.89 -2.43
CA SER A 924 -47.67 -40.65 -2.03
C SER A 924 -46.66 -39.66 -1.47
N ALA A 925 -45.64 -40.14 -0.78
CA ALA A 925 -44.59 -39.26 -0.29
C ALA A 925 -43.79 -38.69 -1.46
N ILE A 926 -43.56 -39.48 -2.50
CA ILE A 926 -42.90 -38.96 -3.69
C ILE A 926 -43.76 -37.86 -4.32
N GLY A 927 -45.06 -38.09 -4.40
CA GLY A 927 -45.96 -37.07 -4.92
C GLY A 927 -45.94 -35.81 -4.07
N LYS A 928 -45.94 -35.96 -2.76
CA LYS A 928 -45.84 -34.80 -1.87
C LYS A 928 -44.51 -34.10 -2.05
N ILE A 929 -43.45 -34.83 -2.32
CA ILE A 929 -42.16 -34.22 -2.59
C ILE A 929 -42.26 -33.35 -3.83
N GLN A 930 -42.88 -33.89 -4.88
CA GLN A 930 -43.05 -33.12 -6.11
C GLN A 930 -43.87 -31.86 -5.84
N ASP A 931 -44.97 -32.00 -5.10
CA ASP A 931 -45.85 -30.86 -4.84
C ASP A 931 -45.13 -29.81 -4.00
N SER A 932 -44.40 -30.23 -2.98
CA SER A 932 -43.68 -29.28 -2.15
C SER A 932 -42.58 -28.57 -2.93
N LEU A 933 -41.86 -29.30 -3.77
CA LEU A 933 -40.82 -28.67 -4.58
C LEU A 933 -41.42 -27.66 -5.56
N SER A 934 -42.55 -28.01 -6.18
CA SER A 934 -43.15 -27.11 -7.16
C SER A 934 -43.76 -25.88 -6.50
N SER A 935 -44.48 -26.07 -5.39
CA SER A 935 -45.20 -24.97 -4.75
C SER A 935 -44.28 -24.15 -3.85
N THR A 936 -43.72 -24.78 -2.83
CA THR A 936 -42.89 -24.06 -1.87
C THR A 936 -41.58 -23.64 -2.53
N PRO A 937 -41.26 -22.35 -2.59
CA PRO A 937 -39.99 -21.93 -3.21
C PRO A 937 -38.77 -22.24 -2.37
N SER A 938 -38.92 -22.52 -1.08
CA SER A 938 -37.80 -22.81 -0.20
C SER A 938 -37.47 -24.29 -0.14
N ALA A 939 -38.16 -25.13 -0.92
CA ALA A 939 -37.85 -26.57 -0.91
C ALA A 939 -36.43 -26.83 -1.39
N LEU A 940 -36.00 -26.14 -2.44
CA LEU A 940 -34.63 -26.22 -2.95
C LEU A 940 -33.77 -25.09 -2.44
N GLY A 941 -33.98 -24.71 -1.18
CA GLY A 941 -33.30 -23.55 -0.64
C GLY A 941 -31.80 -23.68 -0.60
N LYS A 942 -31.29 -24.85 -0.25
CA LYS A 942 -29.84 -25.00 -0.10
C LYS A 942 -29.11 -24.88 -1.44
N LEU A 943 -29.56 -25.63 -2.44
CA LEU A 943 -28.89 -25.57 -3.74
C LEU A 943 -29.09 -24.22 -4.41
N GLN A 944 -30.30 -23.66 -4.33
CA GLN A 944 -30.51 -22.33 -4.88
C GLN A 944 -29.68 -21.29 -4.15
N ASP A 945 -29.49 -21.47 -2.85
CA ASP A 945 -28.62 -20.57 -2.09
C ASP A 945 -27.17 -20.70 -2.55
N VAL A 946 -26.72 -21.92 -2.83
CA VAL A 946 -25.36 -22.11 -3.33
C VAL A 946 -25.19 -21.42 -4.68
N VAL A 947 -26.17 -21.61 -5.56
CA VAL A 947 -26.12 -20.96 -6.88
C VAL A 947 -26.11 -19.46 -6.72
N ASN A 948 -26.93 -18.94 -5.82
CA ASN A 948 -26.98 -17.50 -5.59
C ASN A 948 -25.68 -17.00 -4.97
N HIS A 949 -25.04 -17.79 -4.12
CA HIS A 949 -23.73 -17.41 -3.59
C HIS A 949 -22.72 -17.28 -4.71
N ASN A 950 -22.70 -18.26 -5.62
CA ASN A 950 -21.78 -18.17 -6.75
C ASN A 950 -22.10 -16.95 -7.62
N ALA A 951 -23.40 -16.72 -7.89
CA ALA A 951 -23.80 -15.62 -8.75
C ALA A 951 -23.47 -14.28 -8.11
N GLN A 952 -23.67 -14.15 -6.80
CA GLN A 952 -23.38 -12.89 -6.14
C GLN A 952 -21.90 -12.67 -5.99
N ALA A 953 -21.12 -13.74 -5.82
CA ALA A 953 -19.67 -13.60 -5.87
C ALA A 953 -19.22 -13.08 -7.22
N LEU A 954 -19.79 -13.63 -8.30
CA LEU A 954 -19.44 -13.17 -9.63
C LEU A 954 -19.89 -11.72 -9.84
N ASN A 955 -21.07 -11.36 -9.34
CA ASN A 955 -21.56 -10.00 -9.51
C ASN A 955 -20.72 -9.01 -8.71
N THR A 956 -20.29 -9.40 -7.52
CA THR A 956 -19.37 -8.56 -6.76
C THR A 956 -18.06 -8.39 -7.51
N LEU A 957 -17.57 -9.47 -8.13
CA LEU A 957 -16.39 -9.37 -8.98
C LEU A 957 -16.62 -8.36 -10.10
N VAL A 958 -17.78 -8.41 -10.73
CA VAL A 958 -18.09 -7.50 -11.82
C VAL A 958 -18.11 -6.06 -11.32
N LYS A 959 -18.76 -5.84 -10.19
CA LYS A 959 -18.81 -4.50 -9.60
C LYS A 959 -17.42 -4.02 -9.20
N GLN A 960 -16.51 -4.93 -8.88
CA GLN A 960 -15.14 -4.52 -8.57
C GLN A 960 -14.53 -3.78 -9.74
N LEU A 961 -14.88 -4.16 -10.98
CA LEU A 961 -14.35 -3.46 -12.13
C LEU A 961 -14.77 -1.99 -12.11
N SER A 962 -16.00 -1.71 -11.66
CA SER A 962 -16.47 -0.35 -11.53
C SER A 962 -15.86 0.38 -10.34
N SER A 963 -15.42 -0.36 -9.33
CA SER A 963 -14.85 0.27 -8.14
C SER A 963 -13.56 1.00 -8.49
N LYS A 964 -13.46 2.25 -8.07
CA LYS A 964 -12.28 3.05 -8.40
C LYS A 964 -11.07 2.68 -7.55
N PHE A 965 -11.28 2.32 -6.29
CA PHE A 965 -10.20 2.09 -5.33
C PHE A 965 -9.29 3.31 -5.22
N GLY A 966 -9.84 4.49 -5.48
CA GLY A 966 -9.05 5.71 -5.50
C GLY A 966 -8.45 6.06 -6.85
N ALA A 967 -8.60 5.20 -7.85
CA ALA A 967 -8.12 5.53 -9.18
C ALA A 967 -9.01 6.60 -9.81
N ILE A 968 -8.42 7.35 -10.76
CA ILE A 968 -9.14 8.44 -11.39
C ILE A 968 -10.34 7.94 -12.18
N SER A 969 -10.40 6.65 -12.46
CA SER A 969 -11.52 6.06 -13.18
C SER A 969 -11.55 4.57 -12.86
N SER A 970 -12.40 3.83 -13.59
CA SER A 970 -12.44 2.39 -13.49
C SER A 970 -12.43 1.72 -14.85
N VAL A 971 -12.09 2.46 -15.90
CA VAL A 971 -11.92 1.93 -17.25
C VAL A 971 -10.45 2.09 -17.63
N LEU A 972 -9.79 0.97 -17.91
CA LEU A 972 -8.36 1.00 -18.20
C LEU A 972 -8.07 1.84 -19.44
N ASN A 973 -8.94 1.74 -20.46
CA ASN A 973 -8.69 2.44 -21.71
C ASN A 973 -8.67 3.94 -21.52
N ASP A 974 -9.56 4.47 -20.66
CA ASP A 974 -9.54 5.90 -20.37
C ASP A 974 -8.24 6.31 -19.70
N ILE A 975 -7.75 5.49 -18.78
CA ILE A 975 -6.48 5.79 -18.13
C ILE A 975 -5.35 5.81 -19.15
N LEU A 976 -5.34 4.84 -20.05
CA LEU A 976 -4.29 4.78 -21.06
C LEU A 976 -4.38 5.98 -22.01
N SER A 977 -5.59 6.37 -22.39
CA SER A 977 -5.74 7.45 -23.37
C SER A 977 -5.44 8.81 -22.76
N ARG A 978 -5.88 9.05 -21.53
CA ARG A 978 -5.70 10.34 -20.88
C ARG A 978 -4.30 10.50 -20.30
N LEU A 979 -3.88 9.53 -19.48
CA LEU A 979 -2.57 9.56 -18.84
C LEU A 979 -1.62 8.66 -19.59
N ASP A 980 -0.43 9.18 -19.92
CA ASP A 980 0.58 8.38 -20.58
C ASP A 980 1.19 7.39 -19.58
N PRO A 981 1.80 6.32 -20.08
CA PRO A 981 2.33 5.26 -19.20
C PRO A 981 3.22 5.81 -18.09
N PRO A 982 4.06 6.82 -18.34
CA PRO A 982 4.84 7.38 -17.21
C PRO A 982 3.97 7.89 -16.08
N GLU A 983 2.88 8.60 -16.37
CA GLU A 983 1.98 9.06 -15.32
C GLU A 983 0.84 8.09 -15.05
N ALA A 984 0.34 7.42 -16.08
CA ALA A 984 -0.68 6.40 -15.88
C ALA A 984 -0.17 5.21 -15.09
N GLU A 985 1.15 5.09 -14.92
CA GLU A 985 1.69 3.95 -14.20
C GLU A 985 1.18 3.92 -12.77
N VAL A 986 1.17 5.06 -12.10
CA VAL A 986 0.72 5.11 -10.70
C VAL A 986 -0.75 4.75 -10.60
N GLN A 987 -1.58 5.35 -11.45
CA GLN A 987 -3.02 5.12 -11.37
C GLN A 987 -3.36 3.69 -11.75
N ILE A 988 -2.75 3.17 -12.82
CA ILE A 988 -3.02 1.80 -13.21
C ILE A 988 -2.47 0.83 -12.18
N ASP A 989 -1.38 1.20 -11.51
CA ASP A 989 -0.87 0.37 -10.42
C ASP A 989 -1.85 0.34 -9.27
N ARG A 990 -2.44 1.49 -8.93
CA ARG A 990 -3.45 1.51 -7.89
C ARG A 990 -4.65 0.66 -8.26
N LEU A 991 -5.10 0.77 -9.51
CA LEU A 991 -6.24 -0.02 -9.96
C LEU A 991 -5.91 -1.50 -10.01
N ILE A 992 -4.68 -1.84 -10.41
CA ILE A 992 -4.24 -3.23 -10.44
C ILE A 992 -4.19 -3.79 -9.03
N THR A 993 -3.67 -3.01 -8.08
CA THR A 993 -3.65 -3.46 -6.70
C THR A 993 -5.06 -3.64 -6.15
N GLY A 994 -5.96 -2.71 -6.46
CA GLY A 994 -7.33 -2.88 -6.01
C GLY A 994 -8.00 -4.10 -6.59
N ARG A 995 -7.87 -4.28 -7.90
CA ARG A 995 -8.47 -5.45 -8.55
C ARG A 995 -7.80 -6.73 -8.13
N LEU A 996 -6.50 -6.69 -7.82
CA LEU A 996 -5.80 -7.89 -7.40
C LEU A 996 -6.15 -8.25 -5.97
N GLN A 997 -6.34 -7.25 -5.11
CA GLN A 997 -6.86 -7.51 -3.78
C GLN A 997 -8.27 -8.06 -3.85
N SER A 998 -9.09 -7.52 -4.74
CA SER A 998 -10.44 -8.04 -4.92
C SER A 998 -10.40 -9.47 -5.42
N LEU A 999 -9.52 -9.76 -6.38
CA LEU A 999 -9.39 -11.10 -6.91
C LEU A 999 -8.87 -12.05 -5.85
N GLN A 1000 -7.89 -11.62 -5.06
CA GLN A 1000 -7.34 -12.47 -4.01
C GLN A 1000 -8.38 -12.75 -2.94
N THR A 1001 -9.16 -11.73 -2.55
CA THR A 1001 -10.24 -11.96 -1.61
C THR A 1001 -11.28 -12.89 -2.21
N TYR A 1002 -11.57 -12.74 -3.50
CA TYR A 1002 -12.50 -13.64 -4.16
C TYR A 1002 -11.97 -15.06 -4.14
N VAL A 1003 -10.69 -15.24 -4.43
CA VAL A 1003 -10.11 -16.58 -4.47
C VAL A 1003 -10.04 -17.18 -3.07
N THR A 1004 -9.76 -16.37 -2.05
CA THR A 1004 -9.69 -16.89 -0.70
C THR A 1004 -11.07 -17.26 -0.18
N GLN A 1005 -12.07 -16.41 -0.45
CA GLN A 1005 -13.43 -16.76 -0.08
C GLN A 1005 -13.93 -17.94 -0.90
N GLN A 1006 -13.48 -18.07 -2.14
CA GLN A 1006 -13.78 -19.25 -2.93
C GLN A 1006 -13.12 -20.49 -2.34
N LEU A 1007 -11.91 -20.34 -1.81
CA LEU A 1007 -11.25 -21.45 -1.13
C LEU A 1007 -12.01 -21.83 0.14
N ILE A 1008 -12.49 -20.84 0.88
CA ILE A 1008 -13.24 -21.13 2.09
C ILE A 1008 -14.56 -21.81 1.76
N ARG A 1009 -15.30 -21.26 0.79
CA ARG A 1009 -16.57 -21.89 0.44
C ARG A 1009 -16.35 -23.16 -0.36
N ALA A 1010 -15.18 -23.36 -0.96
CA ALA A 1010 -14.85 -24.61 -1.59
C ALA A 1010 -14.46 -25.67 -0.57
N ALA A 1011 -13.85 -25.25 0.54
CA ALA A 1011 -13.69 -26.15 1.67
C ALA A 1011 -15.04 -26.51 2.25
N GLU A 1012 -15.97 -25.56 2.28
CA GLU A 1012 -17.32 -25.86 2.73
C GLU A 1012 -18.02 -26.81 1.77
N ILE A 1013 -17.89 -26.56 0.46
CA ILE A 1013 -18.46 -27.44 -0.56
C ILE A 1013 -17.80 -28.81 -0.49
N ARG A 1014 -16.51 -28.87 -0.21
CA ARG A 1014 -15.82 -30.15 -0.11
C ARG A 1014 -16.19 -30.88 1.17
N ALA A 1015 -16.44 -30.16 2.25
CA ALA A 1015 -16.98 -30.80 3.44
C ALA A 1015 -18.36 -31.37 3.15
N SER A 1016 -19.19 -30.60 2.45
CA SER A 1016 -20.51 -31.11 2.07
C SER A 1016 -20.39 -32.25 1.06
N ALA A 1017 -19.34 -32.24 0.24
CA ALA A 1017 -19.14 -33.29 -0.75
C ALA A 1017 -18.58 -34.56 -0.14
N ASN A 1018 -17.69 -34.44 0.84
CA ASN A 1018 -17.28 -35.59 1.63
C ASN A 1018 -18.47 -36.13 2.40
N LEU A 1019 -19.33 -35.23 2.89
CA LEU A 1019 -20.56 -35.66 3.51
C LEU A 1019 -21.48 -36.37 2.52
N ALA A 1020 -21.51 -35.87 1.28
CA ALA A 1020 -22.36 -36.47 0.27
C ALA A 1020 -21.82 -37.81 -0.19
N ALA A 1021 -20.50 -37.94 -0.29
CA ALA A 1021 -19.90 -39.24 -0.59
C ALA A 1021 -20.11 -40.21 0.55
N THR A 1022 -20.02 -39.71 1.78
CA THR A 1022 -20.33 -40.55 2.94
C THR A 1022 -21.79 -40.99 2.91
N LYS A 1023 -22.68 -40.08 2.51
CA LYS A 1023 -24.10 -40.42 2.43
C LYS A 1023 -24.37 -41.38 1.29
N MET A 1024 -23.63 -41.25 0.19
CA MET A 1024 -23.75 -42.21 -0.89
C MET A 1024 -23.27 -43.59 -0.47
N SER A 1025 -22.19 -43.62 0.32
CA SER A 1025 -21.62 -44.89 0.72
C SER A 1025 -22.46 -45.57 1.80
N GLU A 1026 -22.97 -44.79 2.75
CA GLU A 1026 -23.61 -45.34 3.94
C GLU A 1026 -25.12 -45.30 3.89
N CYS A 1027 -25.72 -44.36 3.15
CA CYS A 1027 -27.15 -44.29 2.94
C CYS A 1027 -27.59 -44.94 1.63
N VAL A 1028 -26.83 -44.74 0.55
CA VAL A 1028 -27.19 -45.32 -0.74
C VAL A 1028 -26.53 -46.66 -0.97
N LEU A 1029 -25.19 -46.69 -0.96
CA LEU A 1029 -24.44 -47.93 -1.12
C LEU A 1029 -24.53 -48.84 0.10
N GLY A 1030 -25.40 -48.51 1.05
CA GLY A 1030 -25.54 -49.31 2.25
C GLY A 1030 -26.52 -48.63 3.18
N GLN A 1031 -26.66 -49.18 4.38
CA GLN A 1031 -27.57 -48.62 5.38
C GLN A 1031 -26.74 -48.09 6.54
N SER A 1032 -26.98 -46.83 6.90
CA SER A 1032 -26.23 -46.17 7.97
C SER A 1032 -27.07 -46.16 9.24
N LYS A 1033 -26.51 -46.71 10.32
CA LYS A 1033 -27.18 -46.70 11.60
C LYS A 1033 -26.75 -45.53 12.47
N ARG A 1034 -25.96 -44.61 11.95
CA ARG A 1034 -25.72 -43.36 12.64
C ARG A 1034 -27.03 -42.59 12.79
N VAL A 1035 -27.31 -42.15 14.01
CA VAL A 1035 -28.59 -41.56 14.32
C VAL A 1035 -28.73 -40.21 13.63
N ASP A 1036 -29.85 -39.99 12.96
CA ASP A 1036 -30.18 -38.73 12.31
C ASP A 1036 -29.13 -38.32 11.28
N PHE A 1037 -28.48 -39.30 10.65
CA PHE A 1037 -27.49 -39.00 9.63
C PHE A 1037 -28.07 -39.06 8.23
N CYS A 1038 -28.90 -40.05 7.96
CA CYS A 1038 -29.53 -40.19 6.65
C CYS A 1038 -31.02 -39.94 6.76
N GLY A 1039 -31.41 -38.93 7.52
CA GLY A 1039 -32.81 -38.57 7.64
C GLY A 1039 -33.33 -38.78 9.06
N LYS A 1040 -34.16 -37.83 9.50
CA LYS A 1040 -34.77 -37.94 10.82
C LYS A 1040 -35.65 -39.18 10.89
N GLY A 1041 -35.47 -39.95 11.94
CA GLY A 1041 -36.03 -41.28 12.01
C GLY A 1041 -34.99 -42.33 11.73
N TYR A 1042 -35.45 -43.58 11.64
CA TYR A 1042 -34.56 -44.69 11.34
C TYR A 1042 -34.44 -44.84 9.83
N HIS A 1043 -33.25 -44.54 9.31
CA HIS A 1043 -33.04 -44.50 7.87
C HIS A 1043 -33.17 -45.88 7.24
N LEU A 1044 -34.06 -46.00 6.26
CA LEU A 1044 -34.23 -47.25 5.52
C LEU A 1044 -33.32 -47.27 4.29
N MET A 1045 -33.48 -46.31 3.39
CA MET A 1045 -32.68 -46.27 2.17
C MET A 1045 -32.69 -44.86 1.62
N SER A 1046 -31.80 -44.60 0.68
CA SER A 1046 -31.70 -43.29 0.09
C SER A 1046 -31.60 -43.41 -1.42
N PHE A 1047 -32.05 -42.36 -2.12
CA PHE A 1047 -32.01 -42.31 -3.58
C PHE A 1047 -31.29 -41.07 -4.02
N PRO A 1048 -30.26 -41.17 -4.87
CA PRO A 1048 -29.64 -39.97 -5.40
C PRO A 1048 -30.47 -39.40 -6.54
N GLN A 1049 -30.64 -38.09 -6.55
CA GLN A 1049 -31.30 -37.41 -7.66
C GLN A 1049 -30.46 -36.19 -7.99
N SER A 1050 -29.85 -36.19 -9.16
CA SER A 1050 -28.96 -35.10 -9.53
C SER A 1050 -29.76 -33.82 -9.76
N ALA A 1051 -29.30 -32.74 -9.15
CA ALA A 1051 -29.86 -31.41 -9.33
C ALA A 1051 -28.69 -30.50 -9.69
N PRO A 1052 -28.97 -29.34 -10.29
CA PRO A 1052 -27.86 -28.49 -10.73
C PRO A 1052 -26.82 -28.23 -9.66
N HIS A 1053 -25.63 -28.79 -9.88
CA HIS A 1053 -24.47 -28.62 -9.00
C HIS A 1053 -24.76 -29.15 -7.59
N GLY A 1054 -25.47 -30.27 -7.50
CA GLY A 1054 -25.72 -30.85 -6.21
C GLY A 1054 -26.54 -32.11 -6.33
N VAL A 1055 -26.84 -32.71 -5.19
CA VAL A 1055 -27.57 -33.97 -5.13
C VAL A 1055 -28.73 -33.80 -4.17
N VAL A 1056 -29.81 -34.54 -4.43
CA VAL A 1056 -30.96 -34.59 -3.55
C VAL A 1056 -31.10 -36.04 -3.10
N PHE A 1057 -30.98 -36.26 -1.79
CA PHE A 1057 -31.24 -37.58 -1.24
C PHE A 1057 -32.67 -37.62 -0.76
N LEU A 1058 -33.44 -38.54 -1.33
CA LEU A 1058 -34.81 -38.81 -0.88
C LEU A 1058 -34.69 -39.82 0.25
N HIS A 1059 -34.43 -39.31 1.45
CA HIS A 1059 -34.17 -40.17 2.59
C HIS A 1059 -35.45 -40.89 2.97
N VAL A 1060 -35.59 -42.12 2.50
CA VAL A 1060 -36.66 -43.01 2.93
C VAL A 1060 -36.31 -43.50 4.34
N THR A 1061 -36.98 -42.94 5.35
CA THR A 1061 -36.75 -43.27 6.74
C THR A 1061 -38.05 -43.80 7.35
N TYR A 1062 -37.90 -44.51 8.45
CA TYR A 1062 -39.01 -45.06 9.22
C TYR A 1062 -39.24 -44.15 10.42
N VAL A 1063 -40.49 -43.73 10.63
CA VAL A 1063 -40.83 -42.86 11.75
C VAL A 1063 -42.05 -43.41 12.46
N PRO A 1064 -41.96 -43.73 13.75
CA PRO A 1064 -43.09 -44.35 14.44
C PRO A 1064 -44.14 -43.32 14.82
N ALA A 1065 -45.29 -43.82 15.26
CA ALA A 1065 -46.42 -42.99 15.61
C ALA A 1065 -47.46 -43.85 16.30
N GLN A 1066 -48.42 -43.17 16.95
CA GLN A 1066 -49.52 -43.81 17.66
C GLN A 1066 -49.01 -44.74 18.77
N GLU A 1067 -48.35 -44.13 19.76
CA GLU A 1067 -47.78 -44.87 20.87
C GLU A 1067 -48.85 -45.29 21.86
N LYS A 1068 -48.59 -46.40 22.55
CA LYS A 1068 -49.47 -46.95 23.58
C LYS A 1068 -48.69 -47.06 24.88
N ASN A 1069 -49.34 -46.74 26.00
CA ASN A 1069 -48.72 -46.78 27.31
C ASN A 1069 -48.86 -48.17 27.93
N PHE A 1070 -47.84 -48.57 28.70
CA PHE A 1070 -47.80 -49.87 29.34
C PHE A 1070 -46.98 -49.78 30.63
N THR A 1071 -47.15 -50.79 31.47
CA THR A 1071 -46.33 -50.95 32.67
C THR A 1071 -45.19 -51.90 32.36
N THR A 1072 -43.96 -51.48 32.69
CA THR A 1072 -42.77 -52.19 32.29
C THR A 1072 -41.96 -52.59 33.51
N ALA A 1073 -41.06 -53.56 33.30
CA ALA A 1073 -40.15 -54.05 34.32
C ALA A 1073 -38.77 -54.26 33.72
N PRO A 1074 -37.70 -54.03 34.49
CA PRO A 1074 -36.35 -54.22 33.94
C PRO A 1074 -35.92 -55.67 33.85
N ALA A 1075 -36.63 -56.59 34.50
CA ALA A 1075 -36.32 -58.01 34.41
C ALA A 1075 -37.54 -58.78 34.87
N ILE A 1076 -37.55 -60.09 34.62
CA ILE A 1076 -38.64 -60.94 35.04
C ILE A 1076 -38.07 -62.03 35.94
N CYS A 1077 -38.63 -62.18 37.12
CA CYS A 1077 -38.17 -63.19 38.07
C CYS A 1077 -38.97 -64.46 37.89
N HIS A 1078 -38.28 -65.56 37.58
CA HIS A 1078 -38.91 -66.86 37.46
C HIS A 1078 -38.02 -67.91 38.11
N ASP A 1079 -38.62 -68.74 38.96
CA ASP A 1079 -37.90 -69.81 39.66
C ASP A 1079 -36.68 -69.27 40.41
N GLY A 1080 -36.79 -68.04 40.89
CA GLY A 1080 -35.71 -67.44 41.65
C GLY A 1080 -34.57 -66.89 40.83
N LYS A 1081 -34.65 -66.95 39.51
CA LYS A 1081 -33.60 -66.43 38.63
C LYS A 1081 -34.17 -65.33 37.76
N ALA A 1082 -33.33 -64.36 37.42
CA ALA A 1082 -33.77 -63.19 36.67
C ALA A 1082 -33.53 -63.39 35.18
N HIS A 1083 -34.62 -63.45 34.42
CA HIS A 1083 -34.59 -63.49 32.97
C HIS A 1083 -34.66 -62.07 32.44
N PHE A 1084 -33.66 -61.68 31.69
CA PHE A 1084 -33.58 -60.45 30.94
C PHE A 1084 -33.89 -60.74 29.48
N PRO A 1085 -34.37 -59.75 28.72
CA PRO A 1085 -34.72 -60.03 27.33
C PRO A 1085 -33.50 -60.15 26.44
N ARG A 1086 -33.56 -61.04 25.46
CA ARG A 1086 -32.48 -61.14 24.49
C ARG A 1086 -32.47 -59.92 23.57
N GLU A 1087 -33.64 -59.52 23.07
CA GLU A 1087 -33.70 -58.55 21.98
C GLU A 1087 -34.57 -57.34 22.31
N GLY A 1088 -35.67 -57.54 23.03
CA GLY A 1088 -36.65 -56.49 23.16
C GLY A 1088 -36.82 -55.91 24.54
N VAL A 1089 -38.07 -55.63 24.91
CA VAL A 1089 -38.39 -54.96 26.17
C VAL A 1089 -39.67 -55.57 26.72
N PHE A 1090 -39.73 -55.69 28.05
CA PHE A 1090 -40.95 -56.17 28.70
C PHE A 1090 -41.92 -55.01 28.88
N VAL A 1091 -43.18 -55.23 28.50
CA VAL A 1091 -44.27 -54.29 28.71
C VAL A 1091 -45.47 -55.09 29.19
N SER A 1092 -46.52 -54.38 29.60
CA SER A 1092 -47.74 -55.06 29.99
C SER A 1092 -48.93 -54.15 29.71
N ASN A 1093 -50.00 -54.74 29.17
CA ASN A 1093 -51.21 -53.98 28.88
C ASN A 1093 -52.10 -53.80 30.09
N GLY A 1094 -51.72 -54.36 31.23
CA GLY A 1094 -52.48 -54.19 32.46
C GLY A 1094 -52.62 -55.48 33.23
N THR A 1095 -52.75 -56.59 32.51
CA THR A 1095 -52.90 -57.90 33.13
C THR A 1095 -51.90 -58.92 32.65
N HIS A 1096 -51.44 -58.85 31.41
CA HIS A 1096 -50.51 -59.80 30.84
C HIS A 1096 -49.24 -59.10 30.40
N TRP A 1097 -48.12 -59.79 30.53
CA TRP A 1097 -46.81 -59.24 30.21
C TRP A 1097 -46.33 -59.79 28.87
N PHE A 1098 -45.77 -58.90 28.05
CA PHE A 1098 -45.29 -59.23 26.72
C PHE A 1098 -43.88 -58.71 26.55
N VAL A 1099 -43.16 -59.32 25.61
CA VAL A 1099 -41.85 -58.83 25.18
C VAL A 1099 -42.01 -58.30 23.76
N THR A 1100 -41.83 -56.99 23.60
CA THR A 1100 -42.00 -56.36 22.30
C THR A 1100 -40.66 -55.84 21.81
N GLN A 1101 -40.47 -55.93 20.50
CA GLN A 1101 -39.34 -55.28 19.87
C GLN A 1101 -39.43 -53.78 20.14
N ARG A 1102 -38.27 -53.16 20.36
CA ARG A 1102 -38.24 -51.84 20.99
C ARG A 1102 -38.67 -50.70 20.07
N ASN A 1103 -38.90 -50.95 18.78
CA ASN A 1103 -39.21 -49.87 17.86
C ASN A 1103 -40.51 -50.06 17.10
N PHE A 1104 -41.30 -51.07 17.45
CA PHE A 1104 -42.59 -51.27 16.80
C PHE A 1104 -43.41 -52.21 17.65
N TYR A 1105 -44.63 -51.80 17.99
CA TYR A 1105 -45.47 -52.55 18.91
C TYR A 1105 -45.85 -53.88 18.28
N GLU A 1106 -45.32 -54.96 18.84
CA GLU A 1106 -45.68 -56.31 18.39
C GLU A 1106 -45.56 -57.23 19.59
N PRO A 1107 -46.63 -57.36 20.37
CA PRO A 1107 -46.58 -58.21 21.57
C PRO A 1107 -46.25 -59.65 21.20
N GLN A 1108 -45.42 -60.28 22.02
CA GLN A 1108 -45.04 -61.67 21.86
C GLN A 1108 -44.96 -62.32 23.23
N ILE A 1109 -45.53 -63.52 23.36
CA ILE A 1109 -45.48 -64.21 24.64
C ILE A 1109 -44.04 -64.56 24.96
N ILE A 1110 -43.71 -64.53 26.26
CA ILE A 1110 -42.33 -64.62 26.71
C ILE A 1110 -41.94 -66.09 26.89
N THR A 1111 -40.86 -66.49 26.24
CA THR A 1111 -40.29 -67.82 26.37
C THR A 1111 -38.79 -67.70 26.56
N THR A 1112 -38.14 -68.83 26.77
CA THR A 1112 -36.70 -68.86 26.95
C THR A 1112 -35.93 -68.54 25.67
N ASP A 1113 -36.59 -68.61 24.52
CA ASP A 1113 -35.90 -68.36 23.26
C ASP A 1113 -35.54 -66.89 23.11
N ASN A 1114 -36.29 -66.01 23.77
CA ASN A 1114 -36.08 -64.58 23.67
C ASN A 1114 -35.56 -63.97 24.97
N THR A 1115 -35.19 -64.79 25.94
CA THR A 1115 -34.73 -64.31 27.24
C THR A 1115 -33.57 -65.17 27.72
N PHE A 1116 -32.69 -64.55 28.51
CA PHE A 1116 -31.56 -65.23 29.11
C PHE A 1116 -31.52 -64.95 30.61
N VAL A 1117 -31.04 -65.93 31.37
CA VAL A 1117 -31.01 -65.87 32.82
C VAL A 1117 -29.58 -65.55 33.26
N SER A 1118 -29.43 -64.54 34.12
CA SER A 1118 -28.11 -64.17 34.61
C SER A 1118 -28.27 -63.59 36.02
N GLY A 1119 -28.09 -64.43 37.03
CA GLY A 1119 -28.15 -63.96 38.40
C GLY A 1119 -29.26 -64.58 39.22
N ASN A 1120 -29.77 -63.83 40.19
CA ASN A 1120 -30.89 -64.28 41.02
C ASN A 1120 -31.71 -63.07 41.42
N CYS A 1121 -32.93 -63.33 41.89
CA CYS A 1121 -33.88 -62.26 42.19
C CYS A 1121 -33.60 -61.63 43.54
N ASP A 1122 -32.39 -61.12 43.73
CA ASP A 1122 -32.04 -60.44 44.98
C ASP A 1122 -31.45 -59.06 44.76
N VAL A 1123 -30.64 -58.87 43.72
CA VAL A 1123 -29.92 -57.63 43.56
C VAL A 1123 -30.74 -56.55 42.84
N VAL A 1124 -31.47 -56.93 41.80
CA VAL A 1124 -32.11 -55.94 40.92
C VAL A 1124 -33.33 -55.38 41.63
N ILE A 1125 -33.39 -54.05 41.72
CA ILE A 1125 -34.61 -53.37 42.13
C ILE A 1125 -35.61 -53.40 40.98
N GLY A 1126 -36.90 -53.45 41.32
CA GLY A 1126 -37.93 -53.47 40.30
C GLY A 1126 -38.14 -54.80 39.61
N ILE A 1127 -37.50 -55.87 40.09
CA ILE A 1127 -37.74 -57.19 39.50
C ILE A 1127 -39.18 -57.60 39.77
N VAL A 1128 -39.80 -58.23 38.78
CA VAL A 1128 -41.24 -58.45 38.79
C VAL A 1128 -41.51 -59.92 38.53
N ASN A 1129 -42.33 -60.52 39.39
CA ASN A 1129 -42.73 -61.91 39.19
C ASN A 1129 -43.53 -62.05 37.90
N ASN A 1130 -43.33 -63.18 37.21
CA ASN A 1130 -44.08 -63.49 35.99
C ASN A 1130 -43.85 -64.97 35.68
N THR A 1131 -44.31 -65.40 34.51
CA THR A 1131 -44.13 -66.77 34.04
C THR A 1131 -43.49 -66.73 32.67
N VAL A 1132 -42.45 -67.54 32.47
CA VAL A 1132 -41.75 -67.63 31.20
C VAL A 1132 -41.87 -69.06 30.70
N TYR A 1133 -42.39 -69.22 29.49
CA TYR A 1133 -42.77 -70.53 28.98
C TYR A 1133 -41.58 -71.25 28.36
N ASP A 1134 -41.60 -72.58 28.45
CA ASP A 1134 -40.60 -73.42 27.83
C ASP A 1134 -41.18 -74.04 26.57
N PRO A 1135 -40.67 -73.70 25.38
CA PRO A 1135 -41.23 -74.28 24.15
C PRO A 1135 -41.08 -75.78 24.07
N LEU A 1136 -40.19 -76.38 24.85
CA LEU A 1136 -39.99 -77.83 24.85
C LEU A 1136 -41.06 -78.57 25.62
N GLN A 1137 -41.95 -77.87 26.33
CA GLN A 1137 -42.87 -78.53 27.25
C GLN A 1137 -43.80 -79.54 26.57
N PRO A 1138 -44.48 -79.23 25.46
CA PRO A 1138 -45.41 -80.23 24.89
C PRO A 1138 -44.71 -81.50 24.46
N GLU A 1139 -43.47 -81.40 23.97
CA GLU A 1139 -42.71 -82.57 23.58
C GLU A 1139 -42.41 -83.49 24.75
N LEU A 1140 -42.58 -83.02 25.98
CA LEU A 1140 -42.46 -83.86 27.16
C LEU A 1140 -43.65 -84.78 27.35
N ASP A 1141 -44.60 -84.78 26.41
CA ASP A 1141 -45.76 -85.66 26.53
C ASP A 1141 -45.35 -87.14 26.51
N SER A 1142 -44.40 -87.50 25.66
CA SER A 1142 -43.93 -88.88 25.57
C SER A 1142 -42.45 -88.99 25.87
N GLN B 14 38.33 31.52 47.16
CA GLN B 14 39.07 30.26 47.17
C GLN B 14 38.12 29.07 47.24
N CYS B 15 38.43 28.03 46.47
CA CYS B 15 37.62 26.82 46.41
C CYS B 15 38.33 25.68 47.12
N VAL B 16 37.67 25.09 48.12
CA VAL B 16 38.23 24.03 48.93
C VAL B 16 37.22 22.90 49.02
N ASN B 17 37.68 21.68 48.75
CA ASN B 17 36.83 20.50 48.90
C ASN B 17 36.54 20.25 50.37
N LEU B 18 35.32 19.79 50.66
CA LEU B 18 34.92 19.58 52.05
C LEU B 18 34.11 18.30 52.25
N ILE B 19 34.25 17.31 51.38
CA ILE B 19 33.47 16.08 51.47
C ILE B 19 34.44 14.90 51.45
N THR B 20 34.18 13.91 52.30
CA THR B 20 34.96 12.68 52.33
C THR B 20 34.26 11.60 51.50
N ARG B 21 34.17 11.88 50.20
CA ARG B 21 33.46 11.00 49.29
C ARG B 21 34.11 9.62 49.25
N THR B 22 33.30 8.59 49.50
CA THR B 22 33.73 7.20 49.39
C THR B 22 32.68 6.44 48.61
N GLN B 23 33.04 5.98 47.42
CA GLN B 23 32.12 5.27 46.55
C GLN B 23 32.08 3.80 46.96
N SER B 24 30.92 3.36 47.43
CA SER B 24 30.65 1.95 47.67
C SER B 24 29.66 1.45 46.62
N TYR B 25 29.60 0.15 46.45
CA TYR B 25 28.69 -0.45 45.48
C TYR B 25 27.63 -1.26 46.22
N THR B 26 26.36 -0.95 45.95
CA THR B 26 25.26 -1.69 46.57
C THR B 26 24.30 -2.14 45.48
N ASN B 27 23.24 -2.84 45.88
CA ASN B 27 22.26 -3.34 44.93
C ASN B 27 21.15 -2.32 44.72
N SER B 28 20.66 -2.22 43.49
CA SER B 28 19.63 -1.24 43.16
C SER B 28 18.25 -1.68 43.57
N PHE B 29 17.98 -2.99 43.57
CA PHE B 29 16.66 -3.54 43.88
C PHE B 29 15.67 -2.98 42.85
N THR B 30 14.58 -2.35 43.27
CA THR B 30 13.48 -1.99 42.37
C THR B 30 13.08 -0.52 42.55
N ARG B 31 14.06 0.37 42.56
CA ARG B 31 13.82 1.78 42.81
C ARG B 31 13.98 2.59 41.53
N GLY B 32 13.16 3.62 41.39
CA GLY B 32 13.37 4.63 40.38
C GLY B 32 12.60 4.51 39.09
N VAL B 33 11.30 4.26 39.15
CA VAL B 33 10.47 4.22 37.95
C VAL B 33 9.37 5.28 38.07
N TYR B 34 9.23 6.09 37.03
CA TYR B 34 8.30 7.20 37.05
C TYR B 34 7.17 6.98 36.06
N TYR B 35 6.24 7.93 36.00
CA TYR B 35 5.15 7.90 35.03
C TYR B 35 5.64 8.44 33.71
N PRO B 36 5.48 7.69 32.61
CA PRO B 36 6.03 8.15 31.32
C PRO B 36 5.50 9.51 30.89
N ASP B 37 4.22 9.79 31.15
CA ASP B 37 3.62 11.05 30.77
C ASP B 37 2.64 11.47 31.85
N LYS B 38 2.26 12.75 31.82
CA LYS B 38 1.29 13.28 32.78
C LYS B 38 -0.11 12.79 32.42
N VAL B 39 -0.35 11.49 32.58
CA VAL B 39 -1.59 10.85 32.15
C VAL B 39 -2.04 9.89 33.23
N PHE B 40 -3.36 9.79 33.43
CA PHE B 40 -3.94 8.81 34.33
C PHE B 40 -4.21 7.50 33.59
N ARG B 41 -4.23 6.41 34.35
CA ARG B 41 -4.52 5.10 33.81
C ARG B 41 -4.89 4.15 34.94
N SER B 42 -6.04 3.49 34.83
CA SER B 42 -6.55 2.66 35.91
C SER B 42 -6.60 1.21 35.49
N SER B 43 -6.06 0.34 36.35
CA SER B 43 -6.16 -1.11 36.20
C SER B 43 -5.67 -1.58 34.84
N VAL B 44 -4.57 -1.01 34.37
CA VAL B 44 -3.99 -1.35 33.07
C VAL B 44 -2.53 -1.72 33.23
N LEU B 45 -2.14 -2.84 32.63
CA LEU B 45 -0.76 -3.30 32.65
C LEU B 45 0.00 -2.78 31.44
N HIS B 46 0.23 -1.48 31.42
CA HIS B 46 0.93 -0.87 30.30
C HIS B 46 2.42 -1.16 30.37
N SER B 47 2.99 -1.56 29.24
CA SER B 47 4.42 -1.77 29.10
C SER B 47 5.01 -0.63 28.29
N THR B 48 6.05 0.01 28.83
CA THR B 48 6.62 1.19 28.21
C THR B 48 8.11 1.02 28.01
N GLN B 49 8.57 1.35 26.81
CA GLN B 49 9.99 1.41 26.49
C GLN B 49 10.42 2.86 26.70
N ASP B 50 11.06 3.12 27.83
CA ASP B 50 11.42 4.48 28.21
C ASP B 50 12.69 4.46 29.05
N LEU B 51 13.07 5.62 29.55
CA LEU B 51 14.22 5.72 30.43
C LEU B 51 13.84 5.19 31.81
N PHE B 52 14.64 4.25 32.31
CA PHE B 52 14.37 3.64 33.61
C PHE B 52 15.68 3.30 34.30
N LEU B 53 15.61 3.14 35.62
CA LEU B 53 16.71 2.53 36.35
C LEU B 53 16.56 1.01 36.26
N PRO B 54 17.44 0.31 35.55
CA PRO B 54 17.29 -1.14 35.45
C PRO B 54 17.34 -1.82 36.80
N PHE B 55 16.51 -2.85 36.95
CA PHE B 55 16.38 -3.54 38.22
C PHE B 55 17.62 -4.35 38.55
N PHE B 56 17.85 -4.55 39.85
CA PHE B 56 18.96 -5.35 40.36
C PHE B 56 20.30 -4.85 39.80
N SER B 57 20.44 -3.54 39.75
CA SER B 57 21.64 -2.90 39.23
C SER B 57 22.54 -2.48 40.38
N ASN B 58 23.64 -1.81 40.04
CA ASN B 58 24.58 -1.32 41.03
C ASN B 58 24.30 0.14 41.38
N VAL B 59 24.37 0.46 42.66
CA VAL B 59 24.21 1.81 43.17
C VAL B 59 25.57 2.30 43.63
N THR B 60 26.02 3.43 43.07
CA THR B 60 27.28 4.05 43.47
C THR B 60 26.99 4.91 44.70
N TRP B 61 26.89 4.25 45.84
CA TRP B 61 26.60 4.92 47.10
C TRP B 61 27.77 5.83 47.45
N PHE B 62 27.57 7.14 47.30
CA PHE B 62 28.57 8.12 47.71
C PHE B 62 28.56 8.28 49.23
N HIS B 63 28.93 7.20 49.92
CA HIS B 63 28.97 7.26 51.37
C HIS B 63 30.08 8.22 51.80
N ALA B 64 29.71 9.26 52.53
CA ALA B 64 30.67 10.31 52.80
C ALA B 64 30.31 11.00 54.10
N ILE B 65 31.32 11.67 54.69
CA ILE B 65 31.15 12.51 55.86
C ILE B 65 31.62 13.91 55.47
N SER B 66 30.74 14.89 55.62
CA SER B 66 31.05 16.25 55.23
C SER B 66 31.69 17.00 56.39
N GLY B 67 31.90 18.31 56.20
CA GLY B 67 32.41 19.15 57.27
C GLY B 67 33.78 18.76 57.78
N THR B 68 34.67 18.34 56.88
CA THR B 68 36.02 17.93 57.25
C THR B 68 37.00 18.88 56.56
N ASN B 69 37.55 19.82 57.33
CA ASN B 69 38.51 20.77 56.79
C ASN B 69 39.85 20.13 56.44
N GLY B 70 40.10 18.90 56.87
CA GLY B 70 41.31 18.18 56.55
C GLY B 70 41.34 17.55 55.18
N THR B 71 40.28 17.70 54.40
CA THR B 71 40.18 17.18 53.03
C THR B 71 40.35 18.30 52.01
N LYS B 72 41.27 19.23 52.28
CA LYS B 72 41.44 20.39 51.40
C LYS B 72 41.74 19.97 49.96
N ARG B 73 42.51 18.89 49.78
CA ARG B 73 42.73 18.37 48.44
C ARG B 73 41.44 17.75 47.89
N PHE B 74 41.28 17.86 46.58
CA PHE B 74 40.07 17.38 45.94
C PHE B 74 40.04 15.86 45.92
N ASP B 75 38.91 15.28 46.33
CA ASP B 75 38.75 13.84 46.33
C ASP B 75 37.43 13.37 45.73
N ASN B 76 36.57 14.28 45.29
CA ASN B 76 35.28 13.90 44.73
C ASN B 76 35.19 14.40 43.29
N PRO B 77 34.94 13.52 42.32
CA PRO B 77 34.75 13.94 40.94
C PRO B 77 33.29 14.31 40.68
N VAL B 78 33.02 14.67 39.44
CA VAL B 78 31.67 15.00 38.99
C VAL B 78 31.09 13.78 38.28
N LEU B 79 29.89 13.38 38.69
CA LEU B 79 29.26 12.21 38.10
C LEU B 79 28.92 12.49 36.64
N PRO B 80 29.35 11.67 35.69
CA PRO B 80 28.93 11.85 34.30
C PRO B 80 27.42 11.73 34.17
N PHE B 81 26.84 12.62 33.38
CA PHE B 81 25.39 12.65 33.24
C PHE B 81 24.86 11.45 32.47
N ASN B 82 25.57 11.05 31.42
CA ASN B 82 25.29 9.84 30.65
C ASN B 82 23.85 9.92 30.14
N ASP B 83 23.03 8.88 30.34
CA ASP B 83 21.69 8.79 29.77
C ASP B 83 20.62 9.12 30.80
N GLY B 84 20.87 10.11 31.65
CA GLY B 84 19.94 10.45 32.71
C GLY B 84 20.53 10.02 34.03
N VAL B 85 20.12 10.68 35.12
CA VAL B 85 20.67 10.37 36.44
C VAL B 85 19.51 10.26 37.43
N TYR B 86 19.22 9.05 37.87
CA TYR B 86 18.44 8.86 39.08
C TYR B 86 19.19 9.46 40.25
N PHE B 87 18.45 9.91 41.25
CA PHE B 87 19.07 10.40 42.47
C PHE B 87 18.24 10.01 43.67
N ALA B 88 18.92 9.82 44.80
CA ALA B 88 18.26 9.72 46.09
C ALA B 88 19.28 10.13 47.13
N SER B 89 18.79 10.46 48.32
CA SER B 89 19.68 10.87 49.39
C SER B 89 18.98 10.62 50.72
N THR B 90 19.67 11.00 51.79
CA THR B 90 19.10 10.98 53.14
C THR B 90 19.47 12.25 53.89
N GLU B 91 19.77 13.31 53.13
CA GLU B 91 20.25 14.57 53.67
C GLU B 91 19.18 15.65 53.50
N LYS B 92 19.07 16.51 54.50
CA LYS B 92 18.05 17.55 54.51
C LYS B 92 18.53 18.76 53.71
N SER B 93 17.80 19.87 53.80
CA SER B 93 18.22 21.09 53.13
C SER B 93 19.55 21.59 53.67
N ASN B 94 19.77 21.46 54.97
CA ASN B 94 21.00 21.95 55.59
C ASN B 94 22.22 21.17 55.15
N ILE B 95 22.04 20.04 54.47
CA ILE B 95 23.15 19.20 54.03
C ILE B 95 23.25 19.17 52.51
N ILE B 96 22.13 19.01 51.82
CA ILE B 96 22.07 19.02 50.36
C ILE B 96 21.11 20.12 49.94
N ARG B 97 21.55 20.98 49.02
CA ARG B 97 20.78 22.15 48.62
C ARG B 97 20.48 22.24 47.14
N GLY B 98 20.76 21.22 46.34
CA GLY B 98 20.33 21.28 44.96
C GLY B 98 21.24 20.48 44.04
N TRP B 99 21.24 20.91 42.78
CA TRP B 99 21.89 20.18 41.69
C TRP B 99 22.48 21.15 40.68
N ILE B 100 23.64 20.78 40.13
CA ILE B 100 24.37 21.61 39.18
C ILE B 100 24.67 20.78 37.95
N PHE B 101 24.59 21.41 36.78
CA PHE B 101 24.71 20.71 35.51
C PHE B 101 25.64 21.46 34.58
N GLY B 102 25.79 20.93 33.38
CA GLY B 102 26.63 21.53 32.37
C GLY B 102 27.23 20.46 31.50
N THR B 103 28.05 20.91 30.56
CA THR B 103 28.80 20.01 29.68
C THR B 103 30.28 19.96 30.05
N THR B 104 30.89 21.13 30.26
CA THR B 104 32.26 21.21 30.75
C THR B 104 32.36 21.84 32.13
N LEU B 105 31.26 22.34 32.69
CA LEU B 105 31.23 22.94 34.02
C LEU B 105 32.23 24.09 34.13
N ASP B 106 32.19 24.98 33.15
CA ASP B 106 33.02 26.19 33.15
C ASP B 106 32.19 27.33 32.59
N SER B 107 32.86 28.45 32.30
CA SER B 107 32.18 29.62 31.74
C SER B 107 31.95 29.51 30.25
N LYS B 108 32.48 28.49 29.59
CA LYS B 108 32.31 28.36 28.14
C LYS B 108 30.92 27.86 27.76
N THR B 109 30.32 27.00 28.58
CA THR B 109 29.06 26.36 28.25
C THR B 109 28.02 26.67 29.32
N GLN B 110 26.76 26.64 28.92
CA GLN B 110 25.66 26.91 29.84
C GLN B 110 25.62 25.88 30.95
N SER B 111 25.45 26.35 32.18
CA SER B 111 25.36 25.50 33.36
C SER B 111 24.05 25.79 34.07
N LEU B 112 23.37 24.72 34.51
CA LEU B 112 22.11 24.87 35.21
C LEU B 112 22.32 24.73 36.71
N LEU B 113 21.71 25.65 37.46
CA LEU B 113 21.77 25.66 38.92
C LEU B 113 20.35 25.54 39.43
N ILE B 114 20.07 24.48 40.19
CA ILE B 114 18.78 24.26 40.82
C ILE B 114 19.02 24.24 42.33
N VAL B 115 18.49 25.23 43.02
CA VAL B 115 18.71 25.40 44.46
C VAL B 115 17.37 25.22 45.17
N ASN B 116 17.37 24.37 46.19
CA ASN B 116 16.17 24.03 46.95
C ASN B 116 16.30 24.64 48.34
N ASN B 117 15.77 25.85 48.51
CA ASN B 117 15.77 26.51 49.80
C ASN B 117 14.46 26.22 50.54
N ALA B 118 14.51 26.38 51.86
CA ALA B 118 13.31 26.18 52.68
C ALA B 118 12.25 27.24 52.45
N THR B 119 12.58 28.33 51.75
CA THR B 119 11.62 29.36 51.40
C THR B 119 11.14 29.28 49.96
N ASN B 120 11.95 28.74 49.05
CA ASN B 120 11.62 28.69 47.63
C ASN B 120 12.68 27.83 46.93
N VAL B 121 12.47 27.57 45.65
CA VAL B 121 13.48 26.97 44.79
C VAL B 121 13.82 27.97 43.69
N VAL B 122 15.08 27.92 43.24
CA VAL B 122 15.59 28.82 42.22
C VAL B 122 16.19 27.98 41.11
N ILE B 123 15.76 28.24 39.87
CA ILE B 123 16.28 27.55 38.69
C ILE B 123 16.91 28.61 37.79
N LYS B 124 18.19 28.40 37.46
CA LYS B 124 18.93 29.34 36.62
C LYS B 124 19.70 28.55 35.58
N VAL B 125 19.80 29.08 34.37
CA VAL B 125 20.70 28.57 33.35
C VAL B 125 21.60 29.71 32.92
N CYS B 126 22.89 29.61 33.22
CA CYS B 126 23.80 30.71 32.98
C CYS B 126 25.22 30.19 32.84
N GLU B 127 26.10 31.06 32.32
CA GLU B 127 27.50 30.72 32.09
C GLU B 127 28.28 30.88 33.40
N PHE B 128 28.03 29.94 34.31
CA PHE B 128 28.65 29.98 35.63
C PHE B 128 30.04 29.32 35.60
N GLN B 129 31.04 30.10 35.98
CA GLN B 129 32.42 29.62 36.12
C GLN B 129 32.70 29.42 37.60
N PHE B 130 33.13 28.20 37.95
CA PHE B 130 33.50 27.83 39.30
C PHE B 130 34.22 26.49 39.23
N CYS B 131 34.74 26.05 40.38
CA CYS B 131 35.57 24.85 40.44
C CYS B 131 34.71 23.59 40.37
N ASN B 132 35.34 22.45 40.59
CA ASN B 132 34.66 21.16 40.64
C ASN B 132 34.12 20.83 42.03
N ASP B 133 34.14 21.80 42.95
CA ASP B 133 33.64 21.62 44.31
C ASP B 133 32.66 22.73 44.64
N PRO B 134 31.42 22.64 44.15
CA PRO B 134 30.39 23.62 44.53
C PRO B 134 29.78 23.27 45.87
N PHE B 135 29.83 24.22 46.80
CA PHE B 135 29.27 24.03 48.12
C PHE B 135 28.62 25.34 48.56
N LEU B 136 27.68 25.22 49.50
CA LEU B 136 26.92 26.36 49.98
C LEU B 136 27.09 26.44 51.50
N ASP B 137 27.83 27.46 51.96
CA ASP B 137 28.03 27.70 53.38
C ASP B 137 26.92 28.61 53.89
N VAL B 138 26.11 28.09 54.81
CA VAL B 138 24.95 28.82 55.33
C VAL B 138 24.99 28.81 56.85
N TYR B 139 24.75 29.97 57.45
CA TYR B 139 24.72 30.13 58.90
C TYR B 139 23.87 31.35 59.22
N TYR B 140 23.24 31.34 60.40
CA TYR B 140 22.42 32.46 60.85
C TYR B 140 23.16 33.16 61.99
N HIS B 141 23.96 34.16 61.64
CA HIS B 141 24.69 34.92 62.64
C HIS B 141 23.75 35.81 63.43
N LYS B 142 24.06 36.00 64.71
CA LYS B 142 23.19 36.74 65.62
C LYS B 142 23.10 38.22 65.27
N ASN B 143 23.96 38.74 64.40
CA ASN B 143 23.88 40.14 64.01
C ASN B 143 22.56 40.44 63.31
N ASN B 144 22.12 39.54 62.42
CA ASN B 144 20.86 39.71 61.71
C ASN B 144 19.92 38.51 61.84
N LYS B 145 20.38 37.38 62.39
CA LYS B 145 19.65 36.12 62.52
C LYS B 145 19.36 35.48 61.17
N SER B 146 19.79 36.09 60.07
CA SER B 146 19.56 35.52 58.73
C SER B 146 20.65 36.09 57.82
N TRP B 147 21.62 35.24 57.47
CA TRP B 147 22.72 35.61 56.59
C TRP B 147 22.52 34.98 55.22
N MET B 148 22.69 35.78 54.18
CA MET B 148 22.46 35.33 52.80
C MET B 148 23.78 34.96 52.14
N GLU B 149 23.75 33.90 51.36
CA GLU B 149 24.94 33.44 50.65
C GLU B 149 25.31 34.41 49.54
N SER B 150 26.58 34.41 49.16
CA SER B 150 27.12 35.35 48.18
C SER B 150 27.47 34.61 46.90
N GLU B 151 27.20 35.24 45.76
CA GLU B 151 27.49 34.65 44.47
C GLU B 151 28.98 34.71 44.12
N PHE B 152 29.66 35.82 44.46
CA PHE B 152 31.03 36.02 44.05
C PHE B 152 32.05 35.38 44.99
N ARG B 153 31.64 34.94 46.17
CA ARG B 153 32.59 34.35 47.12
C ARG B 153 32.87 32.89 46.77
N VAL B 154 31.83 32.05 46.78
CA VAL B 154 32.04 30.62 46.55
C VAL B 154 32.44 30.35 45.11
N TYR B 155 31.74 30.97 44.16
CA TYR B 155 31.96 30.71 42.74
C TYR B 155 32.85 31.79 42.13
N SER B 156 33.26 31.56 40.89
CA SER B 156 34.17 32.49 40.23
C SER B 156 33.43 33.63 39.54
N SER B 157 32.56 33.31 38.58
CA SER B 157 31.90 34.38 37.83
C SER B 157 30.63 33.86 37.19
N ALA B 158 29.75 34.78 36.80
CA ALA B 158 28.49 34.47 36.14
C ALA B 158 28.35 35.35 34.91
N ASN B 159 27.95 34.76 33.78
CA ASN B 159 27.89 35.49 32.52
C ASN B 159 26.71 35.03 31.68
N ASN B 160 25.97 36.01 31.15
CA ASN B 160 24.93 35.81 30.13
C ASN B 160 23.83 34.86 30.60
N CYS B 161 23.06 35.31 31.59
CA CYS B 161 21.85 34.60 32.01
C CYS B 161 20.66 35.19 31.28
N THR B 162 20.01 34.38 30.44
CA THR B 162 18.80 34.82 29.74
C THR B 162 17.55 34.08 30.17
N PHE B 163 17.60 33.30 31.26
CA PHE B 163 16.44 32.59 31.79
C PHE B 163 16.56 32.47 33.30
N GLU B 164 15.39 32.39 33.96
CA GLU B 164 15.34 32.29 35.42
C GLU B 164 13.92 31.93 35.85
N TYR B 165 13.82 31.15 36.91
CA TYR B 165 12.52 30.88 37.52
C TYR B 165 12.70 30.64 39.03
N VAL B 166 11.62 30.86 39.77
CA VAL B 166 11.57 30.57 41.21
C VAL B 166 10.20 30.00 41.56
N SER B 167 10.20 28.94 42.37
CA SER B 167 8.98 28.24 42.75
C SER B 167 8.94 28.07 44.26
N GLN B 168 7.94 27.35 44.74
CA GLN B 168 7.84 26.98 46.14
C GLN B 168 8.81 25.84 46.46
N PRO B 169 9.19 25.68 47.72
CA PRO B 169 10.22 24.68 48.07
C PRO B 169 9.85 23.27 47.64
N PHE B 170 10.85 22.56 47.10
CA PHE B 170 10.66 21.15 46.75
C PHE B 170 11.15 20.23 47.86
N LEU B 171 12.30 20.55 48.45
CA LEU B 171 12.92 19.72 49.49
C LEU B 171 12.14 19.94 50.78
N MET B 172 11.07 19.16 50.95
CA MET B 172 10.23 19.25 52.14
C MET B 172 10.76 18.29 53.21
N ASP B 173 11.85 18.72 53.83
CA ASP B 173 12.49 17.91 54.87
C ASP B 173 11.67 17.94 56.15
N LEU B 174 11.92 16.94 56.99
CA LEU B 174 11.32 16.86 58.32
C LEU B 174 12.41 16.98 59.37
N GLU B 175 12.15 17.79 60.39
CA GLU B 175 13.17 18.06 61.41
C GLU B 175 13.56 16.81 62.19
N GLY B 176 12.67 15.83 62.30
CA GLY B 176 13.02 14.61 63.00
C GLY B 176 14.01 13.77 62.22
N LYS B 177 14.80 12.99 62.96
CA LYS B 177 15.79 12.12 62.33
C LYS B 177 15.13 11.06 61.45
N GLN B 178 14.03 10.48 61.93
CA GLN B 178 13.27 9.55 61.10
C GLN B 178 12.80 10.24 59.82
N GLY B 179 12.23 11.43 59.95
CA GLY B 179 11.84 12.19 58.77
C GLY B 179 13.03 12.64 57.93
N ASN B 180 14.15 12.98 58.58
CA ASN B 180 15.33 13.39 57.83
C ASN B 180 15.83 12.26 56.93
N PHE B 181 15.87 11.03 57.45
CA PHE B 181 16.23 9.90 56.60
C PHE B 181 15.11 9.53 55.64
N LYS B 182 13.86 9.84 55.98
CA LYS B 182 12.74 9.63 55.06
C LYS B 182 12.86 10.49 53.81
N ASN B 183 13.64 11.56 53.85
CA ASN B 183 13.67 12.51 52.76
C ASN B 183 14.33 11.90 51.53
N LEU B 184 13.69 10.88 50.96
CA LEU B 184 14.18 10.24 49.74
C LEU B 184 13.64 11.05 48.56
N ARG B 185 14.33 12.16 48.27
CA ARG B 185 13.93 13.06 47.19
C ARG B 185 14.39 12.47 45.87
N GLU B 186 13.66 11.46 45.42
CA GLU B 186 13.98 10.72 44.21
C GLU B 186 13.64 11.61 43.01
N PHE B 187 14.65 12.29 42.49
CA PHE B 187 14.48 13.19 41.35
C PHE B 187 15.16 12.60 40.13
N VAL B 188 14.43 12.56 39.01
CA VAL B 188 14.96 12.08 37.76
C VAL B 188 15.47 13.28 36.95
N PHE B 189 16.74 13.21 36.53
CA PHE B 189 17.38 14.27 35.76
C PHE B 189 17.66 13.77 34.36
N LYS B 190 16.83 14.20 33.40
CA LYS B 190 16.92 13.74 32.03
C LYS B 190 16.47 14.87 31.11
N ASN B 191 16.97 14.84 29.86
CA ASN B 191 16.62 15.84 28.85
C ASN B 191 16.10 15.12 27.62
N ILE B 192 14.78 14.98 27.51
CA ILE B 192 14.15 14.25 26.42
C ILE B 192 13.21 15.18 25.68
N ASP B 193 13.29 15.16 24.35
CA ASP B 193 12.37 15.88 23.47
C ASP B 193 12.40 17.39 23.72
N GLY B 194 13.52 17.88 24.23
CA GLY B 194 13.61 19.30 24.57
C GLY B 194 12.84 19.69 25.81
N TYR B 195 12.70 18.79 26.79
CA TYR B 195 12.07 19.10 28.06
C TYR B 195 12.93 18.51 29.18
N PHE B 196 13.38 19.36 30.09
CA PHE B 196 14.15 18.94 31.25
C PHE B 196 13.20 18.58 32.40
N LYS B 197 12.33 17.62 32.12
CA LYS B 197 11.36 17.18 33.10
C LYS B 197 12.06 16.63 34.35
N ILE B 198 11.56 17.02 35.51
CA ILE B 198 12.06 16.52 36.79
C ILE B 198 10.86 16.13 37.64
N TYR B 199 10.89 14.93 38.18
CA TYR B 199 9.78 14.38 38.93
C TYR B 199 10.14 14.42 40.41
N SER B 200 9.27 13.87 41.26
CA SER B 200 9.46 14.00 42.70
C SER B 200 8.92 12.77 43.42
N LYS B 201 9.31 12.64 44.68
CA LYS B 201 8.87 11.58 45.57
C LYS B 201 9.43 11.84 46.97
N HIS B 202 8.82 11.19 47.95
CA HIS B 202 9.31 11.23 49.34
C HIS B 202 8.67 10.08 50.09
N THR B 203 9.48 9.15 50.57
CA THR B 203 8.74 8.09 51.25
C THR B 203 8.83 8.25 52.76
N PRO B 204 7.74 7.97 53.45
CA PRO B 204 7.76 7.95 54.92
C PRO B 204 8.30 6.64 55.47
N ILE B 205 9.00 5.88 54.61
CA ILE B 205 9.48 4.56 55.01
C ILE B 205 10.39 4.66 56.24
N ASN B 206 10.44 3.56 56.98
CA ASN B 206 11.29 3.50 58.16
C ASN B 206 12.76 3.62 57.78
N LEU B 207 13.54 4.25 58.66
CA LEU B 207 14.96 4.41 58.42
C LEU B 207 15.66 3.05 58.41
N GLY B 208 16.67 2.93 57.57
CA GLY B 208 17.42 1.69 57.44
C GLY B 208 18.90 1.94 57.27
N ARG B 209 19.50 1.33 56.25
CA ARG B 209 20.91 1.54 55.95
C ARG B 209 21.15 2.11 54.56
N ASP B 210 20.33 1.78 53.58
CA ASP B 210 20.49 2.26 52.21
C ASP B 210 19.14 2.12 51.52
N LEU B 211 19.13 2.20 50.19
CA LEU B 211 17.90 2.10 49.43
C LEU B 211 17.20 0.79 49.75
N PRO B 212 16.01 0.82 50.36
CA PRO B 212 15.35 -0.42 50.78
C PRO B 212 14.57 -1.06 49.66
N GLN B 213 13.84 -2.13 50.00
CA GLN B 213 12.95 -2.79 49.04
C GLN B 213 11.74 -1.89 48.81
N GLY B 214 10.77 -2.42 48.07
CA GLY B 214 9.54 -1.70 47.82
C GLY B 214 9.63 -0.77 46.63
N PHE B 215 8.48 -0.21 46.26
CA PHE B 215 8.34 0.61 45.08
C PHE B 215 7.48 1.81 45.37
N SER B 216 7.75 2.92 44.66
CA SER B 216 6.93 4.12 44.75
C SER B 216 7.23 4.98 43.52
N ALA B 217 6.20 5.27 42.73
CA ALA B 217 6.39 5.96 41.47
C ALA B 217 6.64 7.45 41.66
N LEU B 218 7.31 8.07 40.70
CA LEU B 218 7.77 9.45 40.79
C LEU B 218 6.92 10.33 39.86
N GLU B 219 6.31 11.45 40.46
CA GLU B 219 5.30 12.36 39.94
C GLU B 219 5.91 13.71 39.57
N PRO B 220 5.39 14.35 38.53
CA PRO B 220 6.02 15.58 38.01
C PRO B 220 5.86 16.76 38.96
N LEU B 221 6.79 17.72 38.85
CA LEU B 221 6.73 18.95 39.61
C LEU B 221 6.53 20.17 38.72
N VAL B 222 7.45 20.39 37.78
CA VAL B 222 7.25 21.33 36.68
C VAL B 222 7.90 20.74 35.44
N ASP B 223 7.11 20.57 34.39
CA ASP B 223 7.61 20.06 33.11
C ASP B 223 8.39 21.20 32.47
N LEU B 224 9.69 21.22 32.72
CA LEU B 224 10.55 22.25 32.16
C LEU B 224 10.65 22.06 30.66
N PRO B 225 10.28 23.04 29.87
CA PRO B 225 10.28 22.88 28.41
C PRO B 225 11.62 23.27 27.77
N ILE B 226 12.72 22.75 28.31
CA ILE B 226 14.04 23.12 27.81
C ILE B 226 14.80 21.89 27.33
N GLY B 227 15.16 21.01 28.26
CA GLY B 227 15.81 19.75 27.93
C GLY B 227 17.12 19.86 27.17
N ILE B 228 18.04 20.70 27.61
CA ILE B 228 19.35 20.82 26.96
C ILE B 228 20.27 19.75 27.53
N ASN B 229 21.17 19.25 26.68
CA ASN B 229 22.00 18.10 27.03
C ASN B 229 22.97 18.44 28.16
N ILE B 230 23.22 17.46 29.02
CA ILE B 230 24.14 17.59 30.13
C ILE B 230 25.17 16.47 30.03
N THR B 231 26.44 16.83 30.22
CA THR B 231 27.53 15.85 30.20
C THR B 231 27.97 15.43 31.59
N ARG B 232 28.09 16.37 32.53
CA ARG B 232 28.53 16.07 33.89
C ARG B 232 27.46 16.49 34.87
N PHE B 233 27.17 15.60 35.83
CA PHE B 233 26.11 15.79 36.81
C PHE B 233 26.73 15.81 38.20
N GLN B 234 26.30 16.77 39.03
CA GLN B 234 26.86 16.91 40.37
C GLN B 234 25.75 17.34 41.33
N THR B 235 26.00 17.11 42.61
CA THR B 235 25.04 17.41 43.66
C THR B 235 25.52 18.60 44.47
N LEU B 236 24.64 19.58 44.65
CA LEU B 236 24.94 20.72 45.51
C LEU B 236 24.74 20.32 46.96
N LEU B 237 25.79 20.42 47.76
CA LEU B 237 25.72 20.07 49.17
C LEU B 237 25.89 21.31 50.02
N ALA B 238 25.23 21.32 51.17
CA ALA B 238 25.31 22.41 52.12
C ALA B 238 26.11 21.97 53.34
N LEU B 239 27.04 22.81 53.78
CA LEU B 239 27.86 22.51 54.95
C LEU B 239 27.00 22.69 56.19
N HIS B 240 26.53 21.58 56.74
CA HIS B 240 25.62 21.64 57.89
C HIS B 240 26.33 22.23 59.11
N ARG B 241 25.61 23.08 59.83
CA ARG B 241 26.13 23.75 61.02
C ARG B 241 25.06 23.75 62.09
N SER B 242 25.43 24.23 63.27
CA SER B 242 24.54 24.33 64.40
C SER B 242 24.07 25.77 64.66
N TYR B 243 24.37 26.69 63.75
CA TYR B 243 24.02 28.10 63.83
C TYR B 243 24.67 28.80 65.02
N LEU B 244 25.62 28.15 65.69
CA LEU B 244 26.32 28.74 66.82
C LEU B 244 27.83 28.54 66.76
N THR B 245 28.33 27.68 65.89
CA THR B 245 29.76 27.47 65.76
C THR B 245 30.43 28.71 65.15
N PRO B 246 31.72 28.91 65.41
CA PRO B 246 32.43 30.03 64.79
C PRO B 246 32.61 29.86 63.29
N GLY B 247 33.42 30.71 62.68
CA GLY B 247 33.56 30.71 61.24
C GLY B 247 34.70 29.86 60.72
N ASP B 248 35.71 30.49 60.12
CA ASP B 248 36.77 29.79 59.39
C ASP B 248 37.68 29.08 60.39
N SER B 249 37.24 27.90 60.81
CA SER B 249 37.99 27.08 61.75
C SER B 249 37.46 25.65 61.65
N SER B 250 38.23 24.73 62.23
CA SER B 250 37.80 23.34 62.28
C SER B 250 36.57 23.17 63.17
N SER B 251 36.36 24.08 64.11
CA SER B 251 35.19 24.09 64.97
C SER B 251 34.01 24.83 64.35
N GLY B 252 33.99 24.98 63.04
CA GLY B 252 32.91 25.65 62.34
C GLY B 252 31.96 24.66 61.71
N TRP B 253 32.15 24.40 60.41
CA TRP B 253 31.33 23.41 59.70
C TRP B 253 31.46 22.05 60.40
N THR B 254 30.38 21.59 61.01
CA THR B 254 30.40 20.35 61.77
C THR B 254 30.33 19.14 60.85
N ALA B 255 31.07 18.10 61.20
CA ALA B 255 31.10 16.88 60.40
C ALA B 255 29.75 16.17 60.45
N GLY B 256 29.39 15.54 59.34
CA GLY B 256 28.16 14.79 59.25
C GLY B 256 28.11 13.88 58.05
N ALA B 257 27.40 12.77 58.15
CA ALA B 257 27.33 11.78 57.08
C ALA B 257 26.49 12.33 55.93
N ALA B 258 27.16 12.79 54.88
CA ALA B 258 26.48 13.27 53.67
C ALA B 258 26.52 12.19 52.59
N ALA B 259 25.54 11.30 52.67
CA ALA B 259 25.47 10.14 51.79
C ALA B 259 24.32 10.29 50.79
N TYR B 260 24.62 10.11 49.52
CA TYR B 260 23.60 10.07 48.49
C TYR B 260 23.84 8.91 47.56
N TYR B 261 22.77 8.39 46.98
CA TYR B 261 22.79 7.14 46.25
C TYR B 261 22.30 7.36 44.82
N VAL B 262 23.06 6.82 43.87
CA VAL B 262 22.85 7.09 42.46
C VAL B 262 22.90 5.78 41.67
N GLY B 263 21.84 5.53 40.90
CA GLY B 263 21.88 4.63 39.78
C GLY B 263 21.83 5.43 38.48
N TYR B 264 21.73 4.70 37.38
CA TYR B 264 21.75 5.35 36.07
C TYR B 264 20.63 4.79 35.21
N LEU B 265 19.97 5.68 34.47
CA LEU B 265 18.83 5.32 33.65
C LEU B 265 19.28 4.94 32.25
N GLN B 266 18.57 3.98 31.67
CA GLN B 266 18.85 3.41 30.37
C GLN B 266 17.53 3.26 29.62
N PRO B 267 17.58 3.18 28.28
CA PRO B 267 16.35 2.98 27.52
C PRO B 267 15.84 1.54 27.64
N ARG B 268 15.16 1.25 28.73
CA ARG B 268 14.71 -0.10 29.03
C ARG B 268 13.20 -0.19 28.82
N THR B 269 12.74 -1.40 28.55
CA THR B 269 11.31 -1.69 28.55
C THR B 269 10.92 -2.21 29.92
N PHE B 270 9.87 -1.65 30.49
CA PHE B 270 9.34 -2.08 31.77
C PHE B 270 7.85 -2.32 31.66
N LEU B 271 7.40 -3.43 32.22
CA LEU B 271 5.97 -3.73 32.30
C LEU B 271 5.48 -3.12 33.61
N LEU B 272 4.68 -2.07 33.51
CA LEU B 272 4.19 -1.36 34.68
C LEU B 272 2.94 -2.06 35.21
N LYS B 273 2.39 -1.51 36.29
CA LYS B 273 1.11 -1.98 36.83
C LYS B 273 0.53 -0.83 37.64
N TYR B 274 -0.63 -0.35 37.20
CA TYR B 274 -1.33 0.76 37.83
C TYR B 274 -2.43 0.21 38.73
N ASN B 275 -2.53 0.75 39.94
CA ASN B 275 -3.58 0.32 40.86
C ASN B 275 -4.83 1.16 40.61
N GLU B 276 -5.79 1.07 41.54
CA GLU B 276 -7.10 1.67 41.35
C GLU B 276 -7.06 3.19 41.30
N ASN B 277 -5.95 3.81 41.68
CA ASN B 277 -5.87 5.27 41.72
C ASN B 277 -5.03 5.85 40.60
N GLY B 278 -4.46 5.02 39.74
CA GLY B 278 -3.68 5.52 38.63
C GLY B 278 -2.21 5.73 38.90
N THR B 279 -1.75 5.56 40.14
CA THR B 279 -0.33 5.57 40.44
C THR B 279 0.26 4.23 40.00
N ILE B 280 1.53 4.25 39.63
CA ILE B 280 2.19 3.02 39.18
C ILE B 280 2.53 2.20 40.41
N THR B 281 1.65 1.26 40.76
CA THR B 281 1.83 0.49 41.99
C THR B 281 2.88 -0.60 41.86
N ASP B 282 3.25 -1.00 40.65
CA ASP B 282 4.23 -2.07 40.51
C ASP B 282 4.92 -1.96 39.16
N ALA B 283 6.05 -2.65 39.04
CA ALA B 283 6.79 -2.65 37.78
C ALA B 283 7.72 -3.86 37.75
N VAL B 284 7.97 -4.36 36.54
CA VAL B 284 8.98 -5.39 36.32
C VAL B 284 9.81 -5.02 35.10
N ASP B 285 11.09 -5.39 35.16
CA ASP B 285 11.98 -5.25 34.01
C ASP B 285 11.69 -6.36 33.01
N CYS B 286 12.13 -6.14 31.77
CA CYS B 286 11.94 -7.14 30.73
C CYS B 286 13.20 -7.95 30.46
N ALA B 287 14.33 -7.28 30.25
CA ALA B 287 15.59 -7.93 29.94
C ALA B 287 16.35 -8.36 31.20
N LEU B 288 15.71 -8.29 32.36
CA LEU B 288 16.38 -8.66 33.60
C LEU B 288 16.78 -10.12 33.60
N ASP B 289 15.87 -11.00 33.19
CA ASP B 289 16.12 -12.43 33.20
C ASP B 289 15.11 -13.09 32.27
N PRO B 290 15.30 -14.37 31.96
CA PRO B 290 14.30 -15.05 31.13
C PRO B 290 12.89 -14.98 31.68
N LEU B 291 12.73 -15.05 33.00
CA LEU B 291 11.40 -14.88 33.58
C LEU B 291 10.86 -13.48 33.32
N SER B 292 11.73 -12.47 33.40
CA SER B 292 11.31 -11.11 33.13
C SER B 292 10.89 -10.94 31.67
N GLU B 293 11.64 -11.54 30.74
CA GLU B 293 11.25 -11.50 29.34
C GLU B 293 9.92 -12.19 29.11
N THR B 294 9.71 -13.34 29.75
CA THR B 294 8.44 -14.04 29.63
C THR B 294 7.29 -13.20 30.17
N LYS B 295 7.51 -12.54 31.31
CA LYS B 295 6.46 -11.70 31.89
C LYS B 295 6.11 -10.53 30.98
N CYS B 296 7.13 -9.86 30.43
CA CYS B 296 6.86 -8.74 29.54
C CYS B 296 6.17 -9.20 28.26
N THR B 297 6.58 -10.35 27.72
CA THR B 297 5.94 -10.88 26.52
C THR B 297 4.48 -11.23 26.78
N LEU B 298 4.20 -11.87 27.92
CA LEU B 298 2.85 -12.31 28.24
C LEU B 298 1.98 -11.20 28.80
N LYS B 299 2.53 -9.99 28.99
CA LYS B 299 1.78 -8.87 29.57
C LYS B 299 1.14 -9.25 30.90
N SER B 300 1.93 -9.89 31.76
CA SER B 300 1.41 -10.39 33.02
C SER B 300 2.51 -10.30 34.07
N PHE B 301 2.15 -10.67 35.31
CA PHE B 301 3.08 -10.71 36.43
C PHE B 301 3.11 -12.08 37.09
N THR B 302 2.35 -13.03 36.60
CA THR B 302 2.24 -14.37 37.17
C THR B 302 2.33 -15.44 36.08
N VAL B 303 3.35 -15.33 35.23
CA VAL B 303 3.47 -16.24 34.10
C VAL B 303 3.48 -17.70 34.56
N GLU B 304 2.93 -18.57 33.73
CA GLU B 304 2.62 -19.95 34.08
C GLU B 304 3.70 -20.88 33.54
N LYS B 305 3.64 -22.14 34.00
CA LYS B 305 4.57 -23.17 33.56
C LYS B 305 4.43 -23.41 32.06
N GLY B 306 5.57 -23.52 31.38
CA GLY B 306 5.58 -23.82 29.96
C GLY B 306 6.78 -23.22 29.29
N ILE B 307 6.81 -23.38 27.97
CA ILE B 307 7.86 -22.83 27.12
C ILE B 307 7.24 -21.76 26.24
N TYR B 308 7.86 -20.57 26.24
CA TYR B 308 7.32 -19.42 25.53
C TYR B 308 8.40 -18.87 24.61
N GLN B 309 8.07 -18.73 23.33
CA GLN B 309 8.98 -18.13 22.38
C GLN B 309 9.14 -16.66 22.73
N THR B 310 10.35 -16.26 23.12
CA THR B 310 10.59 -14.89 23.58
C THR B 310 11.24 -14.03 22.50
N SER B 311 12.31 -14.52 21.88
CA SER B 311 13.03 -13.72 20.90
C SER B 311 13.80 -14.65 19.98
N ASN B 312 14.58 -14.04 19.09
CA ASN B 312 15.40 -14.79 18.15
C ASN B 312 16.87 -14.62 18.49
N PHE B 313 17.58 -15.74 18.51
CA PHE B 313 19.01 -15.75 18.78
C PHE B 313 19.74 -15.38 17.50
N ARG B 314 20.63 -14.40 17.59
CA ARG B 314 21.42 -13.95 16.45
C ARG B 314 22.88 -13.87 16.84
N VAL B 315 23.75 -14.10 15.86
CA VAL B 315 25.18 -13.90 16.04
C VAL B 315 25.63 -12.86 15.02
N GLN B 316 26.01 -11.69 15.52
CA GLN B 316 26.42 -10.62 14.63
C GLN B 316 27.78 -10.93 14.01
N PRO B 317 28.04 -10.46 12.79
CA PRO B 317 29.40 -10.57 12.24
C PRO B 317 30.38 -9.72 13.04
N THR B 318 31.63 -10.15 13.05
CA THR B 318 32.67 -9.47 13.81
C THR B 318 33.79 -8.90 12.95
N GLU B 319 33.84 -9.24 11.67
CA GLU B 319 34.90 -8.77 10.79
C GLU B 319 34.32 -8.22 9.50
N SER B 320 35.11 -7.39 8.83
CA SER B 320 34.77 -6.82 7.54
C SER B 320 35.74 -7.35 6.48
N ILE B 321 35.20 -7.92 5.42
CA ILE B 321 36.00 -8.49 4.35
C ILE B 321 35.56 -7.82 3.06
N VAL B 322 36.36 -6.87 2.58
CA VAL B 322 36.14 -6.21 1.30
C VAL B 322 37.28 -6.62 0.38
N ARG B 323 36.95 -7.24 -0.74
CA ARG B 323 37.94 -7.80 -1.63
C ARG B 323 37.52 -7.60 -3.08
N PHE B 324 38.47 -7.21 -3.91
CA PHE B 324 38.26 -7.08 -5.34
C PHE B 324 39.38 -7.81 -6.09
N PRO B 325 39.06 -8.44 -7.22
CA PRO B 325 39.98 -9.42 -7.81
C PRO B 325 41.26 -8.86 -8.42
N ASN B 326 42.14 -8.33 -7.57
CA ASN B 326 43.57 -8.17 -7.83
C ASN B 326 43.90 -7.54 -9.19
N ILE B 327 43.01 -6.71 -9.73
CA ILE B 327 43.25 -6.13 -11.05
C ILE B 327 44.46 -5.21 -10.98
N THR B 328 45.40 -5.38 -11.93
CA THR B 328 46.61 -4.55 -11.96
C THR B 328 46.44 -3.36 -12.90
N ASN B 329 46.24 -3.64 -14.18
CA ASN B 329 45.79 -2.68 -15.21
C ASN B 329 46.28 -1.26 -14.95
N LEU B 330 47.60 -1.09 -15.01
CA LEU B 330 48.23 0.19 -14.71
C LEU B 330 47.75 1.30 -15.63
N CYS B 331 47.06 2.29 -15.06
CA CYS B 331 46.72 3.49 -15.81
C CYS B 331 47.99 4.32 -16.06
N PRO B 332 48.16 4.90 -17.25
CA PRO B 332 49.30 5.80 -17.45
C PRO B 332 49.12 7.15 -16.78
N PHE B 333 49.76 7.33 -15.64
CA PHE B 333 49.83 8.63 -14.97
C PHE B 333 51.25 9.07 -14.72
N ASP B 334 52.10 8.19 -14.18
CA ASP B 334 53.50 8.55 -13.94
C ASP B 334 54.29 8.61 -15.24
N GLU B 335 54.02 7.69 -16.17
CA GLU B 335 54.74 7.70 -17.44
C GLU B 335 54.46 8.96 -18.24
N VAL B 336 53.26 9.52 -18.12
CA VAL B 336 52.96 10.78 -18.79
C VAL B 336 53.69 11.94 -18.14
N PHE B 337 53.76 11.94 -16.81
CA PHE B 337 54.27 13.10 -16.09
C PHE B 337 55.79 13.24 -16.18
N ASN B 338 56.48 12.17 -16.58
CA ASN B 338 57.93 12.20 -16.77
C ASN B 338 58.31 11.72 -18.16
N ALA B 339 57.55 12.14 -19.17
CA ALA B 339 57.82 11.73 -20.55
C ALA B 339 59.00 12.49 -21.12
N THR B 340 59.49 12.02 -22.27
CA THR B 340 60.59 12.69 -22.95
C THR B 340 60.18 14.09 -23.39
N ARG B 341 58.97 14.22 -23.93
CA ARG B 341 58.44 15.51 -24.34
C ARG B 341 56.92 15.50 -24.18
N PHE B 342 56.39 16.55 -23.56
CA PHE B 342 54.95 16.72 -23.40
C PHE B 342 54.35 17.30 -24.69
N ALA B 343 53.10 17.73 -24.61
CA ALA B 343 52.43 18.39 -25.71
C ALA B 343 52.13 19.84 -25.34
N SER B 344 51.97 20.67 -26.37
CA SER B 344 51.72 22.09 -26.14
C SER B 344 50.37 22.29 -25.46
N VAL B 345 50.24 23.40 -24.73
CA VAL B 345 49.02 23.65 -23.96
C VAL B 345 47.84 23.93 -24.88
N TYR B 346 48.04 24.76 -25.92
CA TYR B 346 46.94 25.01 -26.85
C TYR B 346 46.55 23.74 -27.58
N ALA B 347 47.53 22.95 -28.00
CA ALA B 347 47.28 21.62 -28.56
C ALA B 347 47.39 20.56 -27.47
N TRP B 348 46.64 20.75 -26.39
CA TRP B 348 46.67 19.81 -25.27
C TRP B 348 46.26 18.42 -25.73
N ASN B 349 47.08 17.43 -25.39
CA ASN B 349 46.84 16.06 -25.84
C ASN B 349 45.72 15.44 -25.02
N ARG B 350 44.74 14.85 -25.70
CA ARG B 350 43.62 14.18 -25.04
C ARG B 350 43.99 12.72 -24.82
N LYS B 351 44.55 12.44 -23.65
CA LYS B 351 44.95 11.08 -23.31
C LYS B 351 43.72 10.31 -22.82
N ARG B 352 43.44 9.18 -23.47
CA ARG B 352 42.28 8.39 -23.11
C ARG B 352 42.60 7.52 -21.90
N ILE B 353 41.96 7.81 -20.78
CA ILE B 353 42.15 7.07 -19.53
C ILE B 353 40.89 6.26 -19.31
N SER B 354 40.93 4.99 -19.70
CA SER B 354 39.82 4.06 -19.51
C SER B 354 40.37 2.65 -19.65
N ASN B 355 39.54 1.68 -19.26
CA ASN B 355 39.86 0.25 -19.26
C ASN B 355 40.93 -0.11 -18.26
N CYS B 356 41.40 0.84 -17.45
CA CYS B 356 42.42 0.61 -16.44
C CYS B 356 41.91 1.06 -15.07
N VAL B 357 42.68 0.74 -14.03
CA VAL B 357 42.29 1.02 -12.65
C VAL B 357 43.17 2.13 -12.11
N ALA B 358 42.53 3.14 -11.50
CA ALA B 358 43.23 4.33 -11.04
C ALA B 358 43.86 4.11 -9.67
N ASP B 359 45.00 4.77 -9.46
CA ASP B 359 45.85 4.59 -8.30
C ASP B 359 46.22 5.94 -7.68
N TYR B 360 45.19 6.76 -7.40
CA TYR B 360 45.38 8.13 -6.95
C TYR B 360 46.37 8.28 -5.80
N SER B 361 46.68 7.19 -5.09
CA SER B 361 47.67 7.25 -4.02
C SER B 361 49.04 7.69 -4.51
N VAL B 362 49.33 7.50 -5.80
CA VAL B 362 50.62 7.93 -6.35
C VAL B 362 50.56 9.37 -6.89
N LEU B 363 49.38 9.98 -6.95
CA LEU B 363 49.30 11.39 -7.30
C LEU B 363 50.04 12.27 -6.30
N TYR B 364 50.24 11.77 -5.08
CA TYR B 364 51.03 12.44 -4.06
C TYR B 364 52.51 12.19 -4.31
N ASN B 365 53.34 12.46 -3.29
CA ASN B 365 54.80 12.33 -3.33
C ASN B 365 55.43 13.07 -4.51
N PHE B 366 54.74 14.08 -5.04
CA PHE B 366 55.30 15.01 -6.00
C PHE B 366 55.86 16.23 -5.26
N ALA B 367 56.14 17.30 -5.99
CA ALA B 367 56.70 18.50 -5.38
C ALA B 367 55.75 19.04 -4.32
N PRO B 368 56.28 19.48 -3.17
CA PRO B 368 55.40 19.86 -2.06
C PRO B 368 54.56 21.08 -2.35
N PHE B 369 53.40 21.14 -1.70
CA PHE B 369 52.45 22.27 -1.83
C PHE B 369 52.03 22.48 -3.29
N PHE B 370 52.01 21.39 -4.06
CA PHE B 370 51.50 21.46 -5.42
C PHE B 370 49.98 21.57 -5.38
N ALA B 371 49.45 22.42 -6.27
CA ALA B 371 48.00 22.61 -6.33
C ALA B 371 47.31 21.29 -6.65
N PHE B 372 46.30 20.96 -5.85
CA PHE B 372 45.52 19.74 -6.04
C PHE B 372 44.04 20.08 -5.99
N LYS B 373 43.64 21.14 -6.68
CA LYS B 373 42.27 21.59 -6.60
C LYS B 373 41.36 20.56 -7.27
N CYS B 374 40.14 20.46 -6.79
CA CYS B 374 39.18 19.53 -7.39
C CYS B 374 37.80 20.17 -7.40
N TYR B 375 37.12 20.01 -8.53
CA TYR B 375 35.83 20.63 -8.77
C TYR B 375 34.80 19.53 -9.01
N GLY B 376 33.80 19.48 -8.13
CA GLY B 376 32.74 18.49 -8.22
C GLY B 376 32.95 17.24 -7.39
N VAL B 377 34.17 16.94 -6.97
CA VAL B 377 34.46 15.74 -6.21
C VAL B 377 35.83 15.82 -5.55
N SER B 378 35.96 15.29 -4.34
CA SER B 378 37.20 15.38 -3.59
C SER B 378 38.28 14.49 -4.22
N PRO B 379 39.55 14.91 -4.15
CA PRO B 379 40.62 14.11 -4.76
C PRO B 379 40.80 12.74 -4.15
N THR B 380 40.56 12.58 -2.85
CA THR B 380 40.77 11.30 -2.20
C THR B 380 39.58 10.36 -2.32
N LYS B 381 38.38 10.89 -2.53
CA LYS B 381 37.18 10.08 -2.69
C LYS B 381 37.07 9.46 -4.07
N LEU B 382 37.94 9.87 -5.01
CA LEU B 382 37.89 9.34 -6.37
C LEU B 382 38.08 7.83 -6.40
N ASN B 383 38.71 7.26 -5.38
CA ASN B 383 38.89 5.81 -5.32
C ASN B 383 37.55 5.08 -5.21
N ASP B 384 36.54 5.74 -4.65
CA ASP B 384 35.22 5.14 -4.49
C ASP B 384 34.26 5.49 -5.61
N LEU B 385 34.74 6.13 -6.67
CA LEU B 385 33.91 6.50 -7.80
C LEU B 385 34.38 5.82 -9.07
N CYS B 386 33.43 5.50 -9.93
CA CYS B 386 33.69 4.89 -11.22
C CYS B 386 33.32 5.88 -12.32
N PHE B 387 34.01 5.76 -13.46
CA PHE B 387 33.84 6.72 -14.54
C PHE B 387 33.81 5.99 -15.88
N THR B 388 32.92 6.45 -16.77
CA THR B 388 32.93 5.95 -18.13
C THR B 388 34.22 6.30 -18.83
N ASN B 389 34.71 7.51 -18.62
CA ASN B 389 35.98 7.94 -19.19
C ASN B 389 36.67 8.91 -18.24
N VAL B 390 37.98 8.94 -18.34
CA VAL B 390 38.80 9.92 -17.63
C VAL B 390 39.79 10.51 -18.62
N TYR B 391 40.03 11.80 -18.52
CA TYR B 391 41.00 12.50 -19.35
C TYR B 391 42.07 13.09 -18.43
N ALA B 392 43.29 12.57 -18.53
CA ALA B 392 44.42 13.13 -17.80
C ALA B 392 45.19 14.10 -18.70
N ASP B 393 44.48 15.15 -19.12
CA ASP B 393 45.07 16.16 -19.97
C ASP B 393 46.21 16.86 -19.23
N SER B 394 47.38 16.91 -19.85
CA SER B 394 48.55 17.46 -19.21
C SER B 394 49.18 18.52 -20.10
N PHE B 395 49.62 19.62 -19.49
CA PHE B 395 50.31 20.67 -20.23
C PHE B 395 51.21 21.41 -19.25
N VAL B 396 52.06 22.28 -19.78
CA VAL B 396 52.96 23.10 -18.98
C VAL B 396 52.71 24.56 -19.31
N ILE B 397 52.40 25.36 -18.30
CA ILE B 397 52.06 26.76 -18.49
C ILE B 397 52.86 27.61 -17.49
N ARG B 398 52.65 28.92 -17.57
CA ARG B 398 53.26 29.86 -16.65
C ARG B 398 52.70 29.66 -15.24
N GLY B 399 53.32 30.36 -14.29
CA GLY B 399 52.83 30.31 -12.92
C GLY B 399 51.47 30.97 -12.75
N ASN B 400 51.27 32.10 -13.42
CA ASN B 400 50.05 32.88 -13.25
C ASN B 400 48.84 32.31 -13.97
N GLU B 401 49.05 31.41 -14.93
CA GLU B 401 47.93 30.87 -15.71
C GLU B 401 47.34 29.60 -15.11
N VAL B 402 47.88 29.13 -13.99
CA VAL B 402 47.31 27.94 -13.33
C VAL B 402 45.91 28.25 -12.82
N SER B 403 45.74 29.41 -12.17
CA SER B 403 44.44 29.77 -11.62
C SER B 403 43.38 29.94 -12.70
N GLN B 404 43.79 30.24 -13.94
CA GLN B 404 42.83 30.36 -15.03
C GLN B 404 42.17 29.01 -15.32
N ILE B 405 42.87 27.91 -15.08
CA ILE B 405 42.31 26.59 -15.31
C ILE B 405 41.38 26.29 -14.14
N ALA B 406 40.11 26.66 -14.29
CA ALA B 406 39.10 26.50 -13.25
C ALA B 406 37.73 26.80 -13.85
N PRO B 407 36.68 26.10 -13.42
CA PRO B 407 35.33 26.42 -13.90
C PRO B 407 34.95 27.85 -13.58
N GLY B 408 34.29 28.49 -14.55
CA GLY B 408 33.81 29.86 -14.36
C GLY B 408 34.88 30.93 -14.41
N GLN B 409 36.09 30.60 -14.84
CA GLN B 409 37.19 31.55 -14.88
C GLN B 409 37.49 32.00 -16.31
N THR B 410 38.25 33.09 -16.41
CA THR B 410 38.62 33.65 -17.70
C THR B 410 40.13 33.89 -17.74
N GLY B 411 40.59 34.58 -18.78
CA GLY B 411 42.01 34.86 -18.91
C GLY B 411 42.54 34.70 -20.32
N ASN B 412 43.70 34.05 -20.46
CA ASN B 412 44.29 33.81 -21.76
C ASN B 412 44.32 32.32 -22.10
N ILE B 413 44.88 31.51 -21.21
CA ILE B 413 44.89 30.07 -21.43
C ILE B 413 43.48 29.49 -21.27
N ALA B 414 42.74 29.95 -20.27
CA ALA B 414 41.39 29.45 -20.05
C ALA B 414 40.45 29.87 -21.17
N ASP B 415 40.75 30.97 -21.85
CA ASP B 415 39.88 31.51 -22.90
C ASP B 415 40.26 31.03 -24.30
N TYR B 416 41.55 30.87 -24.56
CA TYR B 416 42.03 30.61 -25.92
C TYR B 416 42.99 29.43 -26.01
N ASN B 417 43.18 28.68 -24.93
CA ASN B 417 44.00 27.48 -24.98
C ASN B 417 43.28 26.23 -24.51
N TYR B 418 42.52 26.31 -23.43
CA TYR B 418 41.81 25.16 -22.88
C TYR B 418 40.72 25.68 -21.96
N LYS B 419 39.47 25.37 -22.28
CA LYS B 419 38.33 25.90 -21.55
C LYS B 419 37.87 24.88 -20.52
N LEU B 420 37.88 25.28 -19.25
CA LEU B 420 37.32 24.44 -18.20
C LEU B 420 35.85 24.80 -18.01
N PRO B 421 34.92 23.89 -18.28
CA PRO B 421 33.50 24.22 -18.20
C PRO B 421 33.08 24.57 -16.79
N ASP B 422 32.08 25.44 -16.69
CA ASP B 422 31.58 25.87 -15.38
C ASP B 422 31.14 24.70 -14.53
N ASP B 423 30.74 23.60 -15.16
CA ASP B 423 30.39 22.36 -14.48
C ASP B 423 31.47 21.30 -14.62
N PHE B 424 32.74 21.71 -14.67
CA PHE B 424 33.82 20.74 -14.79
C PHE B 424 33.86 19.81 -13.58
N THR B 425 33.98 18.52 -13.86
CA THR B 425 34.06 17.49 -12.82
C THR B 425 35.45 16.86 -12.89
N GLY B 426 36.13 16.81 -11.76
CA GLY B 426 37.46 16.24 -11.71
C GLY B 426 38.36 17.09 -10.85
N CYS B 427 39.59 17.24 -11.30
CA CYS B 427 40.61 17.97 -10.54
C CYS B 427 41.54 18.72 -11.49
N VAL B 428 42.16 19.76 -10.97
CA VAL B 428 43.28 20.45 -11.60
C VAL B 428 44.48 20.32 -10.66
N ILE B 429 45.56 19.73 -11.18
CA ILE B 429 46.75 19.42 -10.38
C ILE B 429 47.94 20.12 -11.03
N ALA B 430 48.59 21.01 -10.28
CA ALA B 430 49.72 21.77 -10.80
C ALA B 430 50.93 21.55 -9.91
N TRP B 431 52.01 21.05 -10.49
CA TRP B 431 53.26 20.84 -9.76
C TRP B 431 54.43 21.37 -10.57
N ASN B 432 55.48 21.79 -9.87
CA ASN B 432 56.59 22.45 -10.54
C ASN B 432 57.52 21.44 -11.21
N SER B 433 57.92 21.76 -12.43
CA SER B 433 58.89 20.99 -13.17
C SER B 433 60.01 21.89 -13.66
N ASN B 434 60.50 22.76 -12.77
CA ASN B 434 61.52 23.72 -13.15
C ASN B 434 62.79 23.02 -13.59
N LYS B 435 63.21 21.99 -12.86
CA LYS B 435 64.31 21.15 -13.32
C LYS B 435 63.91 20.32 -14.54
N LEU B 436 62.73 19.70 -14.48
CA LEU B 436 62.32 18.76 -15.51
C LEU B 436 62.06 19.47 -16.85
N ASP B 437 61.76 20.77 -16.82
CA ASP B 437 61.49 21.51 -18.04
C ASP B 437 62.54 22.59 -18.32
N SER B 438 62.79 23.48 -17.35
CA SER B 438 63.56 24.68 -17.61
C SER B 438 65.05 24.44 -17.39
N THR B 439 65.84 24.74 -18.43
CA THR B 439 67.29 24.77 -18.34
C THR B 439 67.76 26.21 -18.50
N VAL B 440 69.08 26.40 -18.37
CA VAL B 440 69.64 27.74 -18.47
C VAL B 440 69.44 28.31 -19.87
N GLY B 441 69.51 27.45 -20.89
CA GLY B 441 69.29 27.90 -22.25
C GLY B 441 67.84 28.07 -22.66
N GLY B 442 66.91 27.50 -21.90
CA GLY B 442 65.50 27.68 -22.18
C GLY B 442 64.81 26.48 -22.81
N ASN B 443 63.57 26.22 -22.40
CA ASN B 443 62.77 25.15 -22.97
C ASN B 443 61.76 25.77 -23.95
N TYR B 444 61.84 25.37 -25.22
CA TYR B 444 61.04 26.00 -26.28
C TYR B 444 60.36 24.97 -27.17
N ASN B 445 59.99 23.81 -26.65
CA ASN B 445 59.07 22.91 -27.32
C ASN B 445 57.63 23.13 -26.90
N TYR B 446 57.39 23.98 -25.91
CA TYR B 446 56.04 24.32 -25.48
C TYR B 446 55.62 25.62 -26.15
N ARG B 447 54.40 25.64 -26.69
CA ARG B 447 53.83 26.82 -27.29
C ARG B 447 52.42 27.01 -26.77
N TYR B 448 51.98 28.27 -26.67
CA TYR B 448 50.68 28.59 -26.11
C TYR B 448 49.96 29.59 -27.01
N ARG B 449 48.67 29.37 -27.19
CA ARG B 449 47.83 30.31 -27.92
C ARG B 449 47.44 31.47 -27.02
N LEU B 450 47.27 32.65 -27.62
CA LEU B 450 46.90 33.84 -26.90
C LEU B 450 45.62 34.49 -27.41
N PHE B 451 45.28 34.31 -28.69
CA PHE B 451 44.07 34.88 -29.26
C PHE B 451 43.34 33.81 -30.05
N ARG B 452 42.02 33.96 -30.14
CA ARG B 452 41.21 33.11 -31.00
C ARG B 452 39.96 33.90 -31.38
N LYS B 453 39.27 33.42 -32.42
CA LYS B 453 38.08 34.09 -32.91
C LYS B 453 37.06 34.32 -31.80
N SER B 454 36.75 33.26 -31.05
CA SER B 454 35.88 33.34 -29.89
C SER B 454 36.47 32.49 -28.77
N LYS B 455 35.84 32.57 -27.60
CA LYS B 455 36.26 31.75 -26.48
C LYS B 455 36.12 30.27 -26.83
N LEU B 456 37.18 29.51 -26.56
CA LEU B 456 37.18 28.08 -26.86
C LEU B 456 36.04 27.38 -26.11
N LYS B 457 35.34 26.50 -26.81
CA LYS B 457 34.30 25.71 -26.17
C LYS B 457 34.93 24.74 -25.17
N PRO B 458 34.19 24.36 -24.12
CA PRO B 458 34.74 23.41 -23.14
C PRO B 458 35.29 22.15 -23.79
N PHE B 459 36.59 21.93 -23.63
CA PHE B 459 37.32 20.78 -24.15
C PHE B 459 37.37 20.76 -25.69
N GLU B 460 36.95 21.83 -26.35
CA GLU B 460 37.16 21.92 -27.80
C GLU B 460 38.62 22.26 -28.07
N ARG B 461 39.29 21.40 -28.83
CA ARG B 461 40.72 21.54 -29.08
C ARG B 461 40.94 22.19 -30.44
N ASP B 462 41.85 23.17 -30.47
CA ASP B 462 42.20 23.89 -31.69
C ASP B 462 43.73 23.81 -31.83
N ILE B 463 44.21 22.73 -32.44
CA ILE B 463 45.65 22.56 -32.66
C ILE B 463 46.13 23.32 -33.89
N SER B 464 45.23 23.84 -34.71
CA SER B 464 45.62 24.47 -35.97
C SER B 464 46.41 25.75 -35.71
N THR B 465 47.40 25.98 -36.57
CA THR B 465 48.24 27.17 -36.53
C THR B 465 47.80 28.18 -37.60
N GLU B 466 46.49 28.27 -37.80
CA GLU B 466 45.93 29.06 -38.88
C GLU B 466 46.20 30.54 -38.67
N ILE B 467 46.19 31.28 -39.77
CA ILE B 467 46.31 32.74 -39.73
C ILE B 467 44.98 33.32 -39.26
N TYR B 468 45.05 34.25 -38.30
CA TYR B 468 43.86 34.82 -37.69
C TYR B 468 43.53 36.14 -38.35
N GLN B 469 42.26 36.28 -38.74
CA GLN B 469 41.80 37.48 -39.45
C GLN B 469 40.70 38.13 -38.62
N ALA B 470 40.98 39.33 -38.10
CA ALA B 470 39.99 40.09 -37.34
C ALA B 470 40.10 41.57 -37.71
N GLY B 471 40.49 41.85 -38.94
CA GLY B 471 40.66 43.20 -39.43
C GLY B 471 39.75 43.51 -40.60
N ASN B 472 40.24 44.37 -41.49
CA ASN B 472 39.48 44.78 -42.66
C ASN B 472 39.81 43.96 -43.90
N LYS B 473 41.02 43.41 -43.99
CA LYS B 473 41.41 42.58 -45.12
C LYS B 473 42.17 41.38 -44.60
N PRO B 474 42.06 40.22 -45.25
CA PRO B 474 42.74 39.01 -44.75
C PRO B 474 44.25 39.06 -44.94
N CYS B 475 44.97 38.21 -44.20
CA CYS B 475 46.42 38.17 -44.26
C CYS B 475 46.95 37.15 -45.27
N ASN B 476 46.07 36.35 -45.87
CA ASN B 476 46.41 35.37 -46.92
C ASN B 476 47.67 34.57 -46.59
N GLY B 477 47.70 34.01 -45.38
CA GLY B 477 48.70 33.06 -44.97
C GLY B 477 50.01 33.66 -44.48
N VAL B 478 50.51 34.70 -45.15
CA VAL B 478 51.77 35.30 -44.77
C VAL B 478 51.56 36.09 -43.48
N ALA B 479 52.66 36.43 -42.81
CA ALA B 479 52.63 37.24 -41.60
C ALA B 479 52.91 38.68 -42.01
N GLY B 480 51.84 39.44 -42.25
CA GLY B 480 51.99 40.81 -42.71
C GLY B 480 51.52 41.85 -41.71
N VAL B 481 50.85 42.90 -42.20
CA VAL B 481 50.38 43.96 -41.33
C VAL B 481 49.05 43.56 -40.71
N ASN B 482 48.94 43.72 -39.39
CA ASN B 482 47.81 43.26 -38.60
C ASN B 482 47.64 41.75 -38.73
N CYS B 483 48.76 41.05 -38.52
CA CYS B 483 48.83 39.60 -38.67
C CYS B 483 49.80 39.04 -37.65
N TYR B 484 49.31 38.19 -36.75
CA TYR B 484 50.14 37.54 -35.74
C TYR B 484 50.05 36.03 -35.90
N PHE B 485 51.20 35.36 -35.81
CA PHE B 485 51.20 33.91 -35.71
C PHE B 485 50.74 33.52 -34.31
N PRO B 486 49.69 32.70 -34.16
CA PRO B 486 49.14 32.44 -32.83
C PRO B 486 50.01 31.57 -31.94
N LEU B 487 51.25 31.28 -32.33
CA LEU B 487 52.14 30.44 -31.54
C LEU B 487 53.25 31.28 -30.91
N GLN B 488 53.43 31.12 -29.60
CA GLN B 488 54.52 31.74 -28.87
C GLN B 488 54.97 30.79 -27.78
N SER B 489 56.29 30.71 -27.57
CA SER B 489 56.87 29.83 -26.57
C SER B 489 57.07 30.56 -25.26
N TYR B 490 57.02 29.80 -24.16
CA TYR B 490 57.10 30.38 -22.83
C TYR B 490 58.50 30.92 -22.51
N GLY B 491 59.54 30.14 -22.76
CA GLY B 491 60.88 30.57 -22.43
C GLY B 491 61.29 30.26 -21.00
N PHE B 492 61.09 29.00 -20.58
CA PHE B 492 61.32 28.60 -19.20
C PHE B 492 62.80 28.67 -18.84
N ARG B 493 63.09 29.16 -17.63
CA ARG B 493 64.44 29.23 -17.08
C ARG B 493 64.46 28.63 -15.67
N PRO B 494 65.61 28.13 -15.20
CA PRO B 494 65.62 27.39 -13.93
C PRO B 494 65.58 28.26 -12.69
N THR B 495 65.83 29.56 -12.81
CA THR B 495 65.75 30.48 -11.68
C THR B 495 64.63 31.49 -11.88
N TYR B 496 63.61 31.12 -12.66
CA TYR B 496 62.50 32.01 -12.95
C TYR B 496 61.76 32.40 -11.68
N GLY B 497 61.07 33.53 -11.73
CA GLY B 497 60.17 33.92 -10.67
C GLY B 497 59.05 32.91 -10.53
N VAL B 498 58.48 32.87 -9.32
CA VAL B 498 57.46 31.88 -9.01
C VAL B 498 56.26 32.01 -9.95
N GLY B 499 56.00 33.23 -10.44
CA GLY B 499 54.91 33.43 -11.37
C GLY B 499 55.21 33.08 -12.81
N HIS B 500 56.43 32.64 -13.11
CA HIS B 500 56.79 32.32 -14.50
C HIS B 500 57.52 30.98 -14.63
N GLN B 501 57.69 30.21 -13.56
CA GLN B 501 58.37 28.94 -13.70
C GLN B 501 57.46 27.93 -14.41
N PRO B 502 58.05 26.95 -15.11
CA PRO B 502 57.22 25.95 -15.80
C PRO B 502 56.39 25.12 -14.83
N TYR B 503 55.08 25.29 -14.88
CA TYR B 503 54.18 24.55 -14.01
C TYR B 503 53.40 23.53 -14.82
N ARG B 504 53.52 22.26 -14.45
CA ARG B 504 52.72 21.21 -15.08
C ARG B 504 51.32 21.25 -14.49
N VAL B 505 50.34 21.57 -15.33
CA VAL B 505 48.93 21.60 -14.96
C VAL B 505 48.24 20.45 -15.68
N VAL B 506 47.52 19.62 -14.92
CA VAL B 506 46.86 18.44 -15.40
C VAL B 506 45.39 18.53 -14.99
N VAL B 507 44.51 18.49 -15.98
CA VAL B 507 43.08 18.59 -15.77
C VAL B 507 42.51 17.18 -15.87
N LEU B 508 42.44 16.51 -14.72
CA LEU B 508 41.88 15.15 -14.65
C LEU B 508 40.36 15.30 -14.68
N SER B 509 39.79 15.08 -15.86
CA SER B 509 38.35 15.25 -16.08
C SER B 509 37.68 13.89 -16.04
N PHE B 510 36.52 13.82 -15.41
CA PHE B 510 35.72 12.59 -15.35
C PHE B 510 34.48 12.77 -16.22
N GLU B 511 34.36 11.96 -17.26
CA GLU B 511 33.27 12.03 -18.22
C GLU B 511 32.37 10.81 -18.06
N LEU B 512 31.07 11.06 -17.91
CA LEU B 512 30.06 10.02 -17.77
C LEU B 512 29.08 10.14 -18.92
N LEU B 513 29.01 9.12 -19.76
CA LEU B 513 28.06 9.10 -20.87
C LEU B 513 27.36 7.75 -20.87
N HIS B 514 26.58 7.50 -21.92
CA HIS B 514 25.76 6.29 -22.03
C HIS B 514 26.67 5.09 -22.33
N ALA B 515 27.61 4.88 -21.42
CA ALA B 515 28.65 3.87 -21.52
C ALA B 515 28.91 3.35 -20.12
N PRO B 516 29.52 2.18 -19.99
CA PRO B 516 29.85 1.68 -18.65
C PRO B 516 31.00 2.46 -18.05
N ALA B 517 31.14 2.32 -16.75
CA ALA B 517 32.26 2.92 -16.03
C ALA B 517 33.48 2.02 -16.23
N THR B 518 34.06 2.09 -17.43
CA THR B 518 35.18 1.22 -17.76
C THR B 518 36.50 1.66 -17.14
N VAL B 519 36.56 2.85 -16.54
CA VAL B 519 37.68 3.26 -15.73
C VAL B 519 37.19 3.54 -14.32
N CYS B 520 37.75 2.81 -13.35
CA CYS B 520 37.39 2.94 -11.95
C CYS B 520 38.67 3.06 -11.14
N GLY B 521 38.50 3.37 -9.85
CA GLY B 521 39.62 3.43 -8.95
C GLY B 521 39.51 2.56 -7.71
N PRO B 522 38.97 1.29 -7.83
CA PRO B 522 38.70 0.47 -6.65
C PRO B 522 39.96 -0.21 -6.11
N LYS B 523 41.03 0.56 -5.95
CA LYS B 523 42.29 0.05 -5.42
C LYS B 523 42.23 -0.02 -3.90
N LYS B 524 41.24 -0.72 -3.37
CA LYS B 524 41.08 -0.86 -1.93
C LYS B 524 40.66 -2.29 -1.64
N SER B 525 41.56 -3.07 -1.04
CA SER B 525 41.27 -4.45 -0.69
C SER B 525 41.69 -4.71 0.74
N THR B 526 40.90 -5.53 1.43
CA THR B 526 41.24 -6.06 2.73
C THR B 526 42.01 -7.38 2.52
N ASN B 527 42.20 -8.11 3.60
CA ASN B 527 42.69 -9.48 3.49
C ASN B 527 41.48 -10.39 3.42
N LEU B 528 41.70 -11.71 3.51
CA LEU B 528 40.62 -12.68 3.48
C LEU B 528 40.86 -13.68 4.62
N VAL B 529 40.31 -13.38 5.79
CA VAL B 529 40.37 -14.24 6.96
C VAL B 529 39.10 -15.07 6.97
N LYS B 530 39.23 -16.36 7.25
CA LYS B 530 38.15 -17.32 7.05
C LYS B 530 37.77 -18.02 8.34
N ASN B 531 36.65 -18.75 8.23
CA ASN B 531 36.10 -19.60 9.30
C ASN B 531 35.57 -18.77 10.47
N LYS B 532 34.89 -17.67 10.15
CA LYS B 532 34.16 -16.87 11.13
C LYS B 532 32.91 -16.33 10.45
N CYS B 533 31.84 -16.13 11.23
CA CYS B 533 30.68 -15.41 10.72
C CYS B 533 31.05 -13.95 10.61
N VAL B 534 31.35 -13.49 9.39
CA VAL B 534 31.86 -12.17 9.12
C VAL B 534 30.95 -11.48 8.12
N ASN B 535 31.29 -10.23 7.79
CA ASN B 535 30.74 -9.51 6.66
C ASN B 535 31.76 -9.53 5.53
N PHE B 536 31.34 -9.98 4.36
CA PHE B 536 32.22 -10.07 3.21
C PHE B 536 31.55 -9.37 2.04
N ASN B 537 32.37 -8.81 1.15
CA ASN B 537 31.88 -8.23 -0.10
C ASN B 537 32.91 -8.56 -1.18
N PHE B 538 32.71 -9.68 -1.86
CA PHE B 538 33.58 -10.06 -2.97
C PHE B 538 33.22 -9.20 -4.18
N ASN B 539 33.76 -7.98 -4.17
CA ASN B 539 33.68 -7.06 -5.30
C ASN B 539 32.24 -6.93 -5.80
N GLY B 540 31.40 -6.33 -4.97
CA GLY B 540 29.99 -6.23 -5.26
C GLY B 540 29.19 -7.42 -4.82
N LEU B 541 29.85 -8.50 -4.42
CA LEU B 541 29.16 -9.69 -3.92
C LEU B 541 29.10 -9.61 -2.40
N THR B 542 28.13 -8.84 -1.91
CA THR B 542 27.96 -8.68 -0.48
C THR B 542 27.41 -9.94 0.16
N GLY B 543 27.60 -10.06 1.46
CA GLY B 543 26.99 -11.14 2.21
C GLY B 543 27.50 -11.16 3.62
N THR B 544 26.74 -11.85 4.47
CA THR B 544 27.13 -12.10 5.86
C THR B 544 27.11 -13.59 6.11
N GLY B 545 28.25 -14.13 6.53
CA GLY B 545 28.29 -15.54 6.84
C GLY B 545 29.71 -16.04 7.02
N VAL B 546 29.85 -17.36 6.92
CA VAL B 546 31.12 -18.04 7.09
C VAL B 546 31.63 -18.48 5.73
N LEU B 547 32.83 -18.05 5.39
CA LEU B 547 33.50 -18.48 4.16
C LEU B 547 34.32 -19.72 4.46
N THR B 548 34.00 -20.82 3.81
CA THR B 548 34.71 -22.08 4.01
C THR B 548 35.32 -22.54 2.70
N GLU B 549 36.33 -23.39 2.78
CA GLU B 549 36.94 -23.92 1.56
C GLU B 549 35.95 -24.80 0.81
N SER B 550 35.92 -24.64 -0.52
CA SER B 550 34.96 -25.33 -1.37
C SER B 550 35.62 -26.50 -2.08
N ASN B 551 34.90 -27.62 -2.15
CA ASN B 551 35.36 -28.77 -2.92
C ASN B 551 34.91 -28.73 -4.38
N LYS B 552 34.17 -27.70 -4.79
CA LYS B 552 33.60 -27.64 -6.13
C LYS B 552 34.43 -26.72 -7.01
N LYS B 553 34.76 -27.19 -8.20
CA LYS B 553 35.55 -26.41 -9.15
C LYS B 553 34.67 -25.47 -9.96
N PHE B 554 35.03 -24.19 -9.92
CA PHE B 554 34.35 -23.13 -10.65
C PHE B 554 34.80 -23.14 -12.10
N LEU B 555 33.87 -22.94 -13.02
CA LEU B 555 34.19 -22.96 -14.45
C LEU B 555 35.14 -21.80 -14.77
N PRO B 556 36.02 -21.96 -15.77
CA PRO B 556 37.01 -20.91 -16.08
C PRO B 556 36.45 -19.51 -16.17
N PHE B 557 35.14 -19.33 -16.40
CA PHE B 557 34.62 -17.98 -16.50
C PHE B 557 33.48 -17.70 -15.53
N GLN B 558 32.95 -18.73 -14.86
CA GLN B 558 31.79 -18.53 -14.01
C GLN B 558 32.16 -17.81 -12.73
N GLN B 559 31.23 -17.01 -12.23
CA GLN B 559 31.55 -15.99 -11.24
C GLN B 559 31.36 -16.45 -9.81
N PHE B 560 30.13 -16.74 -9.40
CA PHE B 560 29.86 -17.05 -8.01
C PHE B 560 28.62 -17.93 -7.95
N GLY B 561 28.66 -18.90 -7.04
CA GLY B 561 27.61 -19.92 -7.05
C GLY B 561 26.25 -19.37 -6.68
N ARG B 562 25.22 -19.93 -7.29
CA ARG B 562 23.83 -19.69 -6.89
C ARG B 562 23.14 -21.04 -6.80
N ASP B 563 22.21 -21.14 -5.85
CA ASP B 563 21.44 -22.35 -5.67
C ASP B 563 20.16 -22.26 -6.51
N ILE B 564 19.26 -23.21 -6.29
CA ILE B 564 18.03 -23.22 -7.07
C ILE B 564 17.19 -21.99 -6.77
N ALA B 565 17.09 -21.61 -5.50
CA ALA B 565 16.26 -20.47 -5.12
C ALA B 565 17.06 -19.17 -5.04
N ASP B 566 17.84 -18.89 -6.08
CA ASP B 566 18.46 -17.57 -6.28
C ASP B 566 19.21 -17.09 -5.04
N THR B 567 20.08 -17.92 -4.49
CA THR B 567 20.79 -17.59 -3.26
C THR B 567 22.30 -17.61 -3.47
N THR B 568 22.98 -16.62 -2.92
CA THR B 568 24.42 -16.47 -3.04
C THR B 568 25.08 -17.49 -2.10
N ASP B 569 25.07 -18.75 -2.50
CA ASP B 569 25.57 -19.82 -1.62
C ASP B 569 27.00 -20.24 -1.88
N ALA B 570 27.35 -20.63 -3.10
CA ALA B 570 28.71 -21.01 -3.43
C ALA B 570 29.44 -19.79 -3.98
N VAL B 571 30.75 -19.89 -4.13
CA VAL B 571 31.52 -18.73 -4.54
C VAL B 571 32.90 -19.19 -5.00
N ARG B 572 33.52 -18.34 -5.80
CA ARG B 572 34.92 -18.48 -6.17
C ARG B 572 35.65 -17.23 -5.73
N ASP B 573 36.81 -17.42 -5.11
CA ASP B 573 37.63 -16.30 -4.66
C ASP B 573 37.96 -15.41 -5.85
N PRO B 574 37.60 -14.12 -5.82
CA PRO B 574 37.90 -13.26 -6.96
C PRO B 574 39.38 -12.95 -7.12
N GLN B 575 40.09 -12.66 -6.03
CA GLN B 575 41.49 -12.27 -6.14
C GLN B 575 42.34 -13.40 -6.72
N THR B 576 42.13 -14.62 -6.24
CA THR B 576 42.99 -15.74 -6.58
C THR B 576 42.16 -16.99 -6.83
N LEU B 577 42.78 -17.97 -7.50
CA LEU B 577 42.09 -19.12 -8.05
C LEU B 577 41.82 -20.16 -6.95
N GLU B 578 40.89 -19.82 -6.07
CA GLU B 578 40.37 -20.77 -5.09
C GLU B 578 38.85 -20.65 -5.09
N ILE B 579 38.20 -21.56 -4.38
CA ILE B 579 36.74 -21.60 -4.35
C ILE B 579 36.30 -21.69 -2.90
N LEU B 580 35.22 -20.99 -2.58
CA LEU B 580 34.70 -21.01 -1.23
C LEU B 580 33.21 -21.29 -1.24
N ASP B 581 32.67 -21.57 -0.06
CA ASP B 581 31.26 -21.69 0.19
C ASP B 581 30.82 -20.71 1.26
N ILE B 582 29.64 -20.11 1.04
CA ILE B 582 29.07 -19.12 1.95
C ILE B 582 28.05 -19.83 2.82
N THR B 583 28.24 -19.77 4.13
CA THR B 583 27.40 -20.39 5.14
C THR B 583 26.62 -19.32 5.89
N PRO B 584 25.30 -19.46 6.04
CA PRO B 584 24.56 -18.49 6.85
C PRO B 584 25.04 -18.51 8.30
N CYS B 585 25.00 -17.33 8.92
CA CYS B 585 25.42 -17.24 10.31
C CYS B 585 24.44 -18.01 11.20
N SER B 586 24.92 -18.34 12.39
CA SER B 586 24.30 -19.31 13.29
C SER B 586 23.00 -18.86 13.90
N PHE B 587 22.37 -17.76 13.47
CA PHE B 587 21.20 -17.25 14.18
C PHE B 587 20.07 -18.27 14.18
N GLY B 588 19.51 -18.52 15.36
CA GLY B 588 18.33 -19.36 15.50
C GLY B 588 17.20 -18.63 16.22
N GLY B 589 16.86 -19.11 17.41
CA GLY B 589 15.86 -18.46 18.24
C GLY B 589 16.19 -18.69 19.70
N VAL B 590 15.29 -18.21 20.57
CA VAL B 590 15.43 -18.34 22.02
C VAL B 590 14.06 -18.64 22.58
N SER B 591 13.97 -19.61 23.47
CA SER B 591 12.73 -19.95 24.17
C SER B 591 13.05 -20.15 25.64
N VAL B 592 12.04 -19.91 26.49
CA VAL B 592 12.22 -19.91 27.94
C VAL B 592 11.36 -21.03 28.52
N ILE B 593 12.00 -21.97 29.21
CA ILE B 593 11.31 -23.06 29.88
C ILE B 593 11.28 -22.75 31.38
N THR B 594 10.07 -22.69 31.94
CA THR B 594 9.86 -22.33 33.32
C THR B 594 8.76 -23.19 33.94
N PRO B 595 8.87 -23.53 35.22
CA PRO B 595 7.69 -23.99 35.96
C PRO B 595 6.81 -22.82 36.34
N GLY B 596 5.82 -23.05 37.21
CA GLY B 596 5.01 -21.94 37.69
C GLY B 596 5.86 -20.90 38.39
N THR B 597 5.55 -19.63 38.13
CA THR B 597 6.28 -18.54 38.77
C THR B 597 6.12 -18.59 40.29
N ASN B 598 4.90 -18.88 40.76
CA ASN B 598 4.68 -19.10 42.18
C ASN B 598 5.47 -20.28 42.72
N THR B 599 5.87 -21.21 41.87
CA THR B 599 6.66 -22.37 42.27
C THR B 599 8.15 -22.10 42.24
N SER B 600 8.65 -21.36 41.25
CA SER B 600 10.08 -21.13 41.14
C SER B 600 10.32 -19.82 40.42
N ASN B 601 11.55 -19.30 40.57
CA ASN B 601 12.03 -18.18 39.81
C ASN B 601 13.24 -18.54 38.96
N GLN B 602 13.74 -19.76 39.09
CA GLN B 602 14.79 -20.26 38.21
C GLN B 602 14.17 -20.61 36.85
N VAL B 603 15.04 -20.84 35.87
CA VAL B 603 14.61 -20.92 34.48
C VAL B 603 15.58 -21.80 33.69
N ALA B 604 15.19 -22.13 32.46
CA ALA B 604 16.11 -22.69 31.48
C ALA B 604 15.85 -22.00 30.14
N VAL B 605 16.88 -21.98 29.28
CA VAL B 605 16.77 -21.31 27.98
C VAL B 605 17.19 -22.28 26.89
N LEU B 606 16.34 -22.42 25.88
CA LEU B 606 16.61 -23.27 24.73
C LEU B 606 16.91 -22.39 23.52
N TYR B 607 18.03 -22.66 22.86
CA TYR B 607 18.35 -22.03 21.59
C TYR B 607 18.09 -23.04 20.49
N GLN B 608 17.06 -22.78 19.69
CA GLN B 608 16.59 -23.74 18.69
C GLN B 608 17.46 -23.66 17.45
N GLY B 609 17.79 -24.82 16.89
CA GLY B 609 18.59 -24.94 15.70
C GLY B 609 20.08 -24.98 15.94
N VAL B 610 20.61 -24.10 16.78
CA VAL B 610 22.06 -24.06 17.00
C VAL B 610 22.50 -25.32 17.73
N ASN B 611 23.80 -25.61 17.64
CA ASN B 611 24.39 -26.75 18.32
C ASN B 611 25.32 -26.27 19.42
N CYS B 612 25.22 -26.91 20.58
CA CYS B 612 26.00 -26.47 21.75
C CYS B 612 27.48 -26.40 21.46
N THR B 613 27.99 -27.27 20.58
CA THR B 613 29.43 -27.42 20.42
C THR B 613 30.08 -26.14 19.91
N GLU B 614 29.57 -25.58 18.83
CA GLU B 614 30.22 -24.45 18.17
C GLU B 614 29.38 -23.18 18.20
N VAL B 615 28.32 -23.14 18.98
CA VAL B 615 27.42 -21.98 18.93
C VAL B 615 28.14 -20.76 19.50
N PRO B 616 28.20 -19.66 18.76
CA PRO B 616 28.80 -18.42 19.31
C PRO B 616 27.85 -17.71 20.27
N VAL B 617 27.80 -18.21 21.50
CA VAL B 617 26.97 -17.60 22.53
C VAL B 617 27.75 -16.41 23.06
N ALA B 618 27.53 -15.25 22.46
CA ALA B 618 28.19 -14.02 22.87
C ALA B 618 27.49 -13.47 24.11
N ILE B 619 27.83 -12.25 24.50
CA ILE B 619 27.22 -11.63 25.67
C ILE B 619 25.83 -11.14 25.29
N HIS B 620 24.82 -11.94 25.58
CA HIS B 620 23.44 -11.55 25.29
C HIS B 620 22.91 -10.59 26.35
N ALA B 621 22.85 -11.04 27.61
CA ALA B 621 22.43 -10.21 28.71
C ALA B 621 23.12 -10.69 29.98
N ASP B 622 23.80 -9.79 30.68
CA ASP B 622 24.55 -10.11 31.88
C ASP B 622 23.71 -9.79 33.11
N GLN B 623 23.50 -10.79 33.96
CA GLN B 623 22.79 -10.61 35.21
C GLN B 623 23.18 -11.73 36.16
N LEU B 624 22.49 -11.82 37.29
CA LEU B 624 22.78 -12.85 38.27
C LEU B 624 22.41 -14.25 37.78
N THR B 625 21.51 -14.35 36.80
CA THR B 625 21.16 -15.66 36.27
C THR B 625 22.27 -16.18 35.36
N PRO B 626 22.42 -17.51 35.26
CA PRO B 626 23.49 -18.08 34.43
C PRO B 626 23.26 -17.96 32.93
N THR B 627 22.04 -17.70 32.49
CA THR B 627 21.72 -17.69 31.08
C THR B 627 22.19 -16.40 30.42
N TRP B 628 22.19 -16.40 29.08
CA TRP B 628 22.54 -15.25 28.26
C TRP B 628 23.98 -14.79 28.50
N ARG B 629 24.87 -15.70 28.87
CA ARG B 629 26.27 -15.41 29.07
C ARG B 629 27.11 -16.13 28.03
N VAL B 630 28.44 -16.04 28.19
CA VAL B 630 29.33 -16.78 27.29
C VAL B 630 29.18 -18.28 27.50
N TYR B 631 29.02 -18.70 28.75
CA TYR B 631 28.79 -20.11 29.05
C TYR B 631 28.00 -20.21 30.35
N SER B 632 27.38 -21.37 30.55
CA SER B 632 26.56 -21.64 31.73
C SER B 632 27.46 -21.85 32.95
N THR B 633 26.86 -22.24 34.07
CA THR B 633 27.61 -22.48 35.29
C THR B 633 28.25 -23.86 35.35
N GLY B 634 28.01 -24.72 34.36
CA GLY B 634 28.61 -26.04 34.38
C GLY B 634 28.04 -27.01 33.37
N SER B 635 27.76 -28.23 33.82
CA SER B 635 27.34 -29.31 32.94
C SER B 635 25.91 -29.18 32.44
N ASN B 636 25.16 -28.16 32.87
CA ASN B 636 23.79 -28.03 32.43
C ASN B 636 23.71 -27.38 31.06
N VAL B 637 24.45 -27.93 30.10
CA VAL B 637 24.40 -27.52 28.71
C VAL B 637 24.27 -28.79 27.88
N PHE B 638 23.06 -29.07 27.41
CA PHE B 638 22.77 -30.31 26.72
C PHE B 638 22.47 -30.03 25.26
N GLN B 639 22.95 -30.90 24.38
CA GLN B 639 22.82 -30.70 22.94
C GLN B 639 21.82 -31.70 22.38
N THR B 640 20.72 -31.21 21.84
CA THR B 640 19.72 -32.02 21.17
C THR B 640 19.54 -31.52 19.75
N ARG B 641 18.85 -32.33 18.94
CA ARG B 641 18.62 -31.96 17.54
C ARG B 641 17.91 -30.63 17.42
N ALA B 642 16.98 -30.35 18.35
CA ALA B 642 16.31 -29.06 18.35
C ALA B 642 17.29 -27.91 18.58
N GLY B 643 18.25 -28.12 19.46
CA GLY B 643 19.23 -27.07 19.71
C GLY B 643 20.07 -27.25 20.95
N CYS B 644 20.34 -26.16 21.64
CA CYS B 644 21.17 -26.14 22.83
C CYS B 644 20.33 -25.73 24.03
N LEU B 645 20.28 -26.59 25.04
CA LEU B 645 19.52 -26.31 26.26
C LEU B 645 20.51 -25.91 27.34
N ILE B 646 20.38 -24.67 27.82
CA ILE B 646 21.31 -24.06 28.75
C ILE B 646 20.57 -23.71 30.03
N GLY B 647 21.11 -24.14 31.16
CA GLY B 647 20.45 -23.99 32.44
C GLY B 647 19.75 -25.23 32.93
N ALA B 648 19.58 -26.23 32.07
CA ALA B 648 18.93 -27.48 32.43
C ALA B 648 19.94 -28.61 32.34
N GLU B 649 19.88 -29.53 33.30
CA GLU B 649 20.82 -30.64 33.36
C GLU B 649 20.20 -31.87 32.71
N TYR B 650 21.00 -32.59 31.93
CA TYR B 650 20.47 -33.78 31.27
C TYR B 650 20.32 -34.92 32.26
N VAL B 651 19.33 -35.79 32.00
CA VAL B 651 19.05 -36.93 32.85
C VAL B 651 19.03 -38.17 31.98
N ASN B 652 19.71 -39.23 32.42
CA ASN B 652 19.67 -40.50 31.71
C ASN B 652 18.33 -41.20 31.91
N ASN B 653 17.64 -40.92 33.01
CA ASN B 653 16.31 -41.48 33.21
C ASN B 653 15.29 -40.75 32.34
N SER B 654 14.13 -41.38 32.16
CA SER B 654 13.10 -40.86 31.28
C SER B 654 11.77 -40.81 32.02
N TYR B 655 11.12 -39.66 31.99
CA TYR B 655 9.79 -39.47 32.57
C TYR B 655 8.84 -38.96 31.49
N GLU B 656 7.60 -38.69 31.89
CA GLU B 656 6.61 -38.18 30.96
C GLU B 656 6.90 -36.73 30.60
N CYS B 657 6.44 -36.33 29.42
CA CYS B 657 6.75 -35.01 28.90
C CYS B 657 5.90 -33.96 29.60
N ASP B 658 6.55 -32.97 30.19
CA ASP B 658 5.87 -31.82 30.78
C ASP B 658 5.99 -30.58 29.90
N ILE B 659 7.21 -30.18 29.58
CA ILE B 659 7.47 -29.01 28.75
C ILE B 659 8.28 -29.47 27.54
N PRO B 660 7.62 -29.73 26.41
CA PRO B 660 8.34 -30.15 25.20
C PRO B 660 9.40 -29.13 24.79
N ILE B 661 10.65 -29.59 24.73
CA ILE B 661 11.76 -28.74 24.31
C ILE B 661 11.93 -28.77 22.80
N GLY B 662 11.98 -29.97 22.22
CA GLY B 662 12.16 -30.15 20.81
C GLY B 662 12.98 -31.39 20.51
N ALA B 663 12.57 -32.13 19.48
CA ALA B 663 13.27 -33.34 19.06
C ALA B 663 13.29 -34.41 20.16
N GLY B 664 12.14 -34.62 20.80
CA GLY B 664 11.97 -35.73 21.72
C GLY B 664 12.46 -35.51 23.13
N ILE B 665 13.08 -34.36 23.42
CA ILE B 665 13.60 -34.06 24.75
C ILE B 665 12.58 -33.19 25.47
N CYS B 666 12.31 -33.52 26.74
CA CYS B 666 11.31 -32.83 27.53
C CYS B 666 11.92 -32.36 28.85
N ALA B 667 11.48 -31.20 29.31
CA ALA B 667 12.02 -30.57 30.50
C ALA B 667 11.09 -30.73 31.69
N SER B 668 11.64 -30.45 32.88
CA SER B 668 10.88 -30.46 34.12
C SER B 668 11.71 -29.80 35.22
N TYR B 669 11.04 -29.00 36.05
CA TYR B 669 11.65 -28.49 37.27
C TYR B 669 11.49 -29.58 38.33
N GLN B 670 12.52 -30.41 38.48
CA GLN B 670 12.46 -31.56 39.38
C GLN B 670 13.18 -31.23 40.68
N THR B 671 12.43 -31.21 41.77
CA THR B 671 12.96 -30.94 43.10
C THR B 671 13.60 -32.24 43.60
N GLN B 672 14.91 -32.22 43.78
CA GLN B 672 15.66 -33.40 44.18
C GLN B 672 16.59 -33.06 45.34
N THR B 673 16.97 -34.11 46.08
CA THR B 673 17.92 -33.99 47.18
C THR B 673 19.33 -34.40 46.77
N LYS B 674 19.62 -34.42 45.46
CA LYS B 674 20.98 -34.68 45.02
C LYS B 674 21.92 -33.59 45.52
N SER B 675 21.49 -32.33 45.47
CA SER B 675 22.23 -31.25 46.11
C SER B 675 22.15 -31.34 47.63
N HIS B 676 21.15 -32.05 48.16
CA HIS B 676 20.95 -32.21 49.61
C HIS B 676 20.85 -30.86 50.31
N GLY B 677 20.19 -29.90 49.67
CA GLY B 677 20.00 -28.57 50.22
C GLY B 677 18.59 -28.36 50.72
N SER B 678 18.05 -27.17 50.46
CA SER B 678 16.70 -26.85 50.88
C SER B 678 15.68 -27.66 50.09
N ALA B 679 14.55 -27.94 50.73
CA ALA B 679 13.53 -28.78 50.10
C ALA B 679 12.91 -28.08 48.89
N SER B 680 12.49 -26.83 49.04
CA SER B 680 11.79 -26.12 47.99
C SER B 680 12.73 -25.47 46.98
N SER B 681 14.04 -25.50 47.21
CA SER B 681 14.99 -24.85 46.30
C SER B 681 16.27 -25.66 46.30
N VAL B 682 16.57 -26.31 45.18
CA VAL B 682 17.84 -27.02 45.06
C VAL B 682 18.97 -26.02 44.81
N ALA B 683 20.20 -26.47 45.03
CA ALA B 683 21.35 -25.57 44.99
C ALA B 683 21.52 -24.94 43.60
N SER B 684 21.49 -25.76 42.56
CA SER B 684 21.58 -25.27 41.20
C SER B 684 20.18 -25.00 40.66
N GLN B 685 20.05 -24.79 39.36
CA GLN B 685 18.74 -24.72 38.74
C GLN B 685 18.15 -26.12 38.62
N SER B 686 16.91 -26.29 39.06
CA SER B 686 16.27 -27.59 39.07
C SER B 686 15.69 -27.99 37.73
N ILE B 687 15.89 -27.18 36.68
CA ILE B 687 15.38 -27.54 35.37
C ILE B 687 16.27 -28.62 34.77
N ILE B 688 15.66 -29.76 34.46
CA ILE B 688 16.36 -30.88 33.86
C ILE B 688 15.66 -31.27 32.57
N ALA B 689 16.42 -31.87 31.67
CA ALA B 689 15.93 -32.37 30.39
C ALA B 689 16.11 -33.87 30.36
N TYR B 690 15.28 -34.54 29.58
CA TYR B 690 15.40 -35.99 29.50
C TYR B 690 14.69 -36.48 28.25
N THR B 691 15.10 -37.66 27.78
CA THR B 691 14.37 -38.30 26.70
C THR B 691 12.94 -38.53 27.13
N MET B 692 11.99 -38.16 26.28
CA MET B 692 10.59 -38.29 26.60
C MET B 692 10.24 -39.76 26.78
N SER B 693 9.89 -40.16 27.99
CA SER B 693 9.38 -41.51 28.20
C SER B 693 8.03 -41.61 27.48
N LEU B 694 8.02 -42.29 26.35
CA LEU B 694 6.77 -42.49 25.61
C LEU B 694 5.74 -43.26 26.43
N GLY B 695 6.09 -43.65 27.65
CA GLY B 695 5.21 -44.34 28.56
C GLY B 695 5.92 -45.48 29.23
N ALA B 696 5.18 -46.16 30.10
CA ALA B 696 5.68 -47.39 30.70
C ALA B 696 5.89 -48.43 29.61
N GLU B 697 7.14 -48.87 29.45
CA GLU B 697 7.48 -49.77 28.34
C GLU B 697 6.88 -51.14 28.65
N ASN B 698 5.57 -51.22 28.49
CA ASN B 698 4.86 -52.47 28.71
C ASN B 698 5.26 -53.49 27.65
N SER B 699 5.18 -54.76 28.02
CA SER B 699 5.44 -55.86 27.09
C SER B 699 4.19 -56.73 27.12
N VAL B 700 3.26 -56.47 26.21
CA VAL B 700 2.09 -57.34 26.09
C VAL B 700 2.59 -58.75 25.87
N ALA B 701 2.29 -59.63 26.83
CA ALA B 701 2.87 -60.96 26.79
C ALA B 701 2.22 -61.78 25.69
N TYR B 702 2.57 -61.47 24.44
CA TYR B 702 2.00 -62.23 23.34
C TYR B 702 2.41 -63.69 23.44
N SER B 703 1.43 -64.56 23.29
CA SER B 703 1.67 -65.99 23.18
C SER B 703 0.65 -66.55 22.22
N ASN B 704 1.04 -67.64 21.57
CA ASN B 704 0.14 -68.28 20.62
C ASN B 704 -1.10 -68.85 21.32
N ASN B 705 -1.17 -68.76 22.65
CA ASN B 705 -2.35 -69.23 23.37
C ASN B 705 -2.76 -68.35 24.53
N SER B 706 -2.11 -67.21 24.77
CA SER B 706 -2.38 -66.40 25.95
C SER B 706 -3.32 -65.25 25.61
N ILE B 707 -4.30 -65.01 26.49
CA ILE B 707 -5.25 -63.92 26.34
C ILE B 707 -5.48 -63.29 27.71
N ALA B 708 -6.04 -62.07 27.70
CA ALA B 708 -6.39 -61.36 28.92
C ALA B 708 -7.84 -60.91 28.83
N ILE B 709 -8.59 -61.09 29.92
CA ILE B 709 -9.97 -60.67 30.02
C ILE B 709 -10.10 -59.78 31.25
N PRO B 710 -10.74 -58.61 31.17
CA PRO B 710 -10.79 -57.72 32.33
C PRO B 710 -11.90 -58.10 33.31
N THR B 711 -11.51 -58.27 34.57
CA THR B 711 -12.39 -58.76 35.62
C THR B 711 -13.30 -57.68 36.19
N ASN B 712 -12.87 -56.43 36.16
CA ASN B 712 -13.57 -55.34 36.83
C ASN B 712 -13.63 -54.16 35.85
N PHE B 713 -14.37 -53.13 36.22
CA PHE B 713 -14.49 -51.96 35.37
C PHE B 713 -14.80 -50.74 36.21
N THR B 714 -14.65 -49.58 35.58
CA THR B 714 -15.03 -48.31 36.15
C THR B 714 -15.97 -47.63 35.18
N ILE B 715 -17.07 -47.11 35.71
CA ILE B 715 -17.95 -46.26 34.93
C ILE B 715 -17.31 -44.88 34.95
N SER B 716 -16.44 -44.62 33.98
CA SER B 716 -15.78 -43.34 33.92
C SER B 716 -16.76 -42.29 33.44
N VAL B 717 -16.64 -41.10 33.96
CA VAL B 717 -17.39 -39.95 33.46
C VAL B 717 -16.35 -38.92 33.04
N THR B 718 -15.94 -38.99 31.79
CA THR B 718 -15.01 -38.00 31.27
C THR B 718 -15.81 -36.73 31.02
N THR B 719 -15.16 -35.72 30.46
CA THR B 719 -15.81 -34.45 30.22
C THR B 719 -15.22 -33.83 28.98
N GLU B 720 -16.00 -33.78 27.91
CA GLU B 720 -15.54 -33.25 26.64
C GLU B 720 -16.23 -31.93 26.40
N ILE B 721 -15.44 -30.91 26.11
CA ILE B 721 -15.94 -29.55 25.94
C ILE B 721 -15.94 -29.26 24.45
N LEU B 722 -17.13 -29.03 23.89
CA LEU B 722 -17.22 -28.69 22.49
C LEU B 722 -17.68 -27.25 22.35
N PRO B 723 -16.86 -26.35 21.83
CA PRO B 723 -17.39 -25.06 21.40
C PRO B 723 -18.44 -25.25 20.32
N VAL B 724 -19.53 -24.50 20.44
CA VAL B 724 -20.70 -24.67 19.59
C VAL B 724 -21.01 -23.41 18.81
N SER B 725 -21.07 -22.26 19.49
CA SER B 725 -21.43 -21.01 18.85
C SER B 725 -20.59 -19.90 19.45
N MET B 726 -19.64 -19.40 18.68
CA MET B 726 -18.93 -18.20 19.09
C MET B 726 -19.90 -17.04 19.20
N THR B 727 -19.53 -16.05 20.00
CA THR B 727 -20.37 -14.87 20.18
C THR B 727 -20.68 -14.23 18.84
N LYS B 728 -21.95 -14.23 18.45
CA LYS B 728 -22.34 -13.60 17.20
C LYS B 728 -22.03 -12.10 17.27
N THR B 729 -21.52 -11.58 16.18
CA THR B 729 -21.01 -10.22 16.15
C THR B 729 -21.54 -9.49 14.93
N SER B 730 -21.74 -8.19 15.08
CA SER B 730 -22.13 -7.32 13.99
C SER B 730 -21.24 -6.11 14.00
N VAL B 731 -20.71 -5.75 12.85
CA VAL B 731 -19.80 -4.63 12.71
C VAL B 731 -20.46 -3.62 11.79
N ASP B 732 -20.95 -2.52 12.36
CA ASP B 732 -21.39 -1.39 11.55
C ASP B 732 -20.17 -0.82 10.86
N CYS B 733 -20.09 -1.04 9.54
CA CYS B 733 -18.89 -0.70 8.80
C CYS B 733 -18.49 0.76 8.99
N THR B 734 -19.45 1.67 8.90
CA THR B 734 -19.15 3.08 9.11
C THR B 734 -18.75 3.34 10.56
N MET B 735 -19.43 2.70 11.51
CA MET B 735 -19.14 2.98 12.91
C MET B 735 -17.73 2.53 13.28
N TYR B 736 -17.29 1.39 12.74
CA TYR B 736 -15.94 0.91 13.05
C TYR B 736 -14.89 1.62 12.20
N ILE B 737 -14.98 1.48 10.88
CA ILE B 737 -13.96 2.05 10.01
C ILE B 737 -13.96 3.56 10.10
N CYS B 738 -15.14 4.18 10.07
CA CYS B 738 -15.25 5.62 9.96
C CYS B 738 -15.70 6.32 11.23
N GLY B 739 -16.26 5.60 12.19
CA GLY B 739 -16.81 6.28 13.36
C GLY B 739 -18.02 7.10 13.00
N ASP B 740 -17.86 8.41 12.96
CA ASP B 740 -18.96 9.33 12.63
C ASP B 740 -18.62 10.30 11.50
N SER B 741 -17.38 10.33 11.04
CA SER B 741 -16.99 11.33 10.05
C SER B 741 -17.65 11.05 8.71
N THR B 742 -18.23 12.10 8.12
CA THR B 742 -18.89 11.97 6.83
C THR B 742 -17.91 11.75 5.69
N GLU B 743 -16.76 12.43 5.74
CA GLU B 743 -15.77 12.30 4.67
C GLU B 743 -15.28 10.88 4.56
N CYS B 744 -15.04 10.22 5.70
CA CYS B 744 -14.61 8.82 5.67
C CYS B 744 -15.67 7.93 5.04
N SER B 745 -16.94 8.15 5.37
CA SER B 745 -18.00 7.34 4.78
C SER B 745 -18.08 7.56 3.28
N ASN B 746 -17.95 8.81 2.83
CA ASN B 746 -17.99 9.09 1.40
C ASN B 746 -16.82 8.42 0.69
N LEU B 747 -15.62 8.48 1.27
CA LEU B 747 -14.47 7.83 0.65
C LEU B 747 -14.60 6.32 0.67
N LEU B 748 -15.23 5.76 1.72
CA LEU B 748 -15.46 4.32 1.76
C LEU B 748 -16.46 3.89 0.70
N LEU B 749 -17.48 4.71 0.44
CA LEU B 749 -18.36 4.45 -0.70
C LEU B 749 -17.59 4.54 -2.00
N GLN B 750 -16.70 5.53 -2.12
CA GLN B 750 -15.90 5.66 -3.33
C GLN B 750 -15.00 4.45 -3.55
N TYR B 751 -14.55 3.82 -2.46
CA TYR B 751 -13.69 2.65 -2.60
C TYR B 751 -14.46 1.45 -3.12
N GLY B 752 -15.71 1.26 -2.69
CA GLY B 752 -16.51 0.17 -3.18
C GLY B 752 -17.47 -0.41 -2.17
N SER B 753 -18.01 -1.58 -2.47
CA SER B 753 -19.00 -2.23 -1.62
C SER B 753 -18.38 -3.34 -0.79
N PHE B 754 -17.15 -3.12 -0.30
CA PHE B 754 -16.54 -4.07 0.62
C PHE B 754 -17.38 -4.20 1.87
N CYS B 755 -17.98 -3.10 2.32
CA CYS B 755 -18.82 -3.15 3.52
C CYS B 755 -20.01 -4.06 3.31
N THR B 756 -20.62 -4.03 2.12
CA THR B 756 -21.75 -4.90 1.85
C THR B 756 -21.33 -6.37 1.95
N GLN B 757 -20.18 -6.71 1.35
CA GLN B 757 -19.70 -8.09 1.41
C GLN B 757 -19.39 -8.50 2.83
N LEU B 758 -18.73 -7.61 3.59
CA LEU B 758 -18.37 -7.94 4.97
C LEU B 758 -19.62 -8.12 5.83
N LYS B 759 -20.60 -7.23 5.67
CA LYS B 759 -21.83 -7.36 6.43
C LYS B 759 -22.59 -8.62 6.06
N ARG B 760 -22.61 -8.96 4.77
CA ARG B 760 -23.27 -10.20 4.37
C ARG B 760 -22.55 -11.41 4.96
N ALA B 761 -21.23 -11.38 4.97
CA ALA B 761 -20.47 -12.48 5.58
C ALA B 761 -20.76 -12.58 7.06
N LEU B 762 -20.79 -11.45 7.76
CA LEU B 762 -21.05 -11.47 9.20
C LEU B 762 -22.47 -11.92 9.50
N THR B 763 -23.44 -11.48 8.69
CA THR B 763 -24.80 -11.95 8.86
C THR B 763 -24.90 -13.44 8.62
N GLY B 764 -24.19 -13.94 7.62
CA GLY B 764 -24.12 -15.38 7.42
C GLY B 764 -23.53 -16.08 8.62
N ILE B 765 -22.48 -15.50 9.20
CA ILE B 765 -21.87 -16.07 10.39
C ILE B 765 -22.85 -16.11 11.54
N ALA B 766 -23.60 -15.03 11.74
CA ALA B 766 -24.50 -14.93 12.87
C ALA B 766 -25.68 -15.88 12.72
N VAL B 767 -26.31 -15.89 11.55
CA VAL B 767 -27.38 -16.86 11.33
C VAL B 767 -26.82 -18.27 11.37
N GLU B 768 -25.54 -18.44 11.04
CA GLU B 768 -24.92 -19.74 11.18
C GLU B 768 -24.77 -20.13 12.64
N GLN B 769 -24.47 -19.17 13.50
CA GLN B 769 -24.39 -19.47 14.93
C GLN B 769 -25.75 -19.85 15.47
N ASP B 770 -26.79 -19.12 15.05
CA ASP B 770 -28.15 -19.49 15.44
C ASP B 770 -28.48 -20.90 14.95
N LYS B 771 -28.10 -21.21 13.71
CA LYS B 771 -28.30 -22.54 13.17
C LYS B 771 -27.50 -23.58 13.94
N ASN B 772 -26.29 -23.23 14.39
CA ASN B 772 -25.49 -24.14 15.18
C ASN B 772 -26.19 -24.50 16.46
N THR B 773 -26.66 -23.49 17.19
CA THR B 773 -27.38 -23.77 18.44
C THR B 773 -28.66 -24.54 18.17
N GLN B 774 -29.36 -24.22 17.08
CA GLN B 774 -30.59 -24.92 16.76
C GLN B 774 -30.33 -26.38 16.41
N GLU B 775 -29.22 -26.66 15.74
CA GLU B 775 -28.87 -28.02 15.37
C GLU B 775 -28.29 -28.79 16.55
N VAL B 776 -27.68 -28.10 17.50
CA VAL B 776 -27.11 -28.78 18.66
C VAL B 776 -28.18 -29.04 19.70
N PHE B 777 -28.83 -27.99 20.19
CA PHE B 777 -29.82 -28.13 21.26
C PHE B 777 -31.21 -28.39 20.70
N ALA B 778 -31.66 -27.55 19.78
CA ALA B 778 -33.05 -27.57 19.31
C ALA B 778 -33.24 -28.72 18.31
N GLN B 779 -33.00 -29.93 18.81
CA GLN B 779 -33.26 -31.14 18.04
C GLN B 779 -34.60 -31.76 18.39
N VAL B 780 -35.45 -31.03 19.09
CA VAL B 780 -36.75 -31.52 19.52
C VAL B 780 -37.78 -30.40 19.34
N LYS B 781 -38.98 -30.78 18.94
CA LYS B 781 -40.06 -29.80 18.82
C LYS B 781 -40.67 -29.50 20.19
N GLN B 782 -41.18 -30.53 20.85
CA GLN B 782 -41.80 -30.34 22.15
C GLN B 782 -40.75 -30.12 23.23
N ILE B 783 -41.17 -29.43 24.29
CA ILE B 783 -40.34 -29.19 25.47
C ILE B 783 -40.86 -30.05 26.59
N TYR B 784 -39.95 -30.70 27.31
CA TYR B 784 -40.31 -31.70 28.31
C TYR B 784 -40.00 -31.16 29.70
N LYS B 785 -40.94 -31.36 30.61
CA LYS B 785 -40.78 -30.99 32.00
C LYS B 785 -40.30 -32.19 32.79
N THR B 786 -39.29 -31.97 33.63
CA THR B 786 -38.78 -33.04 34.46
C THR B 786 -39.88 -33.51 35.43
N PRO B 787 -39.90 -34.80 35.77
CA PRO B 787 -40.89 -35.29 36.71
C PRO B 787 -40.74 -34.59 38.05
N PRO B 788 -41.85 -34.31 38.73
CA PRO B 788 -41.76 -33.63 40.03
C PRO B 788 -40.95 -34.42 41.06
N ILE B 789 -41.04 -35.74 41.04
CA ILE B 789 -40.25 -36.60 41.90
C ILE B 789 -38.99 -36.97 41.13
N LYS B 790 -37.85 -36.41 41.54
CA LYS B 790 -36.60 -36.61 40.81
C LYS B 790 -35.80 -37.75 41.43
N TYR B 791 -36.38 -38.94 41.39
CA TYR B 791 -35.69 -40.16 41.77
C TYR B 791 -35.54 -41.05 40.55
N PHE B 792 -34.31 -41.49 40.29
CA PHE B 792 -33.99 -42.22 39.08
C PHE B 792 -33.14 -43.44 39.40
N GLY B 793 -33.58 -44.23 40.38
CA GLY B 793 -32.92 -45.48 40.67
C GLY B 793 -31.61 -45.37 41.42
N GLY B 794 -31.32 -44.21 42.00
CA GLY B 794 -30.08 -43.97 42.71
C GLY B 794 -29.07 -43.15 41.95
N PHE B 795 -29.27 -42.99 40.64
CA PHE B 795 -28.43 -42.10 39.85
C PHE B 795 -28.79 -40.67 40.22
N ASN B 796 -27.90 -40.00 40.93
CA ASN B 796 -28.18 -38.69 41.49
C ASN B 796 -27.88 -37.62 40.43
N PHE B 797 -28.92 -37.10 39.78
CA PHE B 797 -28.78 -36.08 38.76
C PHE B 797 -28.88 -34.66 39.33
N SER B 798 -28.69 -34.50 40.63
CA SER B 798 -28.98 -33.22 41.26
C SER B 798 -28.11 -32.11 40.70
N GLN B 799 -26.83 -32.39 40.49
CA GLN B 799 -25.92 -31.35 40.00
C GLN B 799 -26.10 -31.04 38.52
N ILE B 800 -26.90 -31.82 37.79
CA ILE B 800 -27.13 -31.56 36.38
C ILE B 800 -28.57 -31.16 36.08
N LEU B 801 -29.54 -31.62 36.89
CA LEU B 801 -30.89 -31.13 36.74
C LEU B 801 -30.98 -29.69 37.22
N PRO B 802 -31.93 -28.92 36.70
CA PRO B 802 -32.08 -27.53 37.16
C PRO B 802 -32.41 -27.47 38.64
N ASP B 803 -31.85 -26.48 39.31
CA ASP B 803 -32.14 -26.24 40.72
C ASP B 803 -33.23 -25.19 40.84
N PRO B 804 -34.41 -25.52 41.37
CA PRO B 804 -35.48 -24.52 41.48
C PRO B 804 -35.16 -23.39 42.45
N SER B 805 -34.17 -23.56 43.33
CA SER B 805 -33.91 -22.55 44.35
C SER B 805 -33.36 -21.26 43.74
N LYS B 806 -32.20 -21.33 43.10
CA LYS B 806 -31.59 -20.14 42.55
C LYS B 806 -32.41 -19.61 41.37
N PRO B 807 -32.51 -18.29 41.21
CA PRO B 807 -33.34 -17.74 40.12
C PRO B 807 -32.86 -18.14 38.73
N SER B 808 -31.55 -18.34 38.54
CA SER B 808 -31.03 -18.67 37.23
C SER B 808 -31.54 -20.02 36.74
N LYS B 809 -31.91 -20.93 37.65
CA LYS B 809 -32.42 -22.25 37.36
C LYS B 809 -31.39 -23.16 36.70
N ARG B 810 -30.18 -22.66 36.48
CA ARG B 810 -29.12 -23.51 35.95
C ARG B 810 -28.68 -24.52 37.00
N SER B 811 -28.22 -25.67 36.52
CA SER B 811 -27.77 -26.72 37.43
C SER B 811 -26.47 -26.30 38.13
N PRO B 812 -26.18 -26.89 39.28
CA PRO B 812 -24.92 -26.55 39.97
C PRO B 812 -23.69 -26.75 39.11
N ILE B 813 -23.66 -27.82 38.30
CA ILE B 813 -22.54 -27.99 37.37
C ILE B 813 -22.55 -26.88 36.34
N GLU B 814 -23.74 -26.54 35.83
CA GLU B 814 -23.83 -25.40 34.92
C GLU B 814 -23.43 -24.11 35.61
N ASP B 815 -23.73 -23.98 36.90
CA ASP B 815 -23.32 -22.81 37.65
C ASP B 815 -21.80 -22.72 37.74
N LEU B 816 -21.14 -23.84 38.01
CA LEU B 816 -19.68 -23.86 38.03
C LEU B 816 -19.12 -23.52 36.66
N LEU B 817 -19.73 -24.07 35.60
CA LEU B 817 -19.26 -23.79 34.25
C LEU B 817 -19.42 -22.33 33.89
N PHE B 818 -20.47 -21.69 34.40
CA PHE B 818 -20.66 -20.26 34.13
C PHE B 818 -19.69 -19.42 34.96
N ASN B 819 -19.42 -19.83 36.19
CA ASN B 819 -18.48 -19.09 37.04
C ASN B 819 -17.07 -19.16 36.49
N LYS B 820 -16.63 -20.35 36.07
CA LYS B 820 -15.26 -20.51 35.60
C LYS B 820 -14.98 -19.68 34.36
N VAL B 821 -15.90 -19.70 33.40
CA VAL B 821 -15.72 -18.95 32.17
C VAL B 821 -16.01 -17.48 32.44
N THR B 822 -15.14 -16.61 31.93
CA THR B 822 -15.35 -15.17 32.07
C THR B 822 -16.67 -14.78 31.40
N LEU B 823 -17.38 -13.86 32.03
CA LEU B 823 -18.74 -13.54 31.61
C LEU B 823 -18.71 -12.71 30.32
N ALA B 824 -19.91 -12.41 29.83
CA ALA B 824 -20.07 -11.64 28.60
C ALA B 824 -21.35 -10.81 28.72
N ASP B 825 -21.45 -9.79 27.87
CA ASP B 825 -22.59 -8.89 27.92
C ASP B 825 -23.88 -9.60 27.53
N ALA B 826 -24.98 -9.22 28.19
CA ALA B 826 -26.30 -9.76 27.90
C ALA B 826 -27.34 -8.65 27.72
N GLY B 827 -26.89 -7.40 27.58
CA GLY B 827 -27.82 -6.30 27.40
C GLY B 827 -28.71 -6.02 28.58
N PHE B 828 -28.16 -6.01 29.79
CA PHE B 828 -28.96 -5.75 30.98
C PHE B 828 -29.52 -4.32 30.95
N ILE B 829 -30.76 -4.18 31.41
CA ILE B 829 -31.45 -2.89 31.39
C ILE B 829 -30.89 -2.03 32.52
N LYS B 830 -29.95 -1.15 32.18
CA LYS B 830 -29.34 -0.25 33.15
C LYS B 830 -29.56 1.22 32.80
N GLN B 831 -30.40 1.51 31.81
CA GLN B 831 -30.66 2.88 31.36
C GLN B 831 -29.38 3.60 30.97
N TYR B 832 -28.43 2.84 30.41
CA TYR B 832 -27.13 3.36 30.03
C TYR B 832 -27.07 3.83 28.58
N GLY B 833 -28.18 3.70 27.84
CA GLY B 833 -28.18 4.03 26.43
C GLY B 833 -27.62 2.89 25.59
N ASP B 834 -26.66 2.17 26.15
CA ASP B 834 -26.06 1.01 25.50
C ASP B 834 -26.39 -0.22 26.34
N CYS B 835 -27.64 -0.30 26.81
CA CYS B 835 -28.11 -1.37 27.68
C CYS B 835 -27.26 -1.45 28.94
N LEU B 836 -26.27 -2.33 28.95
CA LEU B 836 -25.40 -2.50 30.10
C LEU B 836 -24.13 -1.66 29.93
N GLY B 837 -23.45 -1.43 31.05
CA GLY B 837 -22.20 -0.69 31.04
C GLY B 837 -21.85 -0.09 32.39
N ASP B 838 -20.57 -0.16 32.75
CA ASP B 838 -20.08 0.41 34.00
C ASP B 838 -18.84 1.22 33.69
N ILE B 839 -18.28 1.86 34.72
CA ILE B 839 -17.11 2.72 34.59
C ILE B 839 -16.18 2.42 35.76
N ALA B 840 -14.87 2.53 35.51
CA ALA B 840 -13.84 2.19 36.50
C ALA B 840 -13.97 0.73 36.93
N ALA B 841 -14.33 -0.12 35.98
CA ALA B 841 -14.52 -1.54 36.22
C ALA B 841 -14.19 -2.29 34.92
N ARG B 842 -14.70 -3.50 34.79
CA ARG B 842 -14.48 -4.31 33.59
C ARG B 842 -15.36 -3.76 32.47
N ASP B 843 -14.88 -2.69 31.85
CA ASP B 843 -15.63 -1.97 30.82
C ASP B 843 -15.15 -2.29 29.42
N LEU B 844 -14.51 -3.44 29.20
CA LEU B 844 -14.06 -3.79 27.87
C LEU B 844 -15.23 -3.92 26.89
N ILE B 845 -16.39 -4.35 27.38
CA ILE B 845 -17.57 -4.45 26.52
C ILE B 845 -17.96 -3.06 26.03
N CYS B 846 -18.07 -2.10 26.95
CA CYS B 846 -18.38 -0.73 26.55
C CYS B 846 -17.27 -0.13 25.70
N ALA B 847 -16.02 -0.47 25.99
CA ALA B 847 -14.91 0.04 25.19
C ALA B 847 -15.01 -0.44 23.74
N GLN B 848 -15.38 -1.72 23.55
CA GLN B 848 -15.56 -2.23 22.19
C GLN B 848 -16.78 -1.62 21.52
N LYS B 849 -17.89 -1.53 22.25
CA LYS B 849 -19.12 -1.02 21.65
C LYS B 849 -19.02 0.48 21.37
N PHE B 850 -18.05 1.16 21.98
CA PHE B 850 -17.75 2.53 21.58
C PHE B 850 -17.31 2.59 20.12
N LYS B 851 -16.74 1.49 19.62
CA LYS B 851 -16.18 1.47 18.27
C LYS B 851 -17.08 0.76 17.26
N GLY B 852 -18.27 0.34 17.66
CA GLY B 852 -19.24 -0.22 16.74
C GLY B 852 -19.33 -1.73 16.72
N LEU B 853 -18.33 -2.43 17.23
CA LEU B 853 -18.38 -3.88 17.30
C LEU B 853 -19.42 -4.30 18.32
N THR B 854 -20.58 -4.75 17.84
CA THR B 854 -21.71 -5.04 18.73
C THR B 854 -21.93 -6.54 18.81
N VAL B 855 -22.24 -7.02 20.01
CA VAL B 855 -22.53 -8.42 20.22
C VAL B 855 -24.05 -8.57 20.26
N LEU B 856 -24.62 -9.02 19.16
CA LEU B 856 -26.04 -9.30 19.13
C LEU B 856 -26.36 -10.44 20.09
N PRO B 857 -27.49 -10.38 20.78
CA PRO B 857 -27.85 -11.46 21.69
C PRO B 857 -28.15 -12.74 20.93
N PRO B 858 -27.88 -13.90 21.52
CA PRO B 858 -28.36 -15.14 20.92
C PRO B 858 -29.87 -15.14 20.88
N LEU B 859 -30.42 -15.77 19.84
CA LEU B 859 -31.88 -15.85 19.74
C LEU B 859 -32.47 -16.55 20.95
N LEU B 860 -31.90 -17.69 21.33
CA LEU B 860 -32.29 -18.39 22.54
C LEU B 860 -31.48 -17.83 23.69
N THR B 861 -32.16 -17.20 24.65
CA THR B 861 -31.46 -16.64 25.80
C THR B 861 -30.76 -17.73 26.59
N ASP B 862 -29.83 -17.31 27.46
CA ASP B 862 -29.15 -18.27 28.32
C ASP B 862 -30.17 -19.11 29.10
N GLU B 863 -31.23 -18.47 29.58
CA GLU B 863 -32.31 -19.23 30.20
C GLU B 863 -33.03 -20.10 29.17
N MET B 864 -33.18 -19.61 27.95
CA MET B 864 -33.85 -20.40 26.92
C MET B 864 -32.99 -21.58 26.47
N ILE B 865 -31.69 -21.34 26.27
CA ILE B 865 -30.79 -22.45 25.96
C ILE B 865 -30.77 -23.44 27.11
N ALA B 866 -30.81 -22.93 28.35
CA ALA B 866 -30.86 -23.82 29.50
C ALA B 866 -32.15 -24.62 29.52
N GLN B 867 -33.26 -24.02 29.10
CA GLN B 867 -34.52 -24.77 29.07
C GLN B 867 -34.51 -25.81 27.97
N TYR B 868 -33.92 -25.49 26.83
CA TYR B 868 -33.76 -26.50 25.78
C TYR B 868 -32.87 -27.65 26.25
N THR B 869 -31.79 -27.31 26.95
CA THR B 869 -30.92 -28.35 27.51
C THR B 869 -31.67 -29.16 28.55
N SER B 870 -32.51 -28.52 29.35
CA SER B 870 -33.33 -29.25 30.31
C SER B 870 -34.29 -30.18 29.61
N ALA B 871 -34.88 -29.74 28.50
CA ALA B 871 -35.76 -30.60 27.73
C ALA B 871 -35.00 -31.81 27.18
N LEU B 872 -33.80 -31.57 26.65
CA LEU B 872 -32.98 -32.67 26.16
C LEU B 872 -32.63 -33.63 27.27
N LEU B 873 -32.24 -33.11 28.44
CA LEU B 873 -31.82 -33.96 29.54
C LEU B 873 -33.01 -34.73 30.11
N ALA B 874 -34.17 -34.10 30.19
CA ALA B 874 -35.35 -34.77 30.73
C ALA B 874 -35.87 -35.81 29.75
N GLY B 875 -35.74 -35.56 28.45
CA GLY B 875 -36.06 -36.59 27.49
C GLY B 875 -35.09 -37.74 27.57
N THR B 876 -33.80 -37.44 27.73
CA THR B 876 -32.81 -38.50 27.85
C THR B 876 -33.06 -39.35 29.07
N ILE B 877 -33.41 -38.72 30.19
CA ILE B 877 -33.68 -39.47 31.42
C ILE B 877 -34.98 -40.25 31.30
N THR B 878 -36.01 -39.62 30.75
CA THR B 878 -37.35 -40.20 30.71
C THR B 878 -37.60 -41.00 29.43
N SER B 879 -37.40 -40.38 28.27
CA SER B 879 -37.71 -41.02 27.01
C SER B 879 -36.61 -41.93 26.51
N GLY B 880 -35.36 -41.67 26.86
CA GLY B 880 -34.25 -42.48 26.38
C GLY B 880 -33.70 -41.93 25.09
N TRP B 881 -33.59 -42.79 24.08
CA TRP B 881 -33.14 -42.37 22.76
C TRP B 881 -34.27 -42.16 21.76
N THR B 882 -35.51 -42.46 22.15
CA THR B 882 -36.62 -42.44 21.21
C THR B 882 -37.16 -41.05 20.95
N PHE B 883 -36.82 -40.08 21.78
CA PHE B 883 -37.38 -38.74 21.62
C PHE B 883 -36.83 -38.01 20.40
N GLY B 884 -35.74 -38.49 19.82
CA GLY B 884 -35.15 -37.85 18.66
C GLY B 884 -35.57 -38.48 17.35
N ALA B 885 -36.20 -39.65 17.42
CA ALA B 885 -36.66 -40.37 16.24
C ALA B 885 -38.16 -40.29 16.04
N GLY B 886 -38.85 -39.37 16.71
CA GLY B 886 -40.27 -39.22 16.58
C GLY B 886 -40.91 -38.79 17.88
N PRO B 887 -42.01 -39.44 18.24
CA PRO B 887 -42.61 -39.18 19.55
C PRO B 887 -41.72 -39.69 20.68
N ALA B 888 -41.74 -38.97 21.80
CA ALA B 888 -40.94 -39.37 22.94
C ALA B 888 -41.68 -40.42 23.75
N LEU B 889 -41.05 -41.59 23.90
CA LEU B 889 -41.63 -42.72 24.62
C LEU B 889 -40.89 -42.88 25.94
N GLN B 890 -41.58 -42.63 27.05
CA GLN B 890 -40.92 -42.63 28.34
C GLN B 890 -40.39 -44.01 28.69
N ILE B 891 -39.27 -44.04 29.40
CA ILE B 891 -38.63 -45.30 29.79
C ILE B 891 -37.86 -45.09 31.09
N PRO B 892 -37.97 -46.00 32.06
CA PRO B 892 -37.22 -45.84 33.31
C PRO B 892 -35.72 -45.85 33.06
N PHE B 893 -34.99 -45.15 33.93
CA PHE B 893 -33.56 -44.97 33.69
C PHE B 893 -32.74 -46.25 33.87
N PRO B 894 -33.04 -47.15 34.80
CA PRO B 894 -32.32 -48.44 34.78
C PRO B 894 -32.53 -49.23 33.49
N MET B 895 -33.70 -49.13 32.86
CA MET B 895 -33.93 -49.84 31.61
C MET B 895 -33.14 -49.21 30.46
N GLN B 896 -33.11 -47.88 30.40
CA GLN B 896 -32.25 -47.22 29.43
C GLN B 896 -30.79 -47.55 29.68
N MET B 897 -30.40 -47.73 30.95
CA MET B 897 -29.05 -48.14 31.27
C MET B 897 -28.77 -49.55 30.77
N ALA B 898 -29.76 -50.42 30.86
CA ALA B 898 -29.63 -51.75 30.26
C ALA B 898 -29.41 -51.64 28.76
N TYR B 899 -30.15 -50.76 28.08
CA TYR B 899 -29.94 -50.56 26.64
C TYR B 899 -28.54 -50.05 26.36
N ARG B 900 -28.09 -49.04 27.10
CA ARG B 900 -26.76 -48.48 26.86
C ARG B 900 -25.67 -49.51 27.12
N PHE B 901 -25.85 -50.37 28.13
CA PHE B 901 -24.93 -51.47 28.37
C PHE B 901 -24.91 -52.42 27.19
N ASN B 902 -26.07 -52.88 26.77
CA ASN B 902 -26.16 -53.83 25.67
C ASN B 902 -25.62 -53.26 24.36
N GLY B 903 -25.54 -51.94 24.25
CA GLY B 903 -25.07 -51.37 23.01
C GLY B 903 -23.56 -51.31 22.82
N ILE B 904 -22.78 -51.71 23.81
CA ILE B 904 -21.32 -51.73 23.68
C ILE B 904 -20.83 -53.16 23.78
N GLY B 905 -21.70 -54.12 23.51
CA GLY B 905 -21.30 -55.50 23.60
C GLY B 905 -21.16 -56.01 25.02
N VAL B 906 -21.56 -55.22 26.01
CA VAL B 906 -21.59 -55.63 27.40
C VAL B 906 -23.02 -56.01 27.73
N THR B 907 -23.20 -57.24 28.20
CA THR B 907 -24.56 -57.70 28.51
C THR B 907 -25.17 -56.84 29.59
N GLN B 908 -26.47 -56.55 29.45
CA GLN B 908 -27.13 -55.58 30.30
C GLN B 908 -27.40 -56.10 31.71
N ASN B 909 -27.30 -57.40 31.93
CA ASN B 909 -27.49 -57.92 33.27
C ASN B 909 -26.45 -57.35 34.24
N VAL B 910 -25.24 -57.08 33.75
CA VAL B 910 -24.18 -56.55 34.59
C VAL B 910 -24.62 -55.25 35.25
N LEU B 911 -25.32 -54.39 34.51
CA LEU B 911 -25.78 -53.12 35.07
C LEU B 911 -26.65 -53.36 36.29
N TYR B 912 -27.63 -54.25 36.17
CA TYR B 912 -28.55 -54.48 37.27
C TYR B 912 -27.88 -55.19 38.44
N GLU B 913 -26.96 -56.11 38.16
CA GLU B 913 -26.32 -56.83 39.25
C GLU B 913 -25.39 -55.93 40.07
N ASN B 914 -25.02 -54.77 39.56
CA ASN B 914 -24.24 -53.80 40.32
C ASN B 914 -24.78 -52.39 40.09
N GLN B 915 -26.11 -52.25 40.16
CA GLN B 915 -26.74 -50.96 39.90
C GLN B 915 -26.29 -49.90 40.89
N LYS B 916 -26.22 -50.26 42.18
CA LYS B 916 -25.81 -49.30 43.18
C LYS B 916 -24.34 -48.90 43.01
N LEU B 917 -23.49 -49.86 42.65
CA LEU B 917 -22.10 -49.53 42.38
C LEU B 917 -21.98 -48.56 41.22
N ILE B 918 -22.74 -48.78 40.15
CA ILE B 918 -22.71 -47.87 39.02
C ILE B 918 -23.18 -46.48 39.45
N ALA B 919 -24.24 -46.43 40.25
CA ALA B 919 -24.75 -45.15 40.71
C ALA B 919 -23.71 -44.42 41.55
N ASN B 920 -23.04 -45.14 42.46
CA ASN B 920 -22.02 -44.52 43.29
C ASN B 920 -20.86 -44.02 42.46
N GLN B 921 -20.42 -44.81 41.48
CA GLN B 921 -19.33 -44.37 40.63
C GLN B 921 -19.73 -43.15 39.82
N PHE B 922 -20.96 -43.12 39.31
CA PHE B 922 -21.44 -41.96 38.56
C PHE B 922 -21.48 -40.73 39.44
N ASN B 923 -21.99 -40.85 40.66
CA ASN B 923 -22.09 -39.71 41.55
C ASN B 923 -20.71 -39.21 41.96
N SER B 924 -19.82 -40.12 42.32
CA SER B 924 -18.47 -39.72 42.69
C SER B 924 -17.75 -39.09 41.53
N ALA B 925 -17.97 -39.58 40.31
CA ALA B 925 -17.36 -38.99 39.14
C ALA B 925 -17.92 -37.60 38.87
N ILE B 926 -19.21 -37.40 39.13
CA ILE B 926 -19.78 -36.05 39.03
C ILE B 926 -19.12 -35.12 40.04
N GLY B 927 -18.96 -35.59 41.27
CA GLY B 927 -18.29 -34.79 42.28
C GLY B 927 -16.87 -34.45 41.86
N LYS B 928 -16.14 -35.43 41.33
CA LYS B 928 -14.78 -35.17 40.87
C LYS B 928 -14.77 -34.24 39.67
N ILE B 929 -15.81 -34.28 38.84
CA ILE B 929 -15.90 -33.33 37.74
C ILE B 929 -16.04 -31.92 38.29
N GLN B 930 -16.88 -31.75 39.30
CA GLN B 930 -17.02 -30.44 39.94
C GLN B 930 -15.68 -29.99 40.54
N ASP B 931 -15.01 -30.91 41.23
CA ASP B 931 -13.74 -30.58 41.87
C ASP B 931 -12.69 -30.18 40.85
N SER B 932 -12.59 -30.94 39.76
CA SER B 932 -11.59 -30.65 38.74
C SER B 932 -11.90 -29.33 38.02
N LEU B 933 -13.17 -29.09 37.71
CA LEU B 933 -13.53 -27.83 37.05
C LEU B 933 -13.23 -26.64 37.94
N SER B 934 -13.55 -26.75 39.24
CA SER B 934 -13.33 -25.63 40.14
C SER B 934 -11.85 -25.42 40.44
N SER B 935 -11.13 -26.50 40.75
CA SER B 935 -9.74 -26.39 41.18
C SER B 935 -8.79 -26.25 40.00
N THR B 936 -8.75 -27.25 39.14
CA THR B 936 -7.86 -27.19 37.99
C THR B 936 -8.40 -26.18 36.98
N PRO B 937 -7.65 -25.12 36.66
CA PRO B 937 -8.17 -24.11 35.73
C PRO B 937 -8.15 -24.54 34.27
N SER B 938 -7.43 -25.60 33.92
CA SER B 938 -7.34 -26.07 32.55
C SER B 938 -8.43 -27.08 32.20
N ALA B 939 -9.32 -27.39 33.14
CA ALA B 939 -10.41 -28.32 32.85
C ALA B 939 -11.33 -27.78 31.76
N LEU B 940 -11.62 -26.48 31.81
CA LEU B 940 -12.44 -25.80 30.80
C LEU B 940 -11.57 -25.09 29.77
N GLY B 941 -10.45 -25.71 29.40
CA GLY B 941 -9.51 -25.04 28.54
C GLY B 941 -10.08 -24.66 27.19
N LYS B 942 -10.87 -25.55 26.58
CA LYS B 942 -11.34 -25.31 25.23
C LYS B 942 -12.31 -24.13 25.16
N LEU B 943 -13.33 -24.12 26.02
CA LEU B 943 -14.32 -23.05 25.98
C LEU B 943 -13.72 -21.72 26.40
N GLN B 944 -12.90 -21.73 27.45
CA GLN B 944 -12.23 -20.50 27.86
C GLN B 944 -11.29 -20.01 26.76
N ASP B 945 -10.65 -20.94 26.06
CA ASP B 945 -9.80 -20.55 24.93
C ASP B 945 -10.62 -19.92 23.82
N VAL B 946 -11.80 -20.45 23.54
CA VAL B 946 -12.66 -19.86 22.52
C VAL B 946 -13.06 -18.45 22.92
N VAL B 947 -13.46 -18.27 24.17
CA VAL B 947 -13.85 -16.95 24.65
C VAL B 947 -12.67 -15.99 24.56
N ASN B 948 -11.48 -16.46 24.93
CA ASN B 948 -10.30 -15.61 24.86
C ASN B 948 -9.94 -15.30 23.42
N HIS B 949 -10.16 -16.22 22.50
CA HIS B 949 -9.91 -15.94 21.08
C HIS B 949 -10.84 -14.83 20.58
N ASN B 950 -12.12 -14.93 20.95
CA ASN B 950 -13.05 -13.86 20.59
C ASN B 950 -12.58 -12.53 21.16
N ALA B 951 -12.25 -12.52 22.45
CA ALA B 951 -11.86 -11.29 23.11
C ALA B 951 -10.59 -10.71 22.52
N GLN B 952 -9.61 -11.55 22.20
CA GLN B 952 -8.36 -11.06 21.67
C GLN B 952 -8.51 -10.59 20.23
N ALA B 953 -9.40 -11.22 19.46
CA ALA B 953 -9.70 -10.68 18.13
C ALA B 953 -10.32 -9.30 18.24
N LEU B 954 -11.27 -9.14 19.18
CA LEU B 954 -11.87 -7.83 19.38
C LEU B 954 -10.83 -6.80 19.83
N ASN B 955 -9.93 -7.21 20.72
CA ASN B 955 -8.91 -6.29 21.20
C ASN B 955 -7.92 -5.92 20.10
N THR B 956 -7.59 -6.88 19.24
CA THR B 956 -6.75 -6.57 18.09
C THR B 956 -7.44 -5.58 17.17
N LEU B 957 -8.75 -5.76 16.95
CA LEU B 957 -9.52 -4.79 16.18
C LEU B 957 -9.43 -3.41 16.82
N VAL B 958 -9.58 -3.34 18.14
CA VAL B 958 -9.52 -2.06 18.84
C VAL B 958 -8.15 -1.43 18.66
N LYS B 959 -7.09 -2.22 18.82
CA LYS B 959 -5.74 -1.70 18.65
C LYS B 959 -5.49 -1.25 17.21
N GLN B 960 -6.20 -1.83 16.24
CA GLN B 960 -6.06 -1.35 14.87
C GLN B 960 -6.47 0.11 14.74
N LEU B 961 -7.38 0.60 15.60
CA LEU B 961 -7.68 2.02 15.60
C LEU B 961 -6.53 2.84 16.15
N SER B 962 -5.58 2.18 16.82
CA SER B 962 -4.40 2.86 17.36
C SER B 962 -3.19 2.77 16.45
N SER B 963 -3.14 1.79 15.55
CA SER B 963 -2.02 1.66 14.65
C SER B 963 -2.06 2.74 13.57
N LYS B 964 -0.89 3.27 13.23
CA LYS B 964 -0.81 4.31 12.21
C LYS B 964 -0.94 3.76 10.80
N PHE B 965 -0.48 2.53 10.56
CA PHE B 965 -0.50 1.92 9.22
C PHE B 965 0.25 2.78 8.21
N GLY B 966 1.19 3.59 8.68
CA GLY B 966 1.89 4.52 7.82
C GLY B 966 1.25 5.88 7.70
N ALA B 967 0.06 6.07 8.26
CA ALA B 967 -0.57 7.39 8.26
C ALA B 967 0.13 8.30 9.27
N ILE B 968 -0.04 9.61 9.04
CA ILE B 968 0.62 10.61 9.89
C ILE B 968 0.21 10.47 11.35
N SER B 969 -0.95 9.90 11.62
CA SER B 969 -1.41 9.67 12.99
C SER B 969 -2.39 8.50 12.95
N SER B 970 -3.11 8.29 14.06
CA SER B 970 -4.10 7.23 14.11
C SER B 970 -5.41 7.70 14.71
N VAL B 971 -5.76 8.98 14.54
CA VAL B 971 -7.03 9.53 14.98
C VAL B 971 -7.68 10.23 13.78
N LEU B 972 -8.92 9.85 13.49
CA LEU B 972 -9.63 10.47 12.37
C LEU B 972 -9.81 11.96 12.58
N ASN B 973 -10.18 12.35 13.81
CA ASN B 973 -10.45 13.76 14.08
C ASN B 973 -9.18 14.60 13.93
N ASP B 974 -8.05 14.09 14.41
CA ASP B 974 -6.79 14.81 14.28
C ASP B 974 -6.40 14.97 12.81
N ILE B 975 -6.58 13.91 12.02
CA ILE B 975 -6.26 13.99 10.59
C ILE B 975 -7.14 15.02 9.91
N LEU B 976 -8.44 15.01 10.22
CA LEU B 976 -9.36 15.96 9.60
C LEU B 976 -9.01 17.39 10.02
N SER B 977 -8.66 17.60 11.28
CA SER B 977 -8.40 18.94 11.78
C SER B 977 -7.04 19.48 11.37
N ARG B 978 -6.08 18.61 11.03
CA ARG B 978 -4.74 19.08 10.70
C ARG B 978 -4.59 19.43 9.22
N LEU B 979 -5.02 18.54 8.34
CA LEU B 979 -4.87 18.73 6.90
C LEU B 979 -6.23 18.90 6.24
N ASP B 980 -6.29 19.77 5.24
CA ASP B 980 -7.51 19.99 4.49
C ASP B 980 -7.83 18.75 3.64
N PRO B 981 -9.10 18.55 3.30
CA PRO B 981 -9.51 17.34 2.57
C PRO B 981 -8.71 17.13 1.29
N PRO B 982 -8.40 18.18 0.51
CA PRO B 982 -7.53 17.94 -0.64
C PRO B 982 -6.16 17.38 -0.26
N GLU B 983 -5.61 17.76 0.88
CA GLU B 983 -4.36 17.21 1.36
C GLU B 983 -4.54 16.04 2.30
N ALA B 984 -5.55 16.09 3.18
CA ALA B 984 -5.82 15.00 4.09
C ALA B 984 -6.40 13.78 3.39
N GLU B 985 -6.76 13.90 2.11
CA GLU B 985 -7.39 12.79 1.42
C GLU B 985 -6.47 11.58 1.36
N VAL B 986 -5.19 11.80 1.05
CA VAL B 986 -4.24 10.69 0.96
C VAL B 986 -4.07 10.03 2.31
N GLN B 987 -3.91 10.82 3.38
CA GLN B 987 -3.71 10.27 4.71
C GLN B 987 -4.94 9.49 5.18
N ILE B 988 -6.13 10.06 4.99
CA ILE B 988 -7.33 9.38 5.44
C ILE B 988 -7.58 8.14 4.59
N ASP B 989 -7.24 8.18 3.30
CA ASP B 989 -7.35 6.98 2.48
C ASP B 989 -6.40 5.91 2.98
N ARG B 990 -5.18 6.30 3.37
CA ARG B 990 -4.24 5.33 3.91
C ARG B 990 -4.77 4.69 5.18
N LEU B 991 -5.31 5.53 6.09
CA LEU B 991 -5.87 5.00 7.32
C LEU B 991 -7.06 4.10 7.06
N ILE B 992 -7.91 4.50 6.11
CA ILE B 992 -9.08 3.70 5.75
C ILE B 992 -8.64 2.36 5.18
N THR B 993 -7.62 2.37 4.32
CA THR B 993 -7.13 1.12 3.76
C THR B 993 -6.58 0.22 4.86
N GLY B 994 -5.80 0.80 5.78
CA GLY B 994 -5.27 0.00 6.87
C GLY B 994 -6.37 -0.61 7.72
N ARG B 995 -7.34 0.21 8.13
CA ARG B 995 -8.43 -0.29 8.96
C ARG B 995 -9.29 -1.29 8.21
N LEU B 996 -9.53 -1.06 6.92
CA LEU B 996 -10.34 -1.96 6.14
C LEU B 996 -9.64 -3.29 5.92
N GLN B 997 -8.33 -3.26 5.68
CA GLN B 997 -7.57 -4.50 5.58
C GLN B 997 -7.56 -5.24 6.90
N SER B 998 -7.43 -4.52 8.02
CA SER B 998 -7.48 -5.17 9.32
C SER B 998 -8.86 -5.79 9.57
N LEU B 999 -9.92 -5.09 9.19
CA LEU B 999 -11.26 -5.63 9.34
C LEU B 999 -11.45 -6.83 8.43
N GLN B 1000 -10.90 -6.79 7.22
CA GLN B 1000 -11.02 -7.92 6.31
C GLN B 1000 -10.27 -9.13 6.85
N THR B 1001 -9.07 -8.91 7.41
CA THR B 1001 -8.36 -10.00 8.05
C THR B 1001 -9.16 -10.55 9.22
N TYR B 1002 -9.77 -9.66 10.00
CA TYR B 1002 -10.61 -10.10 11.11
C TYR B 1002 -11.77 -10.94 10.60
N VAL B 1003 -12.43 -10.49 9.55
CA VAL B 1003 -13.60 -11.21 9.04
C VAL B 1003 -13.18 -12.54 8.43
N THR B 1004 -12.05 -12.57 7.74
CA THR B 1004 -11.59 -13.82 7.13
C THR B 1004 -11.16 -14.82 8.19
N GLN B 1005 -10.46 -14.36 9.23
CA GLN B 1005 -10.10 -15.26 10.31
C GLN B 1005 -11.33 -15.66 11.11
N GLN B 1006 -12.34 -14.79 11.19
CA GLN B 1006 -13.61 -15.19 11.77
C GLN B 1006 -14.27 -16.26 10.92
N LEU B 1007 -14.17 -16.15 9.59
CA LEU B 1007 -14.69 -17.18 8.71
C LEU B 1007 -13.95 -18.50 8.91
N ILE B 1008 -12.62 -18.43 9.07
CA ILE B 1008 -11.84 -19.64 9.26
C ILE B 1008 -12.16 -20.29 10.60
N ARG B 1009 -12.17 -19.50 11.67
CA ARG B 1009 -12.46 -20.07 12.97
C ARG B 1009 -13.93 -20.38 13.13
N ALA B 1010 -14.80 -19.78 12.31
CA ALA B 1010 -16.19 -20.17 12.27
C ALA B 1010 -16.38 -21.45 11.48
N ALA B 1011 -15.55 -21.70 10.48
CA ALA B 1011 -15.53 -23.00 9.85
C ALA B 1011 -15.06 -24.06 10.84
N GLU B 1012 -14.07 -23.71 11.66
CA GLU B 1012 -13.65 -24.63 12.72
C GLU B 1012 -14.76 -24.83 13.75
N ILE B 1013 -15.43 -23.74 14.13
CA ILE B 1013 -16.55 -23.81 15.07
C ILE B 1013 -17.67 -24.63 14.47
N ARG B 1014 -17.90 -24.52 13.17
CA ARG B 1014 -18.97 -25.28 12.53
C ARG B 1014 -18.58 -26.73 12.35
N ALA B 1015 -17.30 -27.01 12.14
CA ALA B 1015 -16.86 -28.41 12.17
C ALA B 1015 -17.09 -29.00 13.55
N SER B 1016 -16.71 -28.26 14.59
CA SER B 1016 -16.97 -28.72 15.95
C SER B 1016 -18.45 -28.72 16.27
N ALA B 1017 -19.24 -27.91 15.58
CA ALA B 1017 -20.67 -27.83 15.81
C ALA B 1017 -21.42 -28.96 15.13
N ASN B 1018 -21.01 -29.33 13.93
CA ASN B 1018 -21.51 -30.57 13.33
C ASN B 1018 -21.02 -31.76 14.12
N LEU B 1019 -19.82 -31.65 14.69
CA LEU B 1019 -19.35 -32.67 15.61
C LEU B 1019 -20.24 -32.76 16.84
N ALA B 1020 -20.66 -31.60 17.35
CA ALA B 1020 -21.51 -31.57 18.53
C ALA B 1020 -22.91 -32.04 18.21
N ALA B 1021 -23.41 -31.70 17.02
CA ALA B 1021 -24.71 -32.20 16.59
C ALA B 1021 -24.67 -33.71 16.41
N THR B 1022 -23.60 -34.24 15.83
CA THR B 1022 -23.47 -35.69 15.70
C THR B 1022 -23.29 -36.34 17.06
N LYS B 1023 -22.61 -35.67 17.98
CA LYS B 1023 -22.45 -36.22 19.33
C LYS B 1023 -23.76 -36.18 20.09
N MET B 1024 -24.59 -35.18 19.84
CA MET B 1024 -25.92 -35.15 20.43
C MET B 1024 -26.79 -36.24 19.84
N SER B 1025 -26.66 -36.47 18.54
CA SER B 1025 -27.51 -37.46 17.88
C SER B 1025 -27.11 -38.88 18.22
N GLU B 1026 -25.81 -39.16 18.23
CA GLU B 1026 -25.30 -40.51 18.37
C GLU B 1026 -24.82 -40.85 19.76
N CYS B 1027 -24.45 -39.84 20.54
CA CYS B 1027 -24.04 -40.00 21.93
C CYS B 1027 -25.16 -39.66 22.91
N VAL B 1028 -25.93 -38.62 22.63
CA VAL B 1028 -27.01 -38.20 23.52
C VAL B 1028 -28.36 -38.75 23.07
N LEU B 1029 -28.74 -38.49 21.83
CA LEU B 1029 -29.98 -39.03 21.28
C LEU B 1029 -29.87 -40.51 20.95
N GLY B 1030 -28.74 -41.13 21.26
CA GLY B 1030 -28.54 -42.54 21.01
C GLY B 1030 -27.20 -42.99 21.55
N GLN B 1031 -26.83 -44.21 21.22
CA GLN B 1031 -25.55 -44.76 21.63
C GLN B 1031 -24.69 -45.00 20.41
N SER B 1032 -23.50 -44.41 20.39
CA SER B 1032 -22.59 -44.48 19.26
C SER B 1032 -21.60 -45.61 19.45
N LYS B 1033 -21.48 -46.47 18.44
CA LYS B 1033 -20.49 -47.54 18.44
C LYS B 1033 -19.20 -47.14 17.74
N ARG B 1034 -19.07 -45.88 17.34
CA ARG B 1034 -17.80 -45.38 16.83
C ARG B 1034 -16.80 -45.31 17.97
N VAL B 1035 -15.62 -45.88 17.76
CA VAL B 1035 -14.64 -46.03 18.83
C VAL B 1035 -14.05 -44.67 19.18
N ASP B 1036 -14.00 -44.38 20.49
CA ASP B 1036 -13.41 -43.15 21.01
C ASP B 1036 -14.06 -41.91 20.42
N PHE B 1037 -15.36 -42.00 20.13
CA PHE B 1037 -16.08 -40.83 19.63
C PHE B 1037 -16.80 -40.08 20.75
N CYS B 1038 -17.38 -40.82 21.69
CA CYS B 1038 -18.04 -40.20 22.83
C CYS B 1038 -17.29 -40.56 24.11
N GLY B 1039 -15.97 -40.45 24.09
CA GLY B 1039 -15.18 -40.64 25.28
C GLY B 1039 -14.36 -41.92 25.23
N LYS B 1040 -13.19 -41.88 25.84
CA LYS B 1040 -12.32 -43.06 25.87
C LYS B 1040 -13.01 -44.18 26.65
N GLY B 1041 -12.80 -45.41 26.21
CA GLY B 1041 -13.59 -46.52 26.68
C GLY B 1041 -14.87 -46.67 25.88
N TYR B 1042 -15.65 -47.67 26.25
CA TYR B 1042 -16.91 -47.93 25.55
C TYR B 1042 -17.97 -46.96 26.05
N HIS B 1043 -18.41 -46.08 25.17
CA HIS B 1043 -19.35 -45.04 25.54
C HIS B 1043 -20.71 -45.63 25.92
N LEU B 1044 -21.18 -45.29 27.13
CA LEU B 1044 -22.49 -45.72 27.60
C LEU B 1044 -23.57 -44.70 27.27
N MET B 1045 -23.42 -43.46 27.74
CA MET B 1045 -24.38 -42.42 27.42
C MET B 1045 -23.74 -41.06 27.67
N SER B 1046 -24.41 -40.01 27.21
CA SER B 1046 -23.87 -38.66 27.33
C SER B 1046 -24.97 -37.73 27.80
N PHE B 1047 -24.58 -36.72 28.58
CA PHE B 1047 -25.52 -35.74 29.11
C PHE B 1047 -25.12 -34.35 28.66
N PRO B 1048 -25.94 -33.66 27.88
CA PRO B 1048 -25.60 -32.30 27.50
C PRO B 1048 -25.65 -31.37 28.70
N GLN B 1049 -24.68 -30.48 28.78
CA GLN B 1049 -24.66 -29.46 29.83
C GLN B 1049 -24.25 -28.15 29.19
N SER B 1050 -25.19 -27.22 29.06
CA SER B 1050 -24.89 -25.96 28.39
C SER B 1050 -23.85 -25.18 29.17
N ALA B 1051 -22.89 -24.61 28.45
CA ALA B 1051 -21.88 -23.75 29.04
C ALA B 1051 -21.72 -22.54 28.13
N PRO B 1052 -21.17 -21.44 28.63
CA PRO B 1052 -21.07 -20.23 27.80
C PRO B 1052 -20.46 -20.49 26.42
N HIS B 1053 -21.31 -20.40 25.40
CA HIS B 1053 -20.91 -20.54 24.00
C HIS B 1053 -20.38 -21.94 23.70
N GLY B 1054 -20.99 -22.94 24.31
CA GLY B 1054 -20.61 -24.29 24.00
C GLY B 1054 -21.38 -25.30 24.84
N VAL B 1055 -20.98 -26.55 24.68
CA VAL B 1055 -21.65 -27.65 25.36
C VAL B 1055 -20.60 -28.49 26.05
N VAL B 1056 -20.98 -29.09 27.17
CA VAL B 1056 -20.14 -30.02 27.90
C VAL B 1056 -20.84 -31.36 27.86
N PHE B 1057 -20.16 -32.35 27.30
CA PHE B 1057 -20.68 -33.70 27.32
C PHE B 1057 -20.01 -34.47 28.44
N LEU B 1058 -20.81 -34.93 29.38
CA LEU B 1058 -20.34 -35.82 30.43
C LEU B 1058 -20.41 -37.23 29.87
N HIS B 1059 -19.35 -37.60 29.14
CA HIS B 1059 -19.34 -38.86 28.42
C HIS B 1059 -19.21 -39.98 29.44
N VAL B 1060 -20.34 -40.51 29.87
CA VAL B 1060 -20.35 -41.69 30.73
C VAL B 1060 -19.95 -42.88 29.88
N THR B 1061 -18.73 -43.37 30.07
CA THR B 1061 -18.14 -44.46 29.31
C THR B 1061 -17.80 -45.61 30.26
N TYR B 1062 -17.66 -46.79 29.68
CA TYR B 1062 -17.31 -48.00 30.40
C TYR B 1062 -15.84 -48.30 30.11
N VAL B 1063 -15.01 -48.36 31.16
CA VAL B 1063 -13.58 -48.60 31.01
C VAL B 1063 -13.17 -49.77 31.88
N PRO B 1064 -12.69 -50.86 31.32
CA PRO B 1064 -12.34 -52.03 32.13
C PRO B 1064 -11.04 -51.80 32.89
N ALA B 1065 -10.75 -52.72 33.80
CA ALA B 1065 -9.53 -52.68 34.60
C ALA B 1065 -9.39 -54.03 35.30
N GLN B 1066 -8.23 -54.25 35.90
CA GLN B 1066 -7.94 -55.47 36.66
C GLN B 1066 -8.12 -56.72 35.79
N GLU B 1067 -7.26 -56.81 34.78
CA GLU B 1067 -7.36 -57.89 33.80
C GLU B 1067 -6.68 -59.16 34.30
N LYS B 1068 -7.32 -60.29 34.06
CA LYS B 1068 -6.81 -61.61 34.41
C LYS B 1068 -6.37 -62.33 33.15
N ASN B 1069 -5.29 -63.10 33.25
CA ASN B 1069 -4.71 -63.80 32.11
C ASN B 1069 -5.13 -65.25 32.09
N PHE B 1070 -5.31 -65.78 30.87
CA PHE B 1070 -5.80 -67.13 30.66
C PHE B 1070 -5.16 -67.68 29.39
N THR B 1071 -5.36 -68.96 29.16
CA THR B 1071 -4.96 -69.61 27.91
C THR B 1071 -6.18 -69.69 27.01
N THR B 1072 -6.02 -69.28 25.75
CA THR B 1072 -7.13 -69.19 24.81
C THR B 1072 -6.92 -70.15 23.64
N ALA B 1073 -7.98 -70.30 22.84
CA ALA B 1073 -7.98 -71.18 21.67
C ALA B 1073 -8.97 -70.66 20.66
N PRO B 1074 -8.62 -70.64 19.36
CA PRO B 1074 -9.52 -70.03 18.36
C PRO B 1074 -10.73 -70.86 18.02
N ALA B 1075 -10.80 -72.12 18.44
CA ALA B 1075 -11.97 -72.96 18.19
C ALA B 1075 -11.95 -74.09 19.19
N ILE B 1076 -12.99 -74.92 19.13
CA ILE B 1076 -13.12 -76.05 20.05
C ILE B 1076 -13.53 -77.28 19.24
N CYS B 1077 -12.67 -78.30 19.23
CA CYS B 1077 -12.97 -79.53 18.53
C CYS B 1077 -13.81 -80.45 19.41
N HIS B 1078 -15.00 -80.81 18.93
CA HIS B 1078 -15.82 -81.80 19.59
C HIS B 1078 -16.45 -82.72 18.55
N ASP B 1079 -16.46 -84.02 18.85
CA ASP B 1079 -16.98 -85.04 17.95
C ASP B 1079 -16.34 -84.92 16.56
N GLY B 1080 -15.09 -84.48 16.52
CA GLY B 1080 -14.37 -84.36 15.27
C GLY B 1080 -14.75 -83.18 14.41
N LYS B 1081 -15.52 -82.23 14.94
CA LYS B 1081 -15.91 -81.05 14.18
C LYS B 1081 -15.70 -79.81 15.02
N ALA B 1082 -15.46 -78.69 14.35
CA ALA B 1082 -15.11 -77.45 15.03
C ALA B 1082 -16.34 -76.76 15.58
N HIS B 1083 -16.15 -76.01 16.66
CA HIS B 1083 -17.14 -75.14 17.23
C HIS B 1083 -16.51 -73.77 17.43
N PHE B 1084 -17.22 -72.74 16.98
CA PHE B 1084 -16.79 -71.37 17.13
C PHE B 1084 -17.78 -70.63 18.01
N PRO B 1085 -17.31 -69.71 18.83
CA PRO B 1085 -18.24 -69.04 19.77
C PRO B 1085 -19.19 -68.11 19.03
N ARG B 1086 -20.46 -68.16 19.44
CA ARG B 1086 -21.45 -67.24 18.85
C ARG B 1086 -21.14 -65.79 19.21
N GLU B 1087 -20.84 -65.53 20.48
CA GLU B 1087 -20.80 -64.16 20.96
C GLU B 1087 -19.51 -63.85 21.71
N GLY B 1088 -18.93 -64.86 22.36
CA GLY B 1088 -17.85 -64.66 23.28
C GLY B 1088 -16.50 -65.11 22.74
N VAL B 1089 -15.58 -65.37 23.67
CA VAL B 1089 -14.23 -65.82 23.34
C VAL B 1089 -13.87 -66.92 24.33
N PHE B 1090 -13.14 -67.92 23.86
CA PHE B 1090 -12.73 -69.03 24.73
C PHE B 1090 -11.47 -68.65 25.49
N VAL B 1091 -11.52 -68.78 26.82
CA VAL B 1091 -10.39 -68.60 27.69
C VAL B 1091 -10.34 -69.80 28.63
N SER B 1092 -9.31 -69.84 29.47
CA SER B 1092 -9.18 -70.97 30.39
C SER B 1092 -8.36 -70.56 31.58
N ASN B 1093 -8.89 -70.82 32.78
CA ASN B 1093 -8.19 -70.47 34.01
C ASN B 1093 -7.02 -71.40 34.28
N GLY B 1094 -6.89 -72.48 33.51
CA GLY B 1094 -5.77 -73.39 33.65
C GLY B 1094 -6.21 -74.83 33.56
N THR B 1095 -7.39 -75.12 34.07
CA THR B 1095 -7.93 -76.48 34.07
C THR B 1095 -9.27 -76.59 33.37
N HIS B 1096 -10.00 -75.49 33.23
CA HIS B 1096 -11.31 -75.49 32.61
C HIS B 1096 -11.42 -74.37 31.59
N TRP B 1097 -12.13 -74.65 30.49
CA TRP B 1097 -12.32 -73.70 29.41
C TRP B 1097 -13.70 -73.04 29.54
N PHE B 1098 -13.73 -71.73 29.40
CA PHE B 1098 -14.95 -70.96 29.53
C PHE B 1098 -15.08 -69.99 28.38
N VAL B 1099 -16.30 -69.86 27.87
CA VAL B 1099 -16.62 -68.83 26.89
C VAL B 1099 -17.11 -67.61 27.63
N THR B 1100 -16.46 -66.48 27.40
CA THR B 1100 -16.78 -65.28 28.16
C THR B 1100 -17.04 -64.12 27.21
N GLN B 1101 -17.82 -63.16 27.70
CA GLN B 1101 -18.02 -61.93 26.96
C GLN B 1101 -16.69 -61.24 26.71
N ARG B 1102 -16.55 -60.66 25.54
CA ARG B 1102 -15.23 -60.21 25.10
C ARG B 1102 -14.79 -58.90 25.72
N ASN B 1103 -15.58 -58.30 26.62
CA ASN B 1103 -15.18 -57.05 27.23
C ASN B 1103 -15.49 -56.97 28.72
N PHE B 1104 -15.80 -58.09 29.36
CA PHE B 1104 -16.02 -58.12 30.80
C PHE B 1104 -15.91 -59.56 31.26
N TYR B 1105 -14.98 -59.83 32.18
CA TYR B 1105 -14.70 -61.20 32.57
C TYR B 1105 -15.90 -61.79 33.30
N GLU B 1106 -16.60 -62.70 32.62
CA GLU B 1106 -17.72 -63.43 33.22
C GLU B 1106 -17.77 -64.81 32.61
N PRO B 1107 -17.12 -65.78 33.22
CA PRO B 1107 -17.07 -67.12 32.62
C PRO B 1107 -18.45 -67.76 32.57
N GLN B 1108 -18.66 -68.59 31.55
CA GLN B 1108 -19.87 -69.39 31.39
C GLN B 1108 -19.48 -70.73 30.78
N ILE B 1109 -20.23 -71.77 31.13
CA ILE B 1109 -19.97 -73.07 30.54
C ILE B 1109 -20.30 -73.02 29.05
N ILE B 1110 -19.80 -74.01 28.31
CA ILE B 1110 -19.93 -74.02 26.85
C ILE B 1110 -20.98 -75.05 26.45
N THR B 1111 -22.03 -74.59 25.77
CA THR B 1111 -23.04 -75.48 25.22
C THR B 1111 -23.24 -75.14 23.75
N THR B 1112 -24.22 -75.78 23.10
CA THR B 1112 -24.49 -75.50 21.71
C THR B 1112 -25.13 -74.14 21.50
N ASP B 1113 -25.65 -73.51 22.55
CA ASP B 1113 -26.36 -72.24 22.38
C ASP B 1113 -25.40 -71.07 22.24
N ASN B 1114 -24.13 -71.27 22.57
CA ASN B 1114 -23.12 -70.22 22.47
C ASN B 1114 -22.06 -70.52 21.44
N THR B 1115 -22.08 -71.69 20.81
CA THR B 1115 -21.11 -72.07 19.80
C THR B 1115 -21.83 -72.74 18.64
N PHE B 1116 -21.25 -72.60 17.44
CA PHE B 1116 -21.82 -73.19 16.24
C PHE B 1116 -20.77 -74.02 15.51
N VAL B 1117 -21.23 -75.05 14.81
CA VAL B 1117 -20.36 -75.99 14.12
C VAL B 1117 -19.99 -75.43 12.75
N SER B 1118 -18.73 -75.58 12.37
CA SER B 1118 -18.28 -75.15 11.04
C SER B 1118 -17.04 -75.96 10.66
N GLY B 1119 -17.22 -76.93 9.77
CA GLY B 1119 -16.08 -77.70 9.28
C GLY B 1119 -15.69 -78.87 10.15
N ASN B 1120 -14.40 -79.22 10.12
CA ASN B 1120 -13.89 -80.34 10.90
C ASN B 1120 -12.52 -79.95 11.44
N CYS B 1121 -11.93 -80.86 12.22
CA CYS B 1121 -10.74 -80.57 13.02
C CYS B 1121 -9.45 -81.00 12.32
N ASP B 1122 -9.41 -80.95 10.99
CA ASP B 1122 -8.18 -81.27 10.27
C ASP B 1122 -7.47 -80.05 9.73
N VAL B 1123 -8.20 -78.99 9.41
CA VAL B 1123 -7.59 -77.80 8.82
C VAL B 1123 -7.18 -76.79 9.88
N VAL B 1124 -8.05 -76.53 10.86
CA VAL B 1124 -7.87 -75.38 11.74
C VAL B 1124 -6.67 -75.63 12.65
N ILE B 1125 -5.77 -74.66 12.72
CA ILE B 1125 -4.66 -74.67 13.67
C ILE B 1125 -5.16 -74.14 15.00
N GLY B 1126 -4.44 -74.48 16.06
CA GLY B 1126 -4.82 -74.07 17.39
C GLY B 1126 -6.07 -74.71 17.93
N ILE B 1127 -6.64 -75.69 17.23
CA ILE B 1127 -7.85 -76.33 17.70
C ILE B 1127 -7.52 -77.24 18.86
N VAL B 1128 -8.37 -77.23 19.90
CA VAL B 1128 -8.11 -77.95 21.14
C VAL B 1128 -9.31 -78.83 21.44
N ASN B 1129 -9.04 -80.02 21.97
CA ASN B 1129 -10.11 -80.93 22.36
C ASN B 1129 -10.76 -80.44 23.64
N ASN B 1130 -12.09 -80.51 23.69
CA ASN B 1130 -12.84 -80.11 24.87
C ASN B 1130 -14.18 -80.85 24.86
N THR B 1131 -15.09 -80.42 25.72
CA THR B 1131 -16.45 -80.94 25.78
C THR B 1131 -17.42 -79.77 25.73
N VAL B 1132 -18.50 -79.94 24.96
CA VAL B 1132 -19.51 -78.91 24.80
C VAL B 1132 -20.86 -79.53 25.15
N TYR B 1133 -21.56 -78.93 26.11
CA TYR B 1133 -22.74 -79.55 26.70
C TYR B 1133 -23.96 -79.43 25.79
N ASP B 1134 -24.84 -80.42 25.90
CA ASP B 1134 -26.11 -80.43 25.20
C ASP B 1134 -27.23 -80.12 26.19
N PRO B 1135 -27.90 -78.97 26.09
CA PRO B 1135 -28.96 -78.65 27.05
C PRO B 1135 -30.13 -79.62 27.03
N LEU B 1136 -30.30 -80.37 25.95
CA LEU B 1136 -31.43 -81.30 25.83
C LEU B 1136 -31.21 -82.61 26.58
N GLN B 1137 -30.01 -82.83 27.14
CA GLN B 1137 -29.68 -84.14 27.68
C GLN B 1137 -30.59 -84.60 28.81
N PRO B 1138 -30.83 -83.82 29.87
CA PRO B 1138 -31.64 -84.34 30.99
C PRO B 1138 -33.03 -84.78 30.57
N GLU B 1139 -33.63 -84.10 29.60
CA GLU B 1139 -34.96 -84.45 29.14
C GLU B 1139 -35.01 -85.83 28.49
N LEU B 1140 -33.86 -86.41 28.18
CA LEU B 1140 -33.78 -87.77 27.68
C LEU B 1140 -33.97 -88.81 28.77
N ASP B 1141 -34.21 -88.39 30.01
CA ASP B 1141 -34.42 -89.35 31.10
C ASP B 1141 -35.65 -90.22 30.84
N SER B 1142 -36.62 -89.72 30.06
CA SER B 1142 -37.81 -90.49 29.74
C SER B 1142 -38.21 -90.28 28.27
N GLN C 14 41.43 -1.20 -55.86
CA GLN C 14 40.29 -1.56 -56.70
C GLN C 14 39.35 -2.51 -55.96
N CYS C 15 38.10 -2.55 -56.40
CA CYS C 15 37.09 -3.45 -55.82
C CYS C 15 36.97 -4.68 -56.71
N VAL C 16 37.20 -5.85 -56.13
CA VAL C 16 37.14 -7.11 -56.86
C VAL C 16 36.33 -8.11 -56.05
N ASN C 17 35.31 -8.70 -56.68
CA ASN C 17 34.63 -9.85 -56.12
C ASN C 17 35.28 -11.13 -56.60
N LEU C 18 35.36 -12.12 -55.72
CA LEU C 18 35.97 -13.40 -56.07
C LEU C 18 35.18 -14.59 -55.56
N ILE C 19 33.94 -14.40 -55.14
CA ILE C 19 33.15 -15.45 -54.50
C ILE C 19 32.03 -15.86 -55.44
N THR C 20 31.71 -17.15 -55.43
CA THR C 20 30.55 -17.68 -56.16
C THR C 20 29.39 -17.85 -55.18
N ARG C 21 28.94 -16.73 -54.64
CA ARG C 21 27.97 -16.76 -53.55
C ARG C 21 26.64 -17.31 -54.04
N THR C 22 26.25 -18.47 -53.49
CA THR C 22 24.99 -19.11 -53.79
C THR C 22 24.29 -19.45 -52.48
N GLN C 23 22.97 -19.52 -52.51
CA GLN C 23 22.18 -19.67 -51.29
C GLN C 23 21.29 -20.91 -51.39
N SER C 24 21.38 -21.77 -50.39
CA SER C 24 20.55 -22.96 -50.27
C SER C 24 19.90 -22.96 -48.89
N TYR C 25 19.08 -23.97 -48.63
CA TYR C 25 18.37 -24.07 -47.35
C TYR C 25 18.57 -25.44 -46.73
N THR C 26 18.73 -25.46 -45.40
CA THR C 26 18.65 -26.71 -44.65
C THR C 26 17.90 -26.48 -43.34
N ASN C 27 17.84 -27.51 -42.50
CA ASN C 27 17.20 -27.39 -41.20
C ASN C 27 18.20 -26.90 -40.17
N SER C 28 17.75 -25.96 -39.32
CA SER C 28 18.64 -25.35 -38.34
C SER C 28 18.88 -26.24 -37.13
N PHE C 29 17.97 -27.16 -36.85
CA PHE C 29 18.09 -28.09 -35.71
C PHE C 29 18.17 -27.26 -34.44
N THR C 30 19.19 -27.44 -33.59
CA THR C 30 19.22 -26.87 -32.25
C THR C 30 20.51 -26.08 -32.01
N ARG C 31 20.87 -25.21 -32.93
CA ARG C 31 22.05 -24.37 -32.78
C ARG C 31 21.67 -22.99 -32.26
N GLY C 32 22.66 -22.27 -31.75
CA GLY C 32 22.50 -20.87 -31.40
C GLY C 32 22.37 -20.55 -29.92
N VAL C 33 22.80 -21.45 -29.04
CA VAL C 33 22.61 -21.23 -27.61
C VAL C 33 23.87 -20.65 -26.98
N TYR C 34 23.69 -19.63 -26.16
CA TYR C 34 24.81 -19.03 -25.42
C TYR C 34 24.33 -18.78 -23.99
N TYR C 35 25.16 -18.07 -23.22
CA TYR C 35 24.87 -17.80 -21.83
C TYR C 35 24.32 -16.40 -21.66
N PRO C 36 23.20 -16.24 -20.95
CA PRO C 36 22.57 -14.91 -20.84
C PRO C 36 23.51 -13.84 -20.30
N ASP C 37 24.08 -14.08 -19.13
CA ASP C 37 25.00 -13.16 -18.51
C ASP C 37 26.11 -13.95 -17.82
N LYS C 38 27.16 -13.24 -17.43
CA LYS C 38 28.32 -13.87 -16.80
C LYS C 38 27.97 -14.24 -15.35
N VAL C 39 27.14 -15.26 -15.18
CA VAL C 39 26.69 -15.71 -13.88
C VAL C 39 26.74 -17.23 -13.84
N PHE C 40 27.23 -17.78 -12.74
CA PHE C 40 27.25 -19.23 -12.57
C PHE C 40 25.88 -19.72 -12.11
N ARG C 41 25.62 -21.00 -12.37
CA ARG C 41 24.43 -21.69 -11.92
C ARG C 41 24.73 -23.18 -11.92
N SER C 42 24.03 -23.93 -11.09
CA SER C 42 24.30 -25.35 -10.93
C SER C 42 23.01 -26.15 -10.90
N SER C 43 22.84 -27.02 -11.89
CA SER C 43 21.77 -28.01 -11.92
C SER C 43 20.38 -27.37 -11.79
N VAL C 44 20.26 -26.15 -12.30
CA VAL C 44 19.01 -25.40 -12.21
C VAL C 44 18.49 -25.12 -13.61
N LEU C 45 17.20 -25.40 -13.81
CA LEU C 45 16.53 -25.17 -15.10
C LEU C 45 16.06 -23.74 -15.23
N HIS C 46 17.00 -22.80 -15.29
CA HIS C 46 16.66 -21.40 -15.41
C HIS C 46 16.03 -21.11 -16.77
N SER C 47 14.88 -20.44 -16.76
CA SER C 47 14.17 -20.09 -17.99
C SER C 47 14.47 -18.64 -18.35
N THR C 48 14.91 -18.41 -19.58
CA THR C 48 15.40 -17.11 -19.98
C THR C 48 14.65 -16.59 -21.20
N GLN C 49 14.24 -15.34 -21.13
CA GLN C 49 13.64 -14.63 -22.26
C GLN C 49 14.77 -13.82 -22.90
N ASP C 50 15.54 -14.47 -23.77
CA ASP C 50 16.71 -13.84 -24.37
C ASP C 50 16.71 -14.12 -25.87
N LEU C 51 17.37 -13.24 -26.61
CA LEU C 51 17.46 -13.39 -28.06
C LEU C 51 18.16 -14.69 -28.40
N PHE C 52 17.60 -15.42 -29.37
CA PHE C 52 18.16 -16.69 -29.81
C PHE C 52 17.74 -16.94 -31.24
N LEU C 53 18.45 -17.85 -31.89
CA LEU C 53 18.01 -18.41 -33.15
C LEU C 53 16.88 -19.39 -32.87
N PRO C 54 15.64 -19.07 -33.24
CA PRO C 54 14.53 -19.97 -32.90
C PRO C 54 14.71 -21.36 -33.50
N PHE C 55 14.32 -22.37 -32.74
CA PHE C 55 14.64 -23.75 -33.09
C PHE C 55 13.92 -24.18 -34.36
N PHE C 56 14.52 -25.14 -35.06
CA PHE C 56 13.96 -25.78 -36.24
C PHE C 56 13.53 -24.75 -37.28
N SER C 57 14.41 -23.78 -37.49
CA SER C 57 14.22 -22.76 -38.50
C SER C 57 14.99 -23.16 -39.75
N ASN C 58 15.00 -22.26 -40.73
CA ASN C 58 15.78 -22.50 -41.93
C ASN C 58 17.20 -21.97 -41.74
N VAL C 59 18.16 -22.73 -42.22
CA VAL C 59 19.55 -22.30 -42.27
C VAL C 59 19.84 -21.93 -43.71
N THR C 60 20.14 -20.65 -43.93
CA THR C 60 20.51 -20.14 -45.24
C THR C 60 21.96 -20.51 -45.48
N TRP C 61 22.17 -21.69 -46.04
CA TRP C 61 23.51 -22.18 -46.37
C TRP C 61 24.05 -21.33 -47.51
N PHE C 62 24.90 -20.36 -47.18
CA PHE C 62 25.63 -19.62 -48.21
C PHE C 62 26.78 -20.50 -48.68
N HIS C 63 26.47 -21.32 -49.67
CA HIS C 63 27.49 -22.14 -50.30
C HIS C 63 28.17 -21.33 -51.40
N ALA C 64 29.49 -21.29 -51.37
CA ALA C 64 30.21 -20.41 -52.29
C ALA C 64 31.61 -20.94 -52.49
N ILE C 65 32.22 -20.51 -53.59
CA ILE C 65 33.58 -20.91 -53.95
C ILE C 65 34.44 -19.65 -54.03
N SER C 66 35.52 -19.64 -53.27
CA SER C 66 36.48 -18.55 -53.34
C SER C 66 37.53 -18.86 -54.40
N GLY C 67 38.49 -17.96 -54.56
CA GLY C 67 39.54 -18.17 -55.54
C GLY C 67 39.05 -18.32 -56.96
N THR C 68 38.01 -17.57 -57.32
CA THR C 68 37.39 -17.66 -58.64
C THR C 68 37.53 -16.30 -59.33
N ASN C 69 38.55 -16.17 -60.18
CA ASN C 69 38.79 -14.93 -60.90
C ASN C 69 37.68 -14.60 -61.89
N GLY C 70 36.86 -15.59 -62.27
CA GLY C 70 35.77 -15.39 -63.20
C GLY C 70 34.51 -14.82 -62.60
N THR C 71 34.52 -14.53 -61.30
CA THR C 71 33.37 -13.94 -60.60
C THR C 71 33.58 -12.45 -60.35
N LYS C 72 34.16 -11.76 -61.32
CA LYS C 72 34.46 -10.33 -61.17
C LYS C 72 33.19 -9.53 -60.88
N ARG C 73 32.08 -9.88 -61.53
CA ARG C 73 30.81 -9.25 -61.21
C ARG C 73 30.34 -9.71 -59.84
N PHE C 74 29.83 -8.76 -59.05
CA PHE C 74 29.43 -9.05 -57.69
C PHE C 74 28.20 -9.94 -57.65
N ASP C 75 28.20 -10.88 -56.70
CA ASP C 75 27.05 -11.74 -56.48
C ASP C 75 26.71 -11.92 -55.01
N ASN C 76 27.44 -11.27 -54.11
CA ASN C 76 27.27 -11.49 -52.68
C ASN C 76 26.60 -10.30 -52.03
N PRO C 77 25.34 -10.42 -51.60
CA PRO C 77 24.73 -9.37 -50.78
C PRO C 77 25.16 -9.47 -49.33
N VAL C 78 25.20 -8.31 -48.69
CA VAL C 78 25.49 -8.24 -47.26
C VAL C 78 24.27 -8.69 -46.48
N LEU C 79 24.45 -9.67 -45.61
CA LEU C 79 23.32 -10.18 -44.84
C LEU C 79 22.85 -9.12 -43.84
N PRO C 80 21.55 -9.02 -43.60
CA PRO C 80 21.08 -8.14 -42.52
C PRO C 80 21.51 -8.65 -41.16
N PHE C 81 21.54 -7.73 -40.20
CA PHE C 81 21.90 -8.08 -38.82
C PHE C 81 20.68 -8.42 -37.98
N ASN C 82 19.54 -7.77 -38.25
CA ASN C 82 18.27 -8.02 -37.56
C ASN C 82 18.49 -7.89 -36.06
N ASP C 83 17.99 -8.83 -35.25
CA ASP C 83 18.07 -8.75 -33.79
C ASP C 83 19.15 -9.69 -33.24
N GLY C 84 20.28 -9.81 -33.93
CA GLY C 84 21.34 -10.73 -33.54
C GLY C 84 21.47 -11.79 -34.62
N VAL C 85 22.72 -12.11 -34.95
CA VAL C 85 23.03 -13.03 -36.05
C VAL C 85 23.88 -14.17 -35.51
N TYR C 86 23.36 -15.39 -35.61
CA TYR C 86 24.15 -16.59 -35.40
C TYR C 86 25.00 -16.83 -36.64
N PHE C 87 26.16 -17.45 -36.43
CA PHE C 87 27.05 -17.77 -37.54
C PHE C 87 27.68 -19.13 -37.31
N ALA C 88 28.06 -19.76 -38.43
CA ALA C 88 28.86 -20.97 -38.41
C ALA C 88 29.57 -21.06 -39.75
N SER C 89 30.68 -21.78 -39.78
CA SER C 89 31.44 -21.98 -41.00
C SER C 89 32.32 -23.21 -40.82
N THR C 90 33.05 -23.55 -41.86
CA THR C 90 34.04 -24.63 -41.79
C THR C 90 35.31 -24.17 -42.50
N GLU C 91 35.69 -22.93 -42.27
CA GLU C 91 36.83 -22.31 -42.92
C GLU C 91 37.82 -21.81 -41.89
N LYS C 92 39.09 -21.82 -42.27
CA LYS C 92 40.19 -21.44 -41.38
C LYS C 92 40.55 -19.97 -41.62
N SER C 93 41.56 -19.49 -40.90
CA SER C 93 41.99 -18.10 -41.07
C SER C 93 42.57 -17.84 -42.45
N ASN C 94 42.91 -18.89 -43.19
CA ASN C 94 43.36 -18.71 -44.57
C ASN C 94 42.20 -18.57 -45.54
N ILE C 95 40.97 -18.76 -45.09
CA ILE C 95 39.78 -18.73 -45.94
C ILE C 95 38.80 -17.65 -45.51
N ILE C 96 38.37 -17.68 -44.25
CA ILE C 96 37.52 -16.65 -43.66
C ILE C 96 38.31 -15.97 -42.57
N ARG C 97 38.45 -14.64 -42.66
CA ARG C 97 39.41 -13.91 -41.85
C ARG C 97 38.79 -12.82 -40.99
N GLY C 98 37.47 -12.69 -40.94
CA GLY C 98 36.88 -11.68 -40.08
C GLY C 98 35.42 -11.45 -40.38
N TRP C 99 34.92 -10.33 -39.86
CA TRP C 99 33.52 -9.96 -39.93
C TRP C 99 33.38 -8.45 -40.03
N ILE C 100 32.25 -8.01 -40.57
CA ILE C 100 31.99 -6.60 -40.86
C ILE C 100 30.58 -6.27 -40.39
N PHE C 101 30.42 -5.07 -39.81
CA PHE C 101 29.13 -4.67 -39.25
C PHE C 101 28.92 -3.18 -39.42
N GLY C 102 27.68 -2.76 -39.31
CA GLY C 102 27.33 -1.36 -39.35
C GLY C 102 25.89 -1.19 -39.79
N THR C 103 25.49 0.07 -39.91
CA THR C 103 24.16 0.41 -40.40
C THR C 103 24.17 0.67 -41.90
N THR C 104 25.17 1.40 -42.38
CA THR C 104 25.33 1.65 -43.81
C THR C 104 26.65 1.16 -44.37
N LEU C 105 27.62 0.82 -43.51
CA LEU C 105 28.91 0.27 -43.93
C LEU C 105 29.62 1.20 -44.92
N ASP C 106 29.74 2.47 -44.55
CA ASP C 106 30.37 3.44 -45.42
C ASP C 106 31.09 4.48 -44.56
N SER C 107 31.47 5.59 -45.19
CA SER C 107 32.17 6.67 -44.50
C SER C 107 31.23 7.57 -43.70
N LYS C 108 29.93 7.31 -43.72
CA LYS C 108 28.98 8.14 -43.01
C LYS C 108 28.63 7.60 -41.62
N THR C 109 28.52 6.27 -41.47
CA THR C 109 28.14 5.66 -40.22
C THR C 109 29.23 4.72 -39.74
N GLN C 110 29.39 4.65 -38.42
CA GLN C 110 30.48 3.88 -37.81
C GLN C 110 30.42 2.42 -38.25
N SER C 111 31.45 1.99 -38.99
CA SER C 111 31.55 0.63 -39.51
C SER C 111 32.55 -0.14 -38.66
N LEU C 112 32.14 -1.31 -38.20
CA LEU C 112 32.98 -2.14 -37.35
C LEU C 112 33.64 -3.22 -38.20
N LEU C 113 34.95 -3.34 -38.10
CA LEU C 113 35.73 -4.33 -38.83
C LEU C 113 36.49 -5.18 -37.83
N ILE C 114 36.28 -6.50 -37.88
CA ILE C 114 36.97 -7.45 -37.04
C ILE C 114 37.81 -8.34 -37.94
N VAL C 115 39.11 -8.39 -37.69
CA VAL C 115 40.05 -9.22 -38.44
C VAL C 115 40.73 -10.15 -37.45
N ASN C 116 40.78 -11.44 -37.78
CA ASN C 116 41.35 -12.46 -36.91
C ASN C 116 42.68 -12.90 -37.52
N ASN C 117 43.74 -12.19 -37.17
CA ASN C 117 45.06 -12.46 -37.69
C ASN C 117 45.61 -13.76 -37.10
N ALA C 118 46.57 -14.36 -37.80
CA ALA C 118 47.25 -15.54 -37.29
C ALA C 118 48.12 -15.24 -36.08
N THR C 119 48.37 -13.96 -35.79
CA THR C 119 49.14 -13.56 -34.63
C THR C 119 48.35 -12.75 -33.60
N ASN C 120 47.22 -12.16 -34.00
CA ASN C 120 46.50 -11.25 -33.12
C ASN C 120 45.07 -11.12 -33.62
N VAL C 121 44.31 -10.20 -33.00
CA VAL C 121 42.95 -9.86 -33.39
C VAL C 121 42.83 -8.35 -33.39
N VAL C 122 42.25 -7.80 -34.45
CA VAL C 122 42.09 -6.36 -34.63
C VAL C 122 40.60 -6.06 -34.71
N ILE C 123 40.13 -5.12 -33.90
CA ILE C 123 38.74 -4.65 -33.93
C ILE C 123 38.76 -3.14 -34.05
N LYS C 124 38.24 -2.62 -35.15
CA LYS C 124 38.27 -1.18 -35.39
C LYS C 124 36.89 -0.68 -35.79
N VAL C 125 36.45 0.37 -35.11
CA VAL C 125 35.20 1.05 -35.45
C VAL C 125 35.56 2.37 -36.11
N CYS C 126 35.29 2.49 -37.40
CA CYS C 126 35.70 3.68 -38.13
C CYS C 126 34.85 3.80 -39.40
N GLU C 127 34.99 4.94 -40.06
CA GLU C 127 34.25 5.25 -41.29
C GLU C 127 35.03 4.76 -42.51
N PHE C 128 35.02 3.44 -42.68
CA PHE C 128 35.79 2.83 -43.76
C PHE C 128 35.10 3.04 -45.11
N GLN C 129 35.91 3.24 -46.14
CA GLN C 129 35.43 3.39 -47.51
C GLN C 129 35.84 2.15 -48.30
N PHE C 130 34.85 1.34 -48.67
CA PHE C 130 35.10 0.11 -49.42
C PHE C 130 33.79 -0.39 -49.99
N CYS C 131 33.88 -1.33 -50.92
CA CYS C 131 32.70 -1.88 -51.59
C CYS C 131 32.17 -3.08 -50.81
N ASN C 132 31.16 -3.75 -51.36
CA ASN C 132 30.55 -4.91 -50.71
C ASN C 132 31.32 -6.20 -50.98
N ASP C 133 32.58 -6.11 -51.38
CA ASP C 133 33.46 -7.27 -51.56
C ASP C 133 34.60 -7.12 -50.56
N PRO C 134 34.39 -7.45 -49.29
CA PRO C 134 35.44 -7.28 -48.29
C PRO C 134 36.39 -8.46 -48.30
N PHE C 135 37.70 -8.16 -48.37
CA PHE C 135 38.70 -9.20 -48.46
C PHE C 135 40.01 -8.68 -47.90
N LEU C 136 41.01 -9.56 -47.85
CA LEU C 136 42.37 -9.19 -47.52
C LEU C 136 43.30 -10.13 -48.28
N ASP C 137 43.84 -9.66 -49.41
CA ASP C 137 44.72 -10.46 -50.24
C ASP C 137 46.07 -10.60 -49.55
N VAL C 138 46.44 -11.83 -49.20
CA VAL C 138 47.60 -12.10 -48.36
C VAL C 138 48.53 -13.07 -49.08
N TYR C 139 49.83 -12.79 -49.02
CA TYR C 139 50.85 -13.68 -49.55
C TYR C 139 52.16 -13.38 -48.83
N TYR C 140 53.08 -14.34 -48.90
CA TYR C 140 54.39 -14.24 -48.28
C TYR C 140 55.43 -14.23 -49.39
N HIS C 141 55.75 -13.05 -49.91
CA HIS C 141 56.76 -12.93 -50.95
C HIS C 141 58.15 -13.08 -50.35
N LYS C 142 59.05 -13.71 -51.12
CA LYS C 142 60.39 -14.02 -50.63
C LYS C 142 61.27 -12.79 -50.47
N ASN C 143 60.83 -11.62 -50.94
CA ASN C 143 61.59 -10.40 -50.71
C ASN C 143 61.69 -10.09 -49.22
N ASN C 144 60.60 -10.31 -48.49
CA ASN C 144 60.59 -10.10 -47.04
C ASN C 144 60.15 -11.33 -46.25
N LYS C 145 59.63 -12.36 -46.91
CA LYS C 145 59.09 -13.56 -46.28
C LYS C 145 57.85 -13.24 -45.45
N SER C 146 57.45 -11.96 -45.42
CA SER C 146 56.24 -11.54 -44.72
C SER C 146 55.80 -10.22 -45.36
N TRP C 147 54.78 -10.29 -46.21
CA TRP C 147 54.25 -9.12 -46.89
C TRP C 147 53.05 -8.58 -46.14
N MET C 148 53.05 -7.27 -45.90
CA MET C 148 51.98 -6.61 -45.15
C MET C 148 50.91 -6.10 -46.10
N GLU C 149 49.66 -6.23 -45.68
CA GLU C 149 48.54 -5.78 -46.49
C GLU C 149 48.35 -4.28 -46.35
N SER C 150 47.72 -3.67 -47.36
CA SER C 150 47.53 -2.23 -47.39
C SER C 150 46.05 -1.88 -47.29
N GLU C 151 45.72 -0.95 -46.39
CA GLU C 151 44.35 -0.45 -46.30
C GLU C 151 44.00 0.40 -47.52
N PHE C 152 44.94 1.22 -47.98
CA PHE C 152 44.65 2.13 -49.10
C PHE C 152 44.48 1.39 -50.42
N ARG C 153 45.01 0.17 -50.52
CA ARG C 153 44.81 -0.63 -51.72
C ARG C 153 43.47 -1.38 -51.67
N VAL C 154 43.21 -2.09 -50.57
CA VAL C 154 41.96 -2.83 -50.44
C VAL C 154 40.79 -1.88 -50.24
N TYR C 155 40.95 -0.87 -49.40
CA TYR C 155 39.90 0.12 -49.14
C TYR C 155 40.26 1.45 -49.77
N SER C 156 39.23 2.21 -50.14
CA SER C 156 39.47 3.52 -50.74
C SER C 156 40.12 4.47 -49.75
N SER C 157 39.67 4.46 -48.49
CA SER C 157 40.19 5.39 -47.48
C SER C 157 39.80 4.86 -46.10
N ALA C 158 40.18 5.62 -45.07
CA ALA C 158 39.79 5.35 -43.69
C ALA C 158 39.94 6.62 -42.87
N ASN C 159 38.82 7.20 -42.43
CA ASN C 159 38.85 8.51 -41.79
C ASN C 159 37.92 8.54 -40.58
N ASN C 160 38.26 9.42 -39.62
CA ASN C 160 37.41 9.72 -38.47
C ASN C 160 37.31 8.54 -37.51
N CYS C 161 38.40 7.80 -37.34
CA CYS C 161 38.42 6.72 -36.37
C CYS C 161 38.59 7.27 -34.96
N THR C 162 38.04 6.55 -33.98
CA THR C 162 38.18 6.95 -32.59
C THR C 162 38.56 5.83 -31.63
N PHE C 163 38.33 4.56 -31.96
CA PHE C 163 38.52 3.46 -31.04
C PHE C 163 39.15 2.27 -31.75
N GLU C 164 39.88 1.45 -30.98
CA GLU C 164 40.53 0.26 -31.51
C GLU C 164 40.80 -0.71 -30.37
N TYR C 165 40.72 -2.00 -30.69
CA TYR C 165 41.04 -3.07 -29.74
C TYR C 165 41.93 -4.08 -30.43
N VAL C 166 42.89 -4.62 -29.69
CA VAL C 166 43.82 -5.63 -30.19
C VAL C 166 43.87 -6.76 -29.16
N SER C 167 44.12 -7.98 -29.64
CA SER C 167 44.08 -9.14 -28.76
C SER C 167 44.90 -10.27 -29.36
N GLN C 168 44.85 -11.43 -28.70
CA GLN C 168 45.42 -12.66 -29.21
C GLN C 168 44.51 -13.24 -30.30
N PRO C 169 45.00 -14.21 -31.08
CA PRO C 169 44.15 -14.84 -32.09
C PRO C 169 42.89 -15.44 -31.48
N PHE C 170 41.75 -14.86 -31.84
CA PHE C 170 40.46 -15.47 -31.48
C PHE C 170 40.23 -16.78 -32.23
N LEU C 171 41.03 -17.05 -33.26
CA LEU C 171 40.88 -18.21 -34.12
C LEU C 171 41.99 -19.20 -33.77
N MET C 172 41.66 -20.16 -32.90
CA MET C 172 42.57 -21.28 -32.59
C MET C 172 42.56 -22.29 -33.74
N ASP C 173 42.99 -21.80 -34.90
CA ASP C 173 42.94 -22.61 -36.11
C ASP C 173 43.90 -23.78 -36.03
N LEU C 174 43.45 -24.94 -36.49
CA LEU C 174 44.27 -26.13 -36.55
C LEU C 174 44.62 -26.44 -38.00
N GLU C 175 45.88 -26.82 -38.23
CA GLU C 175 46.35 -27.11 -39.57
C GLU C 175 45.72 -28.36 -40.16
N GLY C 176 45.23 -29.27 -39.31
CA GLY C 176 44.65 -30.50 -39.81
C GLY C 176 43.30 -30.30 -40.46
N LYS C 177 42.96 -31.23 -41.36
CA LYS C 177 41.66 -31.16 -42.03
C LYS C 177 40.52 -31.34 -41.04
N GLN C 178 40.67 -32.26 -40.08
CA GLN C 178 39.71 -32.34 -38.99
C GLN C 178 39.65 -31.03 -38.23
N GLY C 179 40.80 -30.47 -37.89
CA GLY C 179 40.83 -29.17 -37.23
C GLY C 179 40.30 -28.05 -38.11
N ASN C 180 40.51 -28.15 -39.43
CA ASN C 180 39.93 -27.17 -40.34
C ASN C 180 38.40 -27.23 -40.28
N PHE C 181 37.83 -28.43 -40.25
CA PHE C 181 36.41 -28.59 -40.03
C PHE C 181 36.05 -28.61 -38.55
N LYS C 182 37.03 -28.49 -37.66
CA LYS C 182 36.76 -28.15 -36.27
C LYS C 182 36.68 -26.65 -36.06
N ASN C 183 36.95 -25.86 -37.10
CA ASN C 183 36.99 -24.40 -36.98
C ASN C 183 35.64 -23.82 -37.38
N LEU C 184 34.68 -23.95 -36.45
CA LEU C 184 33.34 -23.42 -36.64
C LEU C 184 33.18 -22.23 -35.70
N ARG C 185 33.60 -21.06 -36.16
CA ARG C 185 33.59 -19.85 -35.35
C ARG C 185 32.14 -19.39 -35.19
N GLU C 186 31.45 -20.00 -34.23
CA GLU C 186 30.05 -19.65 -33.94
C GLU C 186 30.05 -18.34 -33.16
N PHE C 187 30.30 -17.26 -33.88
CA PHE C 187 30.48 -15.94 -33.26
C PHE C 187 29.13 -15.23 -33.27
N VAL C 188 28.36 -15.42 -32.20
CA VAL C 188 27.13 -14.67 -32.02
C VAL C 188 27.45 -13.18 -32.03
N PHE C 189 26.71 -12.41 -32.83
CA PHE C 189 26.86 -10.97 -32.90
C PHE C 189 25.57 -10.33 -32.42
N LYS C 190 25.63 -9.68 -31.25
CA LYS C 190 24.45 -9.03 -30.70
C LYS C 190 24.87 -7.91 -29.76
N ASN C 191 24.10 -6.83 -29.79
CA ASN C 191 24.37 -5.63 -28.99
C ASN C 191 23.14 -5.36 -28.13
N ILE C 192 23.22 -5.68 -26.84
CA ILE C 192 22.10 -5.55 -25.92
C ILE C 192 22.41 -4.44 -24.92
N ASP C 193 21.43 -3.55 -24.73
CA ASP C 193 21.52 -2.46 -23.75
C ASP C 193 22.67 -1.51 -24.05
N GLY C 194 23.04 -1.37 -25.32
CA GLY C 194 24.20 -0.57 -25.66
C GLY C 194 25.50 -1.24 -25.30
N TYR C 195 25.54 -2.57 -25.31
CA TYR C 195 26.75 -3.35 -25.05
C TYR C 195 26.80 -4.47 -26.07
N PHE C 196 27.73 -4.38 -27.02
CA PHE C 196 27.91 -5.40 -28.05
C PHE C 196 28.76 -6.50 -27.45
N LYS C 197 28.12 -7.64 -27.20
CA LYS C 197 28.85 -8.78 -26.67
C LYS C 197 29.21 -9.73 -27.81
N ILE C 198 30.31 -10.46 -27.63
CA ILE C 198 30.68 -11.48 -28.60
C ILE C 198 30.91 -12.79 -27.85
N TYR C 199 30.20 -13.83 -28.25
CA TYR C 199 30.38 -15.17 -27.73
C TYR C 199 31.13 -15.99 -28.77
N SER C 200 31.42 -17.24 -28.45
CA SER C 200 32.29 -18.00 -29.33
C SER C 200 32.14 -19.49 -29.06
N LYS C 201 32.55 -20.28 -30.05
CA LYS C 201 32.69 -21.72 -29.93
C LYS C 201 33.63 -22.18 -31.04
N HIS C 202 34.34 -23.27 -30.76
CA HIS C 202 35.23 -23.88 -31.75
C HIS C 202 35.18 -25.37 -31.46
N THR C 203 34.29 -26.05 -32.14
CA THR C 203 33.98 -27.37 -31.65
C THR C 203 34.97 -28.40 -32.18
N PRO C 204 35.31 -29.39 -31.33
CA PRO C 204 36.17 -30.48 -31.78
C PRO C 204 35.42 -31.52 -32.60
N ILE C 205 34.23 -31.14 -33.06
CA ILE C 205 33.30 -32.06 -33.73
C ILE C 205 33.95 -32.74 -34.93
N ASN C 206 33.47 -33.93 -35.26
CA ASN C 206 33.90 -34.62 -36.46
C ASN C 206 33.41 -33.87 -37.70
N LEU C 207 34.22 -33.89 -38.75
CA LEU C 207 33.85 -33.22 -39.99
C LEU C 207 32.62 -33.89 -40.61
N GLY C 208 31.72 -33.06 -41.13
CA GLY C 208 30.51 -33.54 -41.75
C GLY C 208 30.16 -32.82 -43.04
N ARG C 209 28.92 -32.34 -43.14
CA ARG C 209 28.47 -31.62 -44.32
C ARG C 209 27.96 -30.21 -44.02
N ASP C 210 27.29 -30.01 -42.88
CA ASP C 210 26.74 -28.71 -42.48
C ASP C 210 26.60 -28.77 -40.96
N LEU C 211 25.78 -27.88 -40.41
CA LEU C 211 25.52 -27.88 -38.98
C LEU C 211 25.01 -29.26 -38.56
N PRO C 212 25.69 -29.94 -37.64
CA PRO C 212 25.27 -31.27 -37.23
C PRO C 212 24.24 -31.22 -36.11
N GLN C 213 23.90 -32.38 -35.57
CA GLN C 213 23.08 -32.43 -34.36
C GLN C 213 23.92 -31.99 -33.16
N GLY C 214 23.37 -32.17 -31.96
CA GLY C 214 24.09 -31.89 -30.75
C GLY C 214 23.94 -30.45 -30.28
N PHE C 215 24.58 -30.19 -29.13
CA PHE C 215 24.40 -28.95 -28.39
C PHE C 215 25.76 -28.37 -28.04
N SER C 216 25.86 -27.04 -28.14
CA SER C 216 27.12 -26.35 -27.84
C SER C 216 26.81 -24.91 -27.42
N ALA C 217 27.02 -24.61 -26.14
CA ALA C 217 26.82 -23.26 -25.64
C ALA C 217 28.03 -22.39 -25.97
N LEU C 218 27.77 -21.10 -26.11
CA LEU C 218 28.75 -20.12 -26.59
C LEU C 218 29.13 -19.18 -25.45
N GLU C 219 30.49 -19.13 -25.10
CA GLU C 219 31.18 -18.41 -24.05
C GLU C 219 31.67 -17.06 -24.54
N PRO C 220 31.69 -16.04 -23.68
CA PRO C 220 31.98 -14.68 -24.15
C PRO C 220 33.46 -14.45 -24.42
N LEU C 221 33.72 -13.46 -25.28
CA LEU C 221 35.09 -13.01 -25.55
C LEU C 221 35.31 -11.56 -25.14
N VAL C 222 34.53 -10.63 -25.66
CA VAL C 222 34.54 -9.25 -25.18
C VAL C 222 33.12 -8.72 -25.14
N ASP C 223 32.79 -8.03 -24.05
CA ASP C 223 31.63 -7.16 -24.00
C ASP C 223 32.11 -5.76 -24.40
N LEU C 224 32.25 -5.54 -25.70
CA LEU C 224 32.54 -4.22 -26.20
C LEU C 224 31.39 -3.32 -25.77
N PRO C 225 31.61 -2.46 -24.81
CA PRO C 225 30.46 -1.82 -24.13
C PRO C 225 29.96 -0.58 -24.86
N ILE C 226 29.79 -0.72 -26.18
CA ILE C 226 29.27 0.36 -27.02
C ILE C 226 27.89 0.00 -27.57
N GLY C 227 27.76 -1.18 -28.17
CA GLY C 227 26.47 -1.74 -28.53
C GLY C 227 25.61 -0.90 -29.45
N ILE C 228 26.21 -0.38 -30.52
CA ILE C 228 25.47 0.41 -31.50
C ILE C 228 24.68 -0.51 -32.40
N ASN C 229 23.57 0.00 -32.92
CA ASN C 229 22.70 -0.81 -33.78
C ASN C 229 23.43 -1.21 -35.05
N ILE C 230 23.16 -2.43 -35.51
CA ILE C 230 23.74 -2.96 -36.74
C ILE C 230 22.60 -3.35 -37.66
N THR C 231 22.64 -2.86 -38.90
CA THR C 231 21.65 -3.20 -39.91
C THR C 231 22.17 -4.20 -40.93
N ARG C 232 23.48 -4.22 -41.17
CA ARG C 232 24.09 -5.11 -42.15
C ARG C 232 25.29 -5.81 -41.51
N PHE C 233 25.36 -7.13 -41.72
CA PHE C 233 26.47 -7.94 -41.26
C PHE C 233 27.02 -8.74 -42.44
N GLN C 234 28.33 -8.69 -42.62
CA GLN C 234 28.99 -9.41 -43.70
C GLN C 234 30.14 -10.23 -43.13
N THR C 235 30.46 -11.33 -43.83
CA THR C 235 31.55 -12.21 -43.46
C THR C 235 32.76 -11.90 -44.32
N LEU C 236 33.89 -11.60 -43.68
CA LEU C 236 35.11 -11.23 -44.37
C LEU C 236 35.86 -12.50 -44.77
N LEU C 237 36.13 -12.66 -46.06
CA LEU C 237 36.80 -13.85 -46.56
C LEU C 237 38.24 -13.54 -46.90
N ALA C 238 39.08 -14.57 -46.82
CA ALA C 238 40.50 -14.47 -47.12
C ALA C 238 40.81 -15.27 -48.38
N LEU C 239 41.48 -14.62 -49.32
CA LEU C 239 41.85 -15.24 -50.59
C LEU C 239 42.96 -16.24 -50.33
N HIS C 240 42.60 -17.51 -50.20
CA HIS C 240 43.58 -18.54 -49.85
C HIS C 240 44.64 -18.68 -50.94
N ARG C 241 45.88 -18.83 -50.50
CA ARG C 241 47.01 -18.99 -51.40
C ARG C 241 48.06 -19.87 -50.73
N SER C 242 48.96 -20.42 -51.54
CA SER C 242 50.02 -21.28 -51.05
C SER C 242 51.31 -20.51 -50.74
N TYR C 243 51.27 -19.18 -50.81
CA TYR C 243 52.41 -18.29 -50.52
C TYR C 243 53.53 -18.45 -51.54
N LEU C 244 53.30 -19.18 -52.63
CA LEU C 244 54.29 -19.38 -53.68
C LEU C 244 53.75 -19.08 -55.07
N THR C 245 52.43 -18.96 -55.23
CA THR C 245 51.86 -18.66 -56.52
C THR C 245 52.24 -17.23 -56.94
N PRO C 246 52.16 -16.93 -58.24
CA PRO C 246 52.41 -15.54 -58.68
C PRO C 246 51.36 -14.57 -58.18
N GLY C 247 51.41 -13.33 -58.64
CA GLY C 247 50.54 -12.30 -58.12
C GLY C 247 49.24 -12.18 -58.89
N ASP C 248 49.05 -11.05 -59.58
CA ASP C 248 47.80 -10.75 -60.25
C ASP C 248 47.69 -11.64 -61.49
N SER C 249 47.25 -12.87 -61.25
CA SER C 249 47.13 -13.87 -62.30
C SER C 249 46.14 -14.93 -61.84
N SER C 250 45.63 -15.69 -62.82
CA SER C 250 44.70 -16.77 -62.50
C SER C 250 45.37 -17.89 -61.73
N SER C 251 46.68 -18.08 -61.93
CA SER C 251 47.45 -19.09 -61.21
C SER C 251 47.85 -18.63 -59.81
N GLY C 252 47.24 -17.58 -59.31
CA GLY C 252 47.51 -17.06 -57.99
C GLY C 252 46.45 -17.49 -57.00
N TRP C 253 45.45 -16.64 -56.76
CA TRP C 253 44.33 -16.98 -55.89
C TRP C 253 43.66 -18.25 -56.39
N THR C 254 43.76 -19.31 -55.59
CA THR C 254 43.28 -20.63 -55.99
C THR C 254 41.87 -20.88 -55.47
N ALA C 255 41.10 -21.66 -56.22
CA ALA C 255 39.70 -21.90 -55.91
C ALA C 255 39.56 -22.66 -54.59
N GLY C 256 38.48 -22.36 -53.87
CA GLY C 256 38.18 -23.01 -52.61
C GLY C 256 36.76 -22.73 -52.14
N ALA C 257 36.13 -23.72 -51.51
CA ALA C 257 34.73 -23.61 -51.10
C ALA C 257 34.64 -22.87 -49.78
N ALA C 258 34.29 -21.60 -49.84
CA ALA C 258 34.12 -20.77 -48.64
C ALA C 258 32.65 -20.70 -48.23
N ALA C 259 32.10 -21.86 -47.88
CA ALA C 259 30.72 -21.95 -47.47
C ALA C 259 30.56 -21.51 -46.02
N TYR C 260 29.44 -20.88 -45.69
CA TYR C 260 29.13 -20.53 -44.32
C TYR C 260 27.62 -20.57 -44.13
N TYR C 261 27.17 -20.60 -42.88
CA TYR C 261 25.76 -20.69 -42.55
C TYR C 261 25.41 -19.61 -41.54
N VAL C 262 24.26 -18.98 -41.74
CA VAL C 262 23.85 -17.84 -40.94
C VAL C 262 22.39 -18.01 -40.51
N GLY C 263 22.13 -17.87 -39.22
CA GLY C 263 20.79 -17.77 -38.69
C GLY C 263 20.44 -16.35 -38.30
N TYR C 264 19.36 -16.23 -37.52
CA TYR C 264 18.93 -14.91 -37.06
C TYR C 264 18.33 -15.02 -35.67
N LEU C 265 18.72 -14.11 -34.79
CA LEU C 265 18.26 -14.11 -33.42
C LEU C 265 16.94 -13.35 -33.29
N GLN C 266 16.05 -13.90 -32.47
CA GLN C 266 14.74 -13.31 -32.23
C GLN C 266 14.44 -13.39 -30.74
N PRO C 267 13.67 -12.43 -30.21
CA PRO C 267 13.23 -12.55 -28.82
C PRO C 267 12.36 -13.80 -28.65
N ARG C 268 12.76 -14.64 -27.71
CA ARG C 268 12.12 -15.94 -27.57
C ARG C 268 12.44 -16.52 -26.21
N THR C 269 11.42 -17.01 -25.53
CA THR C 269 11.61 -17.71 -24.26
C THR C 269 12.26 -19.05 -24.52
N PHE C 270 13.21 -19.42 -23.67
CA PHE C 270 13.91 -20.69 -23.73
C PHE C 270 13.96 -21.30 -22.34
N LEU C 271 13.80 -22.63 -22.27
CA LEU C 271 14.02 -23.34 -21.01
C LEU C 271 15.39 -24.00 -21.12
N LEU C 272 16.36 -23.43 -20.41
CA LEU C 272 17.73 -23.92 -20.48
C LEU C 272 17.91 -25.11 -19.54
N LYS C 273 19.13 -25.62 -19.49
CA LYS C 273 19.50 -26.69 -18.57
C LYS C 273 21.01 -26.63 -18.41
N TYR C 274 21.44 -26.20 -17.23
CA TYR C 274 22.86 -26.10 -16.90
C TYR C 274 23.38 -27.43 -16.41
N ASN C 275 24.65 -27.70 -16.70
CA ASN C 275 25.32 -28.86 -16.16
C ASN C 275 26.04 -28.45 -14.88
N GLU C 276 26.79 -29.38 -14.30
CA GLU C 276 27.37 -29.17 -12.98
C GLU C 276 28.39 -28.03 -12.97
N ASN C 277 28.87 -27.63 -14.15
CA ASN C 277 29.91 -26.63 -14.24
C ASN C 277 29.40 -25.27 -14.72
N GLY C 278 28.09 -25.10 -14.82
CA GLY C 278 27.53 -23.85 -15.30
C GLY C 278 27.51 -23.70 -16.80
N THR C 279 28.04 -24.67 -17.55
CA THR C 279 27.93 -24.66 -19.00
C THR C 279 26.52 -25.11 -19.38
N ILE C 280 25.80 -24.27 -20.12
CA ILE C 280 24.45 -24.59 -20.50
C ILE C 280 24.52 -25.82 -21.40
N THR C 281 24.06 -26.96 -20.88
CA THR C 281 24.21 -28.22 -21.58
C THR C 281 22.97 -28.62 -22.36
N ASP C 282 21.85 -27.93 -22.17
CA ASP C 282 20.66 -28.23 -22.96
C ASP C 282 19.80 -26.98 -23.02
N ALA C 283 18.89 -26.95 -23.99
CA ALA C 283 17.93 -25.85 -24.10
C ALA C 283 16.80 -26.29 -25.00
N VAL C 284 15.57 -25.97 -24.59
CA VAL C 284 14.40 -26.24 -25.41
C VAL C 284 13.66 -24.93 -25.65
N ASP C 285 12.97 -24.87 -26.78
CA ASP C 285 12.18 -23.70 -27.12
C ASP C 285 10.82 -23.80 -26.44
N CYS C 286 10.06 -22.71 -26.52
CA CYS C 286 8.75 -22.67 -25.88
C CYS C 286 7.62 -22.53 -26.90
N ALA C 287 7.67 -21.49 -27.72
CA ALA C 287 6.62 -21.21 -28.69
C ALA C 287 6.73 -22.06 -29.95
N LEU C 288 7.66 -23.03 -29.99
CA LEU C 288 7.81 -23.86 -31.17
C LEU C 288 6.58 -24.73 -31.39
N ASP C 289 6.27 -25.59 -30.43
CA ASP C 289 5.18 -26.54 -30.56
C ASP C 289 4.49 -26.66 -29.21
N PRO C 290 3.26 -27.17 -29.18
CA PRO C 290 2.56 -27.30 -27.90
C PRO C 290 3.33 -28.11 -26.87
N LEU C 291 4.12 -29.10 -27.31
CA LEU C 291 4.99 -29.79 -26.37
C LEU C 291 6.02 -28.85 -25.78
N SER C 292 6.57 -27.96 -26.61
CA SER C 292 7.54 -26.98 -26.12
C SER C 292 6.91 -26.01 -25.13
N GLU C 293 5.71 -25.53 -25.43
CA GLU C 293 5.03 -24.64 -24.49
C GLU C 293 4.70 -25.35 -23.19
N THR C 294 4.26 -26.60 -23.26
CA THR C 294 3.98 -27.36 -22.05
C THR C 294 5.25 -27.56 -21.23
N LYS C 295 6.37 -27.85 -21.89
CA LYS C 295 7.63 -28.01 -21.18
C LYS C 295 8.06 -26.72 -20.50
N CYS C 296 7.99 -25.60 -21.22
CA CYS C 296 8.39 -24.34 -20.61
C CYS C 296 7.44 -23.92 -19.49
N THR C 297 6.18 -24.32 -19.57
CA THR C 297 5.24 -24.02 -18.49
C THR C 297 5.51 -24.88 -17.27
N LEU C 298 5.83 -26.16 -17.48
CA LEU C 298 6.11 -27.07 -16.39
C LEU C 298 7.54 -26.97 -15.88
N LYS C 299 8.37 -26.13 -16.50
CA LYS C 299 9.78 -25.96 -16.13
C LYS C 299 10.50 -27.31 -16.10
N SER C 300 10.25 -28.13 -17.12
CA SER C 300 10.80 -29.47 -17.15
C SER C 300 11.03 -29.89 -18.59
N PHE C 301 11.85 -30.92 -18.75
CA PHE C 301 12.14 -31.52 -20.05
C PHE C 301 11.43 -32.84 -20.25
N THR C 302 10.63 -33.28 -19.28
CA THR C 302 9.98 -34.58 -19.31
C THR C 302 8.53 -34.46 -18.87
N VAL C 303 7.79 -33.55 -19.51
CA VAL C 303 6.38 -33.37 -19.19
C VAL C 303 5.64 -34.67 -19.42
N GLU C 304 4.80 -35.04 -18.46
CA GLU C 304 4.13 -36.33 -18.47
C GLU C 304 2.75 -36.20 -19.10
N LYS C 305 1.98 -37.28 -19.06
CA LYS C 305 0.67 -37.32 -19.69
C LYS C 305 -0.31 -36.41 -18.94
N GLY C 306 -1.11 -35.68 -19.70
CA GLY C 306 -2.10 -34.81 -19.10
C GLY C 306 -2.52 -33.72 -20.06
N ILE C 307 -3.41 -32.87 -19.57
CA ILE C 307 -3.87 -31.69 -20.28
C ILE C 307 -3.48 -30.48 -19.45
N TYR C 308 -2.72 -29.57 -20.05
CA TYR C 308 -2.12 -28.45 -19.34
C TYR C 308 -2.60 -27.16 -19.96
N GLN C 309 -3.18 -26.29 -19.14
CA GLN C 309 -3.59 -24.98 -19.61
C GLN C 309 -2.35 -24.16 -19.90
N THR C 310 -2.02 -23.99 -21.18
CA THR C 310 -0.79 -23.32 -21.56
C THR C 310 -0.99 -21.82 -21.78
N SER C 311 -2.00 -21.44 -22.56
CA SER C 311 -2.21 -20.04 -22.88
C SER C 311 -3.70 -19.81 -23.11
N ASN C 312 -4.03 -18.56 -23.38
CA ASN C 312 -5.39 -18.22 -23.74
C ASN C 312 -5.49 -17.92 -25.22
N PHE C 313 -6.40 -18.62 -25.88
CA PHE C 313 -6.64 -18.42 -27.31
C PHE C 313 -7.41 -17.11 -27.50
N ARG C 314 -6.90 -16.24 -28.36
CA ARG C 314 -7.51 -14.94 -28.58
C ARG C 314 -7.39 -14.59 -30.06
N VAL C 315 -8.51 -14.29 -30.70
CA VAL C 315 -8.48 -13.74 -32.05
C VAL C 315 -8.32 -12.23 -31.95
N GLN C 316 -7.22 -11.74 -32.48
CA GLN C 316 -6.93 -10.32 -32.40
C GLN C 316 -7.82 -9.53 -33.36
N PRO C 317 -8.10 -8.27 -33.07
CA PRO C 317 -8.85 -7.44 -34.01
C PRO C 317 -8.08 -7.24 -35.31
N THR C 318 -8.81 -7.10 -36.41
CA THR C 318 -8.21 -7.03 -37.73
C THR C 318 -8.27 -5.65 -38.36
N GLU C 319 -9.28 -4.85 -38.04
CA GLU C 319 -9.41 -3.51 -38.61
C GLU C 319 -9.77 -2.52 -37.52
N SER C 320 -9.53 -1.25 -37.79
CA SER C 320 -9.87 -0.16 -36.89
C SER C 320 -11.02 0.64 -37.49
N ILE C 321 -12.10 0.79 -36.73
CA ILE C 321 -13.28 1.52 -37.17
C ILE C 321 -13.31 2.83 -36.39
N VAL C 322 -12.86 3.91 -37.03
CA VAL C 322 -12.93 5.24 -36.45
C VAL C 322 -14.15 5.94 -37.02
N ARG C 323 -15.10 6.29 -36.17
CA ARG C 323 -16.36 6.86 -36.60
C ARG C 323 -16.75 8.02 -35.71
N PHE C 324 -17.60 8.89 -36.26
CA PHE C 324 -18.20 9.99 -35.54
C PHE C 324 -19.61 10.18 -36.08
N PRO C 325 -20.53 10.73 -35.27
CA PRO C 325 -21.96 10.69 -35.65
C PRO C 325 -22.31 11.56 -36.84
N ASN C 326 -21.62 11.38 -37.96
CA ASN C 326 -21.95 11.97 -39.26
C ASN C 326 -22.30 13.46 -39.14
N ILE C 327 -21.72 14.14 -38.16
CA ILE C 327 -22.18 15.48 -37.79
C ILE C 327 -21.81 16.46 -38.89
N THR C 328 -22.83 17.14 -39.44
CA THR C 328 -22.58 18.13 -40.49
C THR C 328 -22.17 19.46 -39.87
N ASN C 329 -23.06 20.06 -39.08
CA ASN C 329 -22.79 21.21 -38.19
C ASN C 329 -21.72 22.15 -38.74
N LEU C 330 -22.00 22.68 -39.92
CA LEU C 330 -21.05 23.56 -40.59
C LEU C 330 -20.84 24.84 -39.80
N CYS C 331 -19.68 24.98 -39.18
CA CYS C 331 -19.34 26.23 -38.52
C CYS C 331 -19.20 27.33 -39.56
N PRO C 332 -19.80 28.50 -39.34
CA PRO C 332 -19.75 29.54 -40.38
C PRO C 332 -18.38 30.18 -40.51
N PHE C 333 -17.66 29.78 -41.55
CA PHE C 333 -16.38 30.38 -41.91
C PHE C 333 -16.39 30.95 -43.33
N ASP C 334 -16.78 30.13 -44.31
CA ASP C 334 -16.75 30.57 -45.70
C ASP C 334 -17.73 31.71 -45.95
N GLU C 335 -18.93 31.62 -45.36
CA GLU C 335 -19.91 32.70 -45.51
C GLU C 335 -19.38 33.99 -44.91
N VAL C 336 -18.67 33.91 -43.79
CA VAL C 336 -18.01 35.09 -43.24
C VAL C 336 -16.95 35.61 -44.20
N PHE C 337 -16.16 34.70 -44.79
CA PHE C 337 -15.12 35.12 -45.72
C PHE C 337 -15.72 35.75 -46.97
N ASN C 338 -16.81 35.18 -47.48
CA ASN C 338 -17.43 35.62 -48.73
C ASN C 338 -18.50 36.68 -48.49
N ALA C 339 -18.41 37.44 -47.41
CA ALA C 339 -19.36 38.51 -47.16
C ALA C 339 -19.20 39.61 -48.21
N THR C 340 -20.33 40.21 -48.59
CA THR C 340 -20.30 41.27 -49.59
C THR C 340 -19.50 42.47 -49.09
N ARG C 341 -19.70 42.84 -47.83
CA ARG C 341 -18.92 43.89 -47.19
C ARG C 341 -18.37 43.37 -45.88
N PHE C 342 -17.06 43.50 -45.69
CA PHE C 342 -16.38 42.97 -44.54
C PHE C 342 -16.37 44.00 -43.41
N ALA C 343 -15.84 43.61 -42.25
CA ALA C 343 -15.77 44.47 -41.09
C ALA C 343 -14.39 45.09 -40.98
N SER C 344 -14.35 46.32 -40.45
CA SER C 344 -13.09 47.01 -40.27
C SER C 344 -12.30 46.41 -39.12
N VAL C 345 -11.00 46.71 -39.09
CA VAL C 345 -10.10 46.14 -38.09
C VAL C 345 -10.37 46.72 -36.70
N TYR C 346 -10.57 48.03 -36.60
CA TYR C 346 -10.85 48.62 -35.29
C TYR C 346 -12.16 48.09 -34.71
N ALA C 347 -13.20 48.01 -35.55
CA ALA C 347 -14.47 47.40 -35.15
C ALA C 347 -14.53 45.96 -35.65
N TRP C 348 -13.54 45.18 -35.24
CA TRP C 348 -13.44 43.79 -35.70
C TRP C 348 -14.61 42.97 -35.18
N ASN C 349 -15.18 42.17 -36.07
CA ASN C 349 -16.38 41.39 -35.74
C ASN C 349 -16.00 40.19 -34.89
N ARG C 350 -16.49 40.16 -33.65
CA ARG C 350 -16.28 39.03 -32.76
C ARG C 350 -17.30 37.95 -33.13
N LYS C 351 -16.91 37.12 -34.08
CA LYS C 351 -17.76 36.03 -34.51
C LYS C 351 -17.64 34.84 -33.56
N ARG C 352 -18.78 34.33 -33.11
CA ARG C 352 -18.79 33.23 -32.15
C ARG C 352 -18.98 31.91 -32.88
N ILE C 353 -18.22 30.91 -32.47
CA ILE C 353 -18.26 29.57 -33.06
C ILE C 353 -18.44 28.60 -31.90
N SER C 354 -19.62 27.99 -31.83
CA SER C 354 -19.94 26.99 -30.82
C SER C 354 -21.12 26.17 -31.31
N ASN C 355 -21.27 24.98 -30.74
CA ASN C 355 -22.34 24.01 -31.02
C ASN C 355 -22.22 23.41 -32.42
N CYS C 356 -21.26 23.85 -33.23
CA CYS C 356 -21.04 23.32 -34.56
C CYS C 356 -19.70 22.58 -34.62
N VAL C 357 -19.57 21.71 -35.61
CA VAL C 357 -18.35 20.95 -35.81
C VAL C 357 -17.45 21.71 -36.77
N ALA C 358 -16.15 21.75 -36.45
CA ALA C 358 -15.22 22.53 -37.24
C ALA C 358 -14.94 21.84 -38.57
N ASP C 359 -14.51 22.65 -39.54
CA ASP C 359 -14.29 22.23 -40.92
C ASP C 359 -12.95 22.75 -41.41
N TYR C 360 -11.89 22.53 -40.63
CA TYR C 360 -10.56 23.04 -40.95
C TYR C 360 -10.12 22.73 -42.37
N SER C 361 -10.66 21.66 -42.97
CA SER C 361 -10.29 21.31 -44.34
C SER C 361 -10.67 22.37 -45.36
N VAL C 362 -11.59 23.28 -45.00
CA VAL C 362 -11.94 24.38 -45.90
C VAL C 362 -10.97 25.55 -45.82
N LEU C 363 -10.03 25.53 -44.86
CA LEU C 363 -9.07 26.61 -44.74
C LEU C 363 -8.06 26.62 -45.89
N TYR C 364 -8.02 25.56 -46.69
CA TYR C 364 -7.11 25.46 -47.81
C TYR C 364 -7.75 26.07 -49.06
N ASN C 365 -7.16 25.81 -50.23
CA ASN C 365 -7.61 26.22 -51.54
C ASN C 365 -7.83 27.72 -51.67
N PHE C 366 -7.30 28.52 -50.73
CA PHE C 366 -7.32 29.97 -50.85
C PHE C 366 -6.17 30.41 -51.75
N ALA C 367 -5.87 31.71 -51.74
CA ALA C 367 -4.79 32.23 -52.56
C ALA C 367 -3.48 31.57 -52.16
N PRO C 368 -2.60 31.27 -53.13
CA PRO C 368 -1.38 30.52 -52.82
C PRO C 368 -0.46 31.29 -51.87
N PHE C 369 0.26 30.54 -51.04
CA PHE C 369 1.22 31.09 -50.08
C PHE C 369 0.56 32.10 -49.13
N PHE C 370 -0.67 31.78 -48.71
CA PHE C 370 -1.34 32.61 -47.71
C PHE C 370 -0.79 32.30 -46.33
N ALA C 371 -0.71 33.33 -45.49
CA ALA C 371 -0.21 33.16 -44.14
C ALA C 371 -1.15 32.28 -43.34
N PHE C 372 -0.60 31.25 -42.70
CA PHE C 372 -1.37 30.26 -41.96
C PHE C 372 -0.72 30.00 -40.60
N LYS C 373 -0.39 31.07 -39.88
CA LYS C 373 0.38 30.91 -38.65
C LYS C 373 -0.52 30.39 -37.54
N CYS C 374 0.08 29.71 -36.57
CA CYS C 374 -0.64 29.22 -35.41
C CYS C 374 0.25 29.33 -34.18
N TYR C 375 -0.40 29.52 -33.02
CA TYR C 375 0.30 29.67 -31.76
C TYR C 375 -0.38 28.82 -30.70
N GLY C 376 0.42 27.99 -30.02
CA GLY C 376 -0.08 27.13 -28.97
C GLY C 376 -0.52 25.75 -29.41
N VAL C 377 -0.78 25.56 -30.71
CA VAL C 377 -1.22 24.27 -31.23
C VAL C 377 -1.03 24.28 -32.73
N SER C 378 -0.64 23.13 -33.28
CA SER C 378 -0.52 23.00 -34.73
C SER C 378 -1.90 23.05 -35.38
N PRO C 379 -2.01 23.65 -36.58
CA PRO C 379 -3.32 23.76 -37.22
C PRO C 379 -3.98 22.42 -37.52
N THR C 380 -3.20 21.38 -37.78
CA THR C 380 -3.76 20.08 -38.18
C THR C 380 -4.13 19.21 -36.98
N LYS C 381 -3.94 19.68 -35.76
CA LYS C 381 -4.25 18.89 -34.58
C LYS C 381 -5.61 19.21 -33.97
N LEU C 382 -6.16 20.39 -34.25
CA LEU C 382 -7.45 20.76 -33.69
C LEU C 382 -8.58 19.85 -34.12
N ASN C 383 -8.39 19.06 -35.18
CA ASN C 383 -9.39 18.08 -35.56
C ASN C 383 -9.58 17.02 -34.48
N ASP C 384 -8.54 16.73 -33.71
CA ASP C 384 -8.61 15.80 -32.60
C ASP C 384 -8.70 16.51 -31.25
N LEU C 385 -8.98 17.81 -31.26
CA LEU C 385 -9.05 18.61 -30.05
C LEU C 385 -10.39 19.33 -29.98
N CYS C 386 -10.82 19.63 -28.75
CA CYS C 386 -12.07 20.33 -28.50
C CYS C 386 -11.80 21.59 -27.70
N PHE C 387 -12.71 22.55 -27.81
CA PHE C 387 -12.66 23.78 -27.03
C PHE C 387 -14.08 24.20 -26.69
N THR C 388 -14.21 25.05 -25.68
CA THR C 388 -15.53 25.54 -25.28
C THR C 388 -16.09 26.49 -26.32
N ASN C 389 -15.28 27.45 -26.78
CA ASN C 389 -15.75 28.44 -27.74
C ASN C 389 -14.62 28.77 -28.71
N VAL C 390 -14.99 29.29 -29.88
CA VAL C 390 -14.02 29.78 -30.85
C VAL C 390 -14.40 31.20 -31.23
N TYR C 391 -13.42 32.10 -31.19
CA TYR C 391 -13.58 33.47 -31.65
C TYR C 391 -13.01 33.56 -33.06
N ALA C 392 -13.88 33.63 -34.07
CA ALA C 392 -13.43 33.79 -35.45
C ALA C 392 -13.39 35.27 -35.82
N ASP C 393 -12.49 35.99 -35.15
CA ASP C 393 -12.35 37.43 -35.42
C ASP C 393 -11.86 37.62 -36.84
N SER C 394 -12.37 38.64 -37.53
CA SER C 394 -12.04 38.78 -38.93
C SER C 394 -11.99 40.26 -39.28
N PHE C 395 -11.03 40.63 -40.13
CA PHE C 395 -10.90 42.01 -40.59
C PHE C 395 -10.07 42.02 -41.87
N VAL C 396 -9.87 43.21 -42.42
CA VAL C 396 -9.03 43.42 -43.59
C VAL C 396 -8.02 44.51 -43.25
N ILE C 397 -6.74 44.19 -43.38
CA ILE C 397 -5.66 45.11 -43.03
C ILE C 397 -4.65 45.14 -44.17
N ARG C 398 -3.62 45.97 -43.98
CA ARG C 398 -2.57 46.13 -44.98
C ARG C 398 -1.68 44.89 -45.05
N GLY C 399 -0.85 44.84 -46.09
CA GLY C 399 0.05 43.72 -46.25
C GLY C 399 1.10 43.63 -45.15
N ASN C 400 1.70 44.77 -44.80
CA ASN C 400 2.74 44.78 -43.79
C ASN C 400 2.19 44.67 -42.37
N GLU C 401 0.90 44.96 -42.18
CA GLU C 401 0.30 44.90 -40.85
C GLU C 401 -0.05 43.48 -40.42
N VAL C 402 0.09 42.50 -41.32
CA VAL C 402 -0.16 41.10 -40.95
C VAL C 402 0.85 40.65 -39.91
N SER C 403 2.12 41.02 -40.09
CA SER C 403 3.17 40.63 -39.16
C SER C 403 2.93 41.19 -37.76
N GLN C 404 2.23 42.32 -37.64
CA GLN C 404 1.91 42.85 -36.32
C GLN C 404 0.91 41.98 -35.59
N ILE C 405 0.10 41.21 -36.31
CA ILE C 405 -0.89 40.32 -35.69
C ILE C 405 -0.16 39.05 -35.26
N ALA C 406 0.35 39.05 -34.04
CA ALA C 406 1.08 37.92 -33.48
C ALA C 406 1.28 38.15 -31.98
N PRO C 407 1.32 37.09 -31.17
CA PRO C 407 1.56 37.29 -29.74
C PRO C 407 2.92 37.91 -29.48
N GLY C 408 2.96 38.84 -28.52
CA GLY C 408 4.18 39.51 -28.15
C GLY C 408 4.66 40.58 -29.11
N GLN C 409 3.87 40.91 -30.14
CA GLN C 409 4.26 41.91 -31.11
C GLN C 409 3.73 43.28 -30.71
N THR C 410 4.08 44.30 -31.50
CA THR C 410 3.69 45.67 -31.25
C THR C 410 3.25 46.29 -32.57
N GLY C 411 3.07 47.61 -32.56
CA GLY C 411 2.62 48.34 -33.72
C GLY C 411 1.32 49.08 -33.46
N ASN C 412 0.97 49.93 -34.43
CA ASN C 412 -0.25 50.72 -34.31
C ASN C 412 -1.48 49.84 -34.29
N ILE C 413 -1.57 48.89 -35.24
CA ILE C 413 -2.72 48.00 -35.29
C ILE C 413 -2.71 47.02 -34.12
N ALA C 414 -1.53 46.47 -33.81
CA ALA C 414 -1.44 45.45 -32.76
C ALA C 414 -1.69 46.02 -31.37
N ASP C 415 -1.62 47.33 -31.19
CA ASP C 415 -1.80 47.93 -29.87
C ASP C 415 -3.03 48.83 -29.77
N TYR C 416 -3.55 49.33 -30.89
CA TYR C 416 -4.71 50.22 -30.87
C TYR C 416 -5.92 49.65 -31.59
N ASN C 417 -5.77 48.59 -32.37
CA ASN C 417 -6.88 48.00 -33.11
C ASN C 417 -7.20 46.58 -32.68
N TYR C 418 -6.18 45.72 -32.52
CA TYR C 418 -6.42 44.33 -32.15
C TYR C 418 -5.18 43.83 -31.42
N LYS C 419 -5.31 43.59 -30.12
CA LYS C 419 -4.21 43.13 -29.30
C LYS C 419 -4.28 41.61 -29.14
N LEU C 420 -3.21 40.93 -29.51
CA LEU C 420 -3.13 39.48 -29.37
C LEU C 420 -2.32 39.15 -28.13
N PRO C 421 -2.88 38.44 -27.15
CA PRO C 421 -2.16 38.17 -25.91
C PRO C 421 -0.94 37.29 -26.13
N ASP C 422 0.02 37.42 -25.22
CA ASP C 422 1.25 36.63 -25.31
C ASP C 422 0.97 35.15 -25.19
N ASP C 423 -0.04 34.76 -24.41
CA ASP C 423 -0.43 33.36 -24.25
C ASP C 423 -1.60 32.98 -25.16
N PHE C 424 -1.70 33.61 -26.32
CA PHE C 424 -2.81 33.34 -27.23
C PHE C 424 -2.68 31.94 -27.82
N THR C 425 -3.81 31.22 -27.83
CA THR C 425 -3.90 29.89 -28.42
C THR C 425 -4.87 29.95 -29.58
N GLY C 426 -4.44 29.53 -30.76
CA GLY C 426 -5.25 29.59 -31.95
C GLY C 426 -4.39 29.75 -33.18
N CYS C 427 -4.96 30.40 -34.19
CA CYS C 427 -4.27 30.61 -35.45
C CYS C 427 -4.64 31.97 -36.04
N VAL C 428 -3.77 32.44 -36.93
CA VAL C 428 -3.99 33.65 -37.71
C VAL C 428 -3.84 33.28 -39.18
N ILE C 429 -4.89 33.48 -39.96
CA ILE C 429 -4.92 33.14 -41.38
C ILE C 429 -5.13 34.43 -42.17
N ALA C 430 -4.14 34.78 -42.98
CA ALA C 430 -4.18 35.98 -43.80
C ALA C 430 -4.09 35.59 -45.27
N TRP C 431 -5.06 36.04 -46.06
CA TRP C 431 -5.06 35.74 -47.49
C TRP C 431 -5.40 36.99 -48.29
N ASN C 432 -4.85 37.05 -49.49
CA ASN C 432 -5.02 38.23 -50.34
C ASN C 432 -6.47 38.37 -50.77
N SER C 433 -6.98 39.60 -50.74
CA SER C 433 -8.33 39.91 -51.21
C SER C 433 -8.30 41.18 -52.05
N ASN C 434 -7.23 41.36 -52.82
CA ASN C 434 -7.12 42.53 -53.70
C ASN C 434 -8.23 42.52 -54.74
N LYS C 435 -8.51 41.36 -55.34
CA LYS C 435 -9.60 41.26 -56.28
C LYS C 435 -10.95 41.47 -55.61
N LEU C 436 -11.14 40.92 -54.42
CA LEU C 436 -12.43 40.95 -53.76
C LEU C 436 -12.74 42.32 -53.15
N ASP C 437 -11.74 42.97 -52.56
CA ASP C 437 -11.96 44.18 -51.78
C ASP C 437 -11.60 45.46 -52.52
N SER C 438 -10.37 45.56 -53.01
CA SER C 438 -9.89 46.80 -53.61
C SER C 438 -10.67 47.14 -54.87
N THR C 439 -10.99 48.42 -55.03
CA THR C 439 -11.72 48.91 -56.18
C THR C 439 -10.93 50.05 -56.83
N VAL C 440 -11.19 50.27 -58.11
CA VAL C 440 -10.46 51.29 -58.86
C VAL C 440 -10.70 52.68 -58.26
N GLY C 441 -11.92 52.93 -57.79
CA GLY C 441 -12.22 54.20 -57.17
C GLY C 441 -11.76 54.34 -55.73
N GLY C 442 -11.20 53.28 -55.16
CA GLY C 442 -10.73 53.32 -53.79
C GLY C 442 -11.72 52.75 -52.80
N ASN C 443 -11.33 51.68 -52.10
CA ASN C 443 -12.18 51.06 -51.10
C ASN C 443 -11.92 51.70 -49.75
N TYR C 444 -12.85 52.54 -49.30
CA TYR C 444 -12.73 53.24 -48.02
C TYR C 444 -13.64 52.64 -46.96
N ASN C 445 -14.20 51.45 -47.22
CA ASN C 445 -15.06 50.78 -46.26
C ASN C 445 -14.30 50.20 -45.08
N TYR C 446 -12.97 50.11 -45.16
CA TYR C 446 -12.15 49.57 -44.10
C TYR C 446 -11.42 50.71 -43.41
N ARG C 447 -11.55 50.77 -42.08
CA ARG C 447 -10.96 51.83 -41.29
C ARG C 447 -10.14 51.21 -40.16
N TYR C 448 -9.10 51.92 -39.75
CA TYR C 448 -8.21 51.45 -38.70
C TYR C 448 -7.97 52.57 -37.69
N ARG C 449 -7.72 52.18 -36.44
CA ARG C 449 -7.43 53.13 -35.38
C ARG C 449 -5.93 53.40 -35.33
N LEU C 450 -5.56 54.68 -35.36
CA LEU C 450 -4.17 55.10 -35.36
C LEU C 450 -3.71 55.67 -34.03
N PHE C 451 -4.62 56.26 -33.25
CA PHE C 451 -4.28 56.85 -31.97
C PHE C 451 -5.19 56.31 -30.88
N ARG C 452 -4.61 56.01 -29.72
CA ARG C 452 -5.38 55.59 -28.56
C ARG C 452 -4.59 55.94 -27.30
N LYS C 453 -5.33 56.25 -26.24
CA LYS C 453 -4.68 56.67 -25.00
C LYS C 453 -3.80 55.58 -24.42
N SER C 454 -4.28 54.33 -24.42
CA SER C 454 -3.54 53.21 -23.87
C SER C 454 -3.60 52.04 -24.82
N LYS C 455 -2.61 51.16 -24.71
CA LYS C 455 -2.58 49.94 -25.51
C LYS C 455 -3.78 49.07 -25.15
N LEU C 456 -4.46 48.56 -26.17
CA LEU C 456 -5.65 47.75 -25.96
C LEU C 456 -5.33 46.48 -25.19
N LYS C 457 -6.22 46.11 -24.28
CA LYS C 457 -6.09 44.84 -23.60
C LYS C 457 -6.36 43.69 -24.57
N PRO C 458 -5.86 42.50 -24.28
CA PRO C 458 -6.11 41.35 -25.16
C PRO C 458 -7.60 41.12 -25.36
N PHE C 459 -7.99 40.89 -26.62
CA PHE C 459 -9.36 40.66 -27.04
C PHE C 459 -10.29 41.83 -26.74
N GLU C 460 -9.76 42.96 -26.29
CA GLU C 460 -10.58 44.14 -26.02
C GLU C 460 -10.81 44.93 -27.30
N ARG C 461 -12.05 45.37 -27.49
CA ARG C 461 -12.42 46.14 -28.66
C ARG C 461 -13.02 47.48 -28.23
N ASP C 462 -12.63 48.55 -28.91
CA ASP C 462 -13.16 49.89 -28.67
C ASP C 462 -13.72 50.41 -29.99
N ILE C 463 -14.98 50.06 -30.26
CA ILE C 463 -15.64 50.52 -31.49
C ILE C 463 -16.02 51.98 -31.45
N SER C 464 -15.98 52.61 -30.28
CA SER C 464 -16.35 54.02 -30.17
C SER C 464 -15.36 54.89 -30.94
N THR C 465 -15.90 55.92 -31.59
CA THR C 465 -15.12 56.82 -32.43
C THR C 465 -14.99 58.21 -31.79
N GLU C 466 -14.82 58.26 -30.47
CA GLU C 466 -14.67 59.53 -29.79
C GLU C 466 -13.39 60.23 -30.23
N ILE C 467 -13.44 61.56 -30.25
CA ILE C 467 -12.31 62.35 -30.73
C ILE C 467 -11.14 62.16 -29.78
N TYR C 468 -9.98 61.78 -30.34
CA TYR C 468 -8.80 61.54 -29.53
C TYR C 468 -8.12 62.85 -29.17
N GLN C 469 -7.69 62.94 -27.91
CA GLN C 469 -7.04 64.14 -27.36
C GLN C 469 -5.55 63.86 -27.25
N ALA C 470 -4.80 64.23 -28.30
CA ALA C 470 -3.36 64.07 -28.31
C ALA C 470 -2.62 65.26 -27.70
N GLY C 471 -3.32 66.34 -27.39
CA GLY C 471 -2.71 67.53 -26.84
C GLY C 471 -2.96 67.68 -25.35
N ASN C 472 -2.55 68.84 -24.84
CA ASN C 472 -2.69 69.15 -23.41
C ASN C 472 -4.05 69.72 -23.06
N LYS C 473 -4.90 70.01 -24.04
CA LYS C 473 -6.20 70.59 -23.78
C LYS C 473 -7.28 69.81 -24.52
N PRO C 474 -8.46 69.66 -23.91
CA PRO C 474 -9.55 68.94 -24.58
C PRO C 474 -10.12 69.74 -25.73
N CYS C 475 -10.73 69.01 -26.67
CA CYS C 475 -11.39 69.62 -27.81
C CYS C 475 -12.90 69.41 -27.82
N ASN C 476 -13.45 68.76 -26.80
CA ASN C 476 -14.89 68.48 -26.67
C ASN C 476 -15.50 68.02 -27.99
N GLY C 477 -14.83 67.06 -28.63
CA GLY C 477 -15.33 66.46 -29.84
C GLY C 477 -15.18 67.30 -31.10
N VAL C 478 -14.28 68.27 -31.11
CA VAL C 478 -14.06 69.13 -32.27
C VAL C 478 -12.68 68.83 -32.85
N ALA C 479 -12.65 68.55 -34.14
CA ALA C 479 -11.38 68.29 -34.81
C ALA C 479 -10.53 69.55 -34.85
N GLY C 480 -9.23 69.38 -34.62
CA GLY C 480 -8.33 70.52 -34.61
C GLY C 480 -6.91 70.09 -34.35
N VAL C 481 -6.11 71.05 -33.89
CA VAL C 481 -4.71 70.79 -33.59
C VAL C 481 -4.61 69.83 -32.40
N ASN C 482 -3.80 68.78 -32.57
CA ASN C 482 -3.60 67.75 -31.55
C ASN C 482 -4.90 67.05 -31.16
N CYS C 483 -5.90 67.11 -32.04
CA CYS C 483 -7.18 66.42 -31.85
C CYS C 483 -7.55 65.82 -33.20
N TYR C 484 -7.11 64.59 -33.44
CA TYR C 484 -7.28 63.93 -34.72
C TYR C 484 -8.36 62.85 -34.61
N PHE C 485 -8.98 62.55 -35.75
CA PHE C 485 -9.98 61.51 -35.81
C PHE C 485 -9.32 60.16 -35.55
N PRO C 486 -9.81 59.36 -34.60
CA PRO C 486 -9.16 58.09 -34.27
C PRO C 486 -9.30 57.02 -35.35
N LEU C 487 -10.01 57.29 -36.44
CA LEU C 487 -10.21 56.33 -37.51
C LEU C 487 -9.67 56.89 -38.81
N GLN C 488 -8.90 56.07 -39.52
CA GLN C 488 -8.36 56.44 -40.82
C GLN C 488 -8.74 55.37 -41.84
N SER C 489 -9.07 55.84 -43.05
CA SER C 489 -9.49 54.96 -44.12
C SER C 489 -8.27 54.45 -44.88
N TYR C 490 -8.27 53.16 -45.18
CA TYR C 490 -7.13 52.57 -45.89
C TYR C 490 -6.98 53.15 -47.30
N GLY C 491 -8.10 53.40 -47.98
CA GLY C 491 -8.04 53.84 -49.36
C GLY C 491 -7.45 52.77 -50.27
N PHE C 492 -7.94 51.55 -50.11
CA PHE C 492 -7.40 50.42 -50.86
C PHE C 492 -7.58 50.63 -52.35
N ARG C 493 -6.51 50.34 -53.11
CA ARG C 493 -6.47 50.43 -54.55
C ARG C 493 -6.12 49.07 -55.15
N PRO C 494 -6.58 48.79 -56.39
CA PRO C 494 -6.20 47.52 -57.02
C PRO C 494 -4.82 47.53 -57.64
N THR C 495 -4.17 48.69 -57.72
CA THR C 495 -2.81 48.82 -58.22
C THR C 495 -1.78 48.82 -57.11
N TYR C 496 -2.19 48.64 -55.86
CA TYR C 496 -1.27 48.60 -54.75
C TYR C 496 -0.36 47.37 -54.83
N GLY C 497 0.82 47.49 -54.25
CA GLY C 497 1.78 46.41 -54.23
C GLY C 497 1.43 45.35 -53.20
N VAL C 498 2.35 44.40 -53.06
CA VAL C 498 2.14 43.28 -52.15
C VAL C 498 2.00 43.76 -50.71
N GLY C 499 2.78 44.76 -50.33
CA GLY C 499 2.76 45.27 -48.97
C GLY C 499 1.58 46.15 -48.63
N HIS C 500 0.76 46.54 -49.61
CA HIS C 500 -0.37 47.42 -49.36
C HIS C 500 -1.70 46.88 -49.86
N GLN C 501 -1.73 45.70 -50.47
CA GLN C 501 -2.98 45.14 -50.93
C GLN C 501 -3.87 44.77 -49.73
N PRO C 502 -5.19 44.90 -49.87
CA PRO C 502 -6.09 44.55 -48.77
C PRO C 502 -6.06 43.05 -48.51
N TYR C 503 -5.55 42.66 -47.34
CA TYR C 503 -5.45 41.27 -46.95
C TYR C 503 -6.48 40.97 -45.87
N ARG C 504 -7.27 39.92 -46.09
CA ARG C 504 -8.23 39.46 -45.09
C ARG C 504 -7.48 38.63 -44.05
N VAL C 505 -7.51 39.09 -42.81
CA VAL C 505 -6.87 38.41 -41.69
C VAL C 505 -7.95 37.94 -40.74
N VAL C 506 -7.97 36.64 -40.47
CA VAL C 506 -8.92 36.02 -39.55
C VAL C 506 -8.12 35.40 -38.41
N VAL C 507 -8.39 35.84 -37.19
CA VAL C 507 -7.81 35.24 -36.00
C VAL C 507 -8.82 34.23 -35.46
N LEU C 508 -8.50 32.95 -35.59
CA LEU C 508 -9.30 31.88 -35.02
C LEU C 508 -8.73 31.57 -33.63
N SER C 509 -9.34 32.15 -32.60
CA SER C 509 -8.92 31.96 -31.22
C SER C 509 -9.74 30.84 -30.60
N PHE C 510 -9.12 30.04 -29.75
CA PHE C 510 -9.81 28.98 -29.04
C PHE C 510 -9.84 29.30 -27.56
N GLU C 511 -11.04 29.41 -27.00
CA GLU C 511 -11.24 29.77 -25.60
C GLU C 511 -11.80 28.57 -24.85
N LEU C 512 -11.09 28.17 -23.80
CA LEU C 512 -11.50 27.09 -22.91
C LEU C 512 -11.72 27.68 -21.52
N LEU C 513 -12.91 27.48 -20.98
CA LEU C 513 -13.26 28.02 -19.67
C LEU C 513 -14.09 26.96 -18.94
N HIS C 514 -14.74 27.39 -17.86
CA HIS C 514 -15.54 26.49 -17.02
C HIS C 514 -16.89 26.17 -17.68
N ALA C 515 -16.80 25.57 -18.85
CA ALA C 515 -17.96 25.18 -19.63
C ALA C 515 -17.65 23.87 -20.33
N PRO C 516 -18.68 23.07 -20.65
CA PRO C 516 -18.45 21.87 -21.44
C PRO C 516 -18.06 22.22 -22.87
N ALA C 517 -17.33 21.30 -23.51
CA ALA C 517 -16.85 21.51 -24.87
C ALA C 517 -18.00 21.29 -25.83
N THR C 518 -18.66 22.37 -26.24
CA THR C 518 -19.78 22.28 -27.16
C THR C 518 -19.38 22.30 -28.62
N VAL C 519 -18.16 22.72 -28.93
CA VAL C 519 -17.66 22.74 -30.30
C VAL C 519 -16.41 21.88 -30.39
N CYS C 520 -16.42 20.90 -31.30
CA CYS C 520 -15.28 20.04 -31.56
C CYS C 520 -15.09 19.97 -33.08
N GLY C 521 -13.97 19.39 -33.50
CA GLY C 521 -13.71 19.22 -34.90
C GLY C 521 -13.38 17.80 -35.37
N PRO C 522 -14.09 16.76 -34.86
CA PRO C 522 -13.75 15.37 -35.20
C PRO C 522 -14.36 14.91 -36.51
N LYS C 523 -14.10 15.64 -37.59
CA LYS C 523 -14.62 15.31 -38.92
C LYS C 523 -13.68 14.32 -39.63
N LYS C 524 -13.52 13.15 -39.01
CA LYS C 524 -12.68 12.10 -39.57
C LYS C 524 -13.29 10.76 -39.20
N SER C 525 -14.06 10.19 -40.11
CA SER C 525 -14.74 8.93 -39.87
C SER C 525 -14.40 7.95 -40.98
N THR C 526 -14.21 6.69 -40.61
CA THR C 526 -13.96 5.62 -41.56
C THR C 526 -15.30 5.02 -41.99
N ASN C 527 -15.22 3.90 -42.70
CA ASN C 527 -16.42 3.13 -42.99
C ASN C 527 -16.71 2.17 -41.85
N LEU C 528 -17.90 1.57 -41.91
CA LEU C 528 -18.35 0.63 -40.90
C LEU C 528 -18.38 -0.77 -41.48
N VAL C 529 -17.64 -1.68 -40.87
CA VAL C 529 -17.56 -3.06 -41.31
C VAL C 529 -18.12 -3.95 -40.20
N LYS C 530 -18.95 -4.91 -40.59
CA LYS C 530 -19.71 -5.72 -39.65
C LYS C 530 -19.28 -7.17 -39.71
N ASN C 531 -19.71 -7.91 -38.68
CA ASN C 531 -19.50 -9.36 -38.58
C ASN C 531 -18.01 -9.73 -38.58
N LYS C 532 -17.17 -8.85 -38.02
CA LYS C 532 -15.74 -9.11 -37.94
C LYS C 532 -15.21 -8.58 -36.61
N CYS C 533 -14.43 -9.40 -35.91
CA CYS C 533 -13.82 -8.97 -34.65
C CYS C 533 -12.76 -7.92 -34.96
N VAL C 534 -13.12 -6.66 -34.78
CA VAL C 534 -12.29 -5.53 -35.17
C VAL C 534 -12.31 -4.49 -34.05
N ASN C 535 -11.49 -3.46 -34.23
CA ASN C 535 -11.47 -2.30 -33.36
C ASN C 535 -12.51 -1.28 -33.82
N PHE C 536 -13.13 -0.59 -32.86
CA PHE C 536 -14.13 0.42 -33.18
C PHE C 536 -14.06 1.55 -32.17
N ASN C 537 -14.35 2.76 -32.66
CA ASN C 537 -14.40 3.99 -31.86
C ASN C 537 -15.60 4.78 -32.35
N PHE C 538 -16.73 4.60 -31.67
CA PHE C 538 -17.96 5.34 -32.00
C PHE C 538 -18.05 6.54 -31.07
N ASN C 539 -17.58 7.69 -31.56
CA ASN C 539 -17.69 8.98 -30.85
C ASN C 539 -17.11 8.88 -29.45
N GLY C 540 -15.94 8.25 -29.35
CA GLY C 540 -15.27 8.07 -28.08
C GLY C 540 -15.53 6.74 -27.41
N LEU C 541 -16.59 6.04 -27.80
CA LEU C 541 -16.87 4.69 -27.30
C LEU C 541 -15.89 3.74 -27.97
N THR C 542 -14.88 3.30 -27.22
CA THR C 542 -13.78 2.51 -27.74
C THR C 542 -13.98 1.05 -27.36
N GLY C 543 -13.68 0.14 -28.29
CA GLY C 543 -13.75 -1.27 -27.97
C GLY C 543 -13.26 -2.13 -29.11
N THR C 544 -13.20 -3.43 -28.84
CA THR C 544 -12.89 -4.44 -29.84
C THR C 544 -13.97 -5.52 -29.77
N GLY C 545 -14.54 -5.86 -30.90
CA GLY C 545 -15.60 -6.84 -30.92
C GLY C 545 -16.17 -7.02 -32.30
N VAL C 546 -17.32 -7.70 -32.35
CA VAL C 546 -18.02 -8.01 -33.59
C VAL C 546 -19.31 -7.20 -33.62
N LEU C 547 -19.47 -6.37 -34.64
CA LEU C 547 -20.65 -5.54 -34.80
C LEU C 547 -21.67 -6.27 -35.65
N THR C 548 -22.75 -6.76 -35.02
CA THR C 548 -23.76 -7.54 -35.71
C THR C 548 -25.08 -6.78 -35.69
N GLU C 549 -25.96 -7.16 -36.61
CA GLU C 549 -27.29 -6.55 -36.65
C GLU C 549 -28.07 -6.90 -35.40
N SER C 550 -28.92 -5.98 -34.97
CA SER C 550 -29.69 -6.13 -33.73
C SER C 550 -31.17 -6.15 -34.05
N ASN C 551 -31.89 -7.04 -33.36
CA ASN C 551 -33.34 -7.17 -33.49
C ASN C 551 -34.08 -6.47 -32.37
N LYS C 552 -33.40 -5.68 -31.55
CA LYS C 552 -33.99 -5.05 -30.38
C LYS C 552 -34.40 -3.62 -30.70
N LYS C 553 -35.61 -3.26 -30.31
CA LYS C 553 -36.10 -1.90 -30.53
C LYS C 553 -35.42 -0.93 -29.57
N PHE C 554 -35.20 0.28 -30.07
CA PHE C 554 -34.53 1.33 -29.32
C PHE C 554 -35.52 2.46 -29.10
N LEU C 555 -35.59 2.93 -27.86
CA LEU C 555 -36.38 4.12 -27.58
C LEU C 555 -35.71 5.31 -28.24
N PRO C 556 -36.46 6.14 -28.98
CA PRO C 556 -35.82 7.22 -29.75
C PRO C 556 -35.00 8.16 -28.89
N PHE C 557 -35.37 8.34 -27.62
CA PHE C 557 -34.56 9.17 -26.74
C PHE C 557 -33.19 8.57 -26.51
N GLN C 558 -33.10 7.24 -26.47
CA GLN C 558 -31.91 6.55 -26.02
C GLN C 558 -30.79 6.60 -27.04
N GLN C 559 -29.55 6.60 -26.54
CA GLN C 559 -28.36 6.77 -27.37
C GLN C 559 -27.64 5.45 -27.63
N PHE C 560 -27.19 4.75 -26.58
CA PHE C 560 -26.39 3.55 -26.76
C PHE C 560 -26.79 2.49 -25.74
N GLY C 561 -26.63 1.23 -26.12
CA GLY C 561 -27.08 0.13 -25.31
C GLY C 561 -26.23 -0.11 -24.07
N ARG C 562 -26.71 -1.04 -23.25
CA ARG C 562 -26.02 -1.43 -22.03
C ARG C 562 -26.61 -2.74 -21.54
N ASP C 563 -25.81 -3.46 -20.76
CA ASP C 563 -26.21 -4.71 -20.14
C ASP C 563 -26.14 -4.57 -18.62
N ILE C 564 -26.63 -5.58 -17.92
CA ILE C 564 -26.72 -5.48 -16.47
C ILE C 564 -25.34 -5.37 -15.84
N ALA C 565 -24.35 -6.03 -16.42
CA ALA C 565 -22.99 -5.96 -15.88
C ALA C 565 -22.18 -4.83 -16.52
N ASP C 566 -22.77 -3.64 -16.55
CA ASP C 566 -22.12 -2.40 -16.98
C ASP C 566 -21.47 -2.51 -18.36
N THR C 567 -21.84 -3.50 -19.16
CA THR C 567 -21.20 -3.73 -20.44
C THR C 567 -22.00 -3.14 -21.57
N THR C 568 -21.31 -2.52 -22.53
CA THR C 568 -21.94 -1.94 -23.71
C THR C 568 -22.25 -3.06 -24.68
N ASP C 569 -23.38 -3.73 -24.46
CA ASP C 569 -23.77 -4.87 -25.28
C ASP C 569 -24.57 -4.46 -26.49
N ALA C 570 -24.73 -3.15 -26.72
CA ALA C 570 -25.38 -2.66 -27.92
C ALA C 570 -24.95 -1.22 -28.12
N VAL C 571 -25.08 -0.75 -29.36
CA VAL C 571 -24.75 0.64 -29.67
C VAL C 571 -25.55 1.07 -30.89
N ARG C 572 -26.22 2.21 -30.79
CA ARG C 572 -26.87 2.77 -31.97
C ARG C 572 -25.80 3.32 -32.90
N ASP C 573 -25.93 3.04 -34.18
CA ASP C 573 -24.94 3.50 -35.14
C ASP C 573 -24.93 5.03 -35.15
N PRO C 574 -23.80 5.67 -34.86
CA PRO C 574 -23.80 7.14 -34.80
C PRO C 574 -24.14 7.80 -36.13
N GLN C 575 -23.78 7.18 -37.25
CA GLN C 575 -24.04 7.81 -38.55
C GLN C 575 -25.51 7.74 -38.94
N THR C 576 -26.15 6.59 -38.72
CA THR C 576 -27.57 6.42 -39.05
C THR C 576 -28.22 5.56 -37.97
N LEU C 577 -29.54 5.71 -37.84
CA LEU C 577 -30.28 5.09 -36.74
C LEU C 577 -30.39 3.58 -36.98
N GLU C 578 -29.35 2.87 -36.56
CA GLU C 578 -29.38 1.42 -36.52
C GLU C 578 -28.73 0.95 -35.23
N ILE C 579 -29.20 -0.21 -34.74
CA ILE C 579 -28.72 -0.79 -33.50
C ILE C 579 -27.80 -1.94 -33.85
N LEU C 580 -26.59 -1.93 -33.29
CA LEU C 580 -25.57 -2.93 -33.54
C LEU C 580 -25.21 -3.60 -32.23
N ASP C 581 -25.34 -4.91 -32.18
CA ASP C 581 -24.90 -5.70 -31.04
C ASP C 581 -23.40 -5.91 -31.09
N ILE C 582 -22.75 -5.72 -29.95
CA ILE C 582 -21.31 -5.93 -29.83
C ILE C 582 -21.12 -7.32 -29.24
N THR C 583 -20.90 -8.29 -30.11
CA THR C 583 -20.57 -9.66 -29.74
C THR C 583 -19.10 -9.73 -29.33
N PRO C 584 -18.78 -10.36 -28.20
CA PRO C 584 -17.37 -10.49 -27.82
C PRO C 584 -16.61 -11.34 -28.82
N CYS C 585 -15.34 -11.02 -29.00
CA CYS C 585 -14.50 -11.83 -29.89
C CYS C 585 -14.37 -13.24 -29.32
N SER C 586 -14.09 -14.19 -30.20
CA SER C 586 -14.22 -15.61 -29.92
C SER C 586 -13.19 -16.14 -28.94
N PHE C 587 -12.43 -15.30 -28.23
CA PHE C 587 -11.35 -15.80 -27.40
C PHE C 587 -11.86 -16.78 -26.35
N GLY C 588 -11.25 -17.96 -26.30
CA GLY C 588 -11.48 -18.93 -25.25
C GLY C 588 -10.20 -19.21 -24.48
N GLY C 589 -9.62 -20.39 -24.70
CA GLY C 589 -8.30 -20.67 -24.17
C GLY C 589 -7.68 -21.79 -24.98
N VAL C 590 -6.41 -22.08 -24.70
CA VAL C 590 -5.68 -23.17 -25.34
C VAL C 590 -5.23 -24.13 -24.25
N SER C 591 -5.67 -25.38 -24.36
CA SER C 591 -5.24 -26.45 -23.45
C SER C 591 -4.54 -27.51 -24.29
N VAL C 592 -3.40 -27.96 -23.83
CA VAL C 592 -2.53 -28.83 -24.61
C VAL C 592 -2.68 -30.26 -24.13
N ILE C 593 -3.36 -31.09 -24.92
CA ILE C 593 -3.51 -32.51 -24.65
C ILE C 593 -2.24 -33.21 -25.13
N THR C 594 -1.55 -33.88 -24.22
CA THR C 594 -0.25 -34.43 -24.52
C THR C 594 -0.13 -35.87 -24.02
N PRO C 595 0.41 -36.76 -24.84
CA PRO C 595 0.83 -38.07 -24.30
C PRO C 595 2.15 -37.95 -23.58
N GLY C 596 2.71 -39.06 -23.12
CA GLY C 596 4.02 -39.01 -22.50
C GLY C 596 5.11 -38.50 -23.41
N THR C 597 5.91 -37.56 -22.94
CA THR C 597 7.01 -37.03 -23.75
C THR C 597 8.01 -38.13 -24.08
N ASN C 598 8.32 -38.99 -23.11
CA ASN C 598 9.16 -40.15 -23.40
C ASN C 598 8.45 -41.15 -24.30
N THR C 599 7.12 -41.18 -24.28
CA THR C 599 6.36 -42.09 -25.11
C THR C 599 6.11 -41.54 -26.51
N SER C 600 5.70 -40.27 -26.61
CA SER C 600 5.38 -39.68 -27.89
C SER C 600 5.82 -38.23 -27.90
N ASN C 601 5.76 -37.63 -29.09
CA ASN C 601 6.05 -36.21 -29.25
C ASN C 601 4.97 -35.48 -30.01
N GLN C 602 3.95 -36.18 -30.52
CA GLN C 602 2.79 -35.54 -31.10
C GLN C 602 1.92 -34.94 -29.99
N VAL C 603 0.95 -34.13 -30.39
CA VAL C 603 0.18 -33.32 -29.46
C VAL C 603 -1.21 -33.09 -30.02
N ALA C 604 -2.10 -32.55 -29.17
CA ALA C 604 -3.40 -32.05 -29.60
C ALA C 604 -3.69 -30.76 -28.86
N VAL C 605 -4.50 -29.90 -29.47
CA VAL C 605 -4.81 -28.59 -28.91
C VAL C 605 -6.32 -28.43 -28.83
N LEU C 606 -6.81 -28.13 -27.63
CA LEU C 606 -8.22 -27.84 -27.40
C LEU C 606 -8.40 -26.34 -27.20
N TYR C 607 -9.28 -25.75 -27.99
CA TYR C 607 -9.63 -24.34 -27.86
C TYR C 607 -10.95 -24.25 -27.11
N GLN C 608 -10.89 -23.73 -25.90
CA GLN C 608 -12.03 -23.67 -25.00
C GLN C 608 -12.85 -22.42 -25.28
N GLY C 609 -14.19 -22.60 -25.28
CA GLY C 609 -15.11 -21.52 -25.56
C GLY C 609 -15.15 -21.11 -27.02
N VAL C 610 -14.73 -21.97 -27.92
CA VAL C 610 -14.54 -21.61 -29.32
C VAL C 610 -15.28 -22.60 -30.20
N ASN C 611 -15.94 -22.09 -31.23
CA ASN C 611 -16.65 -22.93 -32.19
C ASN C 611 -15.72 -23.30 -33.33
N CYS C 612 -15.69 -24.60 -33.68
CA CYS C 612 -14.86 -25.05 -34.80
C CYS C 612 -15.26 -24.39 -36.10
N THR C 613 -16.55 -24.13 -36.29
CA THR C 613 -17.04 -23.70 -37.60
C THR C 613 -16.47 -22.34 -38.00
N GLU C 614 -16.48 -21.37 -37.08
CA GLU C 614 -16.15 -20.00 -37.41
C GLU C 614 -14.97 -19.47 -36.60
N VAL C 615 -14.13 -20.37 -36.09
CA VAL C 615 -12.98 -19.92 -35.28
C VAL C 615 -12.00 -19.17 -36.17
N PRO C 616 -11.65 -17.93 -35.85
CA PRO C 616 -10.61 -17.22 -36.61
C PRO C 616 -9.22 -17.74 -36.24
N VAL C 617 -8.84 -18.85 -36.88
CA VAL C 617 -7.55 -19.49 -36.60
C VAL C 617 -6.49 -18.65 -37.30
N ALA C 618 -5.90 -17.72 -36.57
CA ALA C 618 -4.86 -16.85 -37.13
C ALA C 618 -3.53 -17.61 -37.12
N ILE C 619 -2.44 -16.90 -37.47
CA ILE C 619 -1.13 -17.51 -37.48
C ILE C 619 -0.50 -17.36 -36.11
N HIS C 620 -0.70 -18.37 -35.25
CA HIS C 620 -0.11 -18.33 -33.91
C HIS C 620 1.37 -18.65 -33.96
N ALA C 621 1.71 -19.85 -34.43
CA ALA C 621 3.11 -20.25 -34.59
C ALA C 621 3.20 -21.25 -35.72
N ASP C 622 4.19 -21.06 -36.60
CA ASP C 622 4.43 -21.94 -37.72
C ASP C 622 5.66 -22.80 -37.44
N GLN C 623 5.51 -24.11 -37.57
CA GLN C 623 6.60 -25.05 -37.28
C GLN C 623 6.33 -26.33 -38.04
N LEU C 624 7.09 -27.38 -37.70
CA LEU C 624 6.94 -28.67 -38.37
C LEU C 624 5.67 -29.41 -37.91
N THR C 625 5.14 -29.06 -36.74
CA THR C 625 3.97 -29.76 -36.23
C THR C 625 2.70 -29.27 -36.94
N PRO C 626 1.67 -30.13 -37.05
CA PRO C 626 0.44 -29.73 -37.74
C PRO C 626 -0.46 -28.84 -36.89
N THR C 627 -0.03 -28.51 -35.69
CA THR C 627 -0.81 -27.67 -34.78
C THR C 627 -0.39 -26.21 -34.93
N TRP C 628 -1.23 -25.33 -34.39
CA TRP C 628 -0.98 -23.88 -34.35
C TRP C 628 -0.93 -23.26 -35.75
N ARG C 629 -1.38 -23.99 -36.77
CA ARG C 629 -1.56 -23.44 -38.09
C ARG C 629 -3.02 -23.04 -38.28
N VAL C 630 -3.34 -22.49 -39.45
CA VAL C 630 -4.72 -22.14 -39.74
C VAL C 630 -5.59 -23.40 -39.81
N TYR C 631 -5.03 -24.49 -40.32
CA TYR C 631 -5.77 -25.74 -40.42
C TYR C 631 -4.86 -26.88 -39.99
N SER C 632 -5.49 -27.96 -39.51
CA SER C 632 -4.79 -29.17 -39.11
C SER C 632 -4.37 -29.96 -40.34
N THR C 633 -3.86 -31.18 -40.13
CA THR C 633 -3.50 -32.05 -41.25
C THR C 633 -4.71 -32.71 -41.90
N GLY C 634 -5.82 -32.86 -41.17
CA GLY C 634 -6.96 -33.55 -41.73
C GLY C 634 -8.20 -33.50 -40.88
N SER C 635 -8.92 -34.63 -40.79
CA SER C 635 -10.19 -34.73 -40.08
C SER C 635 -10.04 -34.65 -38.58
N ASN C 636 -8.85 -34.38 -38.03
CA ASN C 636 -8.73 -34.22 -36.60
C ASN C 636 -9.10 -32.79 -36.20
N VAL C 637 -10.27 -32.34 -36.65
CA VAL C 637 -10.84 -31.05 -36.25
C VAL C 637 -12.28 -31.35 -35.84
N PHE C 638 -12.51 -31.44 -34.54
CA PHE C 638 -13.75 -32.00 -34.00
C PHE C 638 -14.39 -31.01 -33.05
N GLN C 639 -15.72 -30.91 -33.10
CA GLN C 639 -16.45 -29.91 -32.32
C GLN C 639 -17.29 -30.61 -31.26
N THR C 640 -17.17 -30.15 -30.02
CA THR C 640 -17.98 -30.59 -28.90
C THR C 640 -18.43 -29.38 -28.09
N ARG C 641 -19.05 -29.65 -26.95
CA ARG C 641 -19.54 -28.57 -26.10
C ARG C 641 -18.39 -27.71 -25.57
N ALA C 642 -17.29 -28.33 -25.15
CA ALA C 642 -16.19 -27.59 -24.56
C ALA C 642 -15.56 -26.63 -25.56
N GLY C 643 -15.38 -27.06 -26.80
CA GLY C 643 -14.76 -26.21 -27.81
C GLY C 643 -14.26 -26.97 -29.01
N CYS C 644 -13.20 -26.46 -29.63
CA CYS C 644 -12.68 -27.02 -30.87
C CYS C 644 -11.42 -27.83 -30.61
N LEU C 645 -11.40 -29.06 -31.11
CA LEU C 645 -10.29 -29.98 -30.86
C LEU C 645 -9.53 -30.19 -32.16
N ILE C 646 -8.27 -29.76 -32.18
CA ILE C 646 -7.42 -29.84 -33.36
C ILE C 646 -6.27 -30.79 -33.08
N GLY C 647 -6.13 -31.80 -33.92
CA GLY C 647 -5.13 -32.83 -33.74
C GLY C 647 -5.66 -34.14 -33.21
N ALA C 648 -6.90 -34.18 -32.75
CA ALA C 648 -7.54 -35.40 -32.28
C ALA C 648 -8.71 -35.74 -33.19
N GLU C 649 -8.77 -36.98 -33.65
CA GLU C 649 -9.81 -37.44 -34.56
C GLU C 649 -10.78 -38.32 -33.82
N TYR C 650 -12.07 -37.98 -33.90
CA TYR C 650 -13.08 -38.68 -33.13
C TYR C 650 -13.21 -40.14 -33.55
N VAL C 651 -13.50 -40.99 -32.59
CA VAL C 651 -13.76 -42.40 -32.83
C VAL C 651 -15.10 -42.76 -32.20
N ASN C 652 -15.95 -43.44 -32.98
CA ASN C 652 -17.29 -43.78 -32.50
C ASN C 652 -17.22 -44.67 -31.27
N ASN C 653 -16.28 -45.61 -31.25
CA ASN C 653 -16.08 -46.43 -30.05
C ASN C 653 -15.60 -45.56 -28.91
N SER C 654 -15.99 -45.93 -27.68
CA SER C 654 -15.75 -45.13 -26.50
C SER C 654 -14.88 -45.90 -25.52
N TYR C 655 -13.87 -45.24 -24.97
CA TYR C 655 -12.94 -45.81 -24.00
C TYR C 655 -12.96 -44.99 -22.72
N GLU C 656 -12.14 -45.39 -21.76
CA GLU C 656 -12.05 -44.68 -20.49
C GLU C 656 -11.38 -43.32 -20.69
N CYS C 657 -11.65 -42.42 -19.76
CA CYS C 657 -11.18 -41.05 -19.87
C CYS C 657 -9.73 -40.96 -19.39
N ASP C 658 -8.79 -41.17 -20.30
CA ASP C 658 -7.38 -41.08 -19.97
C ASP C 658 -6.99 -39.65 -19.59
N ILE C 659 -7.34 -38.68 -20.44
CA ILE C 659 -7.12 -37.28 -20.13
C ILE C 659 -8.34 -36.50 -20.59
N PRO C 660 -9.24 -36.14 -19.68
CA PRO C 660 -10.50 -35.52 -20.08
C PRO C 660 -10.31 -34.22 -20.84
N ILE C 661 -11.16 -34.02 -21.84
CA ILE C 661 -11.10 -32.83 -22.68
C ILE C 661 -12.11 -31.81 -22.19
N GLY C 662 -13.38 -32.21 -22.17
CA GLY C 662 -14.44 -31.36 -21.68
C GLY C 662 -15.79 -31.84 -22.16
N ALA C 663 -16.79 -31.83 -21.26
CA ALA C 663 -18.16 -32.23 -21.57
C ALA C 663 -18.23 -33.68 -22.06
N GLY C 664 -17.67 -34.59 -21.26
CA GLY C 664 -17.80 -36.00 -21.54
C GLY C 664 -16.90 -36.54 -22.64
N ILE C 665 -15.95 -35.75 -23.13
CA ILE C 665 -15.07 -36.16 -24.23
C ILE C 665 -13.67 -36.36 -23.70
N CYS C 666 -13.04 -37.46 -24.10
CA CYS C 666 -11.74 -37.88 -23.61
C CYS C 666 -10.78 -38.11 -24.77
N ALA C 667 -9.54 -37.69 -24.59
CA ALA C 667 -8.50 -37.86 -25.60
C ALA C 667 -7.54 -38.97 -25.17
N SER C 668 -6.81 -39.48 -26.15
CA SER C 668 -5.85 -40.55 -25.89
C SER C 668 -4.92 -40.70 -27.09
N TYR C 669 -3.65 -40.98 -26.82
CA TYR C 669 -2.68 -41.34 -27.86
C TYR C 669 -2.80 -42.84 -28.07
N GLN C 670 -3.63 -43.23 -29.02
CA GLN C 670 -3.97 -44.63 -29.23
C GLN C 670 -3.04 -45.25 -30.26
N THR C 671 -2.53 -46.44 -29.94
CA THR C 671 -1.61 -47.17 -30.81
C THR C 671 -2.45 -48.06 -31.72
N GLN C 672 -2.72 -47.56 -32.92
CA GLN C 672 -3.53 -48.29 -33.90
C GLN C 672 -2.71 -48.65 -35.12
N THR C 673 -2.94 -49.85 -35.63
CA THR C 673 -2.35 -50.30 -36.89
C THR C 673 -3.17 -49.87 -38.10
N LYS C 674 -4.04 -48.86 -37.94
CA LYS C 674 -4.83 -48.37 -39.06
C LYS C 674 -3.93 -47.83 -40.17
N SER C 675 -2.87 -47.12 -39.80
CA SER C 675 -1.86 -46.69 -40.75
C SER C 675 -1.02 -47.85 -41.28
N HIS C 676 -1.01 -48.99 -40.58
CA HIS C 676 -0.23 -50.16 -40.96
C HIS C 676 1.25 -49.82 -41.12
N GLY C 677 1.76 -48.93 -40.28
CA GLY C 677 3.14 -48.49 -40.30
C GLY C 677 3.91 -49.03 -39.12
N SER C 678 4.66 -48.13 -38.47
CA SER C 678 5.46 -48.51 -37.32
C SER C 678 4.57 -48.85 -36.13
N ALA C 679 5.02 -49.81 -35.32
CA ALA C 679 4.26 -50.23 -34.16
C ALA C 679 4.24 -49.15 -33.08
N SER C 680 5.38 -48.50 -32.85
CA SER C 680 5.50 -47.49 -31.81
C SER C 680 5.04 -46.12 -32.25
N SER C 681 4.67 -45.95 -33.52
CA SER C 681 4.23 -44.65 -34.03
C SER C 681 3.31 -44.87 -35.21
N VAL C 682 2.09 -44.38 -35.12
CA VAL C 682 1.20 -44.38 -36.27
C VAL C 682 1.56 -43.23 -37.21
N ALA C 683 1.15 -43.36 -38.48
CA ALA C 683 1.60 -42.42 -39.49
C ALA C 683 1.11 -41.01 -39.20
N SER C 684 -0.18 -40.86 -38.94
CA SER C 684 -0.74 -39.56 -38.60
C SER C 684 -0.56 -39.32 -37.09
N GLN C 685 -1.19 -38.28 -36.56
CA GLN C 685 -1.19 -38.08 -35.12
C GLN C 685 -2.11 -39.11 -34.47
N SER C 686 -1.55 -39.89 -33.54
CA SER C 686 -2.31 -40.92 -32.85
C SER C 686 -3.30 -40.36 -31.85
N ILE C 687 -3.31 -39.05 -31.62
CA ILE C 687 -4.26 -38.46 -30.69
C ILE C 687 -5.66 -38.63 -31.26
N ILE C 688 -6.54 -39.25 -30.48
CA ILE C 688 -7.93 -39.42 -30.85
C ILE C 688 -8.81 -38.97 -29.70
N ALA C 689 -10.06 -38.63 -30.02
CA ALA C 689 -11.03 -38.17 -29.05
C ALA C 689 -12.27 -39.05 -29.13
N TYR C 690 -13.02 -39.13 -28.04
CA TYR C 690 -14.19 -39.98 -28.03
C TYR C 690 -15.09 -39.60 -26.87
N THR C 691 -16.36 -39.97 -26.97
CA THR C 691 -17.23 -39.85 -25.82
C THR C 691 -16.71 -40.72 -24.68
N MET C 692 -16.85 -40.22 -23.46
CA MET C 692 -16.35 -40.94 -22.29
C MET C 692 -17.12 -42.25 -22.14
N SER C 693 -16.40 -43.36 -22.10
CA SER C 693 -17.03 -44.63 -21.78
C SER C 693 -17.25 -44.69 -20.28
N LEU C 694 -18.51 -44.56 -19.87
CA LEU C 694 -18.84 -44.56 -18.45
C LEU C 694 -18.53 -45.90 -17.78
N GLY C 695 -18.02 -46.86 -18.53
CA GLY C 695 -17.64 -48.17 -18.08
C GLY C 695 -18.31 -49.23 -18.91
N ALA C 696 -18.08 -50.48 -18.55
CA ALA C 696 -18.79 -51.59 -19.17
C ALA C 696 -20.27 -51.49 -18.85
N GLU C 697 -21.10 -51.25 -19.86
CA GLU C 697 -22.54 -51.07 -19.63
C GLU C 697 -23.15 -52.42 -19.29
N ASN C 698 -22.92 -52.84 -18.05
CA ASN C 698 -23.50 -54.07 -17.56
C ASN C 698 -25.01 -53.96 -17.50
N SER C 699 -25.69 -55.07 -17.74
CA SER C 699 -27.14 -55.14 -17.62
C SER C 699 -27.41 -55.98 -16.37
N VAL C 700 -27.67 -55.30 -15.25
CA VAL C 700 -28.02 -56.01 -14.03
C VAL C 700 -29.25 -56.84 -14.31
N ALA C 701 -29.10 -58.17 -14.24
CA ALA C 701 -30.16 -59.09 -14.64
C ALA C 701 -31.24 -59.10 -13.56
N TYR C 702 -31.98 -58.01 -13.48
CA TYR C 702 -33.06 -57.92 -12.52
C TYR C 702 -34.18 -58.87 -12.88
N SER C 703 -34.79 -59.48 -11.87
CA SER C 703 -36.02 -60.21 -12.01
C SER C 703 -36.73 -60.12 -10.66
N ASN C 704 -37.94 -60.66 -10.59
CA ASN C 704 -38.59 -60.77 -9.29
C ASN C 704 -37.84 -61.73 -8.38
N ASN C 705 -37.00 -62.59 -8.94
CA ASN C 705 -36.35 -63.61 -8.14
C ASN C 705 -34.89 -63.87 -8.53
N SER C 706 -34.23 -62.92 -9.19
CA SER C 706 -32.83 -63.13 -9.59
C SER C 706 -31.90 -62.51 -8.56
N ILE C 707 -30.94 -63.31 -8.06
CA ILE C 707 -29.95 -62.81 -7.13
C ILE C 707 -28.60 -63.45 -7.44
N ALA C 708 -27.54 -62.77 -7.03
CA ALA C 708 -26.17 -63.26 -7.20
C ALA C 708 -25.49 -63.31 -5.84
N ILE C 709 -24.94 -64.48 -5.51
CA ILE C 709 -24.25 -64.70 -4.23
C ILE C 709 -22.79 -64.98 -4.54
N PRO C 710 -21.84 -64.28 -3.91
CA PRO C 710 -20.43 -64.49 -4.25
C PRO C 710 -19.88 -65.74 -3.57
N THR C 711 -19.24 -66.59 -4.37
CA THR C 711 -18.68 -67.84 -3.87
C THR C 711 -17.21 -67.72 -3.49
N ASN C 712 -16.56 -66.63 -3.86
CA ASN C 712 -15.10 -66.51 -3.73
C ASN C 712 -14.79 -65.11 -3.23
N PHE C 713 -13.55 -64.88 -2.82
CA PHE C 713 -13.19 -63.55 -2.35
C PHE C 713 -11.69 -63.36 -2.45
N THR C 714 -11.28 -62.12 -2.21
CA THR C 714 -9.89 -61.73 -2.13
C THR C 714 -9.68 -60.87 -0.90
N ILE C 715 -8.48 -60.94 -0.34
CA ILE C 715 -8.09 -60.11 0.80
C ILE C 715 -7.36 -58.91 0.19
N SER C 716 -8.12 -57.86 -0.10
CA SER C 716 -7.54 -56.72 -0.77
C SER C 716 -6.80 -55.86 0.25
N VAL C 717 -5.47 -55.88 0.18
CA VAL C 717 -4.69 -54.96 0.99
C VAL C 717 -4.52 -53.69 0.18
N THR C 718 -5.47 -52.78 0.32
CA THR C 718 -5.42 -51.52 -0.39
C THR C 718 -4.45 -50.59 0.35
N THR C 719 -4.46 -49.32 -0.01
CA THR C 719 -3.54 -48.38 0.60
C THR C 719 -4.17 -46.99 0.57
N GLU C 720 -4.30 -46.38 1.73
CA GLU C 720 -4.82 -45.03 1.83
C GLU C 720 -3.77 -44.17 2.51
N ILE C 721 -3.39 -43.09 1.86
CA ILE C 721 -2.32 -42.23 2.35
C ILE C 721 -2.95 -40.97 2.92
N LEU C 722 -2.80 -40.77 4.22
CA LEU C 722 -3.39 -39.61 4.89
C LEU C 722 -2.29 -38.66 5.32
N PRO C 723 -2.21 -37.46 4.74
CA PRO C 723 -1.39 -36.43 5.34
C PRO C 723 -1.91 -36.12 6.74
N VAL C 724 -0.98 -35.95 7.68
CA VAL C 724 -1.31 -35.79 9.09
C VAL C 724 -0.78 -34.47 9.63
N SER C 725 0.45 -34.12 9.32
CA SER C 725 1.07 -32.91 9.84
C SER C 725 2.03 -32.36 8.81
N MET C 726 1.65 -31.23 8.21
CA MET C 726 2.61 -30.49 7.43
C MET C 726 3.77 -30.05 8.32
N THR C 727 4.89 -29.76 7.68
CA THR C 727 6.07 -29.33 8.43
C THR C 727 5.76 -28.07 9.21
N LYS C 728 5.94 -28.12 10.53
CA LYS C 728 5.74 -26.94 11.35
C LYS C 728 6.77 -25.89 10.95
N THR C 729 6.36 -24.63 10.96
CA THR C 729 7.18 -23.56 10.44
C THR C 729 7.10 -22.37 11.36
N SER C 730 8.18 -21.58 11.41
CA SER C 730 8.21 -20.34 12.15
C SER C 730 8.78 -19.26 11.25
N VAL C 731 8.12 -18.12 11.20
CA VAL C 731 8.56 -17.00 10.39
C VAL C 731 9.01 -15.91 11.36
N ASP C 732 10.33 -15.72 11.46
CA ASP C 732 10.86 -14.57 12.18
C ASP C 732 10.48 -13.34 11.39
N CYS C 733 9.51 -12.59 11.91
CA CYS C 733 8.96 -11.46 11.17
C CYS C 733 10.06 -10.49 10.76
N THR C 734 10.94 -10.14 11.69
CA THR C 734 12.04 -9.24 11.36
C THR C 734 12.99 -9.87 10.35
N MET C 735 13.31 -11.15 10.52
CA MET C 735 14.30 -11.77 9.64
C MET C 735 13.72 -12.03 8.25
N TYR C 736 12.43 -12.34 8.17
CA TYR C 736 11.82 -12.56 6.85
C TYR C 736 11.49 -11.24 6.18
N ILE C 737 10.62 -10.45 6.77
CA ILE C 737 10.18 -9.21 6.13
C ILE C 737 11.34 -8.22 6.05
N CYS C 738 12.07 -8.05 7.14
CA CYS C 738 13.11 -7.03 7.21
C CYS C 738 14.53 -7.57 7.15
N GLY C 739 14.73 -8.87 7.34
CA GLY C 739 16.08 -9.38 7.38
C GLY C 739 16.82 -8.84 8.59
N ASP C 740 18.00 -8.31 8.35
CA ASP C 740 18.83 -7.74 9.41
C ASP C 740 18.77 -6.21 9.45
N SER C 741 17.91 -5.59 8.66
CA SER C 741 17.84 -4.14 8.60
C SER C 741 17.17 -3.59 9.85
N THR C 742 17.85 -2.69 10.56
CA THR C 742 17.29 -2.13 11.78
C THR C 742 16.19 -1.12 11.48
N GLU C 743 16.39 -0.28 10.47
CA GLU C 743 15.40 0.73 10.13
C GLU C 743 14.09 0.08 9.70
N CYS C 744 14.18 -1.00 8.95
CA CYS C 744 12.98 -1.72 8.54
C CYS C 744 12.23 -2.26 9.75
N SER C 745 12.95 -2.80 10.73
CA SER C 745 12.31 -3.29 11.94
C SER C 745 11.65 -2.15 12.71
N ASN C 746 12.32 -0.99 12.78
CA ASN C 746 11.74 0.16 13.45
C ASN C 746 10.45 0.60 12.78
N LEU C 747 10.44 0.65 11.45
CA LEU C 747 9.23 1.01 10.73
C LEU C 747 8.14 -0.04 10.87
N LEU C 748 8.51 -1.32 10.90
CA LEU C 748 7.54 -2.39 11.06
C LEU C 748 6.87 -2.34 12.42
N LEU C 749 7.64 -2.00 13.46
CA LEU C 749 7.04 -1.82 14.77
C LEU C 749 6.01 -0.70 14.77
N GLN C 750 6.29 0.40 14.07
CA GLN C 750 5.33 1.48 13.97
C GLN C 750 4.04 1.04 13.27
N TYR C 751 4.14 0.05 12.39
CA TYR C 751 2.97 -0.38 11.63
C TYR C 751 1.91 -1.05 12.49
N GLY C 752 2.29 -1.71 13.58
CA GLY C 752 1.32 -2.36 14.43
C GLY C 752 1.76 -3.72 14.94
N SER C 753 0.79 -4.61 15.16
CA SER C 753 1.05 -5.90 15.79
C SER C 753 0.72 -7.03 14.85
N PHE C 754 0.81 -6.80 13.54
CA PHE C 754 0.57 -7.87 12.59
C PHE C 754 1.55 -9.02 12.80
N CYS C 755 2.79 -8.69 13.12
CA CYS C 755 3.78 -9.73 13.38
C CYS C 755 3.38 -10.60 14.55
N THR C 756 2.86 -9.98 15.62
CA THR C 756 2.43 -10.76 16.77
C THR C 756 1.30 -11.70 16.42
N GLN C 757 0.31 -11.21 15.67
CA GLN C 757 -0.82 -12.05 15.29
C GLN C 757 -0.37 -13.18 14.37
N LEU C 758 0.50 -12.88 13.41
CA LEU C 758 0.99 -13.92 12.50
C LEU C 758 1.80 -14.96 13.24
N LYS C 759 2.66 -14.52 14.17
CA LYS C 759 3.46 -15.46 14.95
C LYS C 759 2.57 -16.31 15.83
N ARG C 760 1.53 -15.72 16.42
CA ARG C 760 0.61 -16.51 17.24
C ARG C 760 -0.15 -17.51 16.38
N ALA C 761 -0.53 -17.11 15.17
CA ALA C 761 -1.21 -18.05 14.27
C ALA C 761 -0.31 -19.19 13.89
N LEU C 762 0.95 -18.90 13.55
CA LEU C 762 1.89 -19.95 13.18
C LEU C 762 2.20 -20.86 14.36
N THR C 763 2.33 -20.28 15.55
CA THR C 763 2.54 -21.10 16.74
C THR C 763 1.34 -21.99 17.01
N GLY C 764 0.13 -21.46 16.79
CA GLY C 764 -1.05 -22.29 16.89
C GLY C 764 -1.02 -23.42 15.88
N ILE C 765 -0.59 -23.12 14.65
CA ILE C 765 -0.48 -24.16 13.63
C ILE C 765 0.52 -25.22 14.05
N ALA C 766 1.65 -24.80 14.62
CA ALA C 766 2.71 -25.74 14.97
C ALA C 766 2.30 -26.62 16.15
N VAL C 767 1.76 -26.01 17.21
CA VAL C 767 1.26 -26.81 18.31
C VAL C 767 0.09 -27.67 17.84
N GLU C 768 -0.63 -27.22 16.81
CA GLU C 768 -1.68 -28.03 16.23
C GLU C 768 -1.09 -29.23 15.50
N GLN C 769 0.06 -29.05 14.84
CA GLN C 769 0.72 -30.17 14.18
C GLN C 769 1.20 -31.20 15.20
N ASP C 770 1.79 -30.72 16.29
CA ASP C 770 2.18 -31.64 17.35
C ASP C 770 0.95 -32.32 17.95
N LYS C 771 -0.14 -31.59 18.10
CA LYS C 771 -1.38 -32.17 18.57
C LYS C 771 -1.91 -33.20 17.59
N ASN C 772 -1.75 -32.94 16.29
CA ASN C 772 -2.17 -33.90 15.27
C ASN C 772 -1.38 -35.18 15.40
N THR C 773 -0.06 -35.08 15.56
CA THR C 773 0.74 -36.28 15.75
C THR C 773 0.33 -37.02 17.02
N GLN C 774 0.08 -36.28 18.10
CA GLN C 774 -0.26 -36.92 19.36
C GLN C 774 -1.62 -37.61 19.29
N GLU C 775 -2.61 -36.96 18.68
CA GLU C 775 -3.92 -37.54 18.54
C GLU C 775 -3.90 -38.73 17.61
N VAL C 776 -3.19 -38.61 16.48
CA VAL C 776 -3.14 -39.70 15.52
C VAL C 776 -2.28 -40.84 16.04
N PHE C 777 -1.07 -40.52 16.52
CA PHE C 777 -0.12 -41.54 16.91
C PHE C 777 -0.23 -41.89 18.39
N ALA C 778 -0.07 -40.92 19.27
CA ALA C 778 -0.06 -41.17 20.72
C ALA C 778 -1.48 -41.43 21.20
N GLN C 779 -2.03 -42.55 20.76
CA GLN C 779 -3.35 -42.99 21.16
C GLN C 779 -3.30 -43.92 22.37
N VAL C 780 -2.11 -44.13 22.93
CA VAL C 780 -1.94 -45.04 24.07
C VAL C 780 -0.82 -44.50 24.95
N LYS C 781 -0.92 -44.77 26.24
CA LYS C 781 0.09 -44.31 27.18
C LYS C 781 1.32 -45.22 27.15
N GLN C 782 1.12 -46.51 27.41
CA GLN C 782 2.22 -47.46 27.42
C GLN C 782 2.79 -47.66 26.02
N ILE C 783 4.01 -48.21 25.97
CA ILE C 783 4.68 -48.55 24.72
C ILE C 783 4.95 -50.04 24.74
N TYR C 784 4.54 -50.74 23.69
CA TYR C 784 4.54 -52.19 23.66
C TYR C 784 5.64 -52.70 22.75
N LYS C 785 6.50 -53.55 23.28
CA LYS C 785 7.56 -54.18 22.52
C LYS C 785 7.04 -55.46 21.87
N THR C 786 7.33 -55.63 20.59
CA THR C 786 6.91 -56.83 19.89
C THR C 786 7.64 -58.05 20.46
N PRO C 787 6.97 -59.19 20.57
CA PRO C 787 7.62 -60.38 21.11
C PRO C 787 8.72 -60.85 20.18
N PRO C 788 9.79 -61.47 20.71
CA PRO C 788 10.86 -61.96 19.84
C PRO C 788 10.41 -63.02 18.85
N ILE C 789 9.46 -63.89 19.24
CA ILE C 789 8.96 -64.94 18.36
C ILE C 789 7.86 -64.31 17.52
N LYS C 790 8.25 -63.77 16.36
CA LYS C 790 7.32 -63.05 15.49
C LYS C 790 6.63 -64.01 14.53
N TYR C 791 5.99 -65.03 15.10
CA TYR C 791 5.17 -65.97 14.35
C TYR C 791 3.72 -65.72 14.67
N PHE C 792 2.92 -65.50 13.63
CA PHE C 792 1.50 -65.16 13.78
C PHE C 792 0.66 -65.93 12.78
N GLY C 793 0.94 -67.22 12.61
CA GLY C 793 0.14 -68.05 11.74
C GLY C 793 0.41 -67.89 10.25
N GLY C 794 1.41 -67.11 9.87
CA GLY C 794 1.75 -66.90 8.49
C GLY C 794 1.66 -65.47 8.03
N PHE C 795 1.05 -64.60 8.83
CA PHE C 795 0.95 -63.20 8.46
C PHE C 795 2.31 -62.55 8.59
N ASN C 796 3.03 -62.48 7.48
CA ASN C 796 4.41 -62.01 7.49
C ASN C 796 4.45 -60.50 7.67
N PHE C 797 4.60 -60.06 8.92
CA PHE C 797 4.68 -58.64 9.24
C PHE C 797 6.10 -58.10 9.12
N SER C 798 7.02 -58.87 8.55
CA SER C 798 8.43 -58.47 8.57
C SER C 798 8.63 -57.16 7.83
N GLN C 799 7.92 -56.96 6.71
CA GLN C 799 8.06 -55.72 5.98
C GLN C 799 7.35 -54.55 6.65
N ILE C 800 6.53 -54.80 7.68
CA ILE C 800 5.91 -53.72 8.43
C ILE C 800 6.37 -53.65 9.88
N LEU C 801 6.86 -54.75 10.44
CA LEU C 801 7.46 -54.72 11.76
C LEU C 801 8.83 -54.05 11.69
N PRO C 802 9.32 -53.52 12.82
CA PRO C 802 10.64 -52.88 12.80
C PRO C 802 11.73 -53.86 12.40
N ASP C 803 12.74 -53.32 11.70
CA ASP C 803 13.84 -54.14 11.20
C ASP C 803 15.02 -54.04 12.16
N PRO C 804 15.32 -55.10 12.93
CA PRO C 804 16.49 -55.03 13.81
C PRO C 804 17.81 -54.99 13.07
N SER C 805 17.83 -55.38 11.80
CA SER C 805 19.08 -55.41 11.06
C SER C 805 19.58 -53.98 10.78
N LYS C 806 18.80 -53.20 10.05
CA LYS C 806 19.19 -51.85 9.75
C LYS C 806 19.10 -50.97 10.99
N PRO C 807 20.03 -50.03 11.15
CA PRO C 807 20.04 -49.19 12.36
C PRO C 807 18.80 -48.34 12.54
N SER C 808 18.15 -47.89 11.46
CA SER C 808 16.99 -47.02 11.58
C SER C 808 15.82 -47.71 12.28
N LYS C 809 15.79 -49.04 12.24
CA LYS C 809 14.74 -49.85 12.90
C LYS C 809 13.38 -49.63 12.26
N ARG C 810 13.32 -48.80 11.22
CA ARG C 810 12.09 -48.68 10.46
C ARG C 810 11.81 -49.96 9.68
N SER C 811 10.54 -50.20 9.40
CA SER C 811 10.19 -51.37 8.62
C SER C 811 10.64 -51.20 7.18
N PRO C 812 10.86 -52.31 6.48
CA PRO C 812 11.23 -52.20 5.06
C PRO C 812 10.23 -51.41 4.24
N ILE C 813 8.94 -51.60 4.49
CA ILE C 813 7.94 -50.78 3.81
C ILE C 813 8.08 -49.32 4.20
N GLU C 814 8.34 -49.06 5.48
CA GLU C 814 8.63 -47.70 5.91
C GLU C 814 9.88 -47.17 5.20
N ASP C 815 10.86 -48.05 4.95
CA ASP C 815 12.04 -47.62 4.22
C ASP C 815 11.70 -47.25 2.78
N LEU C 816 10.85 -48.04 2.14
CA LEU C 816 10.41 -47.71 0.78
C LEU C 816 9.67 -46.39 0.76
N LEU C 817 8.77 -46.18 1.72
CA LEU C 817 8.04 -44.93 1.79
C LEU C 817 8.95 -43.75 2.08
N PHE C 818 10.01 -44.00 2.85
CA PHE C 818 10.99 -42.95 3.14
C PHE C 818 11.78 -42.58 1.88
N ASN C 819 12.20 -43.59 1.11
CA ASN C 819 12.99 -43.33 -0.08
C ASN C 819 12.16 -42.67 -1.17
N LYS C 820 10.95 -43.18 -1.42
CA LYS C 820 10.13 -42.66 -2.51
C LYS C 820 9.78 -41.20 -2.28
N VAL C 821 9.36 -40.86 -1.05
CA VAL C 821 9.09 -39.46 -0.74
C VAL C 821 10.41 -38.71 -0.65
N THR C 822 10.43 -37.49 -1.21
CA THR C 822 11.60 -36.65 -1.08
C THR C 822 11.85 -36.34 0.39
N LEU C 823 13.12 -36.35 0.79
CA LEU C 823 13.47 -36.30 2.19
C LEU C 823 13.29 -34.89 2.74
N ALA C 824 13.70 -34.70 4.00
CA ALA C 824 13.60 -33.41 4.66
C ALA C 824 14.74 -33.29 5.67
N ASP C 825 15.02 -32.06 6.07
CA ASP C 825 16.09 -31.79 7.02
C ASP C 825 15.75 -32.40 8.38
N ALA C 826 16.78 -32.88 9.07
CA ALA C 826 16.61 -33.47 10.40
C ALA C 826 17.57 -32.85 11.41
N GLY C 827 18.22 -31.74 11.07
CA GLY C 827 19.13 -31.08 11.99
C GLY C 827 20.35 -31.92 12.34
N PHE C 828 20.96 -32.53 11.32
CA PHE C 828 22.13 -33.37 11.55
C PHE C 828 23.28 -32.55 12.14
N ILE C 829 23.99 -33.14 13.09
CA ILE C 829 25.12 -32.47 13.73
C ILE C 829 26.31 -32.57 12.79
N LYS C 830 26.52 -31.53 11.98
CA LYS C 830 27.63 -31.49 11.04
C LYS C 830 28.60 -30.35 11.35
N GLN C 831 28.42 -29.66 12.47
CA GLN C 831 29.27 -28.54 12.87
C GLN C 831 29.34 -27.48 11.78
N TYR C 832 28.19 -27.24 11.12
CA TYR C 832 28.08 -26.27 10.05
C TYR C 832 27.51 -24.93 10.53
N GLY C 833 27.22 -24.80 11.82
CA GLY C 833 26.63 -23.59 12.34
C GLY C 833 25.11 -23.60 12.25
N ASP C 834 24.58 -24.22 11.20
CA ASP C 834 23.14 -24.34 11.00
C ASP C 834 22.76 -25.81 10.91
N CYS C 835 23.29 -26.62 11.82
CA CYS C 835 23.11 -28.07 11.82
C CYS C 835 23.63 -28.68 10.53
N LEU C 836 22.74 -28.89 9.57
CA LEU C 836 23.09 -29.55 8.32
C LEU C 836 23.50 -28.52 7.27
N GLY C 837 24.38 -28.95 6.36
CA GLY C 837 24.81 -28.09 5.28
C GLY C 837 25.90 -28.76 4.49
N ASP C 838 26.12 -28.24 3.28
CA ASP C 838 27.12 -28.81 2.39
C ASP C 838 27.63 -27.70 1.48
N ILE C 839 28.60 -28.06 0.64
CA ILE C 839 29.28 -27.12 -0.24
C ILE C 839 28.85 -27.40 -1.67
N ALA C 840 28.18 -26.43 -2.27
CA ALA C 840 27.72 -26.51 -3.66
C ALA C 840 26.94 -27.81 -3.90
N ALA C 841 25.84 -27.94 -3.16
CA ALA C 841 25.03 -29.15 -3.17
C ALA C 841 23.57 -28.75 -2.98
N ARG C 842 22.76 -29.69 -2.48
CA ARG C 842 21.34 -29.43 -2.23
C ARG C 842 21.21 -28.58 -0.97
N ASP C 843 21.27 -27.26 -1.17
CA ASP C 843 21.21 -26.29 -0.08
C ASP C 843 19.90 -25.51 -0.07
N LEU C 844 18.82 -26.06 -0.61
CA LEU C 844 17.54 -25.36 -0.57
C LEU C 844 17.06 -25.18 0.87
N ILE C 845 17.26 -26.19 1.71
CA ILE C 845 16.98 -26.02 3.13
C ILE C 845 17.92 -25.00 3.74
N CYS C 846 19.19 -25.03 3.34
CA CYS C 846 20.13 -24.02 3.79
C CYS C 846 19.70 -22.63 3.35
N ALA C 847 19.20 -22.51 2.12
CA ALA C 847 18.70 -21.22 1.65
C ALA C 847 17.48 -20.77 2.44
N GLN C 848 16.57 -21.69 2.75
CA GLN C 848 15.39 -21.34 3.52
C GLN C 848 15.78 -20.86 4.92
N LYS C 849 16.73 -21.53 5.56
CA LYS C 849 17.23 -21.06 6.84
C LYS C 849 17.96 -19.73 6.68
N PHE C 850 18.57 -19.51 5.52
CA PHE C 850 19.21 -18.23 5.23
C PHE C 850 18.19 -17.10 5.18
N LYS C 851 17.02 -17.35 4.61
CA LYS C 851 16.04 -16.31 4.39
C LYS C 851 15.20 -15.97 5.62
N GLY C 852 15.29 -16.77 6.68
CA GLY C 852 14.58 -16.50 7.92
C GLY C 852 13.46 -17.46 8.23
N LEU C 853 12.91 -18.14 7.23
CA LEU C 853 11.95 -19.19 7.50
C LEU C 853 12.65 -20.34 8.20
N THR C 854 12.07 -20.81 9.31
CA THR C 854 12.73 -21.83 10.12
C THR C 854 11.79 -23.01 10.29
N VAL C 855 12.20 -24.16 9.79
CA VAL C 855 11.43 -25.40 9.96
C VAL C 855 11.81 -25.97 11.31
N LEU C 856 10.98 -25.74 12.31
CA LEU C 856 11.23 -26.33 13.61
C LEU C 856 11.06 -27.84 13.55
N PRO C 857 11.86 -28.60 14.31
CA PRO C 857 11.75 -30.04 14.26
C PRO C 857 10.44 -30.52 14.88
N PRO C 858 9.94 -31.66 14.46
CA PRO C 858 8.81 -32.27 15.18
C PRO C 858 9.21 -32.60 16.61
N LEU C 859 8.25 -32.46 17.52
CA LEU C 859 8.53 -32.81 18.90
C LEU C 859 8.93 -34.28 19.03
N LEU C 860 8.17 -35.16 18.42
CA LEU C 860 8.53 -36.56 18.33
C LEU C 860 9.42 -36.74 17.11
N THR C 861 10.66 -37.14 17.32
CA THR C 861 11.61 -37.28 16.21
C THR C 861 11.11 -38.32 15.22
N ASP C 862 11.70 -38.30 14.03
CA ASP C 862 11.40 -39.35 13.06
C ASP C 862 11.61 -40.72 13.67
N GLU C 863 12.65 -40.87 14.49
CA GLU C 863 12.83 -42.11 15.25
C GLU C 863 11.77 -42.23 16.34
N MET C 864 11.42 -41.13 16.99
CA MET C 864 10.40 -41.21 18.02
C MET C 864 8.99 -41.35 17.44
N ILE C 865 8.69 -40.64 16.35
CA ILE C 865 7.44 -40.90 15.64
C ILE C 865 7.40 -42.34 15.16
N ALA C 866 8.52 -42.85 14.67
CA ALA C 866 8.59 -44.24 14.25
C ALA C 866 8.38 -45.18 15.42
N GLN C 867 8.84 -44.82 16.61
CA GLN C 867 8.65 -45.68 17.76
C GLN C 867 7.21 -45.63 18.26
N TYR C 868 6.56 -44.47 18.15
CA TYR C 868 5.14 -44.39 18.45
C TYR C 868 4.34 -45.24 17.48
N THR C 869 4.69 -45.18 16.20
CA THR C 869 4.06 -46.05 15.21
C THR C 869 4.34 -47.52 15.51
N SER C 870 5.55 -47.81 15.96
CA SER C 870 5.87 -49.17 16.37
C SER C 870 4.99 -49.61 17.53
N ALA C 871 4.79 -48.72 18.50
CA ALA C 871 3.94 -49.07 19.63
C ALA C 871 2.50 -49.32 19.18
N LEU C 872 1.98 -48.47 18.29
CA LEU C 872 0.64 -48.67 17.78
C LEU C 872 0.51 -49.98 17.04
N LEU C 873 1.46 -50.28 16.17
CA LEU C 873 1.41 -51.51 15.39
C LEU C 873 1.60 -52.74 16.26
N ALA C 874 2.45 -52.62 17.28
CA ALA C 874 2.65 -53.72 18.20
C ALA C 874 1.40 -53.99 19.01
N GLY C 875 0.73 -52.94 19.48
CA GLY C 875 -0.54 -53.13 20.16
C GLY C 875 -1.59 -53.72 19.25
N THR C 876 -1.64 -53.27 18.01
CA THR C 876 -2.61 -53.80 17.06
C THR C 876 -2.37 -55.28 16.81
N ILE C 877 -1.10 -55.67 16.63
CA ILE C 877 -0.79 -57.07 16.35
C ILE C 877 -1.03 -57.93 17.58
N THR C 878 -0.67 -57.42 18.76
CA THR C 878 -0.67 -58.20 19.99
C THR C 878 -1.97 -58.00 20.78
N SER C 879 -2.27 -56.77 21.16
CA SER C 879 -3.43 -56.53 21.99
C SER C 879 -4.73 -56.61 21.21
N GLY C 880 -4.73 -56.20 19.95
CA GLY C 880 -5.96 -56.15 19.17
C GLY C 880 -6.62 -54.80 19.25
N TRP C 881 -7.94 -54.77 19.43
CA TRP C 881 -8.65 -53.51 19.61
C TRP C 881 -8.77 -53.10 21.06
N THR C 882 -8.33 -53.95 21.99
CA THR C 882 -8.59 -53.76 23.41
C THR C 882 -7.66 -52.75 24.06
N PHE C 883 -6.63 -52.28 23.38
CA PHE C 883 -5.74 -51.33 24.01
C PHE C 883 -6.20 -49.88 23.82
N GLY C 884 -7.26 -49.65 23.06
CA GLY C 884 -7.77 -48.30 22.89
C GLY C 884 -8.85 -47.97 23.91
N ALA C 885 -9.27 -48.97 24.67
CA ALA C 885 -10.28 -48.80 25.70
C ALA C 885 -9.70 -48.77 27.10
N GLY C 886 -8.38 -48.72 27.24
CA GLY C 886 -7.75 -48.74 28.53
C GLY C 886 -6.50 -49.60 28.54
N PRO C 887 -6.48 -50.61 29.41
CA PRO C 887 -5.35 -51.53 29.42
C PRO C 887 -5.29 -52.37 28.16
N ALA C 888 -4.07 -52.74 27.77
CA ALA C 888 -3.88 -53.60 26.61
C ALA C 888 -4.01 -55.06 27.03
N LEU C 889 -4.80 -55.82 26.28
CA LEU C 889 -5.07 -57.22 26.57
C LEU C 889 -4.59 -58.07 25.41
N GLN C 890 -3.64 -58.97 25.69
CA GLN C 890 -3.06 -59.79 24.63
C GLN C 890 -4.09 -60.71 24.00
N ILE C 891 -4.02 -60.86 22.69
CA ILE C 891 -4.86 -61.78 21.94
C ILE C 891 -4.13 -62.17 20.65
N PRO C 892 -4.08 -63.45 20.31
CA PRO C 892 -3.37 -63.87 19.10
C PRO C 892 -3.98 -63.25 17.86
N PHE C 893 -3.16 -63.15 16.81
CA PHE C 893 -3.63 -62.53 15.57
C PHE C 893 -4.70 -63.33 14.85
N PRO C 894 -4.68 -64.66 14.80
CA PRO C 894 -5.84 -65.36 14.22
C PRO C 894 -7.15 -65.04 14.91
N MET C 895 -7.15 -64.87 16.24
CA MET C 895 -8.38 -64.55 16.94
C MET C 895 -8.83 -63.12 16.65
N GLN C 896 -7.88 -62.19 16.59
CA GLN C 896 -8.22 -60.83 16.20
C GLN C 896 -8.77 -60.78 14.78
N MET C 897 -8.22 -61.60 13.88
CA MET C 897 -8.74 -61.65 12.51
C MET C 897 -10.10 -62.31 12.45
N ALA C 898 -10.36 -63.27 13.35
CA ALA C 898 -11.72 -63.80 13.46
C ALA C 898 -12.70 -62.72 13.89
N TYR C 899 -12.28 -61.87 14.83
CA TYR C 899 -13.13 -60.73 15.21
C TYR C 899 -13.34 -59.81 14.03
N ARG C 900 -12.28 -59.55 13.26
CA ARG C 900 -12.42 -58.68 12.09
C ARG C 900 -13.37 -59.26 11.06
N PHE C 901 -13.32 -60.57 10.85
CA PHE C 901 -14.30 -61.24 9.98
C PHE C 901 -15.70 -61.04 10.52
N ASN C 902 -15.91 -61.33 11.80
CA ASN C 902 -17.23 -61.23 12.40
C ASN C 902 -17.78 -59.82 12.38
N GLY C 903 -16.91 -58.82 12.31
CA GLY C 903 -17.38 -57.45 12.33
C GLY C 903 -17.86 -56.91 11.01
N ILE C 904 -17.76 -57.67 9.93
CA ILE C 904 -18.24 -57.22 8.63
C ILE C 904 -19.30 -58.17 8.12
N GLY C 905 -20.05 -58.78 9.03
CA GLY C 905 -21.10 -59.69 8.62
C GLY C 905 -20.61 -60.95 7.97
N VAL C 906 -19.34 -61.28 8.13
CA VAL C 906 -18.76 -62.51 7.61
C VAL C 906 -18.48 -63.42 8.79
N THR C 907 -18.98 -64.65 8.73
CA THR C 907 -18.77 -65.58 9.81
C THR C 907 -17.28 -65.87 9.97
N GLN C 908 -16.83 -65.94 11.22
CA GLN C 908 -15.41 -66.00 11.50
C GLN C 908 -14.79 -67.36 11.18
N ASN C 909 -15.61 -68.38 10.89
CA ASN C 909 -15.05 -69.68 10.54
C ASN C 909 -14.26 -69.62 9.24
N VAL C 910 -14.62 -68.71 8.34
CA VAL C 910 -13.93 -68.59 7.06
C VAL C 910 -12.45 -68.28 7.29
N LEU C 911 -12.15 -67.46 8.29
CA LEU C 911 -10.76 -67.06 8.52
C LEU C 911 -9.90 -68.25 8.93
N TYR C 912 -10.51 -69.30 9.48
CA TYR C 912 -9.73 -70.44 9.94
C TYR C 912 -9.77 -71.61 8.96
N GLU C 913 -10.89 -71.79 8.25
CA GLU C 913 -10.95 -72.88 7.27
C GLU C 913 -9.99 -72.65 6.12
N ASN C 914 -9.74 -71.39 5.77
CA ASN C 914 -8.79 -71.04 4.72
C ASN C 914 -7.78 -70.04 5.26
N GLN C 915 -7.25 -70.33 6.44
CA GLN C 915 -6.31 -69.43 7.09
C GLN C 915 -5.04 -69.26 6.26
N LYS C 916 -4.52 -70.36 5.71
CA LYS C 916 -3.30 -70.28 4.91
C LYS C 916 -3.53 -69.46 3.64
N LEU C 917 -4.70 -69.62 3.02
CA LEU C 917 -5.02 -68.81 1.85
C LEU C 917 -5.06 -67.33 2.20
N ILE C 918 -5.68 -66.99 3.33
CA ILE C 918 -5.70 -65.60 3.77
C ILE C 918 -4.29 -65.09 3.97
N ALA C 919 -3.44 -65.91 4.62
CA ALA C 919 -2.08 -65.49 4.89
C ALA C 919 -1.28 -65.27 3.60
N ASN C 920 -1.44 -66.18 2.64
CA ASN C 920 -0.71 -66.05 1.38
C ASN C 920 -1.19 -64.86 0.59
N GLN C 921 -2.51 -64.65 0.53
CA GLN C 921 -3.05 -63.47 -0.15
C GLN C 921 -2.56 -62.20 0.52
N PHE C 922 -2.52 -62.19 1.85
CA PHE C 922 -2.03 -61.03 2.59
C PHE C 922 -0.58 -60.74 2.26
N ASN C 923 0.28 -61.77 2.32
CA ASN C 923 1.70 -61.57 2.07
C ASN C 923 1.97 -61.16 0.63
N SER C 924 1.30 -61.80 -0.33
CA SER C 924 1.48 -61.43 -1.72
C SER C 924 0.96 -60.03 -1.99
N ALA C 925 -0.14 -59.64 -1.32
CA ALA C 925 -0.64 -58.29 -1.46
C ALA C 925 0.33 -57.28 -0.87
N ILE C 926 1.02 -57.64 0.21
CA ILE C 926 2.05 -56.76 0.76
C ILE C 926 3.20 -56.63 -0.23
N GLY C 927 3.59 -57.73 -0.85
CA GLY C 927 4.63 -57.67 -1.86
C GLY C 927 4.22 -56.82 -3.04
N LYS C 928 2.98 -56.95 -3.49
CA LYS C 928 2.47 -56.11 -4.57
C LYS C 928 2.42 -54.65 -4.14
N ILE C 929 2.13 -54.41 -2.86
CA ILE C 929 2.17 -53.04 -2.35
C ILE C 929 3.57 -52.48 -2.49
N GLN C 930 4.57 -53.27 -2.11
CA GLN C 930 5.95 -52.81 -2.26
C GLN C 930 6.29 -52.54 -3.72
N ASP C 931 5.91 -53.47 -4.60
CA ASP C 931 6.23 -53.33 -6.01
C ASP C 931 5.54 -52.10 -6.61
N SER C 932 4.26 -51.88 -6.28
CA SER C 932 3.54 -50.74 -6.82
C SER C 932 4.09 -49.43 -6.27
N LEU C 933 4.40 -49.38 -4.98
CA LEU C 933 4.95 -48.17 -4.39
C LEU C 933 6.29 -47.82 -5.02
N SER C 934 7.15 -48.83 -5.21
CA SER C 934 8.47 -48.57 -5.76
C SER C 934 8.41 -48.24 -7.25
N SER C 935 7.64 -49.01 -8.01
CA SER C 935 7.64 -48.88 -9.46
C SER C 935 6.75 -47.73 -9.92
N THR C 936 5.47 -47.79 -9.60
CA THR C 936 4.56 -46.73 -10.03
C THR C 936 4.85 -45.46 -9.25
N PRO C 937 5.21 -44.36 -9.91
CA PRO C 937 5.51 -43.12 -9.18
C PRO C 937 4.28 -42.40 -8.66
N SER C 938 3.09 -42.80 -9.07
CA SER C 938 1.85 -42.19 -8.60
C SER C 938 1.32 -42.83 -7.33
N ALA C 939 2.07 -43.77 -6.75
CA ALA C 939 1.59 -44.46 -5.56
C ALA C 939 1.51 -43.52 -4.37
N LEU C 940 2.56 -42.76 -4.11
CA LEU C 940 2.65 -41.86 -2.95
C LEU C 940 2.26 -40.44 -3.33
N GLY C 941 1.26 -40.29 -4.20
CA GLY C 941 0.93 -38.99 -4.73
C GLY C 941 0.46 -38.01 -3.68
N LYS C 942 -0.34 -38.47 -2.72
CA LYS C 942 -0.93 -37.54 -1.75
C LYS C 942 0.12 -36.88 -0.88
N LEU C 943 0.99 -37.67 -0.26
CA LEU C 943 1.98 -37.10 0.64
C LEU C 943 3.05 -36.33 -0.14
N GLN C 944 3.44 -36.84 -1.31
CA GLN C 944 4.40 -36.11 -2.12
C GLN C 944 3.82 -34.78 -2.57
N ASP C 945 2.52 -34.74 -2.88
CA ASP C 945 1.88 -33.49 -3.24
C ASP C 945 1.80 -32.55 -2.03
N VAL C 946 1.59 -33.10 -0.83
CA VAL C 946 1.61 -32.25 0.36
C VAL C 946 2.97 -31.62 0.54
N VAL C 947 4.02 -32.43 0.44
CA VAL C 947 5.39 -31.92 0.59
C VAL C 947 5.68 -30.90 -0.50
N ASN C 948 5.23 -31.16 -1.73
CA ASN C 948 5.45 -30.23 -2.81
C ASN C 948 4.69 -28.94 -2.61
N HIS C 949 3.48 -29.02 -2.03
CA HIS C 949 2.74 -27.81 -1.71
C HIS C 949 3.48 -26.98 -0.68
N ASN C 950 4.01 -27.62 0.36
CA ASN C 950 4.79 -26.88 1.34
C ASN C 950 6.02 -26.25 0.70
N ALA C 951 6.72 -27.03 -0.13
CA ALA C 951 7.94 -26.55 -0.75
C ALA C 951 7.66 -25.40 -1.70
N GLN C 952 6.59 -25.48 -2.48
CA GLN C 952 6.30 -24.41 -3.42
C GLN C 952 5.73 -23.19 -2.72
N ALA C 953 5.04 -23.38 -1.59
CA ALA C 953 4.66 -22.23 -0.79
C ALA C 953 5.89 -21.51 -0.28
N LEU C 954 6.88 -22.26 0.21
CA LEU C 954 8.11 -21.64 0.67
C LEU C 954 8.87 -20.98 -0.48
N ASN C 955 8.89 -21.62 -1.64
CA ASN C 955 9.57 -21.05 -2.80
C ASN C 955 8.89 -19.76 -3.26
N THR C 956 7.57 -19.75 -3.27
CA THR C 956 6.85 -18.53 -3.58
C THR C 956 7.15 -17.45 -2.57
N LEU C 957 7.24 -17.82 -1.28
CA LEU C 957 7.64 -16.88 -0.26
C LEU C 957 9.01 -16.28 -0.59
N VAL C 958 9.97 -17.13 -0.93
CA VAL C 958 11.31 -16.65 -1.23
C VAL C 958 11.30 -15.73 -2.44
N LYS C 959 10.56 -16.10 -3.48
CA LYS C 959 10.46 -15.27 -4.67
C LYS C 959 9.74 -13.96 -4.40
N GLN C 960 8.90 -13.92 -3.35
CA GLN C 960 8.31 -12.64 -2.97
C GLN C 960 9.40 -11.64 -2.59
N LEU C 961 10.50 -12.12 -2.02
CA LEU C 961 11.60 -11.23 -1.67
C LEU C 961 12.15 -10.56 -2.92
N SER C 962 12.15 -11.27 -4.05
CA SER C 962 12.63 -10.71 -5.30
C SER C 962 11.55 -9.92 -6.04
N SER C 963 10.29 -10.07 -5.66
CA SER C 963 9.22 -9.31 -6.28
C SER C 963 9.30 -7.84 -5.87
N LYS C 964 8.92 -6.96 -6.79
CA LYS C 964 9.05 -5.53 -6.56
C LYS C 964 7.85 -4.90 -5.89
N PHE C 965 6.64 -5.35 -6.23
CA PHE C 965 5.39 -4.78 -5.72
C PHE C 965 5.27 -3.29 -6.02
N GLY C 966 6.05 -2.80 -6.98
CA GLY C 966 6.10 -1.38 -7.28
C GLY C 966 7.25 -0.64 -6.64
N ALA C 967 8.12 -1.32 -5.91
CA ALA C 967 9.30 -0.69 -5.33
C ALA C 967 10.40 -0.57 -6.37
N ILE C 968 11.33 0.35 -6.11
CA ILE C 968 12.42 0.59 -7.06
C ILE C 968 13.26 -0.67 -7.22
N SER C 969 13.31 -1.52 -6.20
CA SER C 969 14.06 -2.77 -6.25
C SER C 969 13.38 -3.76 -5.33
N SER C 970 14.08 -4.84 -5.01
CA SER C 970 13.54 -5.83 -4.08
C SER C 970 14.57 -6.28 -3.05
N VAL C 971 15.67 -5.53 -2.89
CA VAL C 971 16.70 -5.84 -1.90
C VAL C 971 16.75 -4.68 -0.92
N LEU C 972 16.47 -4.97 0.35
CA LEU C 972 16.43 -3.91 1.35
C LEU C 972 17.77 -3.24 1.53
N ASN C 973 18.85 -4.03 1.57
CA ASN C 973 20.17 -3.48 1.80
C ASN C 973 20.59 -2.54 0.68
N ASP C 974 20.31 -2.91 -0.57
CA ASP C 974 20.62 -2.03 -1.68
C ASP C 974 19.81 -0.73 -1.62
N ILE C 975 18.53 -0.83 -1.24
CA ILE C 975 17.70 0.36 -1.10
C ILE C 975 18.27 1.29 -0.04
N LEU C 976 18.67 0.74 1.10
CA LEU C 976 19.21 1.55 2.17
C LEU C 976 20.55 2.17 1.80
N SER C 977 21.42 1.39 1.13
CA SER C 977 22.73 1.90 0.77
C SER C 977 22.67 2.89 -0.39
N ARG C 978 21.65 2.82 -1.23
CA ARG C 978 21.48 3.76 -2.33
C ARG C 978 20.80 5.05 -1.86
N LEU C 979 19.74 4.92 -1.07
CA LEU C 979 18.97 6.06 -0.60
C LEU C 979 18.94 6.08 0.92
N ASP C 980 19.16 7.27 1.48
CA ASP C 980 19.10 7.44 2.92
C ASP C 980 17.68 7.21 3.42
N PRO C 981 17.52 6.88 4.70
CA PRO C 981 16.19 6.56 5.24
C PRO C 981 15.16 7.66 4.97
N PRO C 982 15.52 8.95 5.07
CA PRO C 982 14.49 9.99 4.79
C PRO C 982 13.86 9.87 3.41
N GLU C 983 14.62 9.49 2.39
CA GLU C 983 14.05 9.32 1.06
C GLU C 983 13.78 7.86 0.70
N ALA C 984 14.54 6.93 1.26
CA ALA C 984 14.25 5.51 1.05
C ALA C 984 13.05 5.03 1.85
N GLU C 985 12.47 5.89 2.69
CA GLU C 985 11.36 5.47 3.55
C GLU C 985 10.17 5.02 2.72
N VAL C 986 9.84 5.75 1.66
CA VAL C 986 8.67 5.40 0.87
C VAL C 986 8.85 4.05 0.20
N GLN C 987 10.02 3.84 -0.42
CA GLN C 987 10.28 2.58 -1.11
C GLN C 987 10.29 1.42 -0.13
N ILE C 988 10.96 1.59 1.01
CA ILE C 988 11.03 0.50 1.97
C ILE C 988 9.66 0.25 2.57
N ASP C 989 8.84 1.29 2.74
CA ASP C 989 7.48 1.10 3.22
C ASP C 989 6.65 0.31 2.22
N ARG C 990 6.75 0.63 0.94
CA ARG C 990 6.01 -0.11 -0.06
C ARG C 990 6.45 -1.57 -0.10
N LEU C 991 7.75 -1.82 -0.03
CA LEU C 991 8.25 -3.19 -0.02
C LEU C 991 7.80 -3.93 1.23
N ILE C 992 7.80 -3.25 2.37
CA ILE C 992 7.32 -3.85 3.61
C ILE C 992 5.86 -4.23 3.48
N THR C 993 5.05 -3.34 2.92
CA THR C 993 3.63 -3.64 2.75
C THR C 993 3.45 -4.83 1.82
N GLY C 994 4.20 -4.87 0.71
CA GLY C 994 4.08 -5.98 -0.20
C GLY C 994 4.45 -7.31 0.43
N ARG C 995 5.59 -7.34 1.12
CA ARG C 995 6.03 -8.58 1.75
C ARG C 995 5.14 -8.96 2.91
N LEU C 996 4.59 -7.98 3.63
CA LEU C 996 3.63 -8.29 4.68
C LEU C 996 2.36 -8.88 4.11
N GLN C 997 1.88 -8.34 2.98
CA GLN C 997 0.73 -8.94 2.32
C GLN C 997 1.04 -10.35 1.85
N SER C 998 2.23 -10.57 1.31
CA SER C 998 2.60 -11.90 0.86
C SER C 998 2.66 -12.87 2.04
N LEU C 999 3.25 -12.43 3.15
CA LEU C 999 3.32 -13.28 4.34
C LEU C 999 1.95 -13.55 4.91
N GLN C 1000 1.08 -12.53 4.92
CA GLN C 1000 -0.27 -12.72 5.43
C GLN C 1000 -1.06 -13.68 4.56
N THR C 1001 -0.93 -13.55 3.24
CA THR C 1001 -1.59 -14.51 2.35
C THR C 1001 -1.00 -15.90 2.55
N TYR C 1002 0.30 -15.99 2.76
CA TYR C 1002 0.91 -17.28 3.03
C TYR C 1002 0.36 -17.88 4.31
N VAL C 1003 0.22 -17.07 5.35
CA VAL C 1003 -0.28 -17.57 6.63
C VAL C 1003 -1.75 -17.95 6.51
N THR C 1004 -2.52 -17.19 5.75
CA THR C 1004 -3.94 -17.51 5.60
C THR C 1004 -4.13 -18.78 4.79
N GLN C 1005 -3.36 -18.95 3.71
CA GLN C 1005 -3.46 -20.20 2.95
C GLN C 1005 -2.87 -21.35 3.75
N GLN C 1006 -1.89 -21.08 4.61
CA GLN C 1006 -1.42 -22.10 5.54
C GLN C 1006 -2.51 -22.48 6.54
N LEU C 1007 -3.29 -21.50 6.98
CA LEU C 1007 -4.42 -21.80 7.85
C LEU C 1007 -5.47 -22.61 7.14
N ILE C 1008 -5.73 -22.28 5.87
CA ILE C 1008 -6.72 -23.03 5.10
C ILE C 1008 -6.26 -24.45 4.86
N ARG C 1009 -5.03 -24.63 4.38
CA ARG C 1009 -4.51 -25.96 4.15
C ARG C 1009 -4.22 -26.68 5.45
N ALA C 1010 -4.04 -25.96 6.55
CA ALA C 1010 -3.89 -26.58 7.86
C ALA C 1010 -5.22 -27.03 8.40
N ALA C 1011 -6.30 -26.31 8.10
CA ALA C 1011 -7.63 -26.82 8.38
C ALA C 1011 -7.92 -28.04 7.52
N GLU C 1012 -7.41 -28.06 6.29
CA GLU C 1012 -7.54 -29.25 5.46
C GLU C 1012 -6.75 -30.42 6.03
N ILE C 1013 -5.51 -30.17 6.44
CA ILE C 1013 -4.68 -31.18 7.07
C ILE C 1013 -5.28 -31.62 8.38
N ARG C 1014 -5.94 -30.71 9.09
CA ARG C 1014 -6.55 -31.05 10.37
C ARG C 1014 -7.82 -31.84 10.17
N ALA C 1015 -8.56 -31.56 9.10
CA ALA C 1015 -9.70 -32.40 8.77
C ALA C 1015 -9.23 -33.80 8.39
N SER C 1016 -8.17 -33.88 7.60
CA SER C 1016 -7.62 -35.18 7.24
C SER C 1016 -6.99 -35.86 8.45
N ALA C 1017 -6.48 -35.09 9.41
CA ALA C 1017 -5.90 -35.64 10.62
C ALA C 1017 -6.95 -36.12 11.59
N ASN C 1018 -8.07 -35.41 11.68
CA ASN C 1018 -9.22 -35.93 12.42
C ASN C 1018 -9.75 -37.17 11.74
N LEU C 1019 -9.71 -37.20 10.41
CA LEU C 1019 -10.06 -38.40 9.67
C LEU C 1019 -9.08 -39.52 9.98
N ALA C 1020 -7.80 -39.20 10.10
CA ALA C 1020 -6.79 -40.20 10.41
C ALA C 1020 -6.93 -40.71 11.83
N ALA C 1021 -7.22 -39.82 12.78
CA ALA C 1021 -7.47 -40.24 14.14
C ALA C 1021 -8.71 -41.11 14.22
N THR C 1022 -9.75 -40.73 13.47
CA THR C 1022 -10.95 -41.55 13.41
C THR C 1022 -10.67 -42.89 12.78
N LYS C 1023 -9.82 -42.92 11.75
CA LYS C 1023 -9.49 -44.17 11.08
C LYS C 1023 -8.59 -45.04 11.93
N MET C 1024 -7.80 -44.43 12.81
CA MET C 1024 -7.01 -45.23 13.74
C MET C 1024 -7.87 -45.76 14.86
N SER C 1025 -8.84 -44.96 15.32
CA SER C 1025 -9.71 -45.40 16.38
C SER C 1025 -10.67 -46.49 15.91
N GLU C 1026 -11.21 -46.35 14.70
CA GLU C 1026 -12.25 -47.24 14.21
C GLU C 1026 -11.72 -48.30 13.25
N CYS C 1027 -10.62 -48.05 12.56
CA CYS C 1027 -10.00 -49.02 11.67
C CYS C 1027 -8.81 -49.71 12.32
N VAL C 1028 -7.94 -48.97 13.00
CA VAL C 1028 -6.78 -49.55 13.66
C VAL C 1028 -7.11 -50.02 15.07
N LEU C 1029 -7.62 -49.14 15.91
CA LEU C 1029 -8.02 -49.48 17.26
C LEU C 1029 -9.35 -50.23 17.31
N GLY C 1030 -9.88 -50.63 16.17
CA GLY C 1030 -11.15 -51.31 16.15
C GLY C 1030 -11.51 -51.70 14.73
N GLN C 1031 -12.79 -51.95 14.50
CA GLN C 1031 -13.29 -52.27 13.18
C GLN C 1031 -14.47 -51.36 12.85
N SER C 1032 -14.32 -50.54 11.82
CA SER C 1032 -15.35 -49.61 11.40
C SER C 1032 -16.26 -50.25 10.35
N LYS C 1033 -17.56 -50.23 10.61
CA LYS C 1033 -18.55 -50.76 9.68
C LYS C 1033 -19.17 -49.67 8.80
N ARG C 1034 -18.68 -48.44 8.88
CA ARG C 1034 -19.05 -47.43 7.90
C ARG C 1034 -18.56 -47.86 6.53
N VAL C 1035 -19.45 -47.82 5.54
CA VAL C 1035 -19.15 -48.37 4.24
C VAL C 1035 -18.14 -47.49 3.52
N ASP C 1036 -17.10 -48.13 2.96
CA ASP C 1036 -16.04 -47.44 2.23
C ASP C 1036 -15.33 -46.41 3.08
N PHE C 1037 -15.21 -46.67 4.39
CA PHE C 1037 -14.48 -45.75 5.25
C PHE C 1037 -13.03 -46.17 5.44
N CYS C 1038 -12.78 -47.47 5.60
CA CYS C 1038 -11.42 -47.96 5.74
C CYS C 1038 -11.06 -48.82 4.54
N GLY C 1039 -11.39 -48.33 3.34
CA GLY C 1039 -11.04 -48.99 2.10
C GLY C 1039 -12.24 -49.65 1.45
N LYS C 1040 -12.20 -49.71 0.11
CA LYS C 1040 -13.28 -50.30 -0.65
C LYS C 1040 -13.41 -51.79 -0.32
N GLY C 1041 -14.65 -52.23 -0.16
CA GLY C 1041 -14.89 -53.56 0.35
C GLY C 1041 -15.15 -53.52 1.84
N TYR C 1042 -15.46 -54.69 2.39
CA TYR C 1042 -15.73 -54.81 3.81
C TYR C 1042 -14.41 -54.75 4.57
N HIS C 1043 -14.24 -53.71 5.38
CA HIS C 1043 -12.96 -53.47 6.03
C HIS C 1043 -12.67 -54.51 7.10
N LEU C 1044 -11.55 -55.21 6.96
CA LEU C 1044 -11.13 -56.19 7.94
C LEU C 1044 -10.31 -55.55 9.05
N MET C 1045 -9.18 -54.95 8.71
CA MET C 1045 -8.32 -54.35 9.73
C MET C 1045 -7.38 -53.37 9.05
N SER C 1046 -6.63 -52.65 9.86
CA SER C 1046 -5.78 -51.58 9.33
C SER C 1046 -4.46 -51.56 10.07
N PHE C 1047 -3.41 -51.15 9.38
CA PHE C 1047 -2.06 -51.10 9.92
C PHE C 1047 -1.47 -49.74 9.66
N PRO C 1048 -1.09 -48.97 10.69
CA PRO C 1048 -0.44 -47.69 10.44
C PRO C 1048 1.02 -47.90 10.05
N GLN C 1049 1.48 -47.11 9.09
CA GLN C 1049 2.89 -47.10 8.71
C GLN C 1049 3.30 -45.64 8.54
N SER C 1050 4.18 -45.17 9.40
CA SER C 1050 4.58 -43.77 9.36
C SER C 1050 5.30 -43.47 8.06
N ALA C 1051 4.92 -42.38 7.42
CA ALA C 1051 5.58 -41.88 6.22
C ALA C 1051 5.85 -40.40 6.47
N PRO C 1052 6.83 -39.82 5.77
CA PRO C 1052 7.17 -38.42 6.05
C PRO C 1052 5.96 -37.50 6.07
N HIS C 1053 5.61 -37.02 7.26
CA HIS C 1053 4.52 -36.08 7.47
C HIS C 1053 3.17 -36.70 7.10
N GLY C 1054 2.98 -37.98 7.44
CA GLY C 1054 1.68 -38.59 7.22
C GLY C 1054 1.72 -40.05 7.60
N VAL C 1055 0.61 -40.72 7.34
CA VAL C 1055 0.48 -42.12 7.70
C VAL C 1055 -0.12 -42.89 6.53
N VAL C 1056 0.45 -44.04 6.23
CA VAL C 1056 -0.08 -44.95 5.23
C VAL C 1056 -0.88 -46.00 5.98
N PHE C 1057 -2.18 -46.05 5.72
CA PHE C 1057 -3.03 -47.11 6.25
C PHE C 1057 -3.07 -48.23 5.23
N LEU C 1058 -2.66 -49.42 5.65
CA LEU C 1058 -2.76 -50.61 4.82
C LEU C 1058 -4.11 -51.25 5.08
N HIS C 1059 -5.13 -50.71 4.41
CA HIS C 1059 -6.50 -51.12 4.66
C HIS C 1059 -6.70 -52.54 4.15
N VAL C 1060 -6.59 -53.50 5.05
CA VAL C 1060 -6.91 -54.89 4.73
C VAL C 1060 -8.43 -55.01 4.71
N THR C 1061 -9.00 -55.24 3.53
CA THR C 1061 -10.43 -55.36 3.34
C THR C 1061 -10.76 -56.72 2.72
N TYR C 1062 -12.02 -57.10 2.85
CA TYR C 1062 -12.56 -58.33 2.27
C TYR C 1062 -13.37 -57.94 1.04
N VAL C 1063 -13.03 -58.51 -0.12
CA VAL C 1063 -13.77 -58.16 -1.33
C VAL C 1063 -14.26 -59.42 -2.03
N PRO C 1064 -15.56 -59.56 -2.25
CA PRO C 1064 -16.10 -60.78 -2.87
C PRO C 1064 -15.80 -60.83 -4.36
N ALA C 1065 -16.03 -62.00 -4.93
CA ALA C 1065 -15.78 -62.26 -6.34
C ALA C 1065 -16.35 -63.62 -6.70
N GLN C 1066 -16.46 -63.88 -8.00
CA GLN C 1066 -16.96 -65.14 -8.54
C GLN C 1066 -18.37 -65.45 -8.02
N GLU C 1067 -19.30 -64.58 -8.38
CA GLU C 1067 -20.69 -64.72 -7.95
C GLU C 1067 -21.41 -65.76 -8.80
N LYS C 1068 -22.37 -66.44 -8.17
CA LYS C 1068 -23.22 -67.41 -8.84
C LYS C 1068 -24.66 -66.91 -8.78
N ASN C 1069 -25.40 -67.14 -9.87
CA ASN C 1069 -26.80 -66.71 -9.97
C ASN C 1069 -27.74 -67.75 -9.38
N PHE C 1070 -28.83 -67.26 -8.77
CA PHE C 1070 -29.82 -68.13 -8.17
C PHE C 1070 -31.18 -67.46 -8.23
N THR C 1071 -32.22 -68.29 -8.11
CA THR C 1071 -33.58 -67.82 -7.93
C THR C 1071 -33.85 -67.67 -6.45
N THR C 1072 -34.32 -66.50 -6.05
CA THR C 1072 -34.47 -66.17 -4.63
C THR C 1072 -35.95 -65.97 -4.30
N ALA C 1073 -36.22 -65.92 -3.00
CA ALA C 1073 -37.54 -65.65 -2.46
C ALA C 1073 -37.43 -64.70 -1.28
N PRO C 1074 -38.44 -63.86 -1.06
CA PRO C 1074 -38.41 -62.96 0.11
C PRO C 1074 -38.81 -63.64 1.41
N ALA C 1075 -39.46 -64.79 1.35
CA ALA C 1075 -39.85 -65.53 2.53
C ALA C 1075 -40.05 -66.98 2.11
N ILE C 1076 -40.43 -67.82 3.08
CA ILE C 1076 -40.69 -69.23 2.80
C ILE C 1076 -41.94 -69.65 3.54
N CYS C 1077 -42.98 -70.03 2.80
CA CYS C 1077 -44.21 -70.48 3.42
C CYS C 1077 -44.04 -71.92 3.91
N HIS C 1078 -44.47 -72.18 5.14
CA HIS C 1078 -44.49 -73.54 5.67
C HIS C 1078 -45.61 -73.65 6.68
N ASP C 1079 -46.43 -74.70 6.56
CA ASP C 1079 -47.58 -74.92 7.44
C ASP C 1079 -48.47 -73.69 7.52
N GLY C 1080 -48.57 -72.93 6.43
CA GLY C 1080 -49.41 -71.77 6.37
C GLY C 1080 -48.86 -70.53 7.03
N LYS C 1081 -47.65 -70.60 7.61
CA LYS C 1081 -47.02 -69.44 8.23
C LYS C 1081 -45.73 -69.12 7.50
N ALA C 1082 -45.42 -67.83 7.41
CA ALA C 1082 -44.25 -67.40 6.66
C ALA C 1082 -43.03 -67.36 7.55
N HIS C 1083 -42.01 -68.13 7.19
CA HIS C 1083 -40.72 -68.11 7.85
C HIS C 1083 -39.80 -67.14 7.12
N PHE C 1084 -39.08 -66.35 7.86
CA PHE C 1084 -38.14 -65.38 7.38
C PHE C 1084 -36.76 -65.70 7.95
N PRO C 1085 -35.69 -65.46 7.20
CA PRO C 1085 -34.36 -65.84 7.67
C PRO C 1085 -33.90 -64.96 8.82
N ARG C 1086 -33.29 -65.59 9.83
CA ARG C 1086 -32.76 -64.83 10.96
C ARG C 1086 -31.62 -63.93 10.55
N GLU C 1087 -30.68 -64.45 9.78
CA GLU C 1087 -29.44 -63.73 9.52
C GLU C 1087 -29.05 -63.76 8.04
N GLY C 1088 -29.61 -64.71 7.29
CA GLY C 1088 -29.16 -64.92 5.93
C GLY C 1088 -30.11 -64.48 4.83
N VAL C 1089 -30.09 -65.21 3.72
CA VAL C 1089 -30.90 -64.89 2.56
C VAL C 1089 -31.25 -66.20 1.86
N PHE C 1090 -32.49 -66.28 1.37
CA PHE C 1090 -32.94 -67.47 0.66
C PHE C 1090 -32.50 -67.41 -0.79
N VAL C 1091 -31.80 -68.44 -1.25
CA VAL C 1091 -31.42 -68.60 -2.64
C VAL C 1091 -31.75 -70.03 -3.03
N SER C 1092 -31.70 -70.31 -4.34
CA SER C 1092 -32.01 -71.65 -4.82
C SER C 1092 -31.05 -72.04 -5.93
N ASN C 1093 -30.52 -73.26 -5.82
CA ASN C 1093 -29.64 -73.79 -6.85
C ASN C 1093 -30.37 -73.92 -8.19
N GLY C 1094 -31.68 -74.14 -8.14
CA GLY C 1094 -32.46 -74.46 -9.31
C GLY C 1094 -33.43 -75.57 -8.96
N THR C 1095 -33.06 -76.35 -7.94
CA THR C 1095 -33.91 -77.39 -7.41
C THR C 1095 -33.90 -77.48 -5.89
N HIS C 1096 -32.98 -76.80 -5.21
CA HIS C 1096 -32.91 -76.82 -3.75
C HIS C 1096 -32.76 -75.40 -3.23
N TRP C 1097 -33.41 -75.11 -2.12
CA TRP C 1097 -33.39 -73.79 -1.49
C TRP C 1097 -32.47 -73.82 -0.28
N PHE C 1098 -31.60 -72.82 -0.19
CA PHE C 1098 -30.63 -72.71 0.88
C PHE C 1098 -30.66 -71.31 1.46
N VAL C 1099 -30.50 -71.22 2.78
CA VAL C 1099 -30.31 -69.94 3.45
C VAL C 1099 -28.81 -69.72 3.61
N THR C 1100 -28.27 -68.75 2.89
CA THR C 1100 -26.85 -68.49 2.88
C THR C 1100 -26.54 -67.16 3.53
N GLN C 1101 -25.31 -67.03 4.01
CA GLN C 1101 -24.83 -65.74 4.48
C GLN C 1101 -24.93 -64.72 3.37
N ARG C 1102 -25.19 -63.48 3.74
CA ARG C 1102 -25.50 -62.48 2.72
C ARG C 1102 -24.27 -61.97 1.98
N ASN C 1103 -23.06 -62.38 2.35
CA ASN C 1103 -21.88 -61.87 1.66
C ASN C 1103 -20.82 -62.93 1.40
N PHE C 1104 -21.16 -64.21 1.47
CA PHE C 1104 -20.22 -65.29 1.13
C PHE C 1104 -21.04 -66.55 0.91
N TYR C 1105 -20.92 -67.12 -0.28
CA TYR C 1105 -21.76 -68.26 -0.64
C TYR C 1105 -21.36 -69.47 0.20
N GLU C 1106 -22.27 -69.92 1.04
CA GLU C 1106 -22.07 -71.14 1.83
C GLU C 1106 -23.44 -71.69 2.14
N PRO C 1107 -23.95 -72.59 1.28
CA PRO C 1107 -25.30 -73.10 1.49
C PRO C 1107 -25.44 -73.84 2.81
N GLN C 1108 -26.61 -73.65 3.43
CA GLN C 1108 -26.96 -74.34 4.66
C GLN C 1108 -28.43 -74.73 4.58
N ILE C 1109 -28.77 -75.90 5.11
CA ILE C 1109 -30.16 -76.32 5.13
C ILE C 1109 -30.97 -75.32 5.94
N ILE C 1110 -32.25 -75.20 5.61
CA ILE C 1110 -33.12 -74.22 6.26
C ILE C 1110 -33.88 -74.92 7.38
N THR C 1111 -33.70 -74.42 8.61
CA THR C 1111 -34.29 -75.03 9.78
C THR C 1111 -34.90 -73.92 10.64
N THR C 1112 -35.37 -74.29 11.83
CA THR C 1112 -35.99 -73.32 12.73
C THR C 1112 -34.97 -72.42 13.41
N ASP C 1113 -33.68 -72.75 13.33
CA ASP C 1113 -32.68 -71.96 14.04
C ASP C 1113 -32.25 -70.74 13.23
N ASN C 1114 -32.29 -70.83 11.90
CA ASN C 1114 -31.94 -69.72 11.03
C ASN C 1114 -33.16 -68.97 10.52
N THR C 1115 -34.37 -69.43 10.84
CA THR C 1115 -35.58 -68.81 10.36
C THR C 1115 -36.59 -68.71 11.49
N PHE C 1116 -37.44 -67.68 11.43
CA PHE C 1116 -38.47 -67.46 12.43
C PHE C 1116 -39.81 -67.20 11.75
N VAL C 1117 -40.88 -67.50 12.47
CA VAL C 1117 -42.24 -67.43 11.95
C VAL C 1117 -42.86 -66.10 12.37
N SER C 1118 -43.49 -65.41 11.41
CA SER C 1118 -44.18 -64.15 11.73
C SER C 1118 -45.29 -63.94 10.69
N GLY C 1119 -46.52 -64.29 11.07
CA GLY C 1119 -47.68 -64.05 10.24
C GLY C 1119 -48.20 -65.30 9.57
N ASN C 1120 -48.88 -65.09 8.45
CA ASN C 1120 -49.43 -66.17 7.64
C ASN C 1120 -49.09 -65.91 6.17
N CYS C 1121 -49.28 -66.94 5.36
CA CYS C 1121 -48.92 -66.88 3.94
C CYS C 1121 -50.01 -66.21 3.11
N ASP C 1122 -50.41 -65.00 3.48
CA ASP C 1122 -51.39 -64.25 2.71
C ASP C 1122 -50.89 -62.92 2.21
N VAL C 1123 -50.33 -62.08 3.09
CA VAL C 1123 -49.89 -60.76 2.66
C VAL C 1123 -48.53 -60.82 2.00
N VAL C 1124 -47.87 -61.97 2.06
CA VAL C 1124 -46.52 -62.11 1.51
C VAL C 1124 -46.61 -62.42 0.02
N ILE C 1125 -46.54 -61.38 -0.81
CA ILE C 1125 -46.43 -61.59 -2.25
C ILE C 1125 -45.05 -62.15 -2.55
N GLY C 1126 -44.99 -63.07 -3.52
CA GLY C 1126 -43.74 -63.73 -3.81
C GLY C 1126 -43.35 -64.79 -2.82
N ILE C 1127 -44.24 -65.15 -1.89
CA ILE C 1127 -43.94 -66.23 -0.96
C ILE C 1127 -43.83 -67.54 -1.71
N VAL C 1128 -42.96 -68.42 -1.24
CA VAL C 1128 -42.60 -69.63 -1.96
C VAL C 1128 -42.81 -70.84 -1.07
N ASN C 1129 -43.55 -71.82 -1.57
CA ASN C 1129 -43.70 -73.09 -0.86
C ASN C 1129 -42.36 -73.79 -0.73
N ASN C 1130 -42.11 -74.37 0.42
CA ASN C 1130 -40.88 -75.12 0.67
C ASN C 1130 -41.07 -75.92 1.96
N THR C 1131 -39.98 -76.53 2.44
CA THR C 1131 -39.99 -77.28 3.68
C THR C 1131 -38.84 -76.81 4.54
N VAL C 1132 -39.11 -76.64 5.84
CA VAL C 1132 -38.09 -76.23 6.81
C VAL C 1132 -38.02 -77.29 7.90
N TYR C 1133 -36.81 -77.72 8.21
CA TYR C 1133 -36.62 -78.87 9.08
C TYR C 1133 -36.56 -78.46 10.54
N ASP C 1134 -36.99 -79.37 11.41
CA ASP C 1134 -36.96 -79.15 12.86
C ASP C 1134 -35.86 -80.00 13.47
N PRO C 1135 -34.82 -79.41 14.06
CA PRO C 1135 -33.76 -80.22 14.67
C PRO C 1135 -34.25 -81.11 15.81
N LEU C 1136 -35.36 -80.76 16.45
CA LEU C 1136 -35.89 -81.55 17.55
C LEU C 1136 -36.63 -82.80 17.08
N GLN C 1137 -36.86 -82.94 15.78
CA GLN C 1137 -37.69 -84.03 15.28
C GLN C 1137 -37.16 -85.42 15.60
N PRO C 1138 -35.88 -85.76 15.35
CA PRO C 1138 -35.44 -87.14 15.60
C PRO C 1138 -35.62 -87.58 17.03
N GLU C 1139 -35.44 -86.68 17.99
CA GLU C 1139 -35.58 -87.01 19.39
C GLU C 1139 -37.00 -87.42 19.75
N LEU C 1140 -37.96 -87.16 18.87
CA LEU C 1140 -39.33 -87.65 19.06
C LEU C 1140 -39.46 -89.15 18.83
N ASP C 1141 -38.35 -89.83 18.52
CA ASP C 1141 -38.41 -91.28 18.34
C ASP C 1141 -38.79 -91.99 19.63
N SER C 1142 -38.54 -91.37 20.78
CA SER C 1142 -38.88 -91.98 22.06
C SER C 1142 -39.40 -90.93 23.05
N VAL D 5 0.84 74.36 0.67
CA VAL D 5 1.30 75.10 1.84
C VAL D 5 2.18 76.27 1.41
N GLN D 6 1.91 77.45 1.96
CA GLN D 6 2.69 78.64 1.67
C GLN D 6 3.28 79.18 2.96
N LEU D 7 4.57 79.47 2.95
CA LEU D 7 5.28 80.04 4.08
C LEU D 7 5.66 81.47 3.73
N VAL D 8 5.05 82.43 4.41
CA VAL D 8 5.22 83.85 4.11
C VAL D 8 5.95 84.51 5.28
N GLU D 9 7.15 85.02 5.02
CA GLU D 9 8.01 85.55 6.06
C GLU D 9 8.05 87.07 6.01
N SER D 10 8.24 87.67 7.16
CA SER D 10 8.28 89.11 7.33
C SER D 10 9.23 89.46 8.46
N GLY D 11 9.64 90.72 8.48
CA GLY D 11 10.68 91.19 9.39
C GLY D 11 12.02 91.41 8.73
N GLY D 12 12.17 91.06 7.46
CA GLY D 12 13.40 91.32 6.75
C GLY D 12 13.72 92.79 6.70
N GLY D 13 14.88 93.16 7.23
CA GLY D 13 15.26 94.56 7.27
C GLY D 13 16.63 94.71 7.88
N LEU D 14 16.95 95.96 8.23
CA LEU D 14 18.23 96.33 8.82
C LEU D 14 18.10 96.45 10.33
N ILE D 15 19.14 95.99 11.03
CA ILE D 15 19.18 96.03 12.49
C ILE D 15 20.62 96.27 12.91
N GLN D 16 20.78 97.06 13.97
CA GLN D 16 22.11 97.36 14.49
C GLN D 16 22.71 96.14 15.19
N PRO D 17 24.04 96.04 15.24
CA PRO D 17 24.67 94.91 15.94
C PRO D 17 24.28 94.89 17.41
N GLY D 18 24.07 93.69 17.93
CA GLY D 18 23.66 93.51 19.31
C GLY D 18 22.19 93.74 19.57
N GLY D 19 21.39 94.03 18.55
CA GLY D 19 19.98 94.28 18.71
C GLY D 19 19.17 92.99 18.76
N SER D 20 17.85 93.16 18.82
CA SER D 20 16.92 92.05 18.86
C SER D 20 15.97 92.13 17.68
N LEU D 21 15.63 90.97 17.13
CA LEU D 21 14.69 90.88 16.03
C LEU D 21 13.68 89.79 16.32
N ARG D 22 12.53 89.85 15.65
CA ARG D 22 11.56 88.76 15.69
C ARG D 22 11.03 88.58 14.28
N LEU D 23 11.61 87.64 13.55
CA LEU D 23 11.16 87.29 12.21
C LEU D 23 9.94 86.40 12.30
N SER D 24 8.97 86.66 11.43
CA SER D 24 7.72 85.92 11.41
C SER D 24 7.61 85.17 10.09
N CYS D 25 6.84 84.08 10.09
CA CYS D 25 6.54 83.35 8.86
C CYS D 25 5.26 82.54 9.08
N ALA D 26 4.18 82.99 8.45
CA ALA D 26 2.92 82.27 8.51
C ALA D 26 2.98 81.03 7.63
N ALA D 27 2.41 79.93 8.11
CA ALA D 27 2.27 78.69 7.36
C ALA D 27 0.80 78.50 7.02
N SER D 28 0.51 78.31 5.73
CA SER D 28 -0.86 78.20 5.27
C SER D 28 -1.05 76.88 4.53
N GLY D 29 -2.13 76.18 4.88
CA GLY D 29 -2.43 74.88 4.30
C GLY D 29 -2.13 73.69 5.19
N ILE D 30 -1.59 73.90 6.40
CA ILE D 30 -1.30 72.80 7.31
C ILE D 30 -1.23 73.37 8.72
N ILE D 31 -1.37 72.49 9.70
CA ILE D 31 -1.33 72.85 11.12
C ILE D 31 0.11 72.78 11.61
N VAL D 32 0.62 73.91 12.13
CA VAL D 32 2.03 73.99 12.53
C VAL D 32 2.35 73.11 13.73
N SER D 33 1.37 72.84 14.59
CA SER D 33 1.58 71.94 15.73
C SER D 33 1.49 70.48 15.34
N ARG D 34 1.62 70.15 14.06
CA ARG D 34 1.56 68.78 13.57
C ARG D 34 2.70 68.44 12.61
N ASN D 35 3.68 69.34 12.45
CA ASN D 35 4.80 69.13 11.55
C ASN D 35 6.05 69.78 12.14
N TYR D 36 7.22 69.28 11.72
CA TYR D 36 8.46 69.94 12.08
C TYR D 36 8.63 71.22 11.25
N MET D 37 9.16 72.26 11.87
CA MET D 37 9.48 73.49 11.16
C MET D 37 10.92 73.87 11.48
N SER D 38 11.53 74.64 10.59
CA SER D 38 12.96 74.91 10.65
C SER D 38 13.26 76.35 10.22
N TRP D 39 14.38 76.88 10.71
CA TRP D 39 14.93 78.14 10.24
C TRP D 39 16.28 77.86 9.60
N VAL D 40 16.44 78.30 8.36
CA VAL D 40 17.63 78.06 7.55
C VAL D 40 18.02 79.37 6.88
N ARG D 41 19.23 79.84 7.13
CA ARG D 41 19.69 81.09 6.52
C ARG D 41 20.67 80.81 5.39
N GLN D 42 20.58 81.64 4.35
CA GLN D 42 21.55 81.60 3.25
C GLN D 42 22.21 82.97 3.19
N ALA D 43 23.49 83.03 3.47
CA ALA D 43 24.22 84.27 3.35
C ALA D 43 24.37 84.63 1.87
N PRO D 44 24.52 85.92 1.56
CA PRO D 44 24.80 86.31 0.17
C PRO D 44 26.12 85.73 -0.31
N GLY D 45 26.05 84.84 -1.29
CA GLY D 45 27.23 84.19 -1.82
C GLY D 45 27.62 82.89 -1.14
N LYS D 46 26.72 82.26 -0.39
CA LYS D 46 26.99 81.02 0.30
C LYS D 46 25.83 80.06 0.12
N GLY D 47 26.10 78.78 0.38
CA GLY D 47 25.05 77.78 0.40
C GLY D 47 24.08 77.96 1.55
N LEU D 48 23.33 76.92 1.89
CA LEU D 48 22.35 77.03 2.95
C LEU D 48 22.97 76.71 4.31
N GLU D 49 22.35 77.24 5.36
CA GLU D 49 22.76 76.95 6.74
C GLU D 49 21.49 76.81 7.57
N TRP D 50 21.13 75.58 7.91
CA TRP D 50 19.97 75.30 8.75
C TRP D 50 20.32 75.67 10.19
N VAL D 51 19.63 76.67 10.74
CA VAL D 51 20.06 77.26 12.00
C VAL D 51 19.26 76.71 13.18
N SER D 52 18.00 76.30 12.95
CA SER D 52 17.19 75.86 14.08
C SER D 52 16.05 74.98 13.59
N ILE D 53 15.45 74.23 14.52
CA ILE D 53 14.26 73.45 14.22
C ILE D 53 13.36 73.37 15.45
N LEU D 54 12.09 73.68 15.26
CA LEU D 54 11.06 73.49 16.27
C LEU D 54 10.19 72.31 15.86
N TYR D 55 10.04 71.34 16.76
CA TYR D 55 9.16 70.22 16.49
C TYR D 55 7.72 70.63 16.76
N ALA D 56 6.79 69.79 16.27
CA ALA D 56 5.38 70.02 16.53
C ALA D 56 5.04 69.86 18.01
N GLY D 57 5.94 69.27 18.79
CA GLY D 57 5.78 69.16 20.22
C GLY D 57 6.35 70.29 21.04
N GLY D 58 6.78 71.38 20.41
CA GLY D 58 7.42 72.46 21.12
C GLY D 58 8.86 72.22 21.50
N SER D 59 9.43 71.08 21.10
CA SER D 59 10.82 70.79 21.42
C SER D 59 11.73 71.59 20.50
N SER D 60 12.33 72.64 21.04
CA SER D 60 13.16 73.56 20.27
C SER D 60 14.60 73.06 20.27
N PHE D 61 15.16 72.88 19.08
CA PHE D 61 16.55 72.46 18.93
C PHE D 61 17.28 73.55 18.18
N TYR D 62 18.13 74.27 18.90
CA TYR D 62 18.91 75.37 18.35
C TYR D 62 20.32 74.87 18.06
N ALA D 63 20.91 75.42 17.00
CA ALA D 63 22.33 75.19 16.75
C ALA D 63 23.15 75.83 17.87
N GLU D 64 24.31 75.23 18.15
CA GLU D 64 25.13 75.73 19.24
C GLU D 64 25.47 77.21 19.12
N PRO D 65 25.83 77.76 17.95
CA PRO D 65 26.00 79.23 17.89
C PRO D 65 24.74 79.98 18.24
N VAL D 66 23.58 79.48 17.83
CA VAL D 66 22.31 80.14 18.16
C VAL D 66 21.69 79.61 19.44
N GLN D 67 22.26 78.57 20.04
CA GLN D 67 21.81 78.13 21.35
C GLN D 67 22.02 79.23 22.36
N GLY D 68 20.94 79.62 23.05
CA GLY D 68 20.98 80.70 24.00
C GLY D 68 20.81 82.08 23.42
N ARG D 69 20.70 82.21 22.11
CA ARG D 69 20.47 83.50 21.47
C ARG D 69 19.13 83.59 20.76
N PHE D 70 18.85 82.67 19.83
CA PHE D 70 17.64 82.71 19.05
C PHE D 70 16.57 81.85 19.71
N THR D 71 15.31 82.24 19.56
CA THR D 71 14.20 81.53 20.17
C THR D 71 13.22 81.16 19.08
N VAL D 72 13.11 79.87 18.78
CA VAL D 72 12.18 79.40 17.77
C VAL D 72 10.88 79.02 18.47
N SER D 73 9.75 79.39 17.86
CA SER D 73 8.46 79.15 18.47
C SER D 73 7.42 79.12 17.37
N ARG D 74 6.23 78.63 17.72
CA ARG D 74 5.11 78.59 16.78
C ARG D 74 3.83 78.99 17.51
N ASP D 75 3.01 79.76 16.81
CA ASP D 75 1.67 80.11 17.27
C ASP D 75 0.70 79.20 16.53
N ASN D 76 0.20 78.18 17.23
CA ASN D 76 -0.71 77.24 16.60
C ASN D 76 -2.03 77.91 16.23
N SER D 77 -2.53 78.79 17.10
CA SER D 77 -3.75 79.52 16.80
C SER D 77 -3.56 80.41 15.58
N LYS D 78 -2.44 81.13 15.50
CA LYS D 78 -2.08 81.87 14.30
C LYS D 78 -1.37 81.00 13.27
N ASN D 79 -0.97 79.79 13.64
CA ASN D 79 -0.32 78.85 12.72
C ASN D 79 0.89 79.47 12.05
N THR D 80 1.69 80.21 12.83
CA THR D 80 2.80 80.98 12.30
C THR D 80 4.06 80.72 13.11
N LEU D 81 5.15 80.41 12.43
CA LEU D 81 6.44 80.27 13.09
C LEU D 81 7.05 81.65 13.37
N PHE D 82 7.72 81.76 14.51
CA PHE D 82 8.39 82.97 14.92
C PHE D 82 9.80 82.65 15.39
N LEU D 83 10.71 83.57 15.11
CA LEU D 83 12.11 83.43 15.51
C LEU D 83 12.54 84.71 16.20
N GLU D 84 12.87 84.62 17.48
CA GLU D 84 13.28 85.75 18.28
C GLU D 84 14.80 85.77 18.33
N MET D 85 15.41 86.47 17.39
CA MET D 85 16.85 86.64 17.37
C MET D 85 17.23 87.61 18.49
N ASN D 86 18.21 87.20 19.30
CA ASN D 86 18.65 88.03 20.40
C ASN D 86 20.18 88.00 20.44
N SER D 87 20.77 89.13 20.81
CA SER D 87 22.23 89.32 20.75
C SER D 87 22.74 89.09 19.34
N LEU D 88 22.26 89.92 18.42
CA LEU D 88 22.59 89.78 17.02
C LEU D 88 24.06 90.11 16.76
N ARG D 89 24.64 89.44 15.78
CA ARG D 89 26.03 89.64 15.38
C ARG D 89 26.10 90.07 13.92
N VAL D 90 27.30 90.46 13.50
CA VAL D 90 27.50 90.88 12.12
C VAL D 90 27.28 89.72 11.16
N GLU D 91 27.68 88.51 11.57
CA GLU D 91 27.51 87.33 10.73
C GLU D 91 26.06 86.89 10.59
N ASP D 92 25.15 87.48 11.37
CA ASP D 92 23.74 87.10 11.33
C ASP D 92 22.99 87.66 10.13
N THR D 93 23.68 88.31 9.19
CA THR D 93 23.02 88.82 8.00
C THR D 93 22.93 87.72 6.94
N ALA D 94 21.72 87.49 6.45
CA ALA D 94 21.46 86.49 5.42
C ALA D 94 20.00 86.62 5.02
N VAL D 95 19.64 85.92 3.95
CA VAL D 95 18.24 85.69 3.64
C VAL D 95 17.81 84.50 4.48
N TYR D 96 16.97 84.75 5.49
CA TYR D 96 16.53 83.71 6.40
C TYR D 96 15.21 83.14 5.92
N TYR D 97 15.13 81.82 5.82
CA TYR D 97 13.95 81.13 5.33
C TYR D 97 13.39 80.27 6.45
N CYS D 98 12.12 80.44 6.73
CA CYS D 98 11.38 79.40 7.42
C CYS D 98 11.14 78.26 6.46
N ALA D 99 11.03 77.06 7.02
CA ALA D 99 10.92 75.87 6.19
C ALA D 99 10.17 74.81 6.96
N ARG D 100 9.67 73.81 6.24
CA ARG D 100 8.98 72.69 6.85
C ARG D 100 9.86 71.45 6.74
N ASP D 101 10.17 70.87 7.89
CA ASP D 101 11.01 69.68 7.97
C ASP D 101 10.12 68.46 8.18
N LEU D 102 10.56 67.32 7.65
CA LEU D 102 9.77 66.11 7.69
C LEU D 102 10.69 64.92 7.87
N GLN D 103 10.12 63.72 7.73
CA GLN D 103 10.93 62.51 7.68
C GLN D 103 11.89 62.57 6.49
N TRP D 104 11.40 63.02 5.34
CA TRP D 104 12.23 63.18 4.15
C TRP D 104 13.10 64.42 4.20
N GLY D 105 12.64 65.50 4.84
CA GLY D 105 13.45 66.70 4.97
C GLY D 105 12.71 68.01 4.77
N ILE D 106 13.38 68.99 4.18
CA ILE D 106 12.81 70.33 4.00
C ILE D 106 12.06 70.35 2.66
N ASP D 107 10.73 70.35 2.72
CA ASP D 107 9.91 70.33 1.52
C ASP D 107 9.26 71.68 1.22
N ILE D 108 8.83 72.42 2.23
CA ILE D 108 8.14 73.69 2.05
C ILE D 108 9.13 74.79 2.42
N TRP D 109 9.47 75.64 1.45
CA TRP D 109 10.37 76.75 1.65
C TRP D 109 9.61 78.06 1.73
N GLY D 110 9.96 78.88 2.70
CA GLY D 110 9.39 80.21 2.79
C GLY D 110 10.03 81.17 1.80
N GLN D 111 9.29 82.24 1.48
CA GLN D 111 9.82 83.23 0.56
C GLN D 111 11.07 83.90 1.11
N GLY D 112 11.26 83.86 2.42
CA GLY D 112 12.45 84.41 3.03
C GLY D 112 12.29 85.86 3.43
N ALA D 113 13.00 86.23 4.51
CA ALA D 113 13.10 87.61 4.94
C ALA D 113 14.57 87.98 4.91
N MET D 114 14.89 89.07 4.23
CA MET D 114 16.25 89.59 4.26
C MET D 114 16.57 90.03 5.69
N VAL D 115 17.81 89.80 6.11
CA VAL D 115 18.28 90.21 7.43
C VAL D 115 19.66 90.83 7.24
N THR D 116 19.77 92.13 7.53
CA THR D 116 21.04 92.83 7.46
C THR D 116 21.37 93.33 8.85
N VAL D 117 22.57 93.02 9.32
CA VAL D 117 23.06 93.49 10.62
C VAL D 117 24.32 94.30 10.37
N SER D 118 24.24 95.60 10.66
CA SER D 118 25.36 96.51 10.40
C SER D 118 25.21 97.80 11.20
N ASP E 1 36.72 68.79 9.16
CA ASP E 1 35.31 68.42 9.16
C ASP E 1 34.96 67.58 7.94
N ILE E 2 33.73 67.73 7.45
CA ILE E 2 33.25 67.02 6.26
C ILE E 2 33.02 68.07 5.19
N GLN E 3 33.87 68.09 4.17
CA GLN E 3 33.77 69.04 3.07
C GLN E 3 33.55 68.30 1.77
N MET E 4 32.59 68.75 0.98
CA MET E 4 32.31 68.18 -0.33
C MET E 4 32.72 69.15 -1.43
N THR E 5 33.35 68.61 -2.47
CA THR E 5 33.87 69.41 -3.57
C THR E 5 33.14 69.03 -4.85
N GLN E 6 32.82 70.04 -5.66
CA GLN E 6 32.03 69.86 -6.87
C GLN E 6 32.86 70.21 -8.10
N THR E 7 32.65 69.43 -9.17
CA THR E 7 33.41 69.57 -10.41
C THR E 7 32.47 69.27 -11.57
N PRO E 8 32.50 70.06 -12.66
CA PRO E 8 33.33 71.24 -12.91
C PRO E 8 32.66 72.56 -12.52
N PRO E 9 33.42 73.47 -11.92
CA PRO E 9 32.86 74.78 -11.57
C PRO E 9 32.39 75.59 -12.78
N SER E 10 33.05 75.43 -13.94
CA SER E 10 32.68 76.16 -15.14
C SER E 10 32.42 75.16 -16.25
N LEU E 11 31.15 74.84 -16.49
CA LEU E 11 30.76 73.87 -17.49
C LEU E 11 29.79 74.52 -18.47
N SER E 12 30.06 74.39 -19.76
CA SER E 12 29.15 74.83 -20.81
C SER E 12 28.75 73.62 -21.63
N ALA E 13 27.48 73.23 -21.53
CA ALA E 13 26.94 72.14 -22.32
C ALA E 13 25.65 72.63 -22.97
N SER E 14 25.11 71.82 -23.87
CA SER E 14 23.93 72.20 -24.63
C SER E 14 22.75 71.32 -24.26
N VAL E 15 21.56 71.82 -24.58
CA VAL E 15 20.34 71.05 -24.32
C VAL E 15 20.39 69.73 -25.07
N GLY E 16 20.08 68.65 -24.37
CA GLY E 16 20.24 67.32 -24.90
C GLY E 16 21.53 66.64 -24.47
N ASP E 17 22.60 67.39 -24.31
CA ASP E 17 23.83 66.83 -23.79
C ASP E 17 23.62 66.35 -22.36
N ARG E 18 24.38 65.33 -21.97
CA ARG E 18 24.44 64.97 -20.57
C ARG E 18 25.23 66.02 -19.80
N VAL E 19 24.93 66.14 -18.51
CA VAL E 19 25.72 66.95 -17.61
C VAL E 19 26.20 66.05 -16.48
N SER E 20 27.47 65.67 -16.53
CA SER E 20 28.06 64.80 -15.52
C SER E 20 28.83 65.67 -14.54
N ILE E 21 28.32 65.79 -13.32
CA ILE E 21 28.96 66.57 -12.28
C ILE E 21 29.29 65.63 -11.12
N SER E 22 30.39 65.90 -10.45
CA SER E 22 30.90 65.04 -9.39
C SER E 22 31.06 65.85 -8.12
N CYS E 23 30.51 65.35 -7.03
CA CYS E 23 30.70 65.93 -5.71
C CYS E 23 31.28 64.86 -4.80
N ARG E 24 32.41 65.14 -4.19
CA ARG E 24 33.15 64.17 -3.40
C ARG E 24 33.37 64.70 -2.00
N ALA E 25 33.04 63.87 -1.01
CA ALA E 25 33.32 64.17 0.40
C ALA E 25 34.69 63.62 0.77
N SER E 26 35.35 64.30 1.71
CA SER E 26 36.70 63.92 2.09
C SER E 26 36.76 62.53 2.71
N GLN E 27 35.68 62.07 3.34
CA GLN E 27 35.65 60.75 3.93
C GLN E 27 34.26 60.16 3.69
N SER E 28 34.01 59.02 4.33
CA SER E 28 32.79 58.28 4.10
C SER E 28 31.62 58.92 4.82
N THR E 29 30.55 59.18 4.06
CA THR E 29 29.25 59.55 4.63
C THR E 29 28.23 58.43 4.52
N GLY E 30 28.53 57.37 3.77
CA GLY E 30 27.66 56.23 3.65
C GLY E 30 26.55 56.43 2.65
N SER E 31 25.53 57.20 3.03
CA SER E 31 24.45 57.54 2.12
C SER E 31 23.82 58.90 2.40
N TRP E 32 24.30 59.66 3.38
CA TRP E 32 23.67 60.92 3.76
C TRP E 32 24.22 62.04 2.88
N LEU E 33 23.83 62.03 1.60
CA LEU E 33 24.12 63.11 0.68
C LEU E 33 22.89 63.33 -0.19
N ALA E 34 22.62 64.60 -0.47
CA ALA E 34 21.47 64.99 -1.28
C ALA E 34 21.91 65.95 -2.37
N TRP E 35 21.29 65.82 -3.54
CA TRP E 35 21.52 66.69 -4.68
C TRP E 35 20.38 67.70 -4.79
N TYR E 36 20.73 68.98 -4.89
CA TYR E 36 19.79 70.09 -4.97
C TYR E 36 20.05 70.91 -6.23
N GLN E 37 19.00 71.54 -6.74
CA GLN E 37 19.10 72.48 -7.86
C GLN E 37 18.62 73.85 -7.40
N GLN E 38 19.49 74.85 -7.50
CA GLN E 38 19.15 76.22 -7.14
C GLN E 38 19.46 77.14 -8.31
N LYS E 39 18.56 78.09 -8.55
CA LYS E 39 18.76 79.18 -9.49
C LYS E 39 19.04 80.47 -8.72
N PRO E 40 19.84 81.38 -9.28
CA PRO E 40 20.07 82.66 -8.62
C PRO E 40 18.75 83.39 -8.41
N GLY E 41 18.56 83.92 -7.20
CA GLY E 41 17.28 84.49 -6.82
C GLY E 41 16.22 83.47 -6.45
N LYS E 42 16.56 82.19 -6.40
CA LYS E 42 15.62 81.13 -6.06
C LYS E 42 16.21 80.26 -4.96
N ALA E 43 15.32 79.57 -4.25
CA ALA E 43 15.75 78.61 -3.24
C ALA E 43 16.08 77.27 -3.89
N PRO E 44 17.01 76.51 -3.32
CA PRO E 44 17.31 75.19 -3.87
C PRO E 44 16.14 74.25 -3.77
N LYS E 45 15.99 73.39 -4.78
CA LYS E 45 15.00 72.33 -4.79
C LYS E 45 15.72 70.99 -4.66
N LEU E 46 15.29 70.18 -3.69
CA LEU E 46 15.94 68.89 -3.48
C LEU E 46 15.66 67.97 -4.66
N LEU E 47 16.73 67.63 -5.40
CA LEU E 47 16.62 66.77 -6.57
C LEU E 47 16.67 65.30 -6.24
N ILE E 48 17.50 64.91 -5.27
CA ILE E 48 17.65 63.52 -4.88
C ILE E 48 18.14 63.48 -3.44
N TYR E 49 17.62 62.53 -2.66
CA TYR E 49 18.10 62.32 -1.30
C TYR E 49 18.53 60.88 -1.12
N LYS E 50 19.47 60.67 -0.20
CA LYS E 50 20.15 59.39 0.03
C LYS E 50 21.00 58.98 -1.18
N THR E 51 21.21 59.90 -2.13
CA THR E 51 22.14 59.76 -3.23
C THR E 51 21.69 58.73 -4.26
N SER E 52 20.59 58.03 -3.99
CA SER E 52 20.04 57.09 -4.96
C SER E 52 18.53 57.15 -5.10
N SER E 53 17.81 57.80 -4.20
CA SER E 53 16.35 57.86 -4.26
C SER E 53 15.93 59.07 -5.07
N LEU E 54 15.12 58.84 -6.10
CA LEU E 54 14.60 59.92 -6.92
C LEU E 54 13.59 60.73 -6.12
N GLU E 55 13.90 62.00 -5.87
CA GLU E 55 13.00 62.83 -5.07
C GLU E 55 11.69 63.04 -5.83
N SER E 56 10.59 63.03 -5.08
CA SER E 56 9.27 63.09 -5.68
C SER E 56 9.04 64.42 -6.38
N GLY E 57 8.96 64.38 -7.72
CA GLY E 57 8.71 65.54 -8.53
C GLY E 57 9.86 65.97 -9.41
N VAL E 58 11.09 65.70 -9.00
CA VAL E 58 12.27 66.08 -9.80
C VAL E 58 12.39 65.15 -10.99
N PRO E 59 12.73 65.65 -12.18
CA PRO E 59 12.76 64.80 -13.37
C PRO E 59 13.71 63.62 -13.22
N SER E 60 13.30 62.47 -13.78
CA SER E 60 14.09 61.25 -13.73
C SER E 60 15.37 61.34 -14.55
N ARG E 61 15.49 62.35 -15.42
CA ARG E 61 16.73 62.54 -16.17
C ARG E 61 17.90 62.72 -15.23
N PHE E 62 17.69 63.42 -14.13
CA PHE E 62 18.72 63.52 -13.10
C PHE E 62 18.91 62.14 -12.48
N SER E 63 20.13 61.62 -12.57
CA SER E 63 20.48 60.35 -11.96
C SER E 63 21.64 60.61 -11.01
N GLY E 64 21.31 60.72 -9.72
CA GLY E 64 22.32 60.90 -8.68
C GLY E 64 22.74 59.53 -8.19
N SER E 65 24.05 59.36 -7.99
CA SER E 65 24.58 58.11 -7.51
C SER E 65 25.75 58.41 -6.59
N GLY E 66 26.14 57.43 -5.79
CA GLY E 66 27.33 57.58 -4.99
C GLY E 66 27.13 57.25 -3.53
N SER E 67 28.23 57.14 -2.81
CA SER E 67 28.24 56.74 -1.41
C SER E 67 29.54 57.20 -0.78
N GLY E 68 29.56 57.20 0.54
CA GLY E 68 30.79 57.41 1.28
C GLY E 68 31.47 58.71 0.92
N THR E 69 32.58 58.60 0.20
CA THR E 69 33.33 59.77 -0.20
C THR E 69 32.73 60.41 -1.46
N GLU E 70 32.43 59.60 -2.47
CA GLU E 70 32.23 60.10 -3.82
C GLU E 70 30.78 59.97 -4.27
N PHE E 71 30.33 60.93 -5.08
CA PHE E 71 28.98 60.94 -5.62
C PHE E 71 29.00 61.67 -6.96
N THR E 72 28.07 61.32 -7.83
CA THR E 72 28.00 61.91 -9.16
C THR E 72 26.55 62.05 -9.60
N LEU E 73 26.19 63.25 -10.04
CA LEU E 73 24.90 63.50 -10.68
C LEU E 73 25.11 63.46 -12.18
N THR E 74 24.19 62.79 -12.88
CA THR E 74 24.25 62.68 -14.33
C THR E 74 22.91 63.13 -14.90
N ILE E 75 22.92 64.27 -15.58
CA ILE E 75 21.76 64.74 -16.33
C ILE E 75 21.80 64.04 -17.68
N SER E 76 20.88 63.11 -17.89
CA SER E 76 20.95 62.27 -19.09
C SER E 76 20.91 63.12 -20.35
N SER E 77 19.99 64.08 -20.42
CA SER E 77 20.00 65.06 -21.49
C SER E 77 19.72 66.42 -20.86
N LEU E 78 20.57 67.39 -21.16
CA LEU E 78 20.35 68.74 -20.67
C LEU E 78 19.09 69.30 -21.31
N GLN E 79 18.37 70.12 -20.55
CA GLN E 79 17.24 70.89 -21.02
C GLN E 79 17.30 72.28 -20.38
N PRO E 80 16.58 73.27 -20.94
CA PRO E 80 16.64 74.61 -20.35
C PRO E 80 16.18 74.67 -18.89
N ASP E 81 15.36 73.72 -18.45
CA ASP E 81 15.03 73.63 -17.03
C ASP E 81 16.23 73.19 -16.20
N ASP E 82 17.27 72.67 -16.84
CA ASP E 82 18.46 72.19 -16.16
C ASP E 82 19.61 73.20 -16.17
N VAL E 83 19.39 74.38 -16.74
CA VAL E 83 20.40 75.43 -16.78
C VAL E 83 20.34 76.18 -15.46
N ALA E 84 21.10 75.71 -14.47
CA ALA E 84 21.06 76.28 -13.12
C ALA E 84 22.26 75.76 -12.35
N THR E 85 22.34 76.14 -11.07
CA THR E 85 23.42 75.72 -10.19
C THR E 85 23.00 74.46 -9.45
N TYR E 86 23.96 73.57 -9.20
CA TYR E 86 23.70 72.29 -8.55
C TYR E 86 24.56 72.17 -7.30
N TYR E 87 23.94 71.76 -6.20
CA TYR E 87 24.59 71.66 -4.90
C TYR E 87 24.47 70.24 -4.36
N CYS E 88 25.45 69.84 -3.55
CA CYS E 88 25.39 68.60 -2.80
C CYS E 88 25.48 68.90 -1.31
N GLN E 89 24.53 68.38 -0.54
CA GLN E 89 24.46 68.62 0.89
C GLN E 89 24.69 67.31 1.63
N HIS E 90 25.70 67.29 2.50
CA HIS E 90 25.83 66.21 3.46
C HIS E 90 24.67 66.29 4.44
N TYR E 91 23.96 65.18 4.61
CA TYR E 91 22.77 65.19 5.45
C TYR E 91 23.14 64.99 6.92
N ASP E 92 22.63 65.89 7.76
CA ASP E 92 22.80 65.80 9.20
C ASP E 92 21.59 66.43 9.86
N THR E 93 21.19 65.88 11.01
CA THR E 93 20.07 66.43 11.77
C THR E 93 20.35 67.87 12.20
N TYR E 94 21.61 68.27 12.20
CA TYR E 94 21.99 69.63 12.55
C TYR E 94 22.66 70.30 11.34
N SER E 95 23.27 71.45 11.56
CA SER E 95 23.71 72.38 10.51
C SER E 95 24.21 71.71 9.23
N SER E 96 25.05 70.68 9.37
CA SER E 96 25.53 69.88 8.25
C SER E 96 26.41 70.71 7.32
N THR E 97 26.78 70.15 6.18
CA THR E 97 27.67 70.83 5.25
C THR E 97 27.10 70.72 3.83
N PHE E 98 27.22 71.82 3.09
CA PHE E 98 26.70 71.94 1.74
C PHE E 98 27.84 71.99 0.73
N GLY E 99 27.50 71.72 -0.54
CA GLY E 99 28.48 71.80 -1.60
C GLY E 99 28.76 73.22 -2.04
N GLN E 100 29.85 73.37 -2.79
CA GLN E 100 30.23 74.68 -3.28
C GLN E 100 29.35 75.12 -4.45
N GLY E 101 28.84 74.18 -5.22
CA GLY E 101 27.91 74.51 -6.30
C GLY E 101 28.54 74.37 -7.66
N THR E 102 27.86 73.62 -8.54
CA THR E 102 28.26 73.46 -9.93
C THR E 102 27.24 74.20 -10.79
N LYS E 103 27.65 75.36 -11.31
CA LYS E 103 26.77 76.17 -12.13
C LYS E 103 26.82 75.67 -13.57
N VAL E 104 25.68 75.20 -14.07
CA VAL E 104 25.57 74.66 -15.42
C VAL E 104 24.88 75.69 -16.31
N GLU E 105 25.47 75.98 -17.45
CA GLU E 105 24.98 77.01 -18.36
C GLU E 105 24.77 76.42 -19.76
N ILE E 106 24.18 77.22 -20.62
CA ILE E 106 23.99 76.86 -22.03
C ILE E 106 25.29 77.12 -22.77
N LYS E 107 25.87 76.07 -23.35
CA LYS E 107 27.05 76.26 -24.17
C LYS E 107 26.71 77.03 -25.44
N ARG E 108 27.61 77.92 -25.85
CA ARG E 108 27.43 78.70 -27.06
C ARG E 108 28.81 79.12 -27.58
N THR E 109 28.85 79.57 -28.83
CA THR E 109 30.10 79.99 -29.45
C THR E 109 30.63 81.27 -28.82
N VAL F 5 74.26 28.35 -26.51
CA VAL F 5 73.74 29.64 -26.94
C VAL F 5 73.42 30.52 -25.73
N GLN F 6 74.17 31.60 -25.57
CA GLN F 6 73.98 32.52 -24.46
C GLN F 6 74.03 33.96 -24.97
N LEU F 7 73.32 34.83 -24.27
CA LEU F 7 73.28 36.25 -24.60
C LEU F 7 73.64 37.04 -23.35
N VAL F 8 74.81 37.68 -23.36
CA VAL F 8 75.32 38.40 -22.20
C VAL F 8 75.12 39.88 -22.46
N GLU F 9 74.27 40.50 -21.64
CA GLU F 9 73.90 41.90 -21.83
C GLU F 9 74.68 42.78 -20.87
N SER F 10 75.07 43.96 -21.36
CA SER F 10 75.85 44.90 -20.59
C SER F 10 75.59 46.31 -21.12
N GLY F 11 76.02 47.31 -20.36
CA GLY F 11 75.81 48.70 -20.72
C GLY F 11 74.54 49.30 -20.15
N GLY F 12 73.59 48.47 -19.72
CA GLY F 12 72.44 48.98 -19.03
C GLY F 12 72.81 49.59 -17.69
N GLY F 13 72.26 50.76 -17.43
CA GLY F 13 72.61 51.48 -16.23
C GLY F 13 71.73 52.71 -16.08
N LEU F 14 72.16 53.60 -15.19
CA LEU F 14 71.41 54.81 -14.90
C LEU F 14 71.76 55.91 -15.89
N ILE F 15 70.73 56.55 -16.43
CA ILE F 15 70.89 57.62 -17.40
C ILE F 15 69.82 58.69 -17.14
N GLN F 16 70.22 59.95 -17.29
CA GLN F 16 69.29 61.07 -17.11
C GLN F 16 68.26 61.09 -18.23
N PRO F 17 67.06 61.61 -17.96
CA PRO F 17 66.04 61.68 -19.02
C PRO F 17 66.54 62.47 -20.22
N GLY F 18 66.25 61.94 -21.42
CA GLY F 18 66.76 62.52 -22.64
C GLY F 18 68.19 62.16 -22.99
N GLY F 19 68.85 61.35 -22.15
CA GLY F 19 70.22 60.98 -22.37
C GLY F 19 70.36 59.89 -23.41
N SER F 20 71.57 59.34 -23.49
CA SER F 20 71.87 58.29 -24.46
C SER F 20 72.65 57.18 -23.78
N LEU F 21 72.08 55.98 -23.79
CA LEU F 21 72.75 54.79 -23.28
C LEU F 21 72.94 53.81 -24.43
N ARG F 22 74.01 53.04 -24.38
CA ARG F 22 74.38 52.11 -25.45
C ARG F 22 74.48 50.71 -24.85
N LEU F 23 73.55 49.84 -25.22
CA LEU F 23 73.51 48.49 -24.68
C LEU F 23 74.21 47.52 -25.62
N SER F 24 75.13 46.73 -25.08
CA SER F 24 75.86 45.72 -25.82
C SER F 24 75.37 44.35 -25.36
N CYS F 25 75.43 43.37 -26.26
CA CYS F 25 74.96 42.03 -25.96
C CYS F 25 75.80 41.02 -26.71
N ALA F 26 76.81 40.47 -26.05
CA ALA F 26 77.61 39.42 -26.62
C ALA F 26 76.73 38.19 -26.87
N ALA F 27 76.89 37.60 -28.05
CA ALA F 27 76.16 36.40 -28.43
C ALA F 27 77.14 35.24 -28.59
N SER F 28 76.83 34.11 -27.96
CA SER F 28 77.69 32.94 -27.99
C SER F 28 76.90 31.71 -28.42
N GLY F 29 77.52 30.88 -29.24
CA GLY F 29 76.91 29.66 -29.71
C GLY F 29 76.13 29.77 -31.01
N ILE F 30 75.97 30.97 -31.56
CA ILE F 30 75.23 31.17 -32.79
C ILE F 30 75.64 32.51 -33.39
N ILE F 31 75.44 32.64 -34.70
CA ILE F 31 75.75 33.88 -35.41
C ILE F 31 74.47 34.69 -35.54
N VAL F 32 74.49 35.93 -35.04
CA VAL F 32 73.29 36.76 -35.04
C VAL F 32 73.02 37.38 -36.41
N SER F 33 74.03 37.42 -37.29
CA SER F 33 73.78 37.95 -38.63
C SER F 33 72.81 37.08 -39.41
N ARG F 34 72.72 35.80 -39.06
CA ARG F 34 71.76 34.88 -39.65
C ARG F 34 70.53 34.67 -38.76
N ASN F 35 70.36 35.50 -37.73
CA ASN F 35 69.29 35.35 -36.76
C ASN F 35 68.58 36.66 -36.52
N TYR F 36 67.27 36.62 -36.32
CA TYR F 36 66.55 37.78 -35.86
C TYR F 36 67.00 38.12 -34.45
N MET F 37 67.32 39.38 -34.20
CA MET F 37 67.84 39.81 -32.91
C MET F 37 66.92 40.90 -32.39
N SER F 38 66.21 40.62 -31.29
CA SER F 38 65.21 41.54 -30.79
C SER F 38 65.64 42.07 -29.44
N TRP F 39 65.23 43.31 -29.16
CA TRP F 39 65.34 43.90 -27.84
C TRP F 39 63.94 43.94 -27.24
N VAL F 40 63.77 43.22 -26.13
CA VAL F 40 62.50 43.13 -25.45
C VAL F 40 62.73 43.57 -24.01
N ARG F 41 62.24 44.75 -23.67
CA ARG F 41 62.37 45.26 -22.32
C ARG F 41 61.14 44.87 -21.51
N GLN F 42 61.37 44.36 -20.29
CA GLN F 42 60.31 44.07 -19.35
C GLN F 42 60.38 45.12 -18.25
N ALA F 43 59.38 45.99 -18.20
CA ALA F 43 59.36 47.01 -17.17
C ALA F 43 59.21 46.36 -15.79
N PRO F 44 59.88 46.89 -14.78
CA PRO F 44 59.74 46.33 -13.42
C PRO F 44 58.30 46.37 -12.96
N GLY F 45 57.74 45.18 -12.75
CA GLY F 45 56.33 45.05 -12.42
C GLY F 45 55.40 44.94 -13.61
N LYS F 46 55.91 45.07 -14.82
CA LYS F 46 55.12 44.93 -16.04
C LYS F 46 55.66 43.75 -16.84
N GLY F 47 55.02 43.48 -17.98
CA GLY F 47 55.39 42.36 -18.83
C GLY F 47 56.50 42.73 -19.80
N LEU F 48 56.86 41.74 -20.61
CA LEU F 48 57.87 41.93 -21.64
C LEU F 48 57.33 42.81 -22.76
N GLU F 49 58.16 43.75 -23.22
CA GLU F 49 57.79 44.66 -24.28
C GLU F 49 58.79 44.52 -25.42
N TRP F 50 58.38 43.82 -26.48
CA TRP F 50 59.21 43.59 -27.66
C TRP F 50 59.30 44.91 -28.42
N VAL F 51 60.36 45.68 -28.14
CA VAL F 51 60.45 47.05 -28.64
C VAL F 51 61.20 47.10 -29.97
N SER F 52 62.19 46.23 -30.15
CA SER F 52 63.04 46.35 -31.33
C SER F 52 63.32 44.96 -31.90
N ILE F 53 63.57 44.92 -33.20
CA ILE F 53 63.96 43.68 -33.87
C ILE F 53 64.80 44.02 -35.10
N LEU F 54 65.83 43.22 -35.34
CA LEU F 54 66.68 43.32 -36.52
C LEU F 54 66.74 41.95 -37.18
N TYR F 55 66.34 41.88 -38.44
CA TYR F 55 66.25 40.59 -39.11
C TYR F 55 67.65 40.06 -39.42
N ALA F 56 67.69 38.90 -40.07
CA ALA F 56 68.97 38.37 -40.55
C ALA F 56 69.46 39.11 -41.78
N GLY F 57 68.54 39.71 -42.53
CA GLY F 57 68.89 40.45 -43.73
C GLY F 57 69.26 41.90 -43.53
N GLY F 58 69.34 42.37 -42.29
CA GLY F 58 69.70 43.74 -42.01
C GLY F 58 68.53 44.69 -41.83
N SER F 59 67.31 44.24 -42.07
CA SER F 59 66.14 45.09 -41.89
C SER F 59 65.78 45.18 -40.41
N SER F 60 65.40 46.38 -39.98
CA SER F 60 65.08 46.64 -38.58
C SER F 60 63.69 47.21 -38.43
N PHE F 61 62.96 46.74 -37.43
CA PHE F 61 61.65 47.25 -37.07
C PHE F 61 61.63 47.65 -35.60
N TYR F 62 61.01 48.80 -35.33
CA TYR F 62 60.99 49.38 -34.00
C TYR F 62 59.56 49.68 -33.58
N ALA F 63 59.25 49.48 -32.30
CA ALA F 63 57.97 49.90 -31.76
C ALA F 63 57.87 51.42 -31.81
N GLU F 64 56.67 51.91 -32.13
CA GLU F 64 56.41 53.34 -32.29
C GLU F 64 56.85 54.15 -31.07
N PRO F 65 56.60 53.70 -29.83
CA PRO F 65 57.13 54.47 -28.68
C PRO F 65 58.63 54.64 -28.72
N VAL F 66 59.38 53.62 -29.14
CA VAL F 66 60.84 53.74 -29.25
C VAL F 66 61.29 54.06 -30.66
N GLN F 67 60.38 54.09 -31.63
CA GLN F 67 60.75 54.40 -33.01
C GLN F 67 61.24 55.85 -33.10
N GLY F 68 62.39 56.03 -33.75
CA GLY F 68 63.03 57.32 -33.80
C GLY F 68 63.95 57.63 -32.64
N ARG F 69 63.99 56.76 -31.63
CA ARG F 69 64.88 56.90 -30.48
C ARG F 69 65.76 55.69 -30.27
N PHE F 70 65.25 54.49 -30.59
CA PHE F 70 65.97 53.24 -30.43
C PHE F 70 66.38 52.71 -31.80
N THR F 71 67.64 52.33 -31.92
CA THR F 71 68.12 51.66 -33.12
C THR F 71 68.80 50.37 -32.73
N VAL F 72 68.48 49.30 -33.46
CA VAL F 72 69.04 47.98 -33.23
C VAL F 72 70.07 47.72 -34.32
N SER F 73 71.20 47.13 -33.93
CA SER F 73 72.28 46.86 -34.86
C SER F 73 73.08 45.68 -34.35
N ARG F 74 74.05 45.25 -35.15
CA ARG F 74 74.89 44.14 -34.74
C ARG F 74 76.29 44.33 -35.27
N ASP F 75 77.25 43.78 -34.53
CA ASP F 75 78.64 43.67 -34.97
C ASP F 75 78.88 42.21 -35.31
N ASN F 76 78.93 41.90 -36.62
CA ASN F 76 79.12 40.52 -37.05
C ASN F 76 80.51 40.02 -36.65
N SER F 77 81.53 40.87 -36.79
CA SER F 77 82.87 40.48 -36.36
C SER F 77 82.91 40.22 -34.87
N LYS F 78 82.28 41.09 -34.08
CA LYS F 78 82.17 40.87 -32.64
C LYS F 78 80.95 40.02 -32.27
N ASN F 79 80.05 39.76 -33.22
CA ASN F 79 78.86 38.94 -32.99
C ASN F 79 78.05 39.46 -31.81
N THR F 80 77.91 40.78 -31.74
CA THR F 80 77.32 41.43 -30.57
C THR F 80 76.14 42.30 -30.99
N LEU F 81 74.99 42.05 -30.38
CA LEU F 81 73.84 42.92 -30.54
C LEU F 81 74.11 44.27 -29.91
N PHE F 82 73.51 45.31 -30.48
CA PHE F 82 73.74 46.68 -30.04
C PHE F 82 72.43 47.45 -30.09
N LEU F 83 72.08 48.09 -28.99
CA LEU F 83 70.91 48.96 -28.93
C LEU F 83 71.38 50.37 -28.59
N GLU F 84 71.19 51.29 -29.53
CA GLU F 84 71.53 52.69 -29.33
C GLU F 84 70.25 53.47 -29.08
N MET F 85 70.14 54.04 -27.89
CA MET F 85 68.93 54.74 -27.47
C MET F 85 69.28 56.18 -27.13
N ASN F 86 68.42 57.10 -27.56
CA ASN F 86 68.66 58.52 -27.38
C ASN F 86 67.33 59.20 -27.07
N SER F 87 67.44 60.38 -26.45
CA SER F 87 66.26 61.12 -25.99
C SER F 87 65.38 60.25 -25.10
N LEU F 88 66.03 59.50 -24.21
CA LEU F 88 65.32 58.55 -23.36
C LEU F 88 64.32 59.25 -22.45
N ARG F 89 63.14 58.65 -22.33
CA ARG F 89 62.10 59.12 -21.43
C ARG F 89 62.14 58.33 -20.13
N VAL F 90 61.47 58.88 -19.12
CA VAL F 90 61.41 58.22 -17.82
C VAL F 90 60.78 56.84 -17.94
N GLU F 91 59.97 56.63 -18.98
CA GLU F 91 59.22 55.38 -19.11
C GLU F 91 60.03 54.28 -19.79
N ASP F 92 61.29 54.53 -20.14
CA ASP F 92 62.10 53.53 -20.81
C ASP F 92 62.85 52.58 -19.86
N THR F 93 62.79 52.82 -18.55
CA THR F 93 63.50 51.98 -17.60
C THR F 93 62.87 50.59 -17.53
N ALA F 94 63.70 49.56 -17.64
CA ALA F 94 63.24 48.18 -17.63
C ALA F 94 64.43 47.23 -17.54
N VAL F 95 64.12 45.96 -17.34
CA VAL F 95 65.08 44.87 -17.54
C VAL F 95 65.02 44.51 -19.02
N TYR F 96 65.98 45.00 -19.80
CA TYR F 96 66.05 44.68 -21.22
C TYR F 96 66.60 43.29 -21.40
N TYR F 97 66.12 42.59 -22.43
CA TYR F 97 66.67 41.31 -22.84
C TYR F 97 66.94 41.36 -24.34
N CYS F 98 68.20 41.16 -24.71
CA CYS F 98 68.55 40.83 -26.08
C CYS F 98 68.19 39.37 -26.32
N ALA F 99 67.58 39.10 -27.47
CA ALA F 99 66.94 37.80 -27.62
C ALA F 99 67.02 37.33 -29.06
N ARG F 100 67.33 36.05 -29.23
CA ARG F 100 67.20 35.43 -30.53
C ARG F 100 65.72 35.24 -30.86
N ASP F 101 65.36 35.47 -32.12
CA ASP F 101 63.99 35.34 -32.59
C ASP F 101 63.95 34.46 -33.81
N LEU F 102 62.92 33.62 -33.91
CA LEU F 102 62.77 32.67 -35.01
C LEU F 102 61.30 32.68 -35.45
N GLN F 103 60.93 31.68 -36.26
CA GLN F 103 59.56 31.59 -36.74
C GLN F 103 58.58 31.42 -35.59
N TRP F 104 58.94 30.58 -34.61
CA TRP F 104 58.11 30.44 -33.41
C TRP F 104 58.23 31.62 -32.47
N GLY F 105 58.99 32.66 -32.84
CA GLY F 105 59.17 33.84 -32.01
C GLY F 105 60.57 33.88 -31.42
N ILE F 106 60.67 34.51 -30.25
CA ILE F 106 61.92 34.56 -29.52
C ILE F 106 62.28 33.15 -29.07
N ASP F 107 63.55 32.78 -29.22
CA ASP F 107 64.02 31.46 -28.81
C ASP F 107 65.04 31.49 -27.69
N ILE F 108 66.00 32.41 -27.70
CA ILE F 108 67.01 32.49 -26.64
C ILE F 108 67.00 33.90 -26.08
N TRP F 109 66.90 34.01 -24.75
CA TRP F 109 66.93 35.28 -24.04
C TRP F 109 68.32 35.52 -23.44
N GLY F 110 68.42 36.60 -22.67
CA GLY F 110 69.63 36.92 -21.94
C GLY F 110 69.43 36.87 -20.44
N GLN F 111 70.52 37.13 -19.71
CA GLN F 111 70.46 37.17 -18.26
C GLN F 111 69.78 38.43 -17.75
N GLY F 112 69.59 39.44 -18.60
CA GLY F 112 68.92 40.67 -18.21
C GLY F 112 69.86 41.83 -17.98
N ALA F 113 69.53 42.99 -18.56
CA ALA F 113 70.31 44.21 -18.38
C ALA F 113 69.41 45.28 -17.79
N MET F 114 69.86 45.89 -16.69
CA MET F 114 69.02 46.86 -16.00
C MET F 114 69.28 48.26 -16.56
N VAL F 115 68.27 48.85 -17.20
CA VAL F 115 68.37 50.21 -17.73
C VAL F 115 67.39 51.08 -16.95
N THR F 116 67.91 52.14 -16.34
CA THR F 116 67.11 53.03 -15.50
C THR F 116 67.24 54.45 -16.03
N VAL F 117 66.11 55.15 -16.13
CA VAL F 117 66.09 56.53 -16.60
C VAL F 117 65.43 57.37 -15.50
N SER F 118 66.19 58.29 -14.93
CA SER F 118 65.69 59.18 -13.90
C SER F 118 66.62 60.38 -13.72
N ASP G 1 48.46 63.97 -44.69
CA ASP G 1 47.45 63.28 -43.90
C ASP G 1 47.30 63.90 -42.52
N ILE G 2 47.43 63.08 -41.47
CA ILE G 2 47.28 63.53 -40.09
C ILE G 2 48.62 63.44 -39.39
N GLN G 3 49.09 64.57 -38.83
CA GLN G 3 50.31 64.62 -38.03
C GLN G 3 50.06 65.59 -36.88
N MET G 4 49.64 65.05 -35.74
CA MET G 4 49.43 65.82 -34.53
C MET G 4 50.30 65.27 -33.41
N THR G 5 50.67 66.14 -32.49
CA THR G 5 51.65 65.82 -31.46
C THR G 5 51.00 65.86 -30.08
N GLN G 6 51.76 65.38 -29.09
CA GLN G 6 51.37 65.48 -27.70
C GLN G 6 52.54 66.00 -26.88
N THR G 7 52.23 66.66 -25.77
CA THR G 7 53.20 67.35 -24.95
C THR G 7 52.81 67.22 -23.49
N PRO G 8 53.77 66.91 -22.59
CA PRO G 8 55.18 66.62 -22.86
C PRO G 8 55.41 65.18 -23.31
N PRO G 9 56.53 64.89 -23.99
CA PRO G 9 56.79 63.49 -24.38
C PRO G 9 56.91 62.55 -23.19
N SER G 10 57.50 63.02 -22.09
CA SER G 10 57.66 62.21 -20.89
C SER G 10 57.11 63.00 -19.71
N LEU G 11 56.23 62.37 -18.93
CA LEU G 11 55.62 63.01 -17.78
C LEU G 11 55.82 62.12 -16.56
N SER G 12 56.11 62.76 -15.43
CA SER G 12 56.32 62.08 -14.15
C SER G 12 55.75 62.92 -13.03
N ALA G 13 54.95 62.29 -12.16
CA ALA G 13 54.34 62.98 -11.04
C ALA G 13 54.02 61.95 -9.95
N SER G 14 53.77 62.47 -8.76
CA SER G 14 53.49 61.64 -7.59
C SER G 14 52.00 61.37 -7.46
N VAL G 15 51.64 60.66 -6.39
CA VAL G 15 50.24 60.32 -6.15
C VAL G 15 49.47 61.56 -5.74
N GLY G 16 48.31 61.76 -6.36
CA GLY G 16 47.47 62.89 -6.04
C GLY G 16 47.75 64.14 -6.83
N ASP G 17 48.77 64.14 -7.68
CA ASP G 17 49.08 65.32 -8.48
C ASP G 17 48.04 65.52 -9.58
N ARG G 18 47.92 66.77 -10.02
CA ARG G 18 47.06 67.11 -11.14
C ARG G 18 47.83 66.93 -12.43
N VAL G 19 47.14 66.47 -13.47
CA VAL G 19 47.78 66.22 -14.77
C VAL G 19 47.11 67.08 -15.82
N SER G 20 47.91 67.85 -16.56
CA SER G 20 47.43 68.65 -17.68
C SER G 20 48.36 68.37 -18.86
N ILE G 21 47.92 67.49 -19.76
CA ILE G 21 48.69 67.17 -20.96
C ILE G 21 48.01 67.85 -22.14
N SER G 22 48.71 67.90 -23.26
CA SER G 22 48.19 68.58 -24.44
C SER G 22 48.35 67.70 -25.68
N CYS G 23 47.33 67.75 -26.53
CA CYS G 23 47.39 67.22 -27.89
C CYS G 23 47.22 68.41 -28.81
N ARG G 24 48.03 68.52 -29.86
CA ARG G 24 47.91 69.67 -30.73
C ARG G 24 48.05 69.25 -32.18
N ALA G 25 47.37 70.02 -33.04
CA ALA G 25 47.32 69.73 -34.46
C ALA G 25 47.55 71.03 -35.22
N SER G 26 47.88 70.89 -36.50
CA SER G 26 48.18 72.05 -37.33
C SER G 26 46.93 72.81 -37.73
N GLN G 27 45.81 72.11 -37.94
CA GLN G 27 44.60 72.72 -38.43
C GLN G 27 43.49 72.50 -37.40
N SER G 28 42.27 72.86 -37.77
CA SER G 28 41.13 72.80 -36.87
C SER G 28 40.30 71.55 -37.13
N THR G 29 39.91 70.89 -36.05
CA THR G 29 39.05 69.71 -36.09
C THR G 29 37.64 70.00 -35.61
N GLY G 30 37.49 70.64 -34.45
CA GLY G 30 36.17 71.13 -34.08
C GLY G 30 35.30 70.09 -33.43
N SER G 31 35.24 68.89 -33.97
CA SER G 31 34.26 67.95 -33.47
C SER G 31 34.70 66.50 -33.35
N TRP G 32 35.97 66.17 -33.54
CA TRP G 32 36.27 64.74 -33.67
C TRP G 32 37.55 64.25 -32.90
N LEU G 33 37.99 64.87 -31.81
CA LEU G 33 39.13 64.39 -31.06
C LEU G 33 38.67 63.67 -29.79
N ALA G 34 39.31 62.53 -29.52
CA ALA G 34 38.97 61.70 -28.37
C ALA G 34 40.24 61.41 -27.58
N TRP G 35 40.07 60.85 -26.40
CA TRP G 35 41.15 60.45 -25.53
C TRP G 35 41.01 58.98 -25.15
N TYR G 36 42.13 58.26 -25.23
CA TYR G 36 42.21 56.83 -24.93
C TYR G 36 43.42 56.59 -24.03
N GLN G 37 43.35 55.49 -23.27
CA GLN G 37 44.42 55.07 -22.37
C GLN G 37 44.85 53.65 -22.70
N GLN G 38 46.17 53.42 -22.76
CA GLN G 38 46.72 52.10 -23.03
C GLN G 38 47.85 51.80 -22.06
N LYS G 39 47.78 50.59 -21.42
CA LYS G 39 48.78 50.04 -20.51
C LYS G 39 49.55 48.92 -21.18
N PRO G 40 50.78 48.65 -20.73
CA PRO G 40 51.61 47.62 -21.39
C PRO G 40 50.94 46.25 -21.35
N GLY G 41 50.62 45.73 -22.53
CA GLY G 41 49.97 44.44 -22.65
C GLY G 41 48.46 44.50 -22.69
N LYS G 42 47.87 45.64 -23.01
CA LYS G 42 46.43 45.81 -22.96
C LYS G 42 45.96 46.61 -24.17
N ALA G 43 44.65 46.56 -24.41
CA ALA G 43 44.05 47.26 -25.53
C ALA G 43 43.61 48.67 -25.11
N PRO G 44 43.50 49.60 -26.06
CA PRO G 44 43.03 50.94 -25.74
C PRO G 44 41.63 50.95 -25.16
N LYS G 45 41.41 51.83 -24.19
CA LYS G 45 40.11 52.06 -23.60
C LYS G 45 39.73 53.52 -23.79
N LEU G 46 38.56 53.76 -24.38
CA LEU G 46 38.10 55.12 -24.62
C LEU G 46 37.96 55.88 -23.30
N LEU G 47 38.57 57.06 -23.23
CA LEU G 47 38.47 57.90 -22.03
C LEU G 47 37.51 59.07 -22.23
N ILE G 48 37.70 59.84 -23.30
CA ILE G 48 36.92 61.05 -23.52
C ILE G 48 36.49 61.13 -24.97
N TYR G 49 35.23 61.51 -25.20
CA TYR G 49 34.77 61.89 -26.52
C TYR G 49 34.28 63.33 -26.47
N LYS G 50 34.34 64.01 -27.62
CA LYS G 50 34.05 65.43 -27.78
C LYS G 50 35.03 66.31 -27.01
N THR G 51 36.08 65.73 -26.43
CA THR G 51 37.16 66.44 -25.74
C THR G 51 36.67 67.12 -24.48
N SER G 52 35.37 67.02 -24.19
CA SER G 52 34.80 67.65 -23.00
C SER G 52 33.89 66.74 -22.19
N SER G 53 33.25 65.74 -22.77
CA SER G 53 32.36 64.86 -22.02
C SER G 53 33.03 63.53 -21.76
N LEU G 54 32.92 63.06 -20.52
CA LEU G 54 33.58 61.83 -20.10
C LEU G 54 32.83 60.61 -20.62
N GLU G 55 33.59 59.64 -21.13
CA GLU G 55 33.02 58.36 -21.51
C GLU G 55 32.57 57.60 -20.26
N SER G 56 31.60 56.72 -20.45
CA SER G 56 31.02 55.97 -19.33
C SER G 56 32.10 55.16 -18.61
N GLY G 57 32.24 55.41 -17.31
CA GLY G 57 33.22 54.73 -16.50
C GLY G 57 34.52 55.48 -16.28
N VAL G 58 34.75 56.55 -17.04
CA VAL G 58 35.98 57.33 -16.89
C VAL G 58 35.84 58.27 -15.70
N PRO G 59 36.73 58.22 -14.72
CA PRO G 59 36.48 58.90 -13.44
C PRO G 59 36.46 60.42 -13.55
N SER G 60 35.75 61.03 -12.60
CA SER G 60 35.68 62.49 -12.51
C SER G 60 37.04 63.13 -12.41
N ARG G 61 38.01 62.47 -11.77
CA ARG G 61 39.37 62.98 -11.84
C ARG G 61 39.82 63.13 -13.28
N PHE G 62 39.57 62.12 -14.11
CA PHE G 62 39.83 62.26 -15.53
C PHE G 62 38.84 63.21 -16.15
N SER G 63 39.34 64.08 -17.02
CA SER G 63 38.48 65.06 -17.67
C SER G 63 39.23 65.57 -18.87
N GLY G 64 38.63 65.51 -20.05
CA GLY G 64 39.13 66.25 -21.19
C GLY G 64 38.88 67.73 -21.02
N SER G 65 39.42 68.51 -21.96
CA SER G 65 39.19 69.95 -22.05
C SER G 65 39.95 70.46 -23.27
N GLY G 66 39.74 71.72 -23.60
CA GLY G 66 40.52 72.37 -24.64
C GLY G 66 39.75 72.68 -25.91
N SER G 67 40.28 73.63 -26.69
CA SER G 67 39.69 73.99 -27.97
C SER G 67 40.79 74.49 -28.89
N GLY G 68 40.46 74.59 -30.18
CA GLY G 68 41.45 75.04 -31.13
C GLY G 68 42.43 73.93 -31.49
N THR G 69 43.66 74.35 -31.80
CA THR G 69 44.72 73.39 -32.07
C THR G 69 45.05 72.55 -30.85
N GLU G 70 45.02 73.14 -29.65
CA GLU G 70 45.38 72.42 -28.44
C GLU G 70 44.16 71.72 -27.85
N PHE G 71 44.44 70.67 -27.08
CA PHE G 71 43.44 69.89 -26.37
C PHE G 71 44.07 69.53 -25.04
N THR G 72 43.55 70.12 -23.97
CA THR G 72 44.10 70.01 -22.64
C THR G 72 43.38 68.90 -21.89
N LEU G 73 44.08 67.81 -21.62
CA LEU G 73 43.54 66.73 -20.80
C LEU G 73 43.88 67.03 -19.35
N THR G 74 42.84 67.24 -18.54
CA THR G 74 42.96 67.48 -17.11
C THR G 74 42.47 66.28 -16.34
N ILE G 75 43.43 65.52 -15.81
CA ILE G 75 43.20 64.53 -14.77
C ILE G 75 43.22 65.28 -13.45
N SER G 76 42.09 65.31 -12.76
CA SER G 76 41.99 66.11 -11.54
C SER G 76 42.86 65.56 -10.43
N SER G 77 43.24 64.29 -10.51
CA SER G 77 44.17 63.69 -9.56
C SER G 77 44.82 62.48 -10.19
N LEU G 78 46.16 62.45 -10.20
CA LEU G 78 46.90 61.37 -10.84
C LEU G 78 47.04 60.21 -9.87
N GLN G 79 46.18 59.23 -10.01
CA GLN G 79 46.17 57.97 -9.29
C GLN G 79 47.12 56.97 -9.95
N PRO G 80 47.61 55.97 -9.20
CA PRO G 80 48.57 55.03 -9.79
C PRO G 80 48.06 54.31 -11.03
N ASP G 81 46.76 54.00 -11.10
CA ASP G 81 46.23 53.33 -12.28
C ASP G 81 46.22 54.24 -13.49
N ASP G 82 46.22 55.55 -13.30
CA ASP G 82 46.32 56.51 -14.38
C ASP G 82 47.69 56.49 -15.06
N VAL G 83 48.67 55.83 -14.45
CA VAL G 83 50.00 55.72 -15.05
C VAL G 83 49.88 54.81 -16.27
N ALA G 84 49.92 55.41 -17.46
CA ALA G 84 49.75 54.69 -18.72
C ALA G 84 50.04 55.67 -19.85
N THR G 85 49.77 55.23 -21.08
CA THR G 85 49.97 56.04 -22.26
C THR G 85 48.64 56.64 -22.69
N TYR G 86 48.61 57.97 -22.85
CA TYR G 86 47.41 58.70 -23.24
C TYR G 86 47.50 59.10 -24.70
N TYR G 87 46.54 58.65 -25.50
CA TYR G 87 46.53 58.88 -26.94
C TYR G 87 45.32 59.75 -27.30
N CYS G 88 45.52 60.70 -28.20
CA CYS G 88 44.39 61.35 -28.83
C CYS G 88 43.94 60.54 -30.04
N GLN G 89 42.68 60.14 -30.02
CA GLN G 89 42.06 59.31 -31.05
C GLN G 89 41.05 60.13 -31.83
N HIS G 90 41.05 59.96 -33.14
CA HIS G 90 40.33 60.83 -34.05
C HIS G 90 39.33 60.01 -34.85
N TYR G 91 38.12 60.54 -35.03
CA TYR G 91 37.14 59.79 -35.80
C TYR G 91 36.99 60.37 -37.20
N ASP G 92 36.82 59.44 -38.14
CA ASP G 92 36.74 59.73 -39.56
C ASP G 92 36.26 58.45 -40.25
N THR G 93 35.64 58.63 -41.41
CA THR G 93 35.08 57.50 -42.13
C THR G 93 36.11 56.76 -42.97
N TYR G 94 37.39 57.05 -42.80
CA TYR G 94 38.45 56.32 -43.50
C TYR G 94 39.71 56.24 -42.66
N SER G 95 40.86 56.00 -43.33
CA SER G 95 42.08 55.46 -42.75
C SER G 95 42.40 55.93 -41.34
N SER G 96 42.42 57.26 -41.10
CA SER G 96 42.69 57.82 -39.78
C SER G 96 44.09 57.45 -39.27
N THR G 97 44.43 57.90 -38.07
CA THR G 97 45.77 57.67 -37.52
C THR G 97 45.66 57.60 -36.01
N PHE G 98 46.70 57.03 -35.39
CA PHE G 98 46.84 57.02 -33.95
C PHE G 98 48.02 57.90 -33.55
N GLY G 99 47.86 58.63 -32.44
CA GLY G 99 48.86 59.57 -32.02
C GLY G 99 50.06 58.92 -31.35
N GLN G 100 51.09 59.74 -31.13
CA GLN G 100 52.29 59.26 -30.45
C GLN G 100 52.01 58.84 -29.02
N GLY G 101 51.22 59.63 -28.30
CA GLY G 101 50.81 59.28 -26.96
C GLY G 101 51.62 59.98 -25.90
N THR G 102 51.02 60.14 -24.73
CA THR G 102 51.68 60.73 -23.57
C THR G 102 51.87 59.64 -22.53
N LYS G 103 53.12 59.25 -22.28
CA LYS G 103 53.42 58.14 -21.39
C LYS G 103 53.80 58.68 -20.02
N VAL G 104 52.89 58.54 -19.07
CA VAL G 104 53.06 59.02 -17.71
C VAL G 104 53.57 57.85 -16.87
N GLU G 105 54.61 58.10 -16.09
CA GLU G 105 55.15 57.12 -15.17
C GLU G 105 55.37 57.74 -13.79
N ILE G 106 55.84 56.91 -12.87
CA ILE G 106 55.99 57.30 -11.47
C ILE G 106 57.24 58.14 -11.32
N LYS G 107 57.11 59.32 -10.70
CA LYS G 107 58.25 60.15 -10.40
C LYS G 107 58.92 59.68 -9.11
N ARG G 108 60.23 59.50 -9.17
CA ARG G 108 60.99 59.01 -8.02
C ARG G 108 62.38 59.63 -8.03
N THR G 109 63.04 59.57 -6.88
CA THR G 109 64.39 60.11 -6.73
C THR G 109 65.41 59.25 -7.48
C1 NAG H . -25.09 43.80 -18.00
C2 NAG H . -26.05 44.87 -17.45
C3 NAG H . -25.69 45.21 -16.01
C4 NAG H . -25.62 43.94 -15.17
C5 NAG H . -24.69 42.91 -15.82
C6 NAG H . -24.66 41.59 -15.09
C7 NAG H . -24.97 46.82 -18.52
C8 NAG H . -25.20 48.02 -19.40
N2 NAG H . -26.05 46.06 -18.28
O3 NAG H . -26.68 46.08 -15.48
O4 NAG H . -25.13 44.24 -13.87
O5 NAG H . -25.14 42.64 -17.16
O6 NAG H . -23.33 41.09 -14.98
O7 NAG H . -23.87 46.58 -18.04
C1 NAG I . -41.40 -1.75 -26.46
C2 NAG I . -42.20 -1.31 -27.69
C3 NAG I . -43.35 -2.27 -27.95
C4 NAG I . -42.83 -3.71 -28.03
C5 NAG I . -42.01 -4.04 -26.78
C6 NAG I . -41.36 -5.40 -26.86
C7 NAG I . -42.09 1.12 -28.04
C8 NAG I . -42.75 2.44 -27.78
N2 NAG I . -42.70 0.05 -27.53
O3 NAG I . -43.99 -1.93 -29.17
O4 NAG I . -43.92 -4.62 -28.12
O5 NAG I . -40.95 -3.08 -26.63
O6 NAG I . -39.96 -5.28 -27.12
O7 NAG I . -41.04 1.03 -28.68
C1 NAG J . -41.50 -45.02 41.96
C2 NAG J . -41.00 -45.25 43.39
C3 NAG J . -40.91 -43.93 44.13
C4 NAG J . -40.04 -42.97 43.34
C5 NAG J . -40.74 -42.62 42.03
C6 NAG J . -39.80 -42.56 40.85
C7 NAG J . -41.41 -47.31 44.63
C8 NAG J . -42.42 -48.17 45.33
N2 NAG J . -41.86 -46.18 44.09
O3 NAG J . -40.36 -44.15 45.42
O4 NAG J . -39.83 -41.78 44.10
O5 NAG J . -41.76 -43.58 41.73
O6 NAG J . -38.91 -43.68 40.81
O7 NAG J . -40.22 -47.64 44.57
C1 NAG K . -51.28 -47.06 10.37
C2 NAG K . -52.64 -47.75 10.30
C3 NAG K . -53.23 -47.65 8.89
C4 NAG K . -53.24 -46.21 8.41
C5 NAG K . -51.84 -45.63 8.52
C6 NAG K . -51.77 -44.16 8.14
C7 NAG K . -53.31 -49.70 11.63
C8 NAG K . -53.07 -51.14 11.92
N2 NAG K . -52.54 -49.15 10.70
O3 NAG K . -54.54 -48.17 8.88
O4 NAG K . -53.67 -46.14 7.06
O5 NAG K . -51.39 -45.73 9.88
O6 NAG K . -50.69 -43.91 7.27
O7 NAG K . -54.19 -49.06 12.22
C1 NAG L . -54.12 -57.79 27.49
C2 NAG L . -55.64 -57.62 27.45
C3 NAG L . -56.34 -58.98 27.51
C4 NAG L . -55.80 -59.91 26.43
C5 NAG L . -54.28 -60.01 26.56
C6 NAG L . -53.65 -60.84 25.47
C7 NAG L . -56.29 -55.46 28.38
C8 NAG L . -56.77 -54.71 29.59
N2 NAG L . -56.11 -56.77 28.53
O3 NAG L . -57.74 -58.81 27.34
O4 NAG L . -56.37 -61.21 26.59
O5 NAG L . -53.71 -58.70 26.46
O6 NAG L . -54.51 -61.92 25.10
O7 NAG L . -56.08 -54.88 27.31
C1 NAG M . -42.02 -64.20 43.31
C2 NAG M . -42.90 -64.04 44.57
C3 NAG M . -42.23 -64.67 45.79
C4 NAG M . -41.82 -66.10 45.50
C5 NAG M . -40.93 -66.14 44.26
C6 NAG M . -40.55 -67.55 43.86
C7 NAG M . -42.33 -61.69 45.12
C8 NAG M . -42.89 -60.32 45.33
N2 NAG M . -43.23 -62.64 44.82
O3 NAG M . -43.12 -64.62 46.90
O4 NAG M . -41.10 -66.64 46.61
O5 NAG M . -41.65 -65.59 43.16
O6 NAG M . -39.73 -67.54 42.70
O7 NAG M . -41.13 -61.93 45.21
C1 NAG N . 26.35 34.84 25.85
C2 NAG N . 27.78 35.01 26.40
C3 NAG N . 28.77 34.22 25.54
C4 NAG N . 28.31 32.78 25.38
C5 NAG N . 26.86 32.72 24.90
C6 NAG N . 26.31 31.31 24.81
C7 NAG N . 28.22 37.25 25.45
C8 NAG N . 28.64 38.65 25.78
N2 NAG N . 28.17 36.41 26.49
O3 NAG N . 30.05 34.26 26.15
O4 NAG N . 29.14 32.10 24.45
O5 NAG N . 26.02 33.45 25.80
O6 NAG N . 25.84 31.02 23.51
O7 NAG N . 27.96 36.91 24.31
C1 NAG O . -6.81 4.84 46.39
C2 NAG O . -7.08 5.72 47.60
C3 NAG O . -7.62 4.89 48.76
C4 NAG O . -8.83 4.07 48.31
C5 NAG O . -8.48 3.26 47.05
C6 NAG O . -9.68 2.54 46.48
C7 NAG O . -5.59 7.67 47.57
C8 NAG O . -4.30 8.25 48.08
N2 NAG O . -5.88 6.44 48.00
O3 NAG O . -7.99 5.74 49.84
O4 NAG O . -9.21 3.18 49.35
O5 NAG O . -8.00 4.14 46.02
O6 NAG O . -9.28 1.44 45.68
O7 NAG O . -6.32 8.28 46.80
C1 NAG P . 3.27 -70.87 19.35
C2 NAG P . 3.40 -71.89 18.20
C3 NAG P . 4.86 -72.09 17.81
C4 NAG P . 5.73 -70.95 18.32
C5 NAG P . 5.70 -70.94 19.84
C6 NAG P . 6.27 -69.68 20.44
C7 NAG P . 1.46 -73.33 18.63
C8 NAG P . 1.00 -74.71 19.00
N2 NAG P . 2.78 -73.16 18.55
O3 NAG P . 4.97 -72.18 16.39
O4 NAG P . 7.07 -71.10 17.87
O5 NAG P . 4.36 -71.07 20.33
O6 NAG P . 5.51 -68.53 20.06
O7 NAG P . 0.66 -72.42 18.41
C1 NAG Q . -14.71 -53.58 41.09
C2 NAG Q . -14.87 -54.32 42.43
C3 NAG Q . -15.43 -53.38 43.50
C4 NAG Q . -14.59 -52.12 43.59
C5 NAG Q . -14.52 -51.46 42.23
C6 NAG Q . -13.67 -50.22 42.20
C7 NAG Q . -15.43 -56.69 42.73
C8 NAG Q . -16.44 -57.76 42.48
N2 NAG Q . -15.74 -55.47 42.27
O3 NAG Q . -15.44 -54.05 44.75
O4 NAG Q . -15.16 -51.21 44.53
O5 NAG Q . -13.95 -52.37 41.29
O6 NAG Q . -14.27 -49.19 41.43
O7 NAG Q . -14.38 -56.90 43.34
C1 NAG R . -10.94 -73.16 37.19
C2 NAG R . -10.49 -73.39 38.64
C3 NAG R . -11.22 -74.58 39.25
C4 NAG R . -12.73 -74.43 39.10
C5 NAG R . -13.07 -74.22 37.62
C6 NAG R . -14.54 -73.97 37.40
C7 NAG R . -8.19 -72.56 38.78
C8 NAG R . -6.75 -72.94 38.85
N2 NAG R . -9.05 -73.58 38.71
O3 NAG R . -10.88 -74.67 40.63
O4 NAG R . -13.38 -75.60 39.57
O5 NAG R . -12.37 -73.06 37.14
O6 NAG R . -15.32 -74.50 38.46
O7 NAG R . -8.55 -71.39 38.79
C1 NAG S . -9.19 -85.16 20.03
C2 NAG S . -7.98 -86.08 20.21
C3 NAG S . -7.83 -87.02 19.01
C4 NAG S . -9.13 -87.75 18.75
C5 NAG S . -10.26 -86.75 18.58
C6 NAG S . -11.61 -87.40 18.39
C7 NAG S . -6.21 -84.48 19.53
C8 NAG S . -4.95 -83.81 19.96
N2 NAG S . -6.75 -85.33 20.43
O3 NAG S . -6.78 -87.96 19.27
O4 NAG S . -9.01 -88.54 17.56
O5 NAG S . -10.36 -85.93 19.76
O6 NAG S . -12.67 -86.47 18.63
O7 NAG S . -6.72 -84.28 18.44
C1 NAG T . 33.62 12.75 -37.51
C2 NAG T . 33.01 13.89 -38.33
C3 NAG T . 32.26 14.86 -37.42
C4 NAG T . 31.25 14.11 -36.55
C5 NAG T . 31.94 12.96 -35.81
C6 NAG T . 30.97 12.11 -35.03
C7 NAG T . 35.06 15.24 -38.59
C8 NAG T . 35.99 15.90 -39.58
N2 NAG T . 34.02 14.60 -39.11
O3 NAG T . 31.60 15.85 -38.20
O4 NAG T . 30.66 14.99 -35.61
O5 NAG T . 32.60 12.10 -36.75
O6 NAG T . 30.16 12.89 -34.18
O7 NAG T . 35.27 15.31 -37.38
C1 NAG U . 32.91 -30.35 -15.24
C2 NAG U . 34.36 -30.61 -15.61
C3 NAG U . 34.69 -32.09 -15.46
C4 NAG U . 34.32 -32.59 -14.08
C5 NAG U . 32.86 -32.25 -13.78
C6 NAG U . 32.45 -32.60 -12.37
C7 NAG U . 35.05 -28.91 -17.24
C8 NAG U . 35.29 -28.60 -18.70
N2 NAG U . 34.65 -30.15 -16.96
O3 NAG U . 36.09 -32.29 -15.69
O4 NAG U . 34.49 -34.00 -14.01
O5 NAG U . 32.65 -30.83 -13.92
O6 NAG U . 31.84 -31.50 -11.71
O7 NAG U . 35.21 -28.06 -16.37
C1 NAG V . -42.52 -61.28 -12.31
C2 NAG V . -43.98 -60.85 -12.09
C3 NAG V . -44.46 -60.02 -13.26
C4 NAG V . -43.66 -58.74 -13.33
C5 NAG V . -42.17 -59.06 -13.49
C6 NAG V . -41.28 -58.38 -12.47
C7 NAG V . -44.86 -62.68 -10.73
C8 NAG V . -45.81 -63.84 -10.68
N2 NAG V . -44.84 -62.00 -11.88
O3 NAG V . -45.84 -59.73 -13.11
O4 NAG V . -44.08 -57.95 -14.43
O5 NAG V . -41.91 -60.48 -13.40
O6 NAG V . -41.79 -58.49 -11.14
O7 NAG V . -44.15 -62.38 -9.78
C1 NAG W . -10.96 -67.98 -4.11
C2 NAG W . -10.62 -69.33 -4.74
C3 NAG W . -9.12 -69.57 -4.70
C4 NAG W . -8.38 -68.41 -5.34
C5 NAG W . -8.77 -67.12 -4.64
C6 NAG W . -8.14 -65.90 -5.27
C7 NAG W . -11.74 -71.51 -4.70
C8 NAG W . -12.46 -72.51 -3.84
N2 NAG W . -11.34 -70.40 -4.07
O3 NAG W . -8.82 -70.78 -5.40
O4 NAG W . -6.97 -68.60 -5.24
O5 NAG W . -10.19 -66.94 -4.72
O6 NAG W . -6.92 -65.55 -4.62
O7 NAG W . -11.55 -71.68 -5.89
C1 NAG X . -27.90 -77.77 -6.32
C2 NAG X . -27.76 -78.88 -7.37
C3 NAG X . -28.35 -80.20 -6.86
C4 NAG X . -27.75 -80.56 -5.51
C5 NAG X . -27.96 -79.41 -4.53
C6 NAG X . -27.33 -79.66 -3.18
C7 NAG X . -27.83 -77.69 -9.51
C8 NAG X . -28.65 -77.40 -10.74
N2 NAG X . -28.40 -78.50 -8.62
O3 NAG X . -28.08 -81.23 -7.80
O4 NAG X . -28.36 -81.73 -5.00
O5 NAG X . -27.35 -78.21 -5.06
O6 NAG X . -27.29 -81.05 -2.88
O7 NAG X . -26.72 -77.19 -9.33
C1 NAG Y . -48.43 -73.81 -1.09
C2 NAG Y . -49.19 -74.42 -2.27
C3 NAG Y . -50.69 -74.16 -2.15
C4 NAG Y . -51.20 -74.61 -0.79
C5 NAG Y . -50.39 -73.94 0.32
C6 NAG Y . -50.76 -74.40 1.70
C7 NAG Y . -48.73 -72.66 -3.94
C8 NAG Y . -48.14 -72.37 -5.30
N2 NAG Y . -48.68 -73.93 -3.54
O3 NAG Y . -51.37 -74.86 -3.17
O4 NAG Y . -52.56 -74.25 -0.64
O5 NAG Y . -48.99 -74.27 0.14
O6 NAG Y . -50.14 -73.61 2.71
O7 NAG Y . -49.21 -71.77 -3.24
#